data_7WCA
#
_entry.id   7WCA
#
_cell.length_a   124.790
_cell.length_b   120.200
_cell.length_c   184.076
_cell.angle_alpha   90.000
_cell.angle_beta   101.720
_cell.angle_gamma   90.000
#
_symmetry.space_group_name_H-M   'I 1 2 1'
#
loop_
_entity.id
_entity.type
_entity.pdbx_description
1 polymer Catalase
2 non-polymer 'CALCIUM ION'
3 non-polymer 'PROTOPORPHYRIN IX CONTAINING FE'
4 non-polymer 'PENTAETHYLENE GLYCOL'
5 water water
#
_entity_poly.entity_id   1
_entity_poly.type   'polypeptide(L)'
_entity_poly.pdbx_seq_one_letter_code
;MGSSHHHHHHSSGENLYFQGHMTCPFADPAALYSRQDTTSGQSPLAAYEVDDSTGYLTSDVGGPIQDQTSLKAGIRGPTL
LEDFMFRQKIQHFDHERVPERAVHARGAGAHGTFTSYADWSNITAASFLNATGKQTPVFVRFSTVAGSRGSADTARDVHG
FATRFYTDEGNFDIVGNNIPVFFIQDAIQFPDLIHSVKPRPDNEIPQAATAHDSAWDFFSQQPSTMHTLFWAMSGHGIPR
SYRHMDGFGVHTFRFVKDDGSSKLIKWHFKSRQGKASLVWEEAQVLSGKNADFHRQDLWDAIESGNGPEWDVCVQIVDES
QAQAFGFDLLDPTKIIPEEYAPLTKLGLLKLDRNPTNYFAETEQVMFQPGHIVRGIDFTEDPLLQGRLFSYLDTQLNRNG
GPNFEQLPINMPRVPIHNNNRDGAGQMFIHRNKYPYTPNTLNSGYPRQANQNAGRGFFTAPGRTASGALVREVSPTFNDH
WSQPRLFFNSLTPVEQQFLVNAMRFAISLVKSEEVKKNVLTQLNRVSHDVAVRVAAAIGLGAPDADDTYYHNNKTAGVSI
VGSGPLPTIKTLRVGILATTSESSALDQAAQLRTRLEKDGLVVTVVAETLREGVDQTYSTADATGFDGVVVVDGAAALFA
STASSPLFPTGRPLQIFVDAYRWGKPVGVCGGKSSEVLDAADVPEDGDGVYSEESVDMFVEEFEKGLATFRFTDRFALDS
;
_entity_poly.pdbx_strand_id   A,B,C,D
#
loop_
_chem_comp.id
_chem_comp.type
_chem_comp.name
_chem_comp.formula
1PE non-polymer 'PENTAETHYLENE GLYCOL' 'C10 H22 O6'
CA non-polymer 'CALCIUM ION' 'Ca 2'
HEM non-polymer 'PROTOPORPHYRIN IX CONTAINING FE' 'C34 H32 Fe N4 O4'
#
# COMPACT_ATOMS: atom_id res chain seq x y z
N GLN A 42 9.99 -25.91 -13.30
CA GLN A 42 9.62 -24.46 -13.41
C GLN A 42 10.42 -23.67 -12.36
N SER A 43 11.75 -23.78 -12.40
CA SER A 43 12.66 -23.61 -11.23
C SER A 43 12.05 -22.68 -10.19
N PRO A 44 11.72 -21.38 -10.44
CA PRO A 44 11.28 -20.49 -9.36
C PRO A 44 9.96 -20.98 -8.71
N LEU A 45 9.05 -21.53 -9.53
CA LEU A 45 7.76 -22.12 -9.10
C LEU A 45 8.00 -23.40 -8.28
N ALA A 46 8.90 -24.31 -8.68
CA ALA A 46 9.18 -25.57 -7.94
C ALA A 46 9.83 -25.25 -6.58
N ALA A 47 10.80 -24.35 -6.56
CA ALA A 47 11.55 -23.94 -5.35
C ALA A 47 10.63 -23.41 -4.25
N TYR A 48 9.52 -22.75 -4.61
CA TYR A 48 8.62 -22.02 -3.67
C TYR A 48 7.40 -22.88 -3.29
N GLU A 49 7.32 -24.12 -3.79
CA GLU A 49 6.21 -25.05 -3.44
C GLU A 49 6.30 -25.45 -1.98
N VAL A 50 5.16 -25.43 -1.29
CA VAL A 50 5.05 -25.72 0.16
C VAL A 50 4.14 -26.94 0.33
N ASP A 51 4.71 -28.00 0.91
CA ASP A 51 3.99 -29.28 1.14
C ASP A 51 3.45 -29.30 2.57
N ASP A 52 2.13 -29.44 2.72
CA ASP A 52 1.46 -29.49 4.04
C ASP A 52 0.73 -30.83 4.14
N SER A 53 1.26 -31.89 3.53
CA SER A 53 0.59 -33.22 3.50
C SER A 53 0.92 -33.95 4.81
N THR A 54 1.88 -33.46 5.57
CA THR A 54 2.21 -33.98 6.91
C THR A 54 2.56 -32.81 7.83
N GLY A 55 2.63 -33.08 9.13
CA GLY A 55 3.23 -32.15 10.10
C GLY A 55 2.21 -31.45 10.99
N TYR A 56 2.75 -30.77 11.99
CA TYR A 56 2.03 -29.98 13.00
C TYR A 56 1.98 -28.54 12.52
N LEU A 57 0.84 -27.92 12.80
CA LEU A 57 0.56 -26.49 12.56
C LEU A 57 1.67 -25.65 13.19
N THR A 58 2.18 -24.68 12.43
CA THR A 58 3.17 -23.69 12.90
C THR A 58 2.70 -22.28 12.54
N SER A 59 3.25 -21.31 13.23
CA SER A 59 3.16 -19.89 12.81
C SER A 59 3.93 -19.73 11.51
N ASP A 60 3.92 -18.52 10.95
CA ASP A 60 4.76 -18.23 9.75
C ASP A 60 6.24 -18.19 10.14
N VAL A 61 6.59 -18.22 11.44
CA VAL A 61 8.01 -18.28 11.87
C VAL A 61 8.32 -19.66 12.48
N GLY A 62 7.55 -20.69 12.15
CA GLY A 62 7.89 -22.11 12.45
C GLY A 62 7.64 -22.54 13.89
N GLY A 63 6.97 -21.73 14.71
CA GLY A 63 6.62 -22.10 16.09
C GLY A 63 5.34 -22.96 16.07
N PRO A 64 5.38 -24.25 16.51
CA PRO A 64 4.17 -25.07 16.51
C PRO A 64 3.09 -24.40 17.38
N ILE A 65 1.85 -24.38 16.88
CA ILE A 65 0.72 -23.69 17.55
C ILE A 65 -0.56 -24.49 17.31
N GLN A 66 -1.66 -24.04 17.90
CA GLN A 66 -3.03 -24.46 17.53
C GLN A 66 -3.75 -23.27 16.89
N ASP A 67 -4.91 -23.48 16.30
CA ASP A 67 -5.67 -22.36 15.68
C ASP A 67 -7.18 -22.58 15.76
N GLN A 68 -7.68 -23.32 16.76
CA GLN A 68 -9.10 -23.73 16.79
C GLN A 68 -9.88 -23.04 17.93
N THR A 69 -9.22 -22.69 19.02
CA THR A 69 -9.83 -22.02 20.19
C THR A 69 -9.01 -20.78 20.56
N SER A 70 -9.71 -19.68 20.78
CA SER A 70 -9.16 -18.41 21.28
C SER A 70 -8.73 -18.63 22.73
N LEU A 71 -7.69 -17.89 23.14
CA LEU A 71 -7.25 -17.81 24.54
C LEU A 71 -8.17 -16.85 25.29
N LYS A 72 -8.78 -17.32 26.38
CA LYS A 72 -9.77 -16.55 27.14
C LYS A 72 -9.46 -16.47 28.64
N ALA A 73 -9.88 -15.39 29.26
CA ALA A 73 -9.82 -15.21 30.72
C ALA A 73 -10.98 -16.03 31.32
N GLY A 74 -10.79 -17.34 31.42
CA GLY A 74 -11.79 -18.31 31.92
C GLY A 74 -12.63 -18.92 30.78
N ILE A 75 -13.28 -20.04 31.06
CA ILE A 75 -13.94 -20.90 30.03
C ILE A 75 -15.09 -20.15 29.32
N ARG A 76 -15.74 -19.19 29.99
CA ARG A 76 -16.78 -18.31 29.39
C ARG A 76 -16.28 -16.87 29.43
N GLY A 77 -14.96 -16.64 29.32
CA GLY A 77 -14.37 -15.31 29.50
C GLY A 77 -14.07 -14.60 28.17
N PRO A 78 -13.65 -13.32 28.26
CA PRO A 78 -13.28 -12.53 27.08
C PRO A 78 -11.94 -12.96 26.48
N THR A 79 -11.76 -12.69 25.19
CA THR A 79 -10.56 -13.10 24.46
C THR A 79 -9.39 -12.16 24.83
N LEU A 80 -8.20 -12.75 24.95
CA LEU A 80 -6.98 -12.01 25.36
C LEU A 80 -6.26 -11.39 24.16
N LEU A 81 -5.78 -10.15 24.33
CA LEU A 81 -4.90 -9.44 23.38
C LEU A 81 -3.61 -10.23 23.16
N GLU A 82 -3.13 -10.97 24.18
CA GLU A 82 -1.83 -11.66 24.08
C GLU A 82 -1.98 -12.95 23.25
N ASP A 83 -3.18 -13.26 22.72
CA ASP A 83 -3.41 -14.43 21.84
C ASP A 83 -2.82 -14.13 20.45
N PHE A 84 -1.53 -14.35 20.31
CA PHE A 84 -0.80 -14.11 19.03
C PHE A 84 -1.23 -15.15 17.98
N MET A 85 -1.73 -16.31 18.41
CA MET A 85 -2.14 -17.36 17.45
C MET A 85 -3.38 -16.85 16.69
N PHE A 86 -4.35 -16.31 17.43
CA PHE A 86 -5.56 -15.68 16.89
C PHE A 86 -5.15 -14.54 15.95
N ARG A 87 -4.35 -13.58 16.44
CA ARG A 87 -4.13 -12.36 15.64
C ARG A 87 -3.34 -12.68 14.36
N GLN A 88 -2.31 -13.53 14.39
CA GLN A 88 -1.55 -13.77 13.13
C GLN A 88 -2.48 -14.43 12.10
N LYS A 89 -3.36 -15.33 12.54
CA LYS A 89 -4.21 -16.10 11.59
C LYS A 89 -5.25 -15.16 10.96
N ILE A 90 -5.85 -14.32 11.79
CA ILE A 90 -6.96 -13.43 11.38
C ILE A 90 -6.35 -12.23 10.64
N GLN A 91 -5.17 -11.77 11.03
CA GLN A 91 -4.51 -10.69 10.24
C GLN A 91 -4.28 -11.20 8.82
N HIS A 92 -3.79 -12.43 8.66
CA HIS A 92 -3.55 -13.01 7.32
C HIS A 92 -4.89 -13.05 6.59
N PHE A 93 -5.92 -13.54 7.26
CA PHE A 93 -7.23 -13.70 6.59
C PHE A 93 -7.71 -12.30 6.14
N ASP A 94 -7.63 -11.31 7.04
CA ASP A 94 -8.07 -9.90 6.82
C ASP A 94 -7.40 -9.27 5.60
N HIS A 95 -6.19 -9.72 5.26
CA HIS A 95 -5.36 -9.15 4.18
C HIS A 95 -5.27 -10.11 2.98
N GLU A 96 -6.09 -11.17 2.86
CA GLU A 96 -5.94 -12.11 1.73
C GLU A 96 -6.15 -11.42 0.38
N ARG A 97 -7.07 -10.45 0.28
CA ARG A 97 -7.53 -9.94 -1.03
C ARG A 97 -6.56 -8.86 -1.53
N VAL A 98 -6.36 -8.82 -2.85
CA VAL A 98 -5.60 -7.77 -3.56
C VAL A 98 -6.56 -7.19 -4.58
N PRO A 99 -6.30 -5.96 -5.09
CA PRO A 99 -7.19 -5.39 -6.11
C PRO A 99 -7.27 -6.33 -7.31
N GLU A 100 -8.48 -6.53 -7.82
CA GLU A 100 -8.68 -7.22 -9.12
C GLU A 100 -8.06 -6.35 -10.23
N ARG A 101 -7.65 -6.97 -11.33
CA ARG A 101 -7.20 -6.26 -12.57
C ARG A 101 -8.24 -5.21 -12.99
N ALA A 102 -7.80 -4.02 -13.40
CA ALA A 102 -8.69 -2.90 -13.83
C ALA A 102 -9.63 -3.36 -14.95
N VAL A 103 -9.13 -4.24 -15.83
CA VAL A 103 -9.92 -4.95 -16.87
C VAL A 103 -9.42 -6.40 -16.90
N HIS A 104 -10.22 -7.28 -17.49
CA HIS A 104 -9.89 -8.73 -17.54
C HIS A 104 -9.78 -9.32 -16.12
N ALA A 105 -10.56 -8.80 -15.16
CA ALA A 105 -10.53 -9.26 -13.75
C ALA A 105 -10.92 -10.73 -13.68
N ARG A 106 -11.83 -11.17 -14.56
CA ARG A 106 -12.35 -12.56 -14.57
C ARG A 106 -11.54 -13.41 -15.56
N GLY A 107 -10.86 -14.45 -15.08
CA GLY A 107 -10.03 -15.26 -15.97
C GLY A 107 -9.49 -16.51 -15.32
N ALA A 108 -8.75 -17.29 -16.12
CA ALA A 108 -8.12 -18.56 -15.71
C ALA A 108 -6.86 -18.83 -16.54
N GLY A 109 -5.91 -19.50 -15.89
CA GLY A 109 -4.55 -19.70 -16.41
C GLY A 109 -4.09 -21.14 -16.39
N ALA A 110 -3.08 -21.42 -17.19
CA ALA A 110 -2.49 -22.77 -17.27
C ALA A 110 -1.07 -22.65 -17.80
N HIS A 111 -0.23 -23.61 -17.39
CA HIS A 111 1.17 -23.73 -17.81
C HIS A 111 1.23 -24.59 -19.08
N GLY A 112 2.29 -24.41 -19.87
CA GLY A 112 2.53 -25.28 -21.03
C GLY A 112 3.89 -25.03 -21.63
N THR A 113 3.99 -25.27 -22.93
CA THR A 113 5.26 -25.26 -23.68
C THR A 113 5.01 -24.65 -25.05
N PHE A 114 5.93 -23.83 -25.52
CA PHE A 114 6.00 -23.40 -26.92
C PHE A 114 7.19 -24.12 -27.59
N THR A 115 6.97 -24.71 -28.76
CA THR A 115 8.02 -25.40 -29.56
C THR A 115 8.14 -24.72 -30.92
N SER A 116 9.31 -24.18 -31.29
CA SER A 116 9.50 -23.54 -32.62
C SER A 116 9.52 -24.64 -33.71
N TYR A 117 8.86 -24.40 -34.84
CA TYR A 117 8.88 -25.33 -36.00
C TYR A 117 10.18 -25.20 -36.80
N ALA A 118 10.95 -24.12 -36.66
CA ALA A 118 12.11 -23.82 -37.51
C ALA A 118 13.10 -22.88 -36.82
N ASP A 119 14.24 -22.65 -37.48
CA ASP A 119 15.18 -21.54 -37.20
C ASP A 119 14.64 -20.33 -37.96
N TRP A 120 14.12 -19.33 -37.26
CA TRP A 120 13.44 -18.15 -37.87
C TRP A 120 14.39 -16.96 -37.95
N SER A 121 15.72 -17.19 -37.87
CA SER A 121 16.79 -16.18 -38.02
C SER A 121 16.58 -15.31 -39.25
N ASN A 122 16.02 -15.87 -40.32
CA ASN A 122 15.83 -15.17 -41.61
C ASN A 122 14.85 -14.01 -41.43
N ILE A 123 14.00 -14.03 -40.40
CA ILE A 123 12.96 -12.97 -40.18
C ILE A 123 13.10 -12.27 -38.81
N THR A 124 13.70 -12.88 -37.79
CA THR A 124 13.79 -12.30 -36.42
C THR A 124 15.03 -12.84 -35.71
N ALA A 125 15.65 -11.97 -34.92
CA ALA A 125 16.72 -12.30 -33.98
C ALA A 125 16.19 -13.09 -32.77
N ALA A 126 14.86 -13.22 -32.59
CA ALA A 126 14.26 -13.71 -31.33
C ALA A 126 14.81 -15.10 -31.01
N SER A 127 15.40 -15.26 -29.83
CA SER A 127 16.12 -16.50 -29.41
C SER A 127 15.14 -17.68 -29.28
N PHE A 128 13.92 -17.45 -28.80
CA PHE A 128 12.92 -18.54 -28.64
C PHE A 128 12.50 -19.10 -29.99
N LEU A 129 12.74 -18.35 -31.08
CA LEU A 129 12.38 -18.79 -32.45
C LEU A 129 13.64 -19.20 -33.24
N ASN A 130 14.78 -19.46 -32.60
CA ASN A 130 16.07 -19.53 -33.35
C ASN A 130 16.43 -20.98 -33.75
N ALA A 131 15.60 -21.98 -33.54
CA ALA A 131 15.95 -23.37 -33.89
C ALA A 131 14.72 -24.26 -33.90
N THR A 132 14.70 -25.22 -34.83
CA THR A 132 13.68 -26.28 -34.95
C THR A 132 13.63 -27.03 -33.62
N GLY A 133 12.43 -27.24 -33.09
CA GLY A 133 12.17 -28.02 -31.86
C GLY A 133 12.56 -27.27 -30.59
N LYS A 134 12.96 -26.01 -30.64
CA LYS A 134 13.39 -25.31 -29.40
C LYS A 134 12.15 -25.08 -28.52
N GLN A 135 12.23 -25.50 -27.26
CA GLN A 135 11.08 -25.46 -26.34
C GLN A 135 11.24 -24.32 -25.35
N THR A 136 10.16 -23.61 -25.11
CA THR A 136 10.13 -22.51 -24.11
C THR A 136 8.91 -22.70 -23.22
N PRO A 137 9.09 -22.70 -21.87
CA PRO A 137 7.93 -22.81 -20.99
C PRO A 137 7.03 -21.59 -21.21
N VAL A 138 5.71 -21.78 -21.12
CA VAL A 138 4.71 -20.69 -21.21
C VAL A 138 3.77 -20.75 -20.00
N PHE A 139 3.20 -19.58 -19.70
CA PHE A 139 1.95 -19.46 -18.91
C PHE A 139 0.95 -18.61 -19.67
N VAL A 140 -0.29 -19.08 -19.77
CA VAL A 140 -1.37 -18.33 -20.48
C VAL A 140 -2.49 -18.03 -19.48
N ARG A 141 -3.01 -16.80 -19.53
CA ARG A 141 -4.28 -16.45 -18.84
C ARG A 141 -5.31 -15.99 -19.86
N PHE A 142 -6.49 -16.60 -19.82
CA PHE A 142 -7.66 -16.22 -20.62
C PHE A 142 -8.63 -15.48 -19.70
N SER A 143 -9.47 -14.63 -20.28
CA SER A 143 -10.33 -13.73 -19.48
C SER A 143 -11.49 -13.18 -20.29
N THR A 144 -12.47 -12.59 -19.60
CA THR A 144 -13.40 -11.58 -20.19
C THR A 144 -12.69 -10.23 -20.03
N VAL A 145 -13.39 -9.13 -20.33
CA VAL A 145 -12.83 -7.76 -20.16
C VAL A 145 -13.56 -7.00 -19.05
N ALA A 146 -14.88 -6.84 -19.12
CA ALA A 146 -15.59 -5.81 -18.32
C ALA A 146 -15.95 -6.35 -16.92
N GLY A 147 -16.27 -7.64 -16.77
CA GLY A 147 -16.82 -8.19 -15.52
C GLY A 147 -15.82 -8.16 -14.37
N SER A 148 -16.28 -8.03 -13.14
CA SER A 148 -15.44 -8.12 -11.92
C SER A 148 -15.12 -9.60 -11.70
N ARG A 149 -14.23 -9.88 -10.74
N ARG A 149 -14.22 -9.95 -10.76
CA ARG A 149 -14.03 -11.24 -10.19
CA ARG A 149 -13.52 -11.28 -10.73
C ARG A 149 -15.37 -11.81 -9.73
C ARG A 149 -14.46 -12.47 -10.45
N GLY A 150 -15.63 -13.06 -10.08
N GLY A 150 -15.71 -12.20 -10.02
CA GLY A 150 -16.91 -13.72 -9.77
CA GLY A 150 -16.72 -13.23 -9.69
C GLY A 150 -17.94 -13.50 -10.86
C GLY A 150 -17.80 -13.39 -10.75
N SER A 151 -17.74 -12.57 -11.80
CA SER A 151 -18.74 -12.45 -12.90
C SER A 151 -18.65 -13.71 -13.76
N ALA A 152 -19.73 -14.07 -14.43
CA ALA A 152 -19.85 -15.36 -15.14
C ALA A 152 -18.94 -15.34 -16.36
N ASP A 153 -18.38 -16.51 -16.69
CA ASP A 153 -17.47 -16.68 -17.85
C ASP A 153 -18.20 -16.34 -19.14
N THR A 154 -19.49 -16.67 -19.24
CA THR A 154 -20.23 -16.70 -20.54
C THR A 154 -21.04 -15.40 -20.73
N ALA A 155 -20.57 -14.28 -20.18
CA ALA A 155 -21.00 -12.91 -20.58
C ALA A 155 -20.71 -12.72 -22.06
N ARG A 156 -21.49 -11.87 -22.74
CA ARG A 156 -21.10 -11.39 -24.10
C ARG A 156 -20.01 -10.36 -23.89
N ASP A 157 -18.81 -10.63 -24.37
CA ASP A 157 -17.67 -9.72 -24.09
C ASP A 157 -16.56 -10.07 -25.05
N VAL A 158 -15.59 -9.16 -25.14
CA VAL A 158 -14.26 -9.42 -25.73
C VAL A 158 -13.56 -10.32 -24.72
N HIS A 159 -12.62 -11.12 -25.17
CA HIS A 159 -11.88 -12.05 -24.30
C HIS A 159 -10.38 -11.81 -24.43
N GLY A 160 -9.68 -11.93 -23.31
CA GLY A 160 -8.22 -11.89 -23.23
C GLY A 160 -7.61 -13.23 -23.55
N PHE A 161 -6.42 -13.21 -24.11
CA PHE A 161 -5.56 -14.38 -24.38
C PHE A 161 -4.12 -13.85 -24.27
N ALA A 162 -3.60 -13.92 -23.06
CA ALA A 162 -2.26 -13.42 -22.68
C ALA A 162 -1.32 -14.61 -22.53
N THR A 163 -0.18 -14.55 -23.22
CA THR A 163 0.82 -15.63 -23.27
C THR A 163 2.18 -15.05 -22.84
N ARG A 164 2.75 -15.64 -21.80
CA ARG A 164 4.14 -15.44 -21.34
C ARG A 164 5.02 -16.58 -21.88
N PHE A 165 6.04 -16.19 -22.64
CA PHE A 165 7.16 -17.07 -23.03
C PHE A 165 8.33 -16.80 -22.08
N TYR A 166 8.70 -17.80 -21.27
CA TYR A 166 9.85 -17.69 -20.34
C TYR A 166 11.12 -18.01 -21.13
N THR A 167 11.58 -17.09 -21.99
CA THR A 167 12.59 -17.41 -23.02
C THR A 167 13.97 -17.35 -22.35
N ASP A 168 14.98 -17.90 -23.04
CA ASP A 168 16.38 -17.87 -22.58
C ASP A 168 17.00 -16.47 -22.78
N GLU A 169 16.25 -15.49 -23.28
CA GLU A 169 16.71 -14.09 -23.38
C GLU A 169 15.69 -13.15 -22.71
N GLY A 170 14.97 -13.66 -21.72
CA GLY A 170 14.02 -12.86 -20.92
C GLY A 170 12.58 -13.22 -21.22
N ASN A 171 11.70 -12.86 -20.29
CA ASN A 171 10.26 -13.09 -20.43
C ASN A 171 9.73 -12.22 -21.57
N PHE A 172 8.94 -12.85 -22.44
CA PHE A 172 8.27 -12.19 -23.59
C PHE A 172 6.78 -12.47 -23.47
N ASP A 173 6.00 -11.41 -23.31
CA ASP A 173 4.53 -11.53 -23.21
C ASP A 173 3.91 -11.04 -24.52
N ILE A 174 2.98 -11.84 -25.05
CA ILE A 174 1.97 -11.34 -26.05
C ILE A 174 0.61 -11.26 -25.35
N VAL A 175 0.22 -10.03 -25.07
CA VAL A 175 -1.00 -9.72 -24.30
C VAL A 175 -2.10 -9.45 -25.34
N GLY A 176 -2.82 -10.51 -25.75
CA GLY A 176 -3.75 -10.44 -26.88
C GLY A 176 -5.20 -10.65 -26.47
N ASN A 177 -6.08 -10.61 -27.46
CA ASN A 177 -7.53 -10.84 -27.30
C ASN A 177 -8.00 -11.88 -28.32
N ASN A 178 -9.23 -12.37 -28.19
CA ASN A 178 -9.76 -13.38 -29.14
C ASN A 178 -10.35 -12.69 -30.36
N ILE A 179 -10.29 -11.36 -30.41
CA ILE A 179 -10.83 -10.50 -31.50
C ILE A 179 -9.64 -9.65 -31.94
N PRO A 180 -9.31 -9.61 -33.26
CA PRO A 180 -8.05 -9.06 -33.74
C PRO A 180 -8.02 -7.54 -33.88
N VAL A 181 -9.13 -6.89 -33.55
CA VAL A 181 -9.23 -5.41 -33.65
C VAL A 181 -9.77 -4.90 -32.33
N PHE A 182 -9.44 -3.66 -32.03
CA PHE A 182 -9.81 -3.04 -30.74
C PHE A 182 -10.77 -1.86 -30.99
N PHE A 183 -11.53 -1.54 -29.96
CA PHE A 183 -12.58 -0.50 -30.01
C PHE A 183 -12.07 0.91 -30.36
N ILE A 184 -10.82 1.23 -30.01
CA ILE A 184 -10.33 2.63 -30.00
C ILE A 184 -8.94 2.70 -30.62
N GLN A 185 -8.51 3.90 -31.03
CA GLN A 185 -7.33 4.13 -31.89
C GLN A 185 -6.23 4.83 -31.09
N ASP A 186 -6.46 5.16 -29.81
CA ASP A 186 -5.48 5.87 -28.97
C ASP A 186 -5.64 5.39 -27.52
N ALA A 187 -4.55 5.01 -26.87
CA ALA A 187 -4.58 4.44 -25.51
C ALA A 187 -5.20 5.47 -24.55
N ILE A 188 -5.15 6.77 -24.84
CA ILE A 188 -5.61 7.79 -23.87
C ILE A 188 -7.12 7.65 -23.66
N GLN A 189 -7.84 7.03 -24.62
CA GLN A 189 -9.31 6.83 -24.59
C GLN A 189 -9.72 5.60 -23.76
N PHE A 190 -8.76 4.76 -23.33
CA PHE A 190 -9.13 3.49 -22.68
C PHE A 190 -10.06 3.75 -21.50
N PRO A 191 -9.80 4.68 -20.57
CA PRO A 191 -10.73 4.89 -19.43
C PRO A 191 -12.14 5.30 -19.88
N ASP A 192 -12.26 6.00 -21.00
CA ASP A 192 -13.58 6.40 -21.54
C ASP A 192 -14.33 5.14 -21.97
N LEU A 193 -13.74 4.33 -22.83
CA LEU A 193 -14.33 3.03 -23.24
C LEU A 193 -14.75 2.26 -22.00
N ILE A 194 -13.82 2.09 -21.06
CA ILE A 194 -14.02 1.09 -19.97
C ILE A 194 -15.04 1.67 -18.98
N HIS A 195 -15.04 2.97 -18.71
CA HIS A 195 -16.07 3.59 -17.84
C HIS A 195 -17.45 3.35 -18.49
N SER A 196 -17.54 3.48 -19.81
CA SER A 196 -18.81 3.42 -20.56
C SER A 196 -19.36 1.99 -20.54
N VAL A 197 -18.52 0.96 -20.57
CA VAL A 197 -19.00 -0.45 -20.69
C VAL A 197 -19.20 -1.05 -19.31
N LYS A 198 -18.40 -0.68 -18.32
CA LYS A 198 -18.57 -1.15 -16.91
C LYS A 198 -19.86 -0.55 -16.37
N PRO A 199 -20.37 -1.07 -15.24
CA PRO A 199 -21.66 -0.68 -14.71
C PRO A 199 -21.77 0.83 -14.44
N ARG A 200 -22.97 1.35 -14.50
CA ARG A 200 -23.19 2.80 -14.29
C ARG A 200 -22.73 3.12 -12.87
N PRO A 201 -21.88 4.15 -12.70
CA PRO A 201 -21.15 4.32 -11.44
C PRO A 201 -21.95 4.86 -10.25
N ASP A 202 -23.25 5.16 -10.42
CA ASP A 202 -24.09 5.58 -9.26
C ASP A 202 -24.55 4.35 -8.50
N ASN A 203 -24.83 3.25 -9.19
CA ASN A 203 -25.47 2.07 -8.57
C ASN A 203 -24.73 0.78 -8.94
N GLU A 204 -23.70 0.86 -9.77
CA GLU A 204 -22.93 -0.32 -10.24
C GLU A 204 -23.91 -1.36 -10.83
N ILE A 205 -24.77 -0.89 -11.72
CA ILE A 205 -25.70 -1.72 -12.54
C ILE A 205 -25.59 -1.20 -13.96
N PRO A 206 -25.57 -2.04 -15.00
CA PRO A 206 -25.57 -3.50 -14.89
C PRO A 206 -24.23 -4.14 -15.24
N GLN A 207 -24.10 -5.41 -14.85
CA GLN A 207 -22.91 -6.24 -15.08
C GLN A 207 -22.81 -6.62 -16.57
N ALA A 208 -23.87 -6.42 -17.35
CA ALA A 208 -23.94 -6.77 -18.79
C ALA A 208 -23.30 -5.65 -19.62
N ALA A 209 -22.04 -5.85 -20.02
CA ALA A 209 -21.15 -4.86 -20.66
C ALA A 209 -21.82 -4.18 -21.84
N THR A 210 -22.47 -4.92 -22.71
CA THR A 210 -22.98 -4.40 -24.01
C THR A 210 -24.48 -4.08 -23.96
N ALA A 211 -25.10 -4.04 -22.78
CA ALA A 211 -26.57 -3.95 -22.68
C ALA A 211 -27.00 -2.82 -21.76
N HIS A 212 -26.40 -1.63 -21.89
CA HIS A 212 -26.85 -0.44 -21.12
C HIS A 212 -26.50 0.83 -21.86
N ASP A 213 -27.23 1.90 -21.53
CA ASP A 213 -27.20 3.22 -22.21
C ASP A 213 -25.76 3.66 -22.42
N SER A 214 -24.91 3.64 -21.38
CA SER A 214 -23.61 4.34 -21.47
C SER A 214 -22.76 3.68 -22.58
N ALA A 215 -22.80 2.36 -22.67
CA ALA A 215 -21.94 1.59 -23.60
C ALA A 215 -22.33 2.00 -25.02
N TRP A 216 -23.64 2.06 -25.28
CA TRP A 216 -24.16 2.39 -26.64
C TRP A 216 -23.96 3.88 -26.90
N ASP A 217 -23.97 4.72 -25.87
CA ASP A 217 -23.67 6.16 -25.99
C ASP A 217 -22.24 6.28 -26.53
N PHE A 218 -21.31 5.61 -25.88
CA PHE A 218 -19.89 5.63 -26.28
C PHE A 218 -19.78 5.06 -27.71
N PHE A 219 -20.33 3.89 -27.98
CA PHE A 219 -20.14 3.25 -29.32
C PHE A 219 -20.67 4.19 -30.42
N SER A 220 -21.81 4.82 -30.18
CA SER A 220 -22.48 5.67 -31.20
C SER A 220 -21.78 7.00 -31.35
N GLN A 221 -21.07 7.45 -30.31
CA GLN A 221 -20.36 8.75 -30.40
C GLN A 221 -18.91 8.52 -30.85
N GLN A 222 -18.38 7.31 -30.69
CA GLN A 222 -16.96 7.00 -31.05
C GLN A 222 -16.96 5.89 -32.09
N PRO A 223 -17.17 6.25 -33.38
CA PRO A 223 -17.38 5.26 -34.45
C PRO A 223 -16.23 4.28 -34.70
N SER A 224 -15.01 4.56 -34.22
CA SER A 224 -13.88 3.58 -34.24
C SER A 224 -14.31 2.24 -33.64
N THR A 225 -15.28 2.28 -32.72
CA THR A 225 -15.76 1.10 -31.97
C THR A 225 -16.47 0.08 -32.88
N MET A 226 -16.91 0.47 -34.09
CA MET A 226 -17.83 -0.36 -34.90
C MET A 226 -17.22 -1.72 -35.21
N HIS A 227 -15.92 -1.81 -35.53
CA HIS A 227 -15.38 -3.12 -35.97
C HIS A 227 -15.39 -4.11 -34.80
N THR A 228 -14.79 -3.74 -33.66
CA THR A 228 -14.76 -4.61 -32.46
C THR A 228 -16.21 -4.89 -32.04
N LEU A 229 -17.10 -3.89 -32.11
CA LEU A 229 -18.50 -4.07 -31.70
C LEU A 229 -19.11 -5.23 -32.52
N PHE A 230 -18.88 -5.24 -33.82
CA PHE A 230 -19.48 -6.27 -34.73
C PHE A 230 -18.91 -7.62 -34.32
N TRP A 231 -17.60 -7.72 -34.07
CA TRP A 231 -17.02 -8.99 -33.58
C TRP A 231 -17.69 -9.42 -32.27
N ALA A 232 -17.82 -8.53 -31.29
CA ALA A 232 -18.35 -8.88 -29.95
C ALA A 232 -19.85 -9.27 -30.05
N MET A 233 -20.55 -8.79 -31.07
CA MET A 233 -21.98 -9.08 -31.30
C MET A 233 -22.15 -10.36 -32.15
N SER A 234 -21.07 -10.90 -32.69
CA SER A 234 -21.02 -12.21 -33.37
C SER A 234 -20.81 -13.30 -32.31
N GLY A 235 -20.69 -14.58 -32.73
CA GLY A 235 -20.34 -15.70 -31.84
C GLY A 235 -18.99 -15.51 -31.14
N HIS A 236 -18.11 -14.64 -31.65
CA HIS A 236 -16.79 -14.35 -31.01
C HIS A 236 -17.02 -13.72 -29.63
N GLY A 237 -18.20 -13.10 -29.42
CA GLY A 237 -18.59 -12.55 -28.11
C GLY A 237 -18.91 -13.62 -27.07
N ILE A 238 -19.23 -14.86 -27.47
CA ILE A 238 -19.68 -15.97 -26.58
C ILE A 238 -19.03 -17.27 -27.05
N PRO A 239 -17.69 -17.38 -26.97
CA PRO A 239 -17.01 -18.59 -27.40
C PRO A 239 -17.47 -19.80 -26.57
N ARG A 240 -17.46 -20.96 -27.21
CA ARG A 240 -17.78 -22.24 -26.55
C ARG A 240 -16.75 -22.51 -25.44
N SER A 241 -15.50 -22.19 -25.68
CA SER A 241 -14.43 -22.31 -24.65
C SER A 241 -13.24 -21.42 -25.00
N TYR A 242 -12.30 -21.29 -24.07
CA TYR A 242 -10.99 -20.65 -24.32
C TYR A 242 -10.21 -21.45 -25.39
N ARG A 243 -10.45 -22.75 -25.43
CA ARG A 243 -9.75 -23.69 -26.35
C ARG A 243 -10.29 -23.56 -27.77
N HIS A 244 -11.50 -23.02 -27.93
CA HIS A 244 -12.25 -22.96 -29.22
C HIS A 244 -12.28 -21.51 -29.71
N MET A 245 -11.31 -20.69 -29.28
CA MET A 245 -11.15 -19.31 -29.77
C MET A 245 -9.68 -19.13 -30.14
N ASP A 246 -9.40 -18.16 -31.00
CA ASP A 246 -8.03 -17.78 -31.41
C ASP A 246 -7.52 -16.68 -30.46
N GLY A 247 -6.24 -16.36 -30.59
CA GLY A 247 -5.59 -15.22 -29.92
C GLY A 247 -4.96 -14.31 -30.93
N PHE A 248 -4.99 -13.00 -30.67
CA PHE A 248 -4.48 -11.97 -31.61
C PHE A 248 -3.69 -10.93 -30.82
N GLY A 249 -2.49 -10.61 -31.29
CA GLY A 249 -1.70 -9.47 -30.82
C GLY A 249 -2.40 -8.15 -31.06
N VAL A 250 -3.32 -8.12 -32.03
CA VAL A 250 -4.10 -6.94 -32.50
C VAL A 250 -3.19 -5.92 -33.20
N HIS A 251 -2.24 -5.34 -32.48
CA HIS A 251 -1.30 -4.34 -33.01
C HIS A 251 -0.37 -5.01 -34.05
N THR A 252 0.01 -4.23 -35.05
CA THR A 252 1.22 -4.45 -35.86
C THR A 252 2.42 -4.31 -34.93
N PHE A 253 3.28 -5.32 -34.93
CA PHE A 253 4.60 -5.26 -34.27
C PHE A 253 5.68 -5.34 -35.35
N ARG A 254 6.94 -5.28 -34.93
CA ARG A 254 8.09 -5.47 -35.86
C ARG A 254 8.81 -6.76 -35.50
N PHE A 255 9.16 -7.56 -36.51
CA PHE A 255 10.26 -8.53 -36.41
C PHE A 255 11.53 -7.83 -36.84
N VAL A 256 12.54 -7.93 -36.00
CA VAL A 256 13.85 -7.26 -36.17
C VAL A 256 14.95 -8.34 -36.24
N LYS A 257 15.74 -8.28 -37.30
CA LYS A 257 16.82 -9.24 -37.52
C LYS A 257 18.08 -8.73 -36.83
N ASP A 258 19.03 -9.62 -36.64
CA ASP A 258 20.37 -9.27 -36.09
C ASP A 258 21.10 -8.30 -37.02
N ASP A 259 20.72 -8.17 -38.29
CA ASP A 259 21.33 -7.16 -39.20
C ASP A 259 20.63 -5.80 -39.07
N GLY A 260 19.63 -5.68 -38.18
CA GLY A 260 18.92 -4.41 -37.92
C GLY A 260 17.77 -4.14 -38.86
N SER A 261 17.55 -4.98 -39.86
CA SER A 261 16.42 -4.84 -40.81
C SER A 261 15.15 -5.20 -40.03
N SER A 262 14.02 -4.68 -40.47
CA SER A 262 12.71 -4.95 -39.84
C SER A 262 11.61 -5.22 -40.87
N LYS A 263 10.61 -5.95 -40.42
CA LYS A 263 9.36 -6.22 -41.14
C LYS A 263 8.19 -6.01 -40.17
N LEU A 264 6.99 -5.76 -40.70
CA LEU A 264 5.78 -5.55 -39.88
C LEU A 264 5.06 -6.88 -39.75
N ILE A 265 4.57 -7.20 -38.55
CA ILE A 265 3.93 -8.51 -38.29
C ILE A 265 2.62 -8.33 -37.51
N LYS A 266 1.75 -9.32 -37.66
CA LYS A 266 0.53 -9.51 -36.85
C LYS A 266 0.63 -10.91 -36.27
N TRP A 267 0.36 -11.04 -34.97
CA TRP A 267 0.31 -12.35 -34.27
C TRP A 267 -1.10 -12.92 -34.39
N HIS A 268 -1.18 -14.18 -34.81
CA HIS A 268 -2.42 -14.99 -34.85
C HIS A 268 -2.11 -16.34 -34.24
N PHE A 269 -2.76 -16.69 -33.14
CA PHE A 269 -2.72 -18.03 -32.50
C PHE A 269 -3.98 -18.77 -32.94
N LYS A 270 -3.80 -19.80 -33.76
CA LYS A 270 -4.94 -20.46 -34.43
C LYS A 270 -5.22 -21.76 -33.68
N SER A 271 -6.43 -21.87 -33.15
CA SER A 271 -6.90 -23.03 -32.36
C SER A 271 -6.83 -24.30 -33.22
N ARG A 272 -6.26 -25.35 -32.66
CA ARG A 272 -6.29 -26.72 -33.22
C ARG A 272 -7.54 -27.43 -32.72
N GLN A 273 -8.34 -26.80 -31.84
CA GLN A 273 -9.61 -27.41 -31.36
C GLN A 273 -10.75 -27.02 -32.33
N GLY A 274 -10.54 -26.03 -33.21
CA GLY A 274 -11.60 -25.44 -34.05
C GLY A 274 -12.33 -24.30 -33.33
N LYS A 275 -13.03 -23.46 -34.10
CA LYS A 275 -13.74 -22.27 -33.59
C LYS A 275 -15.17 -22.71 -33.28
N ALA A 276 -15.70 -22.28 -32.15
CA ALA A 276 -17.08 -22.65 -31.80
C ALA A 276 -17.58 -21.60 -30.83
N SER A 277 -18.86 -21.40 -30.91
CA SER A 277 -19.57 -20.41 -30.08
C SER A 277 -20.67 -21.13 -29.30
N LEU A 278 -21.13 -20.46 -28.26
CA LEU A 278 -22.47 -20.71 -27.66
C LEU A 278 -23.54 -20.01 -28.49
N VAL A 279 -24.81 -20.35 -28.26
CA VAL A 279 -25.93 -19.48 -28.71
C VAL A 279 -26.31 -18.64 -27.49
N TRP A 280 -26.81 -17.44 -27.73
CA TRP A 280 -27.02 -16.42 -26.67
C TRP A 280 -27.91 -16.97 -25.56
N GLU A 281 -29.02 -17.62 -25.88
CA GLU A 281 -29.93 -18.05 -24.80
C GLU A 281 -29.20 -19.09 -23.92
N GLU A 282 -28.41 -19.97 -24.51
CA GLU A 282 -27.55 -20.97 -23.81
C GLU A 282 -26.57 -20.25 -22.86
N ALA A 283 -25.82 -19.27 -23.39
CA ALA A 283 -24.85 -18.46 -22.63
C ALA A 283 -25.54 -17.87 -21.40
N GLN A 284 -26.76 -17.35 -21.55
CA GLN A 284 -27.48 -16.63 -20.46
C GLN A 284 -27.80 -17.62 -19.35
N VAL A 285 -28.29 -18.79 -19.71
CA VAL A 285 -28.61 -19.84 -18.72
C VAL A 285 -27.31 -20.34 -18.08
N LEU A 286 -26.26 -20.63 -18.86
CA LEU A 286 -24.95 -21.12 -18.37
C LEU A 286 -24.34 -20.11 -17.39
N SER A 287 -24.52 -18.81 -17.63
CA SER A 287 -24.09 -17.73 -16.71
C SER A 287 -24.63 -17.98 -15.30
N GLY A 288 -25.84 -18.53 -15.19
CA GLY A 288 -26.49 -18.83 -13.90
C GLY A 288 -26.17 -20.23 -13.44
N LYS A 289 -26.26 -21.22 -14.31
CA LYS A 289 -26.09 -22.64 -13.87
C LYS A 289 -24.63 -22.91 -13.54
N ASN A 290 -23.67 -22.27 -14.22
CA ASN A 290 -22.21 -22.55 -14.07
C ASN A 290 -21.37 -21.34 -14.50
N ALA A 291 -21.24 -20.38 -13.61
CA ALA A 291 -20.44 -19.16 -13.83
C ALA A 291 -18.97 -19.50 -14.14
N ASP A 292 -18.50 -20.71 -13.80
CA ASP A 292 -17.09 -21.16 -13.93
C ASP A 292 -16.90 -22.02 -15.18
N PHE A 293 -17.82 -21.96 -16.12
CA PHE A 293 -17.89 -22.90 -17.28
C PHE A 293 -16.56 -22.91 -18.04
N HIS A 294 -15.99 -21.77 -18.37
CA HIS A 294 -14.77 -21.74 -19.22
C HIS A 294 -13.56 -22.18 -18.41
N ARG A 295 -13.41 -21.72 -17.18
CA ARG A 295 -12.26 -22.14 -16.33
C ARG A 295 -12.35 -23.64 -16.07
N GLN A 296 -13.56 -24.16 -15.87
CA GLN A 296 -13.73 -25.62 -15.59
C GLN A 296 -13.43 -26.46 -16.84
N ASP A 297 -13.87 -25.98 -18.00
CA ASP A 297 -13.62 -26.61 -19.32
C ASP A 297 -12.11 -26.69 -19.53
N LEU A 298 -11.37 -25.62 -19.27
CA LEU A 298 -9.89 -25.61 -19.46
C LEU A 298 -9.23 -26.59 -18.48
N TRP A 299 -9.58 -26.48 -17.21
CA TRP A 299 -9.01 -27.31 -16.13
C TRP A 299 -9.19 -28.80 -16.48
N ASP A 300 -10.39 -29.19 -16.87
CA ASP A 300 -10.83 -30.58 -17.15
C ASP A 300 -10.10 -31.13 -18.39
N ALA A 301 -9.98 -30.31 -19.46
CA ALA A 301 -9.24 -30.69 -20.68
C ALA A 301 -7.78 -30.98 -20.32
N ILE A 302 -7.19 -30.16 -19.47
CA ILE A 302 -5.76 -30.35 -19.13
C ILE A 302 -5.61 -31.61 -18.26
N GLU A 303 -6.45 -31.79 -17.25
CA GLU A 303 -6.35 -32.95 -16.33
C GLU A 303 -6.56 -34.25 -17.12
N SER A 304 -7.41 -34.27 -18.16
CA SER A 304 -7.77 -35.48 -18.94
C SER A 304 -6.72 -35.79 -20.01
N GLY A 305 -5.67 -34.99 -20.14
CA GLY A 305 -4.63 -35.16 -21.18
C GLY A 305 -5.05 -34.62 -22.54
N ASN A 306 -5.99 -33.68 -22.57
CA ASN A 306 -6.49 -33.02 -23.81
C ASN A 306 -6.12 -31.54 -23.75
N GLY A 307 -4.87 -31.27 -23.40
CA GLY A 307 -4.33 -29.91 -23.29
C GLY A 307 -4.48 -29.19 -24.62
N PRO A 308 -5.07 -27.98 -24.65
CA PRO A 308 -5.31 -27.30 -25.92
C PRO A 308 -4.02 -26.82 -26.59
N GLU A 309 -4.10 -26.71 -27.91
CA GLU A 309 -2.98 -26.35 -28.80
C GLU A 309 -3.42 -25.21 -29.70
N TRP A 310 -2.46 -24.35 -30.03
CA TRP A 310 -2.59 -23.35 -31.10
C TRP A 310 -1.35 -23.41 -31.96
N ASP A 311 -1.49 -23.19 -33.27
CA ASP A 311 -0.38 -22.74 -34.13
C ASP A 311 -0.17 -21.25 -33.91
N VAL A 312 1.02 -20.90 -33.46
CA VAL A 312 1.45 -19.49 -33.33
C VAL A 312 1.87 -19.09 -34.72
N CYS A 313 1.19 -18.10 -35.29
CA CYS A 313 1.40 -17.67 -36.69
C CYS A 313 1.60 -16.16 -36.75
N VAL A 314 2.20 -15.73 -37.86
CA VAL A 314 2.34 -14.29 -38.17
C VAL A 314 1.94 -14.07 -39.63
N GLN A 315 1.39 -12.89 -39.87
CA GLN A 315 1.44 -12.20 -41.18
C GLN A 315 2.69 -11.34 -41.11
N ILE A 316 3.50 -11.39 -42.17
CA ILE A 316 4.76 -10.62 -42.32
C ILE A 316 4.66 -9.81 -43.60
N VAL A 317 4.77 -8.50 -43.49
CA VAL A 317 4.72 -7.59 -44.66
C VAL A 317 5.86 -6.59 -44.51
N ASP A 318 6.25 -5.94 -45.60
CA ASP A 318 7.35 -4.97 -45.64
C ASP A 318 6.91 -3.66 -44.99
N GLU A 319 7.87 -2.93 -44.42
CA GLU A 319 7.72 -1.55 -43.90
C GLU A 319 7.07 -0.66 -44.97
N SER A 320 7.40 -0.87 -46.26
CA SER A 320 6.85 -0.09 -47.40
C SER A 320 5.33 -0.31 -47.51
N GLN A 321 4.76 -1.37 -46.91
CA GLN A 321 3.32 -1.70 -47.05
C GLN A 321 2.48 -1.12 -45.92
N ALA A 322 3.03 -0.22 -45.10
CA ALA A 322 2.29 0.34 -43.93
C ALA A 322 0.95 0.91 -44.39
N GLN A 323 0.89 1.52 -45.58
CA GLN A 323 -0.31 2.24 -46.07
C GLN A 323 -0.77 1.68 -47.42
N ALA A 324 -0.37 0.44 -47.76
CA ALA A 324 -0.55 -0.20 -49.09
C ALA A 324 -1.89 -0.94 -49.20
N PHE A 325 -2.52 -1.31 -48.08
CA PHE A 325 -3.63 -2.28 -48.06
C PHE A 325 -4.98 -1.56 -47.97
N GLY A 326 -5.01 -0.25 -48.12
CA GLY A 326 -6.26 0.55 -48.09
C GLY A 326 -6.55 1.08 -46.70
N PHE A 327 -5.60 0.91 -45.78
CA PHE A 327 -5.72 1.44 -44.40
C PHE A 327 -4.31 1.48 -43.83
N ASP A 328 -4.18 2.03 -42.64
CA ASP A 328 -2.89 2.27 -41.96
C ASP A 328 -2.60 1.10 -41.04
N LEU A 329 -1.44 0.45 -41.17
CA LEU A 329 -1.06 -0.70 -40.30
C LEU A 329 -0.85 -0.21 -38.86
N LEU A 330 -0.75 1.09 -38.59
CA LEU A 330 -0.67 1.61 -37.20
C LEU A 330 -2.07 1.64 -36.56
N ASP A 331 -3.14 1.39 -37.33
CA ASP A 331 -4.54 1.53 -36.86
C ASP A 331 -5.00 0.18 -36.29
N PRO A 332 -5.24 0.05 -34.97
CA PRO A 332 -5.59 -1.25 -34.38
C PRO A 332 -7.08 -1.64 -34.52
N THR A 333 -7.85 -0.84 -35.26
CA THR A 333 -9.26 -1.14 -35.63
C THR A 333 -9.33 -1.89 -36.97
N LYS A 334 -8.18 -2.26 -37.55
CA LYS A 334 -8.07 -2.88 -38.91
C LYS A 334 -7.38 -4.25 -38.84
N ILE A 335 -7.87 -5.25 -39.59
CA ILE A 335 -7.14 -6.50 -39.91
C ILE A 335 -6.49 -6.36 -41.29
N ILE A 336 -5.40 -7.09 -41.52
CA ILE A 336 -4.84 -7.41 -42.86
C ILE A 336 -5.62 -8.63 -43.35
N PRO A 337 -6.51 -8.49 -44.34
CA PRO A 337 -7.20 -9.64 -44.88
C PRO A 337 -6.18 -10.74 -45.26
N GLU A 338 -6.45 -12.00 -44.92
CA GLU A 338 -5.53 -13.13 -45.19
C GLU A 338 -5.26 -13.22 -46.70
N GLU A 339 -6.18 -12.77 -47.54
CA GLU A 339 -6.01 -12.81 -49.01
C GLU A 339 -4.85 -11.91 -49.40
N TYR A 340 -4.54 -10.88 -48.60
CA TYR A 340 -3.46 -9.91 -48.89
C TYR A 340 -2.11 -10.40 -48.32
N ALA A 341 -2.15 -11.17 -47.24
CA ALA A 341 -0.98 -11.55 -46.41
C ALA A 341 -1.27 -12.86 -45.71
N PRO A 342 -0.72 -13.99 -46.18
CA PRO A 342 -1.05 -15.29 -45.60
C PRO A 342 -0.41 -15.49 -44.22
N LEU A 343 -0.87 -16.50 -43.51
CA LEU A 343 -0.31 -16.84 -42.20
C LEU A 343 0.88 -17.78 -42.40
N THR A 344 2.00 -17.49 -41.71
CA THR A 344 3.15 -18.42 -41.58
C THR A 344 3.12 -19.02 -40.18
N LYS A 345 3.13 -20.35 -40.07
CA LYS A 345 3.19 -21.10 -38.79
C LYS A 345 4.63 -21.08 -38.25
N LEU A 346 4.84 -20.49 -37.07
CA LEU A 346 6.16 -20.38 -36.41
C LEU A 346 6.36 -21.53 -35.43
N GLY A 347 5.30 -22.01 -34.79
CA GLY A 347 5.46 -23.00 -33.72
C GLY A 347 4.15 -23.37 -33.06
N LEU A 348 4.25 -24.30 -32.12
CA LEU A 348 3.14 -24.98 -31.43
C LEU A 348 3.06 -24.43 -30.01
N LEU A 349 1.91 -23.91 -29.62
CA LEU A 349 1.61 -23.55 -28.21
C LEU A 349 0.73 -24.65 -27.62
N LYS A 350 1.18 -25.28 -26.55
CA LYS A 350 0.37 -26.31 -25.88
C LYS A 350 0.26 -25.99 -24.39
N LEU A 351 -0.95 -25.97 -23.86
CA LEU A 351 -1.24 -25.87 -22.40
C LEU A 351 -1.52 -27.28 -21.86
N ASP A 352 -0.78 -27.71 -20.85
CA ASP A 352 -0.81 -29.12 -20.40
C ASP A 352 -0.59 -29.26 -18.89
N ARG A 353 -0.50 -28.18 -18.12
CA ARG A 353 -0.38 -28.29 -16.65
C ARG A 353 -1.19 -27.19 -15.99
N ASN A 354 -2.07 -27.57 -15.08
CA ASN A 354 -2.91 -26.64 -14.28
C ASN A 354 -2.05 -26.07 -13.16
N PRO A 355 -2.42 -24.89 -12.62
CA PRO A 355 -1.68 -24.32 -11.49
C PRO A 355 -1.77 -25.21 -10.24
N THR A 356 -0.87 -24.99 -9.29
CA THR A 356 -0.92 -25.61 -7.94
C THR A 356 -1.79 -24.73 -7.03
N ASN A 357 -1.58 -23.41 -7.07
CA ASN A 357 -2.32 -22.41 -6.25
C ASN A 357 -2.79 -21.30 -7.19
N TYR A 358 -4.09 -21.18 -7.33
CA TYR A 358 -4.74 -20.25 -8.28
C TYR A 358 -4.30 -18.82 -7.95
N PHE A 359 -4.39 -18.46 -6.68
CA PHE A 359 -4.05 -17.06 -6.30
C PHE A 359 -2.57 -16.78 -6.64
N ALA A 360 -1.68 -17.66 -6.23
CA ALA A 360 -0.23 -17.37 -6.31
C ALA A 360 0.23 -17.32 -7.77
N GLU A 361 -0.42 -18.08 -8.68
CA GLU A 361 0.00 -18.24 -10.10
C GLU A 361 -0.92 -17.43 -11.01
N THR A 362 -2.22 -17.76 -11.08
CA THR A 362 -3.18 -17.10 -11.98
C THR A 362 -3.47 -15.67 -11.47
N GLU A 363 -3.84 -15.48 -10.21
CA GLU A 363 -4.29 -14.12 -9.82
C GLU A 363 -3.07 -13.21 -9.87
N GLN A 364 -1.90 -13.67 -9.44
CA GLN A 364 -0.71 -12.81 -9.33
C GLN A 364 0.07 -12.66 -10.65
N VAL A 365 -0.21 -13.44 -11.72
CA VAL A 365 0.59 -13.27 -12.97
C VAL A 365 0.37 -11.84 -13.47
N MET A 366 1.45 -11.12 -13.76
CA MET A 366 1.39 -9.69 -14.14
C MET A 366 2.01 -9.47 -15.52
N PHE A 367 1.16 -9.51 -16.54
CA PHE A 367 1.57 -9.41 -17.96
C PHE A 367 1.91 -7.96 -18.31
N GLN A 368 2.80 -7.77 -19.28
CA GLN A 368 3.21 -6.44 -19.80
C GLN A 368 3.66 -6.54 -21.26
N PRO A 369 3.12 -5.71 -22.18
CA PRO A 369 3.70 -5.62 -23.52
C PRO A 369 5.14 -5.07 -23.45
N GLY A 370 5.50 -4.39 -22.36
CA GLY A 370 6.89 -3.98 -22.07
C GLY A 370 7.83 -5.17 -21.89
N HIS A 371 7.31 -6.37 -21.68
CA HIS A 371 8.12 -7.60 -21.58
C HIS A 371 8.43 -8.05 -23.00
N ILE A 372 9.42 -7.41 -23.59
CA ILE A 372 9.79 -7.63 -25.02
C ILE A 372 11.21 -8.20 -25.04
N VAL A 373 11.58 -8.91 -26.11
CA VAL A 373 12.94 -9.52 -26.27
C VAL A 373 13.55 -9.03 -27.59
N ARG A 374 14.89 -9.05 -27.64
CA ARG A 374 15.64 -8.75 -28.88
C ARG A 374 15.03 -9.55 -30.05
N GLY A 375 14.78 -8.88 -31.18
CA GLY A 375 14.17 -9.53 -32.35
C GLY A 375 12.73 -9.14 -32.53
N ILE A 376 12.13 -8.40 -31.59
CA ILE A 376 10.75 -7.87 -31.65
C ILE A 376 10.83 -6.36 -31.39
N ASP A 377 10.00 -5.56 -32.03
CA ASP A 377 9.94 -4.11 -31.68
C ASP A 377 8.49 -3.63 -31.78
N PHE A 378 8.24 -2.48 -31.15
CA PHE A 378 6.93 -1.82 -31.16
C PHE A 378 6.72 -1.15 -32.52
N THR A 379 5.47 -0.71 -32.76
CA THR A 379 5.11 0.28 -33.79
C THR A 379 4.50 1.50 -33.11
N GLU A 380 4.37 2.56 -33.91
CA GLU A 380 3.77 3.85 -33.52
C GLU A 380 2.23 3.77 -33.54
N ASP A 381 1.65 2.58 -33.33
CA ASP A 381 0.21 2.39 -33.03
C ASP A 381 -0.07 3.13 -31.72
N PRO A 382 -0.86 4.23 -31.70
CA PRO A 382 -1.07 4.99 -30.47
C PRO A 382 -1.76 4.23 -29.33
N LEU A 383 -2.41 3.12 -29.66
CA LEU A 383 -3.05 2.20 -28.69
C LEU A 383 -1.94 1.40 -27.99
N LEU A 384 -1.08 0.73 -28.77
CA LEU A 384 0.12 0.03 -28.25
C LEU A 384 1.01 1.00 -27.45
N GLN A 385 1.35 2.14 -28.02
CA GLN A 385 2.27 3.11 -27.39
C GLN A 385 1.86 3.33 -25.93
N GLY A 386 0.58 3.61 -25.67
CA GLY A 386 0.14 3.97 -24.31
C GLY A 386 0.04 2.75 -23.42
N ARG A 387 -0.32 1.60 -23.97
CA ARG A 387 -0.31 0.34 -23.18
C ARG A 387 1.02 0.19 -22.45
N LEU A 388 2.14 0.47 -23.12
CA LEU A 388 3.49 0.22 -22.55
C LEU A 388 3.60 0.86 -21.14
N PHE A 389 3.04 2.03 -20.97
CA PHE A 389 3.01 2.75 -19.67
C PHE A 389 2.05 2.06 -18.69
N SER A 390 0.83 1.75 -19.11
CA SER A 390 -0.25 1.27 -18.20
C SER A 390 0.15 0.01 -17.41
N TYR A 391 0.68 -1.02 -18.09
CA TYR A 391 0.87 -2.36 -17.46
C TYR A 391 2.03 -2.33 -16.45
N LEU A 392 3.06 -1.50 -16.64
CA LEU A 392 4.12 -1.35 -15.62
C LEU A 392 3.53 -0.68 -14.37
N ASP A 393 2.78 0.39 -14.58
CA ASP A 393 2.15 1.22 -13.51
C ASP A 393 1.11 0.41 -12.74
N THR A 394 0.21 -0.33 -13.41
CA THR A 394 -0.95 -0.96 -12.74
C THR A 394 -0.46 -2.06 -11.79
N GLN A 395 0.71 -2.66 -12.01
CA GLN A 395 1.18 -3.74 -11.10
C GLN A 395 1.53 -3.16 -9.71
N LEU A 396 1.87 -1.89 -9.61
CA LEU A 396 2.05 -1.21 -8.30
C LEU A 396 0.74 -1.26 -7.53
N ASN A 397 -0.41 -1.11 -8.20
CA ASN A 397 -1.73 -1.15 -7.54
C ASN A 397 -1.99 -2.58 -7.04
N ARG A 398 -1.78 -3.57 -7.91
CA ARG A 398 -2.20 -4.97 -7.60
C ARG A 398 -1.26 -5.53 -6.53
N ASN A 399 0.05 -5.31 -6.67
CA ASN A 399 1.08 -5.94 -5.79
C ASN A 399 1.27 -5.10 -4.51
N GLY A 400 0.94 -3.80 -4.56
CA GLY A 400 1.14 -2.86 -3.44
C GLY A 400 2.60 -2.45 -3.23
N GLY A 401 3.50 -2.82 -4.16
CA GLY A 401 4.92 -2.48 -4.07
C GLY A 401 5.62 -2.80 -5.38
N PRO A 402 6.90 -2.41 -5.51
CA PRO A 402 7.61 -2.41 -6.78
C PRO A 402 8.29 -3.73 -7.15
N ASN A 403 8.22 -4.76 -6.29
CA ASN A 403 9.00 -6.01 -6.49
C ASN A 403 8.13 -7.15 -7.01
N PHE A 404 7.13 -6.80 -7.84
CA PHE A 404 6.15 -7.74 -8.39
C PHE A 404 6.84 -8.73 -9.35
N GLU A 405 7.95 -8.36 -9.99
CA GLU A 405 8.70 -9.29 -10.89
C GLU A 405 9.39 -10.40 -10.07
N GLN A 406 9.45 -10.29 -8.75
CA GLN A 406 10.08 -11.35 -7.89
C GLN A 406 9.10 -12.48 -7.51
N LEU A 407 7.79 -12.29 -7.73
CA LEU A 407 6.78 -13.32 -7.46
C LEU A 407 7.14 -14.49 -8.37
N PRO A 408 7.14 -15.73 -7.88
CA PRO A 408 7.60 -16.86 -8.69
C PRO A 408 7.05 -16.89 -10.12
N ILE A 409 5.76 -16.58 -10.31
CA ILE A 409 5.10 -16.67 -11.65
C ILE A 409 5.67 -15.58 -12.57
N ASN A 410 6.20 -14.49 -12.02
CA ASN A 410 6.66 -13.32 -12.81
C ASN A 410 8.19 -13.42 -13.05
N MET A 411 8.88 -14.25 -12.28
CA MET A 411 10.36 -14.38 -12.40
C MET A 411 10.72 -14.89 -13.79
N PRO A 412 11.93 -14.53 -14.28
CA PRO A 412 12.49 -15.14 -15.48
C PRO A 412 13.15 -16.48 -15.12
N ARG A 413 13.63 -17.18 -16.15
CA ARG A 413 14.34 -18.46 -16.03
C ARG A 413 15.81 -18.24 -16.38
N VAL A 414 16.29 -17.00 -16.41
CA VAL A 414 17.73 -16.65 -16.64
C VAL A 414 18.16 -15.70 -15.55
N PRO A 415 19.47 -15.53 -15.31
CA PRO A 415 19.95 -14.63 -14.26
C PRO A 415 19.54 -13.18 -14.51
N ILE A 416 19.30 -12.46 -13.42
CA ILE A 416 18.98 -11.00 -13.42
C ILE A 416 20.25 -10.28 -12.99
N HIS A 417 20.73 -9.33 -13.81
CA HIS A 417 21.88 -8.47 -13.46
C HIS A 417 21.47 -7.01 -13.61
N ASN A 418 21.09 -6.31 -12.54
CA ASN A 418 20.81 -4.86 -12.70
C ASN A 418 20.96 -4.16 -11.35
N ASN A 419 20.83 -2.84 -11.37
CA ASN A 419 21.07 -1.97 -10.21
C ASN A 419 19.75 -1.51 -9.56
N ASN A 420 18.65 -2.20 -9.86
CA ASN A 420 17.36 -2.03 -9.13
C ASN A 420 17.54 -2.51 -7.69
N ARG A 421 17.12 -1.72 -6.70
CA ARG A 421 17.40 -2.03 -5.28
C ARG A 421 16.20 -1.66 -4.41
N ASP A 422 16.16 -2.27 -3.22
CA ASP A 422 15.27 -1.92 -2.10
C ASP A 422 13.81 -2.05 -2.58
N GLY A 423 12.94 -1.15 -2.10
CA GLY A 423 11.49 -1.22 -2.29
C GLY A 423 10.85 -2.24 -1.38
N ALA A 424 9.56 -2.05 -1.08
CA ALA A 424 8.81 -2.96 -0.20
C ALA A 424 8.87 -4.36 -0.83
N GLY A 425 8.99 -5.41 0.00
CA GLY A 425 8.95 -6.83 -0.40
C GLY A 425 10.18 -7.27 -1.18
N GLN A 426 11.33 -6.65 -0.92
CA GLN A 426 12.61 -6.98 -1.59
C GLN A 426 13.00 -8.38 -1.15
N MET A 427 13.07 -9.34 -2.09
CA MET A 427 13.28 -10.77 -1.75
C MET A 427 14.72 -11.20 -2.03
N PHE A 428 15.51 -10.33 -2.64
CA PHE A 428 16.91 -10.62 -3.03
C PHE A 428 17.85 -10.05 -1.97
N ILE A 429 19.03 -10.66 -1.84
CA ILE A 429 20.16 -10.06 -1.09
C ILE A 429 21.27 -9.78 -2.10
N HIS A 430 21.38 -8.53 -2.54
CA HIS A 430 22.32 -8.11 -3.62
C HIS A 430 23.76 -8.07 -3.05
N ARG A 431 24.66 -8.85 -3.63
CA ARG A 431 26.11 -8.85 -3.26
C ARG A 431 26.84 -7.61 -3.79
N ASN A 432 26.43 -7.05 -4.92
CA ASN A 432 27.12 -5.89 -5.52
C ASN A 432 26.79 -4.64 -4.71
N LYS A 433 27.79 -4.11 -4.01
CA LYS A 433 27.64 -2.92 -3.12
C LYS A 433 27.93 -1.63 -3.89
N TYR A 434 28.10 -1.67 -5.22
CA TYR A 434 28.28 -0.46 -6.07
C TYR A 434 27.28 -0.47 -7.22
N PRO A 435 25.95 -0.44 -6.92
CA PRO A 435 24.91 -0.53 -7.93
C PRO A 435 24.67 0.79 -8.69
N TYR A 436 25.69 1.23 -9.40
CA TYR A 436 25.67 2.43 -10.27
C TYR A 436 26.56 2.13 -11.48
N THR A 437 26.15 2.69 -12.62
CA THR A 437 26.94 2.82 -13.87
C THR A 437 27.16 4.31 -14.12
N PRO A 438 28.37 4.75 -14.54
CA PRO A 438 29.56 3.90 -14.64
C PRO A 438 30.29 3.70 -13.30
N ASN A 439 30.86 2.51 -13.11
CA ASN A 439 31.65 2.21 -11.88
C ASN A 439 33.00 1.59 -12.23
N THR A 440 33.99 1.76 -11.34
CA THR A 440 35.22 0.93 -11.25
C THR A 440 35.14 -0.01 -10.05
N LEU A 441 34.40 0.34 -8.99
CA LEU A 441 34.45 -0.40 -7.72
C LEU A 441 33.76 -1.76 -7.82
N ASN A 442 32.92 -2.01 -8.83
CA ASN A 442 32.42 -3.37 -9.15
C ASN A 442 32.96 -3.82 -10.52
N SER A 443 34.12 -3.28 -10.92
CA SER A 443 34.80 -3.61 -12.22
C SER A 443 33.91 -3.38 -13.43
N GLY A 444 33.05 -2.36 -13.39
CA GLY A 444 32.21 -1.95 -14.51
C GLY A 444 31.09 -2.93 -14.81
N TYR A 445 30.74 -3.83 -13.90
CA TYR A 445 29.60 -4.76 -14.09
C TYR A 445 28.38 -4.20 -13.36
N PRO A 446 27.14 -4.48 -13.79
CA PRO A 446 26.88 -5.20 -15.04
C PRO A 446 27.26 -4.39 -16.28
N ARG A 447 27.46 -5.08 -17.41
CA ARG A 447 27.86 -4.45 -18.69
C ARG A 447 26.59 -4.02 -19.45
N GLN A 448 26.66 -2.90 -20.15
CA GLN A 448 25.57 -2.43 -21.04
C GLN A 448 25.38 -3.40 -22.21
N ALA A 449 24.14 -3.78 -22.52
CA ALA A 449 23.79 -4.64 -23.67
C ALA A 449 23.01 -3.81 -24.70
N ASN A 450 23.36 -4.01 -25.97
CA ASN A 450 22.81 -3.20 -27.08
C ASN A 450 22.87 -4.02 -28.37
N GLN A 451 22.65 -3.38 -29.53
CA GLN A 451 22.62 -4.11 -30.82
C GLN A 451 23.97 -4.80 -31.03
N ASN A 452 25.06 -4.17 -30.61
CA ASN A 452 26.43 -4.64 -30.96
C ASN A 452 26.89 -5.78 -30.05
N ALA A 453 26.44 -5.81 -28.81
CA ALA A 453 27.03 -6.68 -27.77
C ALA A 453 26.04 -7.02 -26.65
N GLY A 454 26.16 -8.24 -26.11
CA GLY A 454 25.40 -8.69 -24.93
C GLY A 454 24.01 -9.11 -25.32
N ARG A 455 23.69 -9.23 -26.62
CA ARG A 455 22.34 -9.61 -27.09
C ARG A 455 21.34 -8.62 -26.49
N GLY A 456 21.73 -7.35 -26.41
CA GLY A 456 20.86 -6.27 -25.94
C GLY A 456 19.60 -6.15 -26.80
N PHE A 457 18.46 -5.86 -26.17
CA PHE A 457 17.31 -5.28 -26.89
C PHE A 457 17.80 -4.05 -27.67
N PHE A 458 17.24 -3.78 -28.84
CA PHE A 458 17.50 -2.50 -29.56
C PHE A 458 16.26 -2.14 -30.37
N THR A 459 15.92 -0.86 -30.38
CA THR A 459 14.86 -0.28 -31.23
C THR A 459 15.27 -0.50 -32.70
N ALA A 460 14.33 -0.89 -33.56
CA ALA A 460 14.58 -1.11 -35.01
C ALA A 460 15.29 0.13 -35.53
N PRO A 461 16.56 -0.01 -35.98
CA PRO A 461 17.39 1.16 -36.29
C PRO A 461 16.88 1.99 -37.46
N GLY A 462 16.02 1.45 -38.31
CA GLY A 462 15.39 2.17 -39.44
C GLY A 462 14.27 3.10 -38.98
N ARG A 463 13.79 2.99 -37.74
CA ARG A 463 12.63 3.77 -37.26
C ARG A 463 13.03 5.25 -37.20
N THR A 464 12.15 6.16 -37.62
CA THR A 464 12.34 7.63 -37.52
C THR A 464 11.05 8.28 -37.03
N ALA A 465 11.13 9.55 -36.70
CA ALA A 465 9.97 10.40 -36.41
C ALA A 465 10.24 11.71 -37.14
N SER A 466 9.20 12.33 -37.67
CA SER A 466 9.34 13.63 -38.34
C SER A 466 8.05 14.41 -38.22
N GLY A 467 8.12 15.67 -37.83
CA GLY A 467 6.97 16.57 -37.89
C GLY A 467 6.78 17.29 -36.59
N ALA A 468 5.62 17.89 -36.43
CA ALA A 468 5.28 18.72 -35.26
C ALA A 468 4.96 17.77 -34.11
N LEU A 469 5.11 18.25 -32.89
CA LEU A 469 4.65 17.54 -31.67
C LEU A 469 3.15 17.80 -31.55
N VAL A 470 2.35 16.81 -31.87
CA VAL A 470 0.88 17.01 -32.11
C VAL A 470 0.05 16.09 -31.23
N ARG A 471 -1.09 16.61 -30.80
CA ARG A 471 -2.24 15.85 -30.28
C ARG A 471 -3.32 15.83 -31.37
N GLU A 472 -3.05 15.17 -32.50
CA GLU A 472 -3.93 15.12 -33.68
C GLU A 472 -3.98 13.67 -34.15
N VAL A 473 -5.12 13.24 -34.67
CA VAL A 473 -5.35 11.86 -35.18
C VAL A 473 -4.95 11.86 -36.65
N SER A 474 -4.24 10.84 -37.11
CA SER A 474 -3.88 10.73 -38.54
C SER A 474 -5.17 10.61 -39.37
N PRO A 475 -5.34 11.38 -40.47
CA PRO A 475 -6.50 11.19 -41.33
C PRO A 475 -6.55 9.77 -41.91
N THR A 476 -5.42 9.07 -41.95
CA THR A 476 -5.38 7.67 -42.43
C THR A 476 -6.16 6.72 -41.52
N PHE A 477 -6.53 7.16 -40.30
CA PHE A 477 -7.36 6.35 -39.36
C PHE A 477 -8.88 6.55 -39.51
N ASN A 478 -9.37 7.39 -40.44
CA ASN A 478 -10.75 7.94 -40.39
C ASN A 478 -11.83 7.01 -40.94
N ASP A 479 -11.50 5.95 -41.67
CA ASP A 479 -12.53 5.02 -42.18
C ASP A 479 -12.90 4.01 -41.09
N HIS A 480 -13.98 4.29 -40.36
CA HIS A 480 -14.45 3.48 -39.20
C HIS A 480 -15.47 2.42 -39.63
N TRP A 481 -15.89 2.35 -40.90
CA TRP A 481 -17.11 1.59 -41.32
C TRP A 481 -16.85 0.49 -42.36
N SER A 482 -15.85 0.62 -43.25
CA SER A 482 -15.57 -0.35 -44.33
C SER A 482 -15.30 -1.74 -43.76
N GLN A 483 -14.44 -1.82 -42.75
CA GLN A 483 -13.98 -3.13 -42.24
C GLN A 483 -15.10 -3.80 -41.42
N PRO A 484 -15.84 -3.07 -40.56
CA PRO A 484 -17.03 -3.67 -39.96
C PRO A 484 -17.90 -4.29 -41.06
N ARG A 485 -18.06 -3.61 -42.20
CA ARG A 485 -18.91 -4.12 -43.30
C ARG A 485 -18.24 -5.38 -43.88
N LEU A 486 -16.92 -5.37 -44.04
CA LEU A 486 -16.15 -6.53 -44.54
C LEU A 486 -16.41 -7.73 -43.62
N PHE A 487 -16.32 -7.50 -42.31
CA PHE A 487 -16.57 -8.55 -41.29
C PHE A 487 -18.02 -9.06 -41.45
N PHE A 488 -19.01 -8.16 -41.48
CA PHE A 488 -20.44 -8.55 -41.59
C PHE A 488 -20.67 -9.41 -42.84
N ASN A 489 -20.14 -8.95 -43.97
CA ASN A 489 -20.22 -9.64 -45.30
C ASN A 489 -19.65 -11.05 -45.26
N SER A 490 -18.73 -11.33 -44.34
CA SER A 490 -17.90 -12.56 -44.36
C SER A 490 -18.54 -13.62 -43.45
N LEU A 491 -19.67 -13.31 -42.83
CA LEU A 491 -20.45 -14.25 -41.97
C LEU A 491 -21.53 -14.89 -42.83
N THR A 492 -21.94 -16.10 -42.51
CA THR A 492 -23.05 -16.83 -43.17
C THR A 492 -24.37 -16.12 -42.89
N PRO A 493 -25.43 -16.37 -43.68
CA PRO A 493 -26.73 -15.75 -43.40
C PRO A 493 -27.23 -15.95 -41.96
N VAL A 494 -27.20 -17.18 -41.43
CA VAL A 494 -27.69 -17.41 -40.05
C VAL A 494 -26.78 -16.67 -39.07
N GLU A 495 -25.48 -16.62 -39.33
CA GLU A 495 -24.51 -15.90 -38.47
C GLU A 495 -24.81 -14.40 -38.49
N GLN A 496 -25.18 -13.87 -39.66
CA GLN A 496 -25.64 -12.47 -39.75
C GLN A 496 -26.91 -12.30 -38.90
N GLN A 497 -27.81 -13.30 -38.88
CA GLN A 497 -29.07 -13.23 -38.10
C GLN A 497 -28.71 -13.21 -36.61
N PHE A 498 -27.78 -14.07 -36.17
CA PHE A 498 -27.34 -14.12 -34.75
C PHE A 498 -26.80 -12.75 -34.33
N LEU A 499 -26.06 -12.10 -35.23
CA LEU A 499 -25.43 -10.78 -34.94
C LEU A 499 -26.51 -9.69 -34.85
N VAL A 500 -27.42 -9.68 -35.84
CA VAL A 500 -28.59 -8.75 -35.81
C VAL A 500 -29.34 -8.98 -34.49
N ASN A 501 -29.53 -10.22 -34.12
CA ASN A 501 -30.34 -10.58 -32.91
C ASN A 501 -29.61 -10.17 -31.61
N ALA A 502 -28.28 -10.30 -31.57
CA ALA A 502 -27.48 -9.81 -30.42
C ALA A 502 -27.64 -8.30 -30.28
N MET A 503 -27.59 -7.55 -31.38
CA MET A 503 -27.79 -6.07 -31.33
C MET A 503 -29.25 -5.75 -30.95
N ARG A 504 -30.22 -6.53 -31.45
CA ARG A 504 -31.66 -6.34 -31.12
C ARG A 504 -31.89 -6.47 -29.61
N PHE A 505 -31.31 -7.50 -29.02
CA PHE A 505 -31.35 -7.81 -27.58
C PHE A 505 -30.77 -6.62 -26.82
N ALA A 506 -29.49 -6.31 -27.08
CA ALA A 506 -28.69 -5.30 -26.36
C ALA A 506 -29.33 -3.92 -26.48
N ILE A 507 -29.58 -3.48 -27.71
CA ILE A 507 -30.08 -2.10 -27.98
C ILE A 507 -31.50 -1.97 -27.41
N SER A 508 -32.27 -3.05 -27.31
CA SER A 508 -33.67 -2.97 -26.81
C SER A 508 -33.66 -2.61 -25.31
N LEU A 509 -32.55 -2.86 -24.62
CA LEU A 509 -32.39 -2.60 -23.17
C LEU A 509 -31.89 -1.17 -22.94
N VAL A 510 -31.60 -0.43 -24.00
CA VAL A 510 -31.19 1.00 -23.84
C VAL A 510 -32.45 1.82 -23.56
N LYS A 511 -32.44 2.64 -22.50
CA LYS A 511 -33.64 3.42 -22.10
C LYS A 511 -33.73 4.69 -22.96
N SER A 512 -32.61 5.31 -23.30
CA SER A 512 -32.56 6.60 -24.03
C SER A 512 -32.96 6.36 -25.50
N GLU A 513 -34.10 6.94 -25.91
CA GLU A 513 -34.52 6.97 -27.35
C GLU A 513 -33.43 7.65 -28.17
N GLU A 514 -32.87 8.74 -27.67
CA GLU A 514 -31.84 9.49 -28.44
C GLU A 514 -30.57 8.64 -28.65
N VAL A 515 -30.10 7.90 -27.65
CA VAL A 515 -28.92 7.01 -27.81
C VAL A 515 -29.28 5.94 -28.86
N LYS A 516 -30.48 5.38 -28.78
CA LYS A 516 -30.92 4.33 -29.76
C LYS A 516 -30.90 4.87 -31.20
N LYS A 517 -31.35 6.10 -31.43
CA LYS A 517 -31.28 6.77 -32.75
C LYS A 517 -29.84 6.96 -33.23
N ASN A 518 -28.96 7.48 -32.36
CA ASN A 518 -27.51 7.66 -32.64
C ASN A 518 -26.88 6.31 -33.01
N VAL A 519 -27.29 5.24 -32.34
CA VAL A 519 -26.78 3.88 -32.65
C VAL A 519 -27.19 3.53 -34.08
N LEU A 520 -28.47 3.71 -34.42
CA LEU A 520 -28.93 3.36 -35.79
C LEU A 520 -28.13 4.19 -36.81
N THR A 521 -27.84 5.46 -36.51
CA THR A 521 -27.08 6.34 -37.42
C THR A 521 -25.74 5.69 -37.72
N GLN A 522 -25.04 5.17 -36.68
CA GLN A 522 -23.70 4.56 -36.91
C GLN A 522 -23.82 3.23 -37.63
N LEU A 523 -24.73 2.35 -37.17
CA LEU A 523 -24.94 1.01 -37.79
C LEU A 523 -25.27 1.20 -39.26
N ASN A 524 -26.06 2.23 -39.57
CA ASN A 524 -26.50 2.51 -40.95
C ASN A 524 -25.29 2.78 -41.84
N ARG A 525 -24.18 3.29 -41.29
CA ARG A 525 -22.99 3.64 -42.12
C ARG A 525 -22.22 2.37 -42.48
N VAL A 526 -22.41 1.29 -41.72
CA VAL A 526 -21.81 -0.04 -42.00
C VAL A 526 -22.69 -0.78 -43.02
N SER A 527 -23.99 -0.87 -42.71
CA SER A 527 -25.00 -1.66 -43.47
C SER A 527 -26.41 -1.09 -43.23
N HIS A 528 -27.03 -0.59 -44.30
CA HIS A 528 -28.45 -0.19 -44.21
C HIS A 528 -29.29 -1.37 -43.74
N ASP A 529 -29.05 -2.56 -44.27
CA ASP A 529 -29.85 -3.77 -43.90
C ASP A 529 -29.79 -4.03 -42.38
N VAL A 530 -28.60 -3.98 -41.78
CA VAL A 530 -28.45 -4.18 -40.32
C VAL A 530 -29.27 -3.11 -39.62
N ALA A 531 -29.18 -1.85 -40.04
CA ALA A 531 -29.86 -0.76 -39.31
C ALA A 531 -31.39 -0.96 -39.42
N VAL A 532 -31.90 -1.43 -40.56
CA VAL A 532 -33.35 -1.69 -40.79
C VAL A 532 -33.83 -2.80 -39.86
N ARG A 533 -33.06 -3.90 -39.82
CA ARG A 533 -33.41 -5.13 -39.09
C ARG A 533 -33.35 -4.86 -37.58
N VAL A 534 -32.35 -4.12 -37.12
CA VAL A 534 -32.24 -3.72 -35.70
C VAL A 534 -33.36 -2.75 -35.35
N ALA A 535 -33.59 -1.73 -36.16
CA ALA A 535 -34.62 -0.69 -35.94
C ALA A 535 -35.99 -1.35 -35.78
N ALA A 536 -36.29 -2.41 -36.53
CA ALA A 536 -37.61 -3.09 -36.44
C ALA A 536 -37.84 -3.56 -35.00
N ALA A 537 -36.79 -4.10 -34.36
CA ALA A 537 -36.94 -4.70 -33.01
C ALA A 537 -37.21 -3.61 -31.99
N ILE A 538 -36.79 -2.36 -32.24
CA ILE A 538 -36.89 -1.28 -31.20
C ILE A 538 -37.87 -0.17 -31.61
N GLY A 539 -38.65 -0.38 -32.66
CA GLY A 539 -39.82 0.47 -33.00
C GLY A 539 -39.41 1.84 -33.50
N LEU A 540 -38.22 1.95 -34.09
CA LEU A 540 -37.76 3.19 -34.76
C LEU A 540 -37.59 2.86 -36.23
N GLY A 541 -37.57 3.89 -37.07
CA GLY A 541 -37.17 3.77 -38.48
C GLY A 541 -35.67 3.94 -38.59
N ALA A 542 -35.03 3.14 -39.44
CA ALA A 542 -33.60 3.31 -39.77
C ALA A 542 -33.46 4.57 -40.60
N PRO A 543 -32.34 5.30 -40.52
CA PRO A 543 -32.08 6.39 -41.46
C PRO A 543 -31.96 5.83 -42.89
N ASP A 544 -32.15 6.71 -43.87
CA ASP A 544 -31.91 6.40 -45.29
C ASP A 544 -30.49 5.83 -45.47
N ALA A 545 -30.36 4.85 -46.35
CA ALA A 545 -29.07 4.29 -46.79
C ALA A 545 -28.07 5.44 -47.02
N ASP A 546 -26.86 5.29 -46.47
CA ASP A 546 -25.71 6.15 -46.78
C ASP A 546 -24.60 5.22 -47.29
N ASP A 547 -24.42 5.15 -48.59
CA ASP A 547 -23.57 4.09 -49.23
C ASP A 547 -22.09 4.47 -49.25
N THR A 548 -21.65 5.54 -48.58
CA THR A 548 -20.24 6.00 -48.61
C THR A 548 -19.30 4.78 -48.40
N TYR A 549 -19.55 3.93 -47.41
CA TYR A 549 -18.62 2.85 -46.99
C TYR A 549 -19.16 1.48 -47.35
N TYR A 550 -20.32 1.36 -47.99
CA TYR A 550 -20.90 0.05 -48.37
C TYR A 550 -20.05 -0.58 -49.46
N HIS A 551 -19.98 -1.92 -49.45
CA HIS A 551 -19.25 -2.77 -50.42
C HIS A 551 -19.63 -4.21 -50.14
N ASN A 552 -19.29 -5.13 -51.03
CA ASN A 552 -19.65 -6.57 -50.95
C ASN A 552 -18.40 -7.44 -50.81
N ASN A 553 -17.24 -6.89 -50.44
CA ASN A 553 -16.00 -7.69 -50.23
C ASN A 553 -16.17 -8.56 -48.96
N LYS A 554 -15.59 -9.75 -49.03
CA LYS A 554 -15.56 -10.76 -47.95
C LYS A 554 -14.10 -11.15 -47.71
N THR A 555 -13.82 -11.82 -46.59
CA THR A 555 -12.47 -12.30 -46.22
C THR A 555 -12.65 -13.65 -45.54
N ALA A 556 -11.73 -14.58 -45.77
CA ALA A 556 -11.76 -15.93 -45.17
C ALA A 556 -11.29 -15.85 -43.71
N GLY A 557 -11.77 -16.74 -42.84
CA GLY A 557 -11.14 -17.02 -41.54
C GLY A 557 -11.78 -16.30 -40.36
N VAL A 558 -12.81 -15.48 -40.56
CA VAL A 558 -13.48 -14.68 -39.48
C VAL A 558 -14.83 -15.30 -39.10
N SER A 559 -15.41 -16.17 -39.94
CA SER A 559 -16.70 -16.85 -39.69
C SER A 559 -16.48 -18.06 -38.77
N ILE A 560 -17.32 -18.22 -37.76
CA ILE A 560 -17.39 -19.46 -36.92
C ILE A 560 -18.28 -20.48 -37.64
N VAL A 561 -19.52 -20.09 -37.95
CA VAL A 561 -20.54 -20.96 -38.59
C VAL A 561 -19.92 -21.49 -39.88
N GLY A 562 -19.14 -20.68 -40.61
CA GLY A 562 -18.53 -21.07 -41.89
C GLY A 562 -17.27 -21.89 -41.74
N SER A 563 -16.72 -22.12 -40.56
CA SER A 563 -15.33 -22.67 -40.42
C SER A 563 -15.34 -24.20 -40.45
N GLY A 564 -16.50 -24.83 -40.61
CA GLY A 564 -16.61 -26.27 -40.94
C GLY A 564 -16.60 -27.10 -39.67
N PRO A 565 -16.60 -28.44 -39.77
CA PRO A 565 -16.75 -29.27 -38.58
C PRO A 565 -15.50 -29.11 -37.73
N LEU A 566 -15.61 -29.34 -36.42
CA LEU A 566 -14.48 -29.40 -35.47
C LEU A 566 -13.49 -30.46 -35.93
N PRO A 567 -12.16 -30.22 -35.81
CA PRO A 567 -11.17 -31.20 -36.22
C PRO A 567 -11.02 -32.29 -35.14
N THR A 568 -11.63 -32.11 -33.97
CA THR A 568 -11.65 -33.15 -32.91
C THR A 568 -12.91 -32.97 -32.07
N ILE A 569 -13.47 -34.07 -31.58
CA ILE A 569 -14.63 -34.06 -30.63
C ILE A 569 -14.15 -34.47 -29.24
N LYS A 570 -12.85 -34.67 -29.03
CA LYS A 570 -12.34 -34.99 -27.68
C LYS A 570 -12.72 -33.82 -26.76
N THR A 571 -13.20 -34.17 -25.56
CA THR A 571 -13.60 -33.28 -24.44
C THR A 571 -15.08 -32.93 -24.58
N LEU A 572 -15.70 -33.09 -25.77
CA LEU A 572 -17.10 -32.67 -25.90
C LEU A 572 -17.98 -33.54 -24.97
N ARG A 573 -19.06 -32.94 -24.50
CA ARG A 573 -19.86 -33.43 -23.35
C ARG A 573 -21.13 -34.08 -23.87
N VAL A 574 -21.37 -35.32 -23.49
CA VAL A 574 -22.63 -36.03 -23.88
C VAL A 574 -23.44 -36.31 -22.62
N GLY A 575 -24.63 -35.75 -22.54
CA GLY A 575 -25.61 -36.06 -21.49
C GLY A 575 -26.46 -37.24 -21.95
N ILE A 576 -26.37 -38.38 -21.25
CA ILE A 576 -27.30 -39.53 -21.47
C ILE A 576 -28.42 -39.45 -20.42
N LEU A 577 -29.66 -39.22 -20.87
CA LEU A 577 -30.84 -39.08 -19.98
C LEU A 577 -31.45 -40.47 -19.79
N ALA A 578 -31.43 -40.97 -18.55
CA ALA A 578 -31.78 -42.36 -18.20
C ALA A 578 -32.75 -42.33 -17.03
N THR A 579 -33.07 -43.50 -16.49
CA THR A 579 -33.96 -43.64 -15.32
C THR A 579 -33.44 -44.81 -14.49
N THR A 580 -33.65 -44.75 -13.19
CA THR A 580 -33.31 -45.85 -12.26
C THR A 580 -34.47 -46.86 -12.22
N SER A 581 -35.62 -46.51 -12.79
CA SER A 581 -36.89 -47.28 -12.71
C SER A 581 -36.95 -48.39 -13.78
N GLU A 582 -35.88 -48.58 -14.56
CA GLU A 582 -35.81 -49.56 -15.66
C GLU A 582 -34.36 -49.99 -15.82
N SER A 583 -34.02 -51.21 -15.39
CA SER A 583 -32.66 -51.77 -15.51
C SER A 583 -32.18 -51.64 -16.97
N SER A 584 -33.09 -51.77 -17.95
CA SER A 584 -32.79 -51.69 -19.40
C SER A 584 -32.30 -50.27 -19.76
N ALA A 585 -32.92 -49.23 -19.21
CA ALA A 585 -32.49 -47.81 -19.35
C ALA A 585 -31.04 -47.65 -18.87
N LEU A 586 -30.65 -48.23 -17.74
CA LEU A 586 -29.26 -48.12 -17.25
C LEU A 586 -28.30 -48.94 -18.12
N ASP A 587 -28.70 -50.12 -18.61
CA ASP A 587 -27.82 -50.96 -19.45
CA ASP A 587 -27.80 -50.95 -19.45
C ASP A 587 -27.52 -50.19 -20.76
N GLN A 588 -28.57 -49.63 -21.36
CA GLN A 588 -28.48 -48.78 -22.58
C GLN A 588 -27.46 -47.66 -22.33
N ALA A 589 -27.59 -46.97 -21.18
CA ALA A 589 -26.71 -45.85 -20.78
C ALA A 589 -25.28 -46.35 -20.59
N ALA A 590 -25.07 -47.51 -19.97
CA ALA A 590 -23.72 -48.09 -19.85
C ALA A 590 -23.14 -48.40 -21.24
N GLN A 591 -23.96 -48.96 -22.14
CA GLN A 591 -23.42 -49.43 -23.45
C GLN A 591 -23.05 -48.18 -24.25
N LEU A 592 -23.84 -47.11 -24.16
CA LEU A 592 -23.54 -45.81 -24.83
C LEU A 592 -22.27 -45.21 -24.22
N ARG A 593 -22.16 -45.20 -22.89
CA ARG A 593 -21.02 -44.60 -22.15
C ARG A 593 -19.70 -45.18 -22.65
N THR A 594 -19.59 -46.51 -22.64
CA THR A 594 -18.38 -47.25 -23.07
C THR A 594 -17.96 -46.78 -24.47
N ARG A 595 -18.93 -46.81 -25.39
CA ARG A 595 -18.78 -46.58 -26.84
C ARG A 595 -18.41 -45.11 -27.08
N LEU A 596 -18.95 -44.16 -26.32
CA LEU A 596 -18.63 -42.70 -26.44
C LEU A 596 -17.32 -42.36 -25.73
N GLU A 597 -17.01 -42.98 -24.59
CA GLU A 597 -15.82 -42.64 -23.75
C GLU A 597 -14.52 -43.05 -24.46
N LYS A 598 -14.54 -44.11 -25.28
CA LYS A 598 -13.31 -44.59 -25.98
C LYS A 598 -12.89 -43.51 -26.98
N ASP A 599 -13.85 -42.76 -27.52
CA ASP A 599 -13.62 -41.67 -28.50
C ASP A 599 -13.33 -40.34 -27.76
N GLY A 600 -13.17 -40.39 -26.43
CA GLY A 600 -12.63 -39.29 -25.60
C GLY A 600 -13.70 -38.28 -25.24
N LEU A 601 -14.96 -38.64 -25.37
CA LEU A 601 -16.13 -37.78 -25.02
C LEU A 601 -16.34 -37.87 -23.51
N VAL A 602 -16.70 -36.76 -22.87
CA VAL A 602 -17.00 -36.72 -21.41
C VAL A 602 -18.48 -37.08 -21.24
N VAL A 603 -18.77 -38.27 -20.74
CA VAL A 603 -20.16 -38.77 -20.65
C VAL A 603 -20.69 -38.54 -19.23
N THR A 604 -21.87 -37.95 -19.13
CA THR A 604 -22.68 -37.78 -17.91
C THR A 604 -23.95 -38.60 -18.07
N VAL A 605 -24.11 -39.67 -17.29
CA VAL A 605 -25.41 -40.38 -17.22
C VAL A 605 -26.26 -39.66 -16.16
N VAL A 606 -27.48 -39.27 -16.53
CA VAL A 606 -28.41 -38.49 -15.67
C VAL A 606 -29.56 -39.40 -15.29
N ALA A 607 -29.96 -39.39 -14.02
CA ALA A 607 -31.15 -40.14 -13.57
C ALA A 607 -31.76 -39.42 -12.37
N GLU A 608 -32.83 -39.99 -11.81
CA GLU A 608 -33.61 -39.35 -10.73
C GLU A 608 -32.73 -39.23 -9.48
N THR A 609 -31.88 -40.23 -9.22
CA THR A 609 -31.05 -40.35 -8.00
C THR A 609 -29.69 -40.91 -8.41
N LEU A 610 -28.64 -40.67 -7.62
CA LEU A 610 -27.30 -41.20 -7.94
C LEU A 610 -27.28 -42.70 -7.63
N ARG A 611 -26.49 -43.43 -8.40
CA ARG A 611 -26.01 -44.79 -8.07
C ARG A 611 -24.83 -45.04 -9.01
N GLU A 612 -24.28 -46.24 -8.85
CA GLU A 612 -23.21 -46.78 -9.72
C GLU A 612 -23.64 -46.54 -11.17
N GLY A 613 -22.82 -45.86 -11.97
CA GLY A 613 -23.07 -45.64 -13.42
C GLY A 613 -23.83 -44.34 -13.71
N VAL A 614 -24.45 -43.71 -12.69
CA VAL A 614 -25.19 -42.42 -12.80
C VAL A 614 -24.32 -41.33 -12.18
N ASP A 615 -23.98 -40.28 -12.94
CA ASP A 615 -23.04 -39.22 -12.51
C ASP A 615 -23.78 -38.04 -11.88
N GLN A 616 -25.05 -37.86 -12.22
CA GLN A 616 -25.75 -36.59 -11.95
C GLN A 616 -27.26 -36.84 -11.85
N THR A 617 -27.94 -36.05 -11.02
CA THR A 617 -29.41 -36.10 -10.86
C THR A 617 -30.04 -35.15 -11.88
N TYR A 618 -31.31 -35.40 -12.19
CA TYR A 618 -32.07 -34.47 -13.04
C TYR A 618 -32.07 -33.08 -12.36
N SER A 619 -32.06 -33.04 -11.03
CA SER A 619 -32.16 -31.75 -10.28
C SER A 619 -31.00 -30.80 -10.62
N THR A 620 -29.79 -31.33 -10.78
CA THR A 620 -28.53 -30.54 -11.03
C THR A 620 -28.26 -30.43 -12.53
N ALA A 621 -28.90 -31.26 -13.37
CA ALA A 621 -28.60 -31.33 -14.82
C ALA A 621 -29.31 -30.19 -15.57
N ASP A 622 -28.70 -29.78 -16.66
CA ASP A 622 -29.22 -28.72 -17.56
C ASP A 622 -28.60 -28.92 -18.94
N ALA A 623 -29.30 -28.53 -20.00
CA ALA A 623 -28.81 -28.68 -21.39
C ALA A 623 -27.49 -27.92 -21.57
N THR A 624 -27.27 -26.80 -20.85
CA THR A 624 -26.00 -26.03 -20.93
C THR A 624 -24.81 -26.88 -20.47
N GLY A 625 -25.02 -28.03 -19.84
CA GLY A 625 -23.95 -28.92 -19.39
C GLY A 625 -23.51 -29.88 -20.48
N PHE A 626 -24.12 -29.87 -21.66
CA PHE A 626 -23.81 -30.87 -22.71
C PHE A 626 -23.61 -30.23 -24.10
N ASP A 627 -22.81 -30.91 -24.94
CA ASP A 627 -22.64 -30.57 -26.37
C ASP A 627 -23.65 -31.39 -27.18
N GLY A 628 -24.07 -32.54 -26.65
CA GLY A 628 -25.11 -33.38 -27.27
C GLY A 628 -25.88 -34.12 -26.21
N VAL A 629 -27.16 -34.38 -26.47
CA VAL A 629 -28.05 -35.04 -25.49
C VAL A 629 -28.68 -36.29 -26.12
N VAL A 630 -28.55 -37.43 -25.44
CA VAL A 630 -29.11 -38.73 -25.89
C VAL A 630 -30.10 -39.18 -24.83
N VAL A 631 -31.34 -39.52 -25.22
CA VAL A 631 -32.35 -40.23 -24.36
C VAL A 631 -32.28 -41.71 -24.69
N VAL A 632 -32.14 -42.57 -23.69
CA VAL A 632 -32.29 -44.05 -23.85
C VAL A 632 -33.80 -44.35 -23.80
N ASP A 633 -34.29 -45.22 -24.69
CA ASP A 633 -35.75 -45.31 -24.89
C ASP A 633 -36.38 -45.95 -23.65
N GLY A 634 -35.62 -46.74 -22.87
CA GLY A 634 -36.06 -47.22 -21.54
C GLY A 634 -36.55 -46.11 -20.61
N ALA A 635 -36.14 -44.85 -20.84
CA ALA A 635 -36.48 -43.68 -20.00
C ALA A 635 -37.74 -42.98 -20.54
N ALA A 636 -38.34 -43.49 -21.61
CA ALA A 636 -39.48 -42.85 -22.32
C ALA A 636 -40.47 -42.25 -21.32
N ALA A 637 -40.83 -42.98 -20.25
CA ALA A 637 -41.90 -42.62 -19.29
C ALA A 637 -41.66 -41.23 -18.67
N LEU A 638 -40.41 -40.79 -18.52
CA LEU A 638 -40.07 -39.51 -17.83
C LEU A 638 -40.38 -38.29 -18.69
N PHE A 639 -40.68 -38.47 -19.97
CA PHE A 639 -40.76 -37.38 -20.97
C PHE A 639 -42.22 -36.98 -21.24
N ALA A 640 -43.16 -37.46 -20.41
CA ALA A 640 -44.61 -37.11 -20.47
C ALA A 640 -44.85 -35.76 -19.80
N SER A 641 -46.11 -35.30 -19.80
CA SER A 641 -46.58 -33.98 -19.26
C SER A 641 -47.13 -34.13 -17.85
N THR A 642 -47.72 -35.30 -17.55
CA THR A 642 -48.16 -35.77 -16.19
C THR A 642 -46.94 -35.92 -15.28
N ALA A 643 -45.83 -36.49 -15.79
CA ALA A 643 -44.42 -36.35 -15.31
C ALA A 643 -44.31 -36.40 -13.77
N SER A 644 -43.70 -35.38 -13.15
CA SER A 644 -43.74 -35.05 -11.70
C SER A 644 -42.93 -36.00 -10.79
N SER A 645 -42.03 -35.42 -9.97
CA SER A 645 -41.24 -36.11 -8.91
C SER A 645 -40.82 -35.06 -7.87
N PRO A 646 -40.76 -35.46 -6.59
CA PRO A 646 -40.13 -34.60 -5.58
C PRO A 646 -38.61 -34.48 -5.75
N LEU A 647 -37.99 -35.24 -6.65
CA LEU A 647 -36.52 -35.29 -6.84
C LEU A 647 -36.02 -34.32 -7.92
N PHE A 648 -36.90 -33.65 -8.66
CA PHE A 648 -36.50 -32.69 -9.73
C PHE A 648 -37.69 -31.83 -10.14
N PRO A 649 -37.45 -30.60 -10.66
CA PRO A 649 -38.55 -29.71 -11.02
C PRO A 649 -39.45 -30.34 -12.10
N THR A 650 -40.74 -30.03 -12.05
CA THR A 650 -41.74 -30.48 -13.06
C THR A 650 -41.17 -30.28 -14.48
N GLY A 651 -41.09 -31.34 -15.28
CA GLY A 651 -40.74 -31.27 -16.71
C GLY A 651 -39.24 -31.24 -16.98
N ARG A 652 -38.39 -31.39 -15.96
CA ARG A 652 -36.91 -31.23 -16.13
C ARG A 652 -36.41 -32.14 -17.25
N PRO A 653 -36.72 -33.47 -17.25
CA PRO A 653 -36.08 -34.38 -18.20
C PRO A 653 -36.32 -33.96 -19.66
N LEU A 654 -37.57 -33.64 -19.97
CA LEU A 654 -37.95 -33.16 -21.33
C LEU A 654 -37.32 -31.78 -21.58
N GLN A 655 -37.39 -30.84 -20.63
CA GLN A 655 -36.73 -29.51 -20.78
C GLN A 655 -35.27 -29.69 -21.20
N ILE A 656 -34.50 -30.64 -20.65
CA ILE A 656 -33.05 -30.79 -21.02
C ILE A 656 -32.98 -31.12 -22.52
N PHE A 657 -33.83 -32.03 -22.99
CA PHE A 657 -33.83 -32.50 -24.41
C PHE A 657 -34.24 -31.34 -25.32
N VAL A 658 -35.32 -30.65 -24.99
CA VAL A 658 -35.91 -29.57 -25.84
C VAL A 658 -34.98 -28.36 -25.88
N ASP A 659 -34.39 -27.96 -24.75
CA ASP A 659 -33.36 -26.90 -24.70
C ASP A 659 -32.20 -27.29 -25.61
N ALA A 660 -31.69 -28.50 -25.49
CA ALA A 660 -30.58 -29.02 -26.33
C ALA A 660 -30.95 -28.86 -27.80
N TYR A 661 -32.16 -29.28 -28.19
CA TYR A 661 -32.59 -29.21 -29.61
C TYR A 661 -32.64 -27.74 -30.05
N ARG A 662 -33.34 -26.91 -29.30
CA ARG A 662 -33.58 -25.47 -29.61
C ARG A 662 -32.24 -24.72 -29.74
N TRP A 663 -31.18 -25.15 -29.05
CA TRP A 663 -29.86 -24.48 -29.05
C TRP A 663 -28.94 -25.13 -30.09
N GLY A 664 -29.47 -26.05 -30.91
CA GLY A 664 -28.80 -26.50 -32.16
C GLY A 664 -27.92 -27.71 -31.97
N LYS A 665 -28.02 -28.37 -30.82
CA LYS A 665 -27.09 -29.46 -30.45
C LYS A 665 -27.53 -30.74 -31.13
N PRO A 666 -26.59 -31.65 -31.40
CA PRO A 666 -26.95 -33.01 -31.81
C PRO A 666 -27.76 -33.64 -30.67
N VAL A 667 -28.97 -34.10 -30.97
CA VAL A 667 -29.89 -34.74 -29.99
C VAL A 667 -30.44 -36.02 -30.63
N GLY A 668 -30.74 -37.04 -29.82
CA GLY A 668 -31.22 -38.31 -30.36
C GLY A 668 -31.77 -39.24 -29.30
N VAL A 669 -32.37 -40.33 -29.77
CA VAL A 669 -32.89 -41.42 -28.91
C VAL A 669 -32.29 -42.72 -29.40
N CYS A 670 -31.71 -43.49 -28.49
CA CYS A 670 -31.10 -44.83 -28.72
C CYS A 670 -32.13 -45.85 -28.20
N GLY A 671 -32.64 -46.75 -29.05
CA GLY A 671 -33.63 -47.76 -28.63
C GLY A 671 -34.34 -48.48 -29.77
N GLY A 672 -35.37 -47.86 -30.35
CA GLY A 672 -36.31 -48.56 -31.25
C GLY A 672 -37.76 -48.14 -31.02
N LYS A 673 -38.07 -47.60 -29.83
CA LYS A 673 -39.29 -46.78 -29.58
C LYS A 673 -38.93 -45.29 -29.73
N SER A 674 -37.83 -44.99 -30.43
CA SER A 674 -37.30 -43.61 -30.65
C SER A 674 -38.38 -42.71 -31.30
N SER A 675 -39.05 -43.24 -32.32
CA SER A 675 -40.33 -42.74 -32.90
C SER A 675 -41.14 -41.98 -31.84
N GLU A 676 -41.44 -42.60 -30.69
CA GLU A 676 -42.38 -42.07 -29.67
C GLU A 676 -41.81 -40.79 -29.04
N VAL A 677 -40.68 -40.92 -28.35
CA VAL A 677 -40.07 -39.87 -27.47
C VAL A 677 -39.92 -38.58 -28.28
N LEU A 678 -39.37 -38.68 -29.50
CA LEU A 678 -39.19 -37.54 -30.42
C LEU A 678 -40.54 -36.81 -30.60
N ASP A 679 -41.65 -37.55 -30.76
CA ASP A 679 -43.00 -36.94 -30.93
C ASP A 679 -43.33 -36.12 -29.70
N ALA A 680 -43.06 -36.65 -28.50
CA ALA A 680 -43.30 -35.98 -27.20
C ALA A 680 -42.61 -34.60 -27.20
N ALA A 681 -41.37 -34.54 -27.69
CA ALA A 681 -40.50 -33.34 -27.60
C ALA A 681 -40.79 -32.38 -28.74
N ASP A 682 -41.69 -32.76 -29.65
CA ASP A 682 -41.93 -32.02 -30.92
C ASP A 682 -40.61 -31.90 -31.67
N VAL A 683 -39.79 -32.94 -31.67
CA VAL A 683 -38.48 -32.95 -32.38
C VAL A 683 -38.60 -33.86 -33.61
N PRO A 684 -38.46 -33.31 -34.84
CA PRO A 684 -38.58 -34.13 -36.06
C PRO A 684 -37.46 -35.13 -36.30
N GLU A 685 -37.83 -36.36 -36.61
CA GLU A 685 -36.88 -37.49 -36.82
C GLU A 685 -36.04 -37.24 -38.08
N ASP A 686 -36.61 -36.56 -39.09
CA ASP A 686 -35.92 -36.23 -40.39
C ASP A 686 -34.88 -35.14 -40.15
N GLY A 687 -35.09 -34.33 -39.10
CA GLY A 687 -34.22 -33.22 -38.68
C GLY A 687 -32.74 -33.52 -38.81
N ASP A 688 -32.03 -32.63 -39.48
CA ASP A 688 -30.55 -32.55 -39.47
C ASP A 688 -30.09 -32.51 -38.01
N GLY A 689 -29.14 -33.35 -37.61
CA GLY A 689 -28.64 -33.42 -36.22
C GLY A 689 -29.68 -33.96 -35.25
N VAL A 690 -30.64 -34.77 -35.74
CA VAL A 690 -31.54 -35.59 -34.89
C VAL A 690 -31.30 -37.07 -35.20
N TYR A 691 -31.00 -37.88 -34.20
CA TYR A 691 -30.58 -39.30 -34.35
C TYR A 691 -31.61 -40.22 -33.68
N SER A 692 -31.70 -41.43 -34.21
CA SER A 692 -32.84 -42.36 -34.03
C SER A 692 -32.40 -43.74 -34.52
N GLU A 693 -31.75 -44.54 -33.66
CA GLU A 693 -31.08 -45.79 -34.08
C GLU A 693 -31.20 -46.83 -32.97
N GLU A 694 -31.64 -48.04 -33.31
CA GLU A 694 -31.80 -49.16 -32.34
C GLU A 694 -30.40 -49.63 -31.92
N SER A 695 -29.47 -49.70 -32.87
CA SER A 695 -28.09 -50.12 -32.62
C SER A 695 -27.35 -49.02 -31.85
N VAL A 696 -26.58 -49.38 -30.83
CA VAL A 696 -25.69 -48.45 -30.07
C VAL A 696 -24.55 -48.03 -30.99
N ASP A 697 -23.94 -48.99 -31.70
CA ASP A 697 -22.77 -48.75 -32.58
C ASP A 697 -23.13 -47.76 -33.67
N MET A 698 -24.29 -47.92 -34.31
CA MET A 698 -24.79 -47.07 -35.43
C MET A 698 -25.17 -45.69 -34.88
N PHE A 699 -25.81 -45.67 -33.71
CA PHE A 699 -26.26 -44.44 -33.04
C PHE A 699 -25.04 -43.54 -32.84
N VAL A 700 -23.98 -44.11 -32.27
CA VAL A 700 -22.74 -43.39 -31.90
C VAL A 700 -22.08 -42.86 -33.18
N GLU A 701 -21.93 -43.69 -34.20
CA GLU A 701 -21.26 -43.31 -35.47
C GLU A 701 -21.90 -42.02 -36.02
N GLU A 702 -23.23 -42.01 -36.09
CA GLU A 702 -24.02 -40.87 -36.62
C GLU A 702 -23.85 -39.67 -35.66
N PHE A 703 -24.11 -39.91 -34.38
CA PHE A 703 -24.12 -38.91 -33.28
C PHE A 703 -22.77 -38.18 -33.25
N GLU A 704 -21.68 -38.92 -33.36
CA GLU A 704 -20.31 -38.35 -33.35
C GLU A 704 -20.06 -37.44 -34.55
N LYS A 705 -20.65 -37.71 -35.72
CA LYS A 705 -20.59 -36.75 -36.87
C LYS A 705 -21.31 -35.47 -36.45
N GLY A 706 -22.42 -35.63 -35.74
CA GLY A 706 -23.20 -34.49 -35.22
C GLY A 706 -22.36 -33.62 -34.31
N LEU A 707 -21.60 -34.23 -33.41
CA LEU A 707 -20.78 -33.48 -32.42
C LEU A 707 -19.74 -32.65 -33.18
N ALA A 708 -19.19 -33.18 -34.28
CA ALA A 708 -18.18 -32.50 -35.11
C ALA A 708 -18.85 -31.33 -35.86
N THR A 709 -20.05 -31.54 -36.41
CA THR A 709 -20.85 -30.46 -37.02
C THR A 709 -21.12 -29.41 -35.93
N PHE A 710 -21.39 -29.88 -34.71
CA PHE A 710 -21.41 -29.08 -33.45
C PHE A 710 -22.70 -28.26 -33.33
N ARG A 711 -23.03 -27.44 -34.32
CA ARG A 711 -24.32 -26.72 -34.30
C ARG A 711 -25.10 -26.97 -35.59
N PHE A 712 -26.40 -27.16 -35.44
CA PHE A 712 -27.38 -27.37 -36.54
C PHE A 712 -28.16 -26.07 -36.68
N THR A 713 -27.69 -25.19 -37.57
CA THR A 713 -28.15 -23.78 -37.69
C THR A 713 -29.49 -23.65 -38.43
N ASP A 714 -29.99 -24.74 -39.04
CA ASP A 714 -31.30 -24.68 -39.74
C ASP A 714 -32.44 -24.53 -38.72
N ARG A 715 -32.15 -24.61 -37.41
CA ARG A 715 -33.18 -24.53 -36.34
C ARG A 715 -33.46 -23.08 -35.92
N PHE A 716 -32.92 -22.08 -36.63
CA PHE A 716 -33.00 -20.66 -36.24
C PHE A 716 -33.70 -19.86 -37.35
N ALA A 717 -34.75 -19.15 -36.98
CA ALA A 717 -35.57 -18.38 -37.93
C ALA A 717 -34.72 -17.21 -38.45
N LEU A 718 -34.89 -16.86 -39.71
CA LEU A 718 -34.21 -15.74 -40.39
C LEU A 718 -35.21 -14.61 -40.63
N ASP A 719 -34.75 -13.39 -40.73
CA ASP A 719 -35.58 -12.28 -41.26
C ASP A 719 -35.82 -12.56 -42.76
N GLN B 42 -12.40 28.45 2.95
CA GLN B 42 -12.77 28.01 1.57
C GLN B 42 -11.52 27.55 0.81
N SER B 43 -10.31 28.04 1.17
CA SER B 43 -9.01 27.37 0.88
C SER B 43 -9.05 25.97 1.49
N PRO B 44 -8.63 24.90 0.77
CA PRO B 44 -8.79 23.52 1.28
C PRO B 44 -8.12 23.28 2.63
N LEU B 45 -7.13 24.11 2.98
CA LEU B 45 -6.40 24.03 4.27
C LEU B 45 -7.29 24.58 5.42
N ALA B 46 -8.00 25.71 5.23
CA ALA B 46 -8.93 26.24 6.27
C ALA B 46 -10.01 25.21 6.60
N ALA B 47 -10.69 24.67 5.58
CA ALA B 47 -11.80 23.72 5.76
C ALA B 47 -11.34 22.49 6.53
N TYR B 48 -10.07 22.11 6.45
CA TYR B 48 -9.57 20.83 7.02
C TYR B 48 -8.88 21.03 8.36
N GLU B 49 -8.86 22.25 8.88
CA GLU B 49 -8.28 22.56 10.20
C GLU B 49 -9.13 21.96 11.31
N VAL B 50 -8.48 21.33 12.26
CA VAL B 50 -9.18 20.65 13.37
C VAL B 50 -8.72 21.31 14.64
N ASP B 51 -9.68 21.77 15.45
CA ASP B 51 -9.36 22.49 16.71
C ASP B 51 -9.63 21.51 17.87
N ASP B 52 -8.62 21.31 18.71
CA ASP B 52 -8.70 20.43 19.90
C ASP B 52 -8.36 21.27 21.15
N SER B 53 -8.72 22.54 21.16
CA SER B 53 -8.42 23.47 22.29
C SER B 53 -9.43 23.24 23.41
N THR B 54 -10.56 22.61 23.09
CA THR B 54 -11.63 22.25 24.05
C THR B 54 -12.14 20.84 23.70
N GLY B 55 -12.95 20.29 24.59
CA GLY B 55 -13.72 19.06 24.30
C GLY B 55 -13.20 17.82 24.99
N TYR B 56 -14.05 16.81 24.97
CA TYR B 56 -13.74 15.46 25.48
C TYR B 56 -13.15 14.63 24.33
N LEU B 57 -12.22 13.78 24.70
CA LEU B 57 -11.53 12.84 23.80
C LEU B 57 -12.60 11.99 23.08
N THR B 58 -12.48 11.81 21.77
CA THR B 58 -13.39 10.92 21.01
C THR B 58 -12.55 9.96 20.16
N SER B 59 -13.18 8.89 19.72
CA SER B 59 -12.64 8.03 18.63
C SER B 59 -12.66 8.87 17.36
N ASP B 60 -12.12 8.30 16.28
CA ASP B 60 -12.18 8.90 14.93
C ASP B 60 -13.63 8.93 14.40
N VAL B 61 -14.57 8.24 15.02
CA VAL B 61 -16.01 8.29 14.63
C VAL B 61 -16.84 9.01 15.71
N GLY B 62 -16.20 9.80 16.57
CA GLY B 62 -16.92 10.80 17.38
C GLY B 62 -17.49 10.25 18.67
N GLY B 63 -17.13 9.02 19.05
CA GLY B 63 -17.58 8.36 20.28
C GLY B 63 -16.68 8.78 21.43
N PRO B 64 -17.19 9.48 22.48
CA PRO B 64 -16.33 9.91 23.58
C PRO B 64 -15.68 8.69 24.25
N ILE B 65 -14.38 8.81 24.54
CA ILE B 65 -13.60 7.67 25.08
C ILE B 65 -12.52 8.21 26.03
N GLN B 66 -11.79 7.26 26.65
CA GLN B 66 -10.55 7.51 27.42
C GLN B 66 -9.40 6.86 26.63
N ASP B 67 -8.15 7.21 26.94
CA ASP B 67 -7.03 6.61 26.20
C ASP B 67 -5.80 6.41 27.09
N GLN B 68 -6.00 6.30 28.41
CA GLN B 68 -4.88 6.31 29.39
C GLN B 68 -4.70 4.94 30.09
N THR B 69 -5.72 4.10 30.19
CA THR B 69 -5.56 2.77 30.81
C THR B 69 -6.23 1.72 29.93
N SER B 70 -5.50 0.63 29.66
CA SER B 70 -5.99 -0.60 28.99
C SER B 70 -7.10 -1.26 29.80
N LEU B 71 -8.05 -1.89 29.09
CA LEU B 71 -9.11 -2.73 29.65
C LEU B 71 -8.54 -4.11 29.96
N LYS B 72 -8.67 -4.53 31.20
CA LYS B 72 -8.03 -5.75 31.74
C LYS B 72 -9.03 -6.64 32.47
N ALA B 73 -8.81 -7.95 32.37
CA ALA B 73 -9.51 -8.96 33.20
C ALA B 73 -8.97 -8.91 34.64
N GLY B 74 -9.47 -7.99 35.47
CA GLY B 74 -8.91 -7.74 36.82
C GLY B 74 -7.78 -6.73 36.82
N ILE B 75 -7.53 -6.13 37.98
CA ILE B 75 -6.66 -4.96 38.22
C ILE B 75 -5.19 -5.30 37.92
N ARG B 76 -4.80 -6.58 38.03
CA ARG B 76 -3.45 -7.09 37.66
C ARG B 76 -3.59 -8.13 36.54
N GLY B 77 -4.59 -7.99 35.68
CA GLY B 77 -4.95 -8.98 34.68
C GLY B 77 -4.48 -8.62 33.27
N PRO B 78 -4.63 -9.57 32.33
CA PRO B 78 -4.21 -9.41 30.94
C PRO B 78 -5.17 -8.48 30.21
N THR B 79 -4.65 -7.78 29.21
CA THR B 79 -5.40 -6.80 28.37
C THR B 79 -6.41 -7.53 27.49
N LEU B 80 -7.62 -7.00 27.36
CA LEU B 80 -8.67 -7.63 26.54
C LEU B 80 -8.60 -7.24 25.06
N LEU B 81 -8.83 -8.22 24.20
CA LEU B 81 -8.98 -7.98 22.74
C LEU B 81 -10.10 -6.99 22.49
N GLU B 82 -11.14 -6.93 23.34
CA GLU B 82 -12.33 -6.07 23.06
C GLU B 82 -12.05 -4.60 23.39
N ASP B 83 -10.84 -4.27 23.83
CA ASP B 83 -10.42 -2.88 24.08
C ASP B 83 -10.19 -2.17 22.73
N PHE B 84 -11.26 -1.65 22.14
CA PHE B 84 -11.20 -0.93 20.84
C PHE B 84 -10.50 0.41 21.05
N MET B 85 -10.57 0.98 22.25
CA MET B 85 -9.93 2.30 22.51
C MET B 85 -8.41 2.13 22.35
N PHE B 86 -7.87 1.08 22.94
CA PHE B 86 -6.47 0.72 22.83
C PHE B 86 -6.16 0.50 21.34
N ARG B 87 -6.87 -0.40 20.66
CA ARG B 87 -6.41 -0.83 19.31
C ARG B 87 -6.50 0.35 18.33
N GLN B 88 -7.55 1.17 18.34
CA GLN B 88 -7.68 2.29 17.37
C GLN B 88 -6.50 3.27 17.57
N LYS B 89 -6.11 3.52 18.81
CA LYS B 89 -5.03 4.47 19.13
C LYS B 89 -3.69 3.91 18.67
N ILE B 90 -3.43 2.64 18.97
CA ILE B 90 -2.10 2.05 18.71
C ILE B 90 -2.01 1.72 17.23
N GLN B 91 -3.13 1.35 16.57
CA GLN B 91 -3.11 1.17 15.10
C GLN B 91 -2.68 2.48 14.44
N HIS B 92 -3.32 3.60 14.78
CA HIS B 92 -2.93 4.91 14.22
C HIS B 92 -1.43 5.15 14.46
N PHE B 93 -0.96 4.97 15.70
CA PHE B 93 0.46 5.22 15.98
C PHE B 93 1.34 4.32 15.09
N ASP B 94 1.03 3.02 15.04
CA ASP B 94 1.72 1.98 14.25
C ASP B 94 1.89 2.38 12.77
N HIS B 95 0.94 3.16 12.24
CA HIS B 95 0.87 3.52 10.80
C HIS B 95 1.17 5.00 10.60
N GLU B 96 1.76 5.71 11.56
CA GLU B 96 1.96 7.18 11.38
C GLU B 96 2.95 7.45 10.24
N ARG B 97 3.95 6.58 10.05
CA ARG B 97 5.05 6.90 9.10
C ARG B 97 4.65 6.58 7.66
N VAL B 98 5.18 7.40 6.75
CA VAL B 98 5.12 7.19 5.29
C VAL B 98 6.54 7.18 4.78
N PRO B 99 6.76 6.59 3.58
CA PRO B 99 8.11 6.57 3.03
C PRO B 99 8.63 8.01 2.90
N GLU B 100 9.90 8.25 3.28
CA GLU B 100 10.56 9.55 3.03
C GLU B 100 10.75 9.70 1.52
N ARG B 101 10.91 10.92 1.06
CA ARG B 101 11.15 11.18 -0.37
C ARG B 101 12.44 10.43 -0.77
N ALA B 102 12.48 9.84 -1.95
CA ALA B 102 13.67 9.12 -2.46
C ALA B 102 14.92 10.01 -2.44
N VAL B 103 14.74 11.30 -2.70
CA VAL B 103 15.78 12.35 -2.57
C VAL B 103 15.11 13.57 -1.95
N HIS B 104 15.91 14.46 -1.38
CA HIS B 104 15.41 15.68 -0.70
C HIS B 104 14.56 15.28 0.50
N ALA B 105 14.82 14.14 1.17
CA ALA B 105 14.03 13.66 2.33
C ALA B 105 14.07 14.66 3.48
N ARG B 106 15.20 15.35 3.64
CA ARG B 106 15.39 16.34 4.72
C ARG B 106 15.01 17.72 4.22
N GLY B 107 14.01 18.36 4.84
CA GLY B 107 13.60 19.67 4.33
C GLY B 107 12.59 20.34 5.22
N ALA B 108 12.19 21.54 4.84
CA ALA B 108 11.22 22.33 5.62
C ALA B 108 10.50 23.32 4.71
N GLY B 109 9.23 23.58 5.01
CA GLY B 109 8.35 24.36 4.13
C GLY B 109 7.80 25.57 4.83
N ALA B 110 7.28 26.49 4.02
CA ALA B 110 6.53 27.66 4.49
C ALA B 110 5.53 28.12 3.43
N HIS B 111 4.49 28.81 3.88
CA HIS B 111 3.46 29.43 3.02
C HIS B 111 3.86 30.87 2.71
N GLY B 112 3.34 31.40 1.62
CA GLY B 112 3.49 32.81 1.30
C GLY B 112 2.72 33.21 0.08
N THR B 113 3.22 34.24 -0.58
CA THR B 113 2.52 34.94 -1.69
C THR B 113 3.56 35.19 -2.76
N PHE B 114 3.14 35.10 -4.01
CA PHE B 114 3.87 35.65 -5.17
C PHE B 114 3.06 36.84 -5.70
N THR B 115 3.73 37.96 -5.98
CA THR B 115 3.06 39.15 -6.58
C THR B 115 3.74 39.51 -7.90
N SER B 116 2.99 39.60 -8.99
CA SER B 116 3.55 39.93 -10.33
C SER B 116 3.89 41.42 -10.33
N TYR B 117 5.01 41.79 -10.97
CA TYR B 117 5.42 43.21 -11.12
C TYR B 117 4.70 43.86 -12.30
N ALA B 118 4.11 43.09 -13.22
CA ALA B 118 3.58 43.63 -14.47
C ALA B 118 2.60 42.66 -15.15
N ASP B 119 2.01 43.13 -16.24
CA ASP B 119 1.28 42.28 -17.20
C ASP B 119 2.33 41.67 -18.14
N TRP B 120 2.61 40.37 -18.05
CA TRP B 120 3.67 39.73 -18.88
C TRP B 120 3.09 39.02 -20.11
N SER B 121 1.89 39.40 -20.55
CA SER B 121 1.18 38.87 -21.75
C SER B 121 2.10 38.88 -22.97
N ASN B 122 2.98 39.88 -23.08
CA ASN B 122 3.87 40.06 -24.26
C ASN B 122 4.88 38.91 -24.36
N ILE B 123 5.11 38.15 -23.29
CA ILE B 123 6.11 37.03 -23.35
C ILE B 123 5.48 35.69 -22.92
N THR B 124 4.37 35.68 -22.17
CA THR B 124 3.71 34.41 -21.78
C THR B 124 2.22 34.62 -21.57
N ALA B 125 1.46 33.58 -21.92
CA ALA B 125 0.02 33.43 -21.61
C ALA B 125 -0.20 33.16 -20.11
N ALA B 126 0.81 32.83 -19.31
CA ALA B 126 0.58 32.37 -17.92
C ALA B 126 -0.29 33.36 -17.15
N SER B 127 -1.40 32.89 -16.58
CA SER B 127 -2.41 33.75 -15.92
C SER B 127 -1.84 34.41 -14.66
N PHE B 128 -0.98 33.72 -13.89
CA PHE B 128 -0.42 34.24 -12.61
C PHE B 128 0.51 35.43 -12.88
N LEU B 129 0.93 35.60 -14.13
CA LEU B 129 1.82 36.70 -14.57
C LEU B 129 1.07 37.73 -15.44
N ASN B 130 -0.25 37.73 -15.45
CA ASN B 130 -1.00 38.46 -16.51
C ASN B 130 -1.41 39.86 -16.07
N ALA B 131 -1.07 40.30 -14.85
CA ALA B 131 -1.45 41.67 -14.37
C ALA B 131 -0.49 42.17 -13.29
N THR B 132 -0.23 43.48 -13.31
CA THR B 132 0.49 44.19 -12.23
C THR B 132 -0.21 43.95 -10.89
N GLY B 133 0.54 43.52 -9.89
CA GLY B 133 0.03 43.38 -8.52
C GLY B 133 -0.74 42.08 -8.32
N LYS B 134 -0.86 41.22 -9.33
CA LYS B 134 -1.65 39.97 -9.20
C LYS B 134 -0.95 39.05 -8.19
N GLN B 135 -1.68 38.57 -7.20
CA GLN B 135 -1.14 37.74 -6.08
C GLN B 135 -1.61 36.31 -6.24
N THR B 136 -0.70 35.37 -6.05
CA THR B 136 -0.95 33.91 -6.06
C THR B 136 -0.40 33.35 -4.75
N PRO B 137 -1.17 32.56 -3.98
CA PRO B 137 -0.61 31.91 -2.81
C PRO B 137 0.51 30.96 -3.28
N VAL B 138 1.50 30.75 -2.42
CA VAL B 138 2.60 29.76 -2.66
C VAL B 138 2.83 28.92 -1.40
N PHE B 139 3.33 27.71 -1.63
CA PHE B 139 4.06 26.90 -0.64
C PHE B 139 5.43 26.57 -1.21
N VAL B 140 6.47 26.71 -0.39
CA VAL B 140 7.87 26.40 -0.76
C VAL B 140 8.38 25.34 0.21
N ARG B 141 9.10 24.34 -0.31
CA ARG B 141 9.90 23.44 0.55
C ARG B 141 11.35 23.53 0.14
N PHE B 142 12.21 23.75 1.14
CA PHE B 142 13.68 23.72 1.00
C PHE B 142 14.19 22.38 1.53
N SER B 143 15.36 21.95 1.08
CA SER B 143 15.89 20.62 1.41
C SER B 143 17.37 20.50 1.09
N THR B 144 17.98 19.45 1.64
CA THR B 144 19.21 18.85 1.10
C THR B 144 18.77 17.83 0.06
N VAL B 145 19.70 17.02 -0.45
CA VAL B 145 19.39 15.96 -1.46
C VAL B 145 19.63 14.56 -0.87
N ALA B 146 20.82 14.25 -0.35
CA ALA B 146 21.26 12.84 -0.10
C ALA B 146 20.74 12.28 1.23
N GLY B 147 20.71 13.09 2.29
CA GLY B 147 20.48 12.59 3.66
C GLY B 147 19.05 12.11 3.84
N SER B 148 18.87 11.16 4.74
CA SER B 148 17.55 10.67 5.17
C SER B 148 16.87 11.74 6.03
N ARG B 149 15.62 11.49 6.41
N ARG B 149 15.58 11.59 6.37
CA ARG B 149 14.92 12.26 7.47
CA ARG B 149 14.72 12.74 6.80
C ARG B 149 15.76 12.17 8.75
C ARG B 149 15.17 13.33 8.16
N GLY B 150 15.89 13.30 9.43
N GLY B 150 16.06 12.67 8.90
CA GLY B 150 16.73 13.40 10.62
CA GLY B 150 16.55 13.13 10.22
C GLY B 150 18.17 13.77 10.30
C GLY B 150 18.02 13.59 10.22
N SER B 151 18.64 13.65 9.05
CA SER B 151 20.05 14.05 8.79
C SER B 151 20.19 15.56 9.00
N ALA B 152 21.35 16.03 9.43
CA ALA B 152 21.60 17.45 9.73
C ALA B 152 21.31 18.31 8.50
N ASP B 153 20.79 19.51 8.73
CA ASP B 153 20.60 20.53 7.66
C ASP B 153 21.94 20.95 7.03
N THR B 154 23.02 21.00 7.83
CA THR B 154 24.30 21.67 7.46
C THR B 154 25.30 20.63 6.92
N ALA B 155 24.80 19.56 6.31
CA ALA B 155 25.64 18.69 5.46
C ALA B 155 26.13 19.49 4.24
N ARG B 156 27.29 19.12 3.69
CA ARG B 156 27.70 19.60 2.35
C ARG B 156 26.87 18.81 1.33
N ASP B 157 26.05 19.52 0.56
CA ASP B 157 25.09 18.89 -0.37
C ASP B 157 24.57 19.94 -1.35
N VAL B 158 23.92 19.47 -2.39
CA VAL B 158 23.05 20.33 -3.23
C VAL B 158 21.81 20.57 -2.37
N HIS B 159 21.09 21.66 -2.58
CA HIS B 159 19.84 22.00 -1.83
C HIS B 159 18.68 22.18 -2.81
N GLY B 160 17.50 21.73 -2.39
CA GLY B 160 16.24 21.89 -3.10
C GLY B 160 15.55 23.21 -2.72
N PHE B 161 14.85 23.77 -3.69
CA PHE B 161 14.06 25.00 -3.58
C PHE B 161 12.86 24.81 -4.49
N ALA B 162 11.80 24.23 -3.95
CA ALA B 162 10.59 23.83 -4.68
C ALA B 162 9.47 24.79 -4.32
N THR B 163 8.89 25.45 -5.34
CA THR B 163 7.86 26.48 -5.20
C THR B 163 6.57 26.02 -5.91
N ARG B 164 5.49 25.97 -5.15
CA ARG B 164 4.13 25.76 -5.70
C ARG B 164 3.41 27.10 -5.75
N PHE B 165 2.97 27.47 -6.95
CA PHE B 165 2.04 28.59 -7.21
C PHE B 165 0.63 28.02 -7.38
N TYR B 166 -0.28 28.28 -6.44
CA TYR B 166 -1.69 27.86 -6.52
C TYR B 166 -2.42 28.85 -7.41
N THR B 167 -2.20 28.78 -8.72
CA THR B 167 -2.67 29.83 -9.67
C THR B 167 -4.17 29.63 -9.95
N ASP B 168 -4.76 30.68 -10.52
CA ASP B 168 -6.20 30.67 -10.90
C ASP B 168 -6.40 29.88 -12.19
N GLU B 169 -5.35 29.32 -12.77
CA GLU B 169 -5.46 28.33 -13.87
C GLU B 169 -4.71 27.04 -13.53
N GLY B 170 -4.62 26.71 -12.24
CA GLY B 170 -4.06 25.43 -11.78
C GLY B 170 -2.72 25.58 -11.08
N ASN B 171 -2.35 24.53 -10.35
CA ASN B 171 -1.09 24.54 -9.58
C ASN B 171 0.06 24.45 -10.57
N PHE B 172 1.01 25.36 -10.42
CA PHE B 172 2.27 25.40 -11.19
C PHE B 172 3.43 25.22 -10.21
N ASP B 173 4.20 24.15 -10.38
CA ASP B 173 5.38 23.91 -9.53
C ASP B 173 6.65 24.25 -10.32
N ILE B 174 7.54 25.01 -9.70
CA ILE B 174 8.96 25.11 -10.13
C ILE B 174 9.82 24.38 -9.08
N VAL B 175 10.32 23.22 -9.47
CA VAL B 175 11.01 22.28 -8.58
C VAL B 175 12.51 22.45 -8.86
N GLY B 176 13.12 23.36 -8.13
CA GLY B 176 14.47 23.86 -8.43
C GLY B 176 15.47 23.49 -7.33
N ASN B 177 16.72 23.92 -7.51
CA ASN B 177 17.86 23.69 -6.59
C ASN B 177 18.55 25.02 -6.32
N ASN B 178 19.44 25.09 -5.33
CA ASN B 178 20.19 26.34 -4.99
C ASN B 178 21.39 26.49 -5.92
N ILE B 179 21.61 25.47 -6.77
CA ILE B 179 22.69 25.40 -7.79
C ILE B 179 22.03 25.31 -9.17
N PRO B 180 22.46 26.17 -10.13
CA PRO B 180 21.78 26.32 -11.42
C PRO B 180 22.07 25.21 -12.45
N VAL B 181 22.94 24.26 -12.08
CA VAL B 181 23.30 23.17 -13.01
C VAL B 181 23.22 21.84 -12.27
N PHE B 182 23.02 20.77 -13.02
CA PHE B 182 22.84 19.43 -12.45
C PHE B 182 23.98 18.50 -12.89
N PHE B 183 24.19 17.44 -12.11
CA PHE B 183 25.30 16.47 -12.23
C PHE B 183 25.26 15.72 -13.56
N ILE B 184 24.06 15.49 -14.10
CA ILE B 184 23.89 14.48 -15.17
C ILE B 184 23.02 15.06 -16.28
N GLN B 185 23.11 14.48 -17.46
CA GLN B 185 22.56 15.09 -18.72
C GLN B 185 21.34 14.27 -19.18
N ASP B 186 21.03 13.17 -18.50
CA ASP B 186 19.93 12.26 -18.90
C ASP B 186 19.30 11.70 -17.63
N ALA B 187 17.98 11.83 -17.52
CA ALA B 187 17.23 11.42 -16.31
C ALA B 187 17.50 9.94 -16.02
N ILE B 188 17.81 9.12 -17.03
CA ILE B 188 17.90 7.64 -16.84
C ILE B 188 19.09 7.33 -15.92
N GLN B 189 20.02 8.28 -15.81
CA GLN B 189 21.22 8.16 -14.95
C GLN B 189 20.94 8.52 -13.48
N PHE B 190 19.72 8.95 -13.10
CA PHE B 190 19.54 9.53 -11.74
C PHE B 190 19.75 8.47 -10.66
N PRO B 191 19.28 7.22 -10.83
CA PRO B 191 19.57 6.20 -9.84
C PRO B 191 21.07 5.93 -9.70
N ASP B 192 21.84 6.05 -10.77
CA ASP B 192 23.30 5.80 -10.70
C ASP B 192 23.93 6.89 -9.84
N LEU B 193 23.63 8.15 -10.15
CA LEU B 193 24.13 9.29 -9.34
C LEU B 193 23.76 9.06 -7.87
N ILE B 194 22.48 8.83 -7.61
CA ILE B 194 21.96 8.87 -6.21
C ILE B 194 22.48 7.65 -5.46
N HIS B 195 22.53 6.47 -6.07
CA HIS B 195 23.11 5.27 -5.40
C HIS B 195 24.57 5.57 -5.05
N SER B 196 25.32 6.29 -5.92
CA SER B 196 26.77 6.59 -5.73
C SER B 196 27.00 7.57 -4.57
N VAL B 197 26.13 8.56 -4.36
CA VAL B 197 26.35 9.57 -3.29
C VAL B 197 25.70 9.12 -1.96
N LYS B 198 24.61 8.35 -2.00
CA LYS B 198 23.95 7.82 -0.78
C LYS B 198 24.90 6.79 -0.13
N PRO B 199 24.65 6.43 1.14
CA PRO B 199 25.57 5.56 1.88
C PRO B 199 25.80 4.23 1.16
N ARG B 200 26.99 3.68 1.32
CA ARG B 200 27.28 2.37 0.69
C ARG B 200 26.21 1.40 1.17
N PRO B 201 25.62 0.56 0.28
CA PRO B 201 24.44 -0.23 0.64
C PRO B 201 24.70 -1.54 1.42
N ASP B 202 25.94 -1.85 1.81
CA ASP B 202 26.15 -3.04 2.66
C ASP B 202 25.93 -2.64 4.12
N ASN B 203 26.28 -1.40 4.47
CA ASN B 203 26.30 -0.96 5.89
C ASN B 203 25.60 0.38 6.08
N GLU B 204 25.11 0.99 5.00
CA GLU B 204 24.49 2.34 5.05
C GLU B 204 25.42 3.31 5.78
N ILE B 205 26.68 3.30 5.34
CA ILE B 205 27.72 4.27 5.74
C ILE B 205 28.41 4.75 4.48
N PRO B 206 28.76 6.06 4.36
CA PRO B 206 28.40 7.10 5.31
C PRO B 206 27.34 8.10 4.83
N GLN B 207 26.81 8.86 5.76
CA GLN B 207 25.83 9.96 5.55
C GLN B 207 26.55 11.22 5.06
N ALA B 208 27.74 11.13 4.50
CA ALA B 208 28.50 12.27 3.92
C ALA B 208 28.49 12.12 2.39
N ALA B 209 27.59 12.80 1.72
CA ALA B 209 27.27 12.54 0.30
C ALA B 209 28.56 12.54 -0.54
N THR B 210 29.42 13.53 -0.29
CA THR B 210 30.58 13.86 -1.15
C THR B 210 31.87 13.31 -0.54
N ALA B 211 31.83 12.46 0.49
CA ALA B 211 33.05 12.05 1.22
C ALA B 211 33.12 10.52 1.32
N HIS B 212 32.92 9.81 0.22
CA HIS B 212 33.20 8.34 0.20
C HIS B 212 33.52 7.88 -1.21
N ASP B 213 34.09 6.67 -1.32
CA ASP B 213 34.66 6.11 -2.57
C ASP B 213 33.61 6.14 -3.69
N SER B 214 32.40 5.69 -3.43
CA SER B 214 31.43 5.43 -4.52
C SER B 214 31.11 6.76 -5.18
N ALA B 215 30.96 7.83 -4.42
CA ALA B 215 30.60 9.16 -4.95
C ALA B 215 31.72 9.62 -5.89
N TRP B 216 32.98 9.55 -5.43
CA TRP B 216 34.11 10.03 -6.25
C TRP B 216 34.34 9.09 -7.42
N ASP B 217 34.00 7.81 -7.28
CA ASP B 217 34.06 6.87 -8.41
C ASP B 217 33.12 7.38 -9.51
N PHE B 218 31.86 7.68 -9.16
CA PHE B 218 30.86 8.12 -10.15
C PHE B 218 31.32 9.46 -10.76
N PHE B 219 31.72 10.40 -9.91
CA PHE B 219 32.13 11.76 -10.38
C PHE B 219 33.28 11.60 -11.41
N SER B 220 34.28 10.77 -11.10
CA SER B 220 35.49 10.59 -11.95
C SER B 220 35.16 9.78 -13.21
N GLN B 221 34.12 8.95 -13.17
CA GLN B 221 33.76 8.10 -14.34
C GLN B 221 32.74 8.85 -15.23
N GLN B 222 32.03 9.84 -14.69
CA GLN B 222 30.92 10.57 -15.35
C GLN B 222 31.23 12.06 -15.31
N PRO B 223 32.09 12.54 -16.23
CA PRO B 223 32.62 13.90 -16.16
C PRO B 223 31.59 15.03 -16.27
N SER B 224 30.38 14.73 -16.76
CA SER B 224 29.25 15.69 -16.73
C SER B 224 29.13 16.29 -15.33
N THR B 225 29.48 15.49 -14.30
CA THR B 225 29.31 15.84 -12.87
C THR B 225 30.17 17.02 -12.44
N MET B 226 31.20 17.40 -13.22
CA MET B 226 32.20 18.41 -12.75
C MET B 226 31.54 19.74 -12.41
N HIS B 227 30.62 20.28 -13.20
CA HIS B 227 30.14 21.66 -12.95
C HIS B 227 29.40 21.69 -11.60
N THR B 228 28.43 20.81 -11.40
CA THR B 228 27.69 20.76 -10.13
C THR B 228 28.66 20.40 -9.00
N LEU B 229 29.62 19.50 -9.25
CA LEU B 229 30.60 19.12 -8.20
C LEU B 229 31.33 20.37 -7.69
N PHE B 230 31.82 21.22 -8.60
CA PHE B 230 32.51 22.48 -8.23
C PHE B 230 31.55 23.36 -7.42
N TRP B 231 30.29 23.50 -7.85
CA TRP B 231 29.31 24.32 -7.07
C TRP B 231 29.15 23.74 -5.65
N ALA B 232 29.00 22.42 -5.53
CA ALA B 232 28.75 21.71 -4.24
C ALA B 232 29.98 21.85 -3.32
N MET B 233 31.19 21.93 -3.88
CA MET B 233 32.47 22.07 -3.10
C MET B 233 32.75 23.55 -2.78
N SER B 234 32.00 24.48 -3.36
CA SER B 234 32.03 25.92 -3.01
C SER B 234 31.14 26.13 -1.79
N GLY B 235 31.04 27.36 -1.29
CA GLY B 235 30.12 27.69 -0.17
C GLY B 235 28.65 27.49 -0.51
N HIS B 236 28.28 27.39 -1.78
CA HIS B 236 26.90 26.95 -2.20
C HIS B 236 26.55 25.54 -1.68
N GLY B 237 27.53 24.68 -1.36
CA GLY B 237 27.31 23.39 -0.70
C GLY B 237 26.94 23.53 0.77
N ILE B 238 27.19 24.68 1.40
CA ILE B 238 26.96 24.86 2.86
C ILE B 238 26.40 26.27 3.10
N PRO B 239 25.19 26.56 2.58
CA PRO B 239 24.64 27.90 2.69
C PRO B 239 24.35 28.20 4.16
N ARG B 240 24.41 29.48 4.51
CA ARG B 240 24.15 30.00 5.88
C ARG B 240 22.69 29.77 6.26
N SER B 241 21.77 29.85 5.29
CA SER B 241 20.33 29.55 5.49
C SER B 241 19.65 29.34 4.15
N TYR B 242 18.44 28.80 4.19
CA TYR B 242 17.54 28.72 3.03
C TYR B 242 17.29 30.14 2.53
N ARG B 243 17.23 31.12 3.42
CA ARG B 243 16.98 32.54 3.04
C ARG B 243 18.16 33.19 2.31
N HIS B 244 19.39 32.66 2.45
CA HIS B 244 20.66 33.23 1.94
C HIS B 244 21.18 32.41 0.78
N MET B 245 20.27 31.71 0.09
CA MET B 245 20.60 31.02 -1.18
C MET B 245 19.54 31.40 -2.21
N ASP B 246 19.87 31.18 -3.47
CA ASP B 246 18.98 31.41 -4.63
C ASP B 246 18.27 30.10 -4.97
N GLY B 247 17.23 30.20 -5.82
CA GLY B 247 16.56 29.06 -6.45
C GLY B 247 16.75 29.12 -7.95
N PHE B 248 16.96 27.96 -8.58
CA PHE B 248 17.10 27.85 -10.04
C PHE B 248 16.25 26.70 -10.55
N GLY B 249 15.56 26.94 -11.65
CA GLY B 249 14.84 25.88 -12.36
C GLY B 249 15.79 24.92 -13.02
N VAL B 250 17.06 25.33 -13.23
CA VAL B 250 18.15 24.53 -13.86
C VAL B 250 17.90 24.36 -15.37
N HIS B 251 16.81 23.68 -15.72
CA HIS B 251 16.45 23.42 -17.14
C HIS B 251 16.10 24.71 -17.87
N THR B 252 16.37 24.74 -19.15
CA THR B 252 15.71 25.65 -20.09
C THR B 252 14.24 25.21 -20.21
N PHE B 253 13.33 26.16 -20.02
CA PHE B 253 11.89 25.93 -20.23
C PHE B 253 11.45 26.81 -21.39
N ARG B 254 10.18 26.76 -21.76
CA ARG B 254 9.59 27.72 -22.74
C ARG B 254 8.53 28.60 -22.09
N PHE B 255 8.54 29.89 -22.47
CA PHE B 255 7.42 30.81 -22.27
C PHE B 255 6.63 30.77 -23.57
N VAL B 256 5.33 30.51 -23.51
CA VAL B 256 4.47 30.35 -24.70
C VAL B 256 3.38 31.42 -24.63
N LYS B 257 3.28 32.20 -25.69
CA LYS B 257 2.23 33.25 -25.77
C LYS B 257 0.94 32.64 -26.32
N ASP B 258 -0.17 33.34 -26.14
CA ASP B 258 -1.49 32.89 -26.66
C ASP B 258 -1.44 32.80 -28.19
N ASP B 259 -0.60 33.58 -28.84
CA ASP B 259 -0.45 33.52 -30.32
C ASP B 259 0.35 32.27 -30.73
N GLY B 260 0.87 31.49 -29.78
CA GLY B 260 1.56 30.22 -30.07
C GLY B 260 3.07 30.36 -30.22
N SER B 261 3.61 31.58 -30.22
CA SER B 261 5.07 31.84 -30.33
C SER B 261 5.73 31.40 -29.00
N SER B 262 7.01 31.04 -29.01
CA SER B 262 7.71 30.60 -27.76
C SER B 262 9.08 31.25 -27.68
N LYS B 263 9.55 31.49 -26.45
CA LYS B 263 10.94 31.87 -26.11
C LYS B 263 11.48 30.83 -25.13
N LEU B 264 12.81 30.72 -25.05
CA LEU B 264 13.50 29.78 -24.13
C LEU B 264 13.83 30.57 -22.88
N ILE B 265 13.55 30.01 -21.69
CA ILE B 265 13.78 30.75 -20.43
C ILE B 265 14.54 29.90 -19.42
N LYS B 266 15.23 30.60 -18.53
CA LYS B 266 15.80 30.02 -17.28
C LYS B 266 15.16 30.78 -16.13
N TRP B 267 14.70 30.06 -15.12
CA TRP B 267 14.20 30.65 -13.85
C TRP B 267 15.35 30.93 -12.86
N HIS B 268 15.40 32.12 -12.29
CA HIS B 268 16.34 32.50 -11.21
C HIS B 268 15.53 33.18 -10.11
N PHE B 269 15.48 32.59 -8.92
CA PHE B 269 14.93 33.24 -7.71
C PHE B 269 16.11 33.84 -6.98
N LYS B 270 16.17 35.17 -6.96
CA LYS B 270 17.33 35.95 -6.45
C LYS B 270 16.98 36.47 -5.05
N SER B 271 17.75 36.02 -4.06
CA SER B 271 17.53 36.27 -2.63
C SER B 271 17.66 37.75 -2.33
N ARG B 272 16.74 38.28 -1.55
CA ARG B 272 16.77 39.69 -1.09
C ARG B 272 17.50 39.76 0.25
N GLN B 273 17.86 38.61 0.83
CA GLN B 273 18.61 38.58 2.10
C GLN B 273 20.12 38.60 1.79
N GLY B 274 20.50 38.48 0.52
CA GLY B 274 21.90 38.35 0.07
C GLY B 274 22.37 36.91 0.17
N LYS B 275 23.58 36.62 -0.28
CA LYS B 275 24.10 35.23 -0.35
C LYS B 275 25.10 35.05 0.79
N ALA B 276 25.13 33.87 1.41
CA ALA B 276 26.04 33.61 2.53
C ALA B 276 26.20 32.11 2.71
N SER B 277 27.39 31.72 3.15
CA SER B 277 27.78 30.34 3.44
C SER B 277 28.25 30.25 4.90
N LEU B 278 28.25 29.02 5.42
CA LEU B 278 29.05 28.61 6.59
C LEU B 278 30.48 28.37 6.10
N VAL B 279 31.43 28.27 7.03
CA VAL B 279 32.71 27.59 6.71
C VAL B 279 32.58 26.14 7.15
N TRP B 280 33.33 25.24 6.52
CA TRP B 280 33.13 23.78 6.71
C TRP B 280 33.29 23.40 8.18
N GLU B 281 34.37 23.86 8.83
CA GLU B 281 34.72 23.46 10.21
C GLU B 281 33.60 23.90 11.17
N GLU B 282 32.84 24.94 10.80
CA GLU B 282 31.63 25.43 11.53
C GLU B 282 30.44 24.52 11.21
N ALA B 283 30.22 24.23 9.93
CA ALA B 283 29.14 23.34 9.45
C ALA B 283 29.21 21.99 10.16
N GLN B 284 30.40 21.40 10.32
CA GLN B 284 30.55 20.06 10.97
C GLN B 284 30.11 20.12 12.44
N VAL B 285 30.47 21.17 13.17
CA VAL B 285 30.06 21.27 14.60
C VAL B 285 28.56 21.52 14.66
N LEU B 286 28.05 22.44 13.85
CA LEU B 286 26.61 22.83 13.78
C LEU B 286 25.74 21.61 13.46
N SER B 287 26.19 20.71 12.58
CA SER B 287 25.49 19.43 12.31
C SER B 287 25.23 18.65 13.61
N GLY B 288 26.16 18.65 14.57
CA GLY B 288 25.95 18.02 15.89
C GLY B 288 25.18 18.87 16.87
N LYS B 289 25.51 20.15 17.00
CA LYS B 289 24.93 21.04 18.04
C LYS B 289 23.47 21.38 17.72
N ASN B 290 23.15 21.58 16.44
CA ASN B 290 21.77 21.89 15.99
C ASN B 290 21.51 21.36 14.57
N ALA B 291 21.16 20.08 14.48
CA ALA B 291 20.78 19.39 13.23
C ALA B 291 19.60 20.11 12.52
N ASP B 292 18.82 20.90 13.25
CA ASP B 292 17.59 21.58 12.74
C ASP B 292 17.88 23.05 12.41
N PHE B 293 19.14 23.44 12.23
CA PHE B 293 19.54 24.87 12.14
C PHE B 293 18.77 25.60 11.01
N HIS B 294 18.73 25.04 9.81
CA HIS B 294 18.10 25.73 8.64
C HIS B 294 16.58 25.78 8.82
N ARG B 295 15.94 24.69 9.24
CA ARG B 295 14.47 24.69 9.49
C ARG B 295 14.14 25.66 10.62
N GLN B 296 15.00 25.75 11.64
CA GLN B 296 14.76 26.70 12.78
C GLN B 296 15.01 28.13 12.29
N ASP B 297 16.08 28.37 11.54
CA ASP B 297 16.36 29.73 10.99
C ASP B 297 15.12 30.24 10.24
N LEU B 298 14.50 29.40 9.42
CA LEU B 298 13.38 29.84 8.52
C LEU B 298 12.14 30.10 9.36
N TRP B 299 11.85 29.17 10.25
CA TRP B 299 10.69 29.22 11.18
C TRP B 299 10.74 30.52 11.99
N ASP B 300 11.88 30.84 12.57
CA ASP B 300 12.06 32.01 13.45
C ASP B 300 11.91 33.31 12.63
N ALA B 301 12.47 33.35 11.42
CA ALA B 301 12.47 34.55 10.55
C ALA B 301 11.02 34.90 10.21
N ILE B 302 10.19 33.88 9.93
CA ILE B 302 8.76 34.07 9.61
C ILE B 302 8.03 34.51 10.90
N GLU B 303 8.29 33.87 12.02
CA GLU B 303 7.58 34.23 13.28
C GLU B 303 7.88 35.68 13.66
N SER B 304 9.08 36.22 13.38
CA SER B 304 9.55 37.56 13.86
C SER B 304 9.10 38.66 12.89
N GLY B 305 8.36 38.32 11.83
CA GLY B 305 7.95 39.29 10.80
C GLY B 305 9.06 39.53 9.79
N ASN B 306 10.03 38.63 9.68
CA ASN B 306 11.17 38.79 8.73
C ASN B 306 11.07 37.69 7.68
N GLY B 307 9.87 37.51 7.13
CA GLY B 307 9.63 36.51 6.06
C GLY B 307 10.55 36.79 4.89
N PRO B 308 11.32 35.78 4.44
CA PRO B 308 12.28 35.97 3.36
C PRO B 308 11.65 36.23 1.99
N GLU B 309 12.40 36.91 1.14
CA GLU B 309 11.94 37.42 -0.17
C GLU B 309 12.95 37.07 -1.25
N TRP B 310 12.43 36.81 -2.42
CA TRP B 310 13.19 36.59 -3.67
C TRP B 310 12.50 37.36 -4.77
N ASP B 311 13.30 37.96 -5.63
CA ASP B 311 12.91 38.39 -6.99
C ASP B 311 12.87 37.15 -7.87
N VAL B 312 11.69 36.80 -8.38
CA VAL B 312 11.53 35.70 -9.36
C VAL B 312 11.89 36.30 -10.70
N CYS B 313 12.90 35.74 -11.36
CA CYS B 313 13.53 36.29 -12.59
C CYS B 313 13.63 35.19 -13.63
N VAL B 314 13.73 35.63 -14.88
CA VAL B 314 14.04 34.79 -16.07
C VAL B 314 15.13 35.49 -16.88
N GLN B 315 15.99 34.67 -17.45
CA GLN B 315 16.68 34.97 -18.72
C GLN B 315 15.72 34.54 -19.82
N ILE B 316 15.51 35.38 -20.83
CA ILE B 316 14.67 35.05 -22.01
C ILE B 316 15.55 35.18 -23.24
N VAL B 317 15.64 34.13 -24.04
CA VAL B 317 16.38 34.16 -25.33
C VAL B 317 15.49 33.51 -26.39
N ASP B 318 15.83 33.77 -27.63
CA ASP B 318 15.07 33.29 -28.80
C ASP B 318 15.39 31.81 -29.00
N GLU B 319 14.43 31.10 -29.57
CA GLU B 319 14.54 29.69 -30.01
C GLU B 319 15.81 29.54 -30.84
N SER B 320 16.11 30.50 -31.73
CA SER B 320 17.25 30.46 -32.67
C SER B 320 18.59 30.47 -31.90
N GLN B 321 18.59 30.78 -30.60
CA GLN B 321 19.84 30.87 -29.79
C GLN B 321 20.13 29.57 -29.03
N ALA B 322 19.43 28.47 -29.31
CA ALA B 322 19.58 27.20 -28.56
C ALA B 322 21.06 26.76 -28.57
N GLN B 323 21.80 27.05 -29.64
CA GLN B 323 23.19 26.57 -29.80
C GLN B 323 24.12 27.78 -30.04
N ALA B 324 23.68 29.01 -29.73
CA ALA B 324 24.42 30.26 -30.05
C ALA B 324 25.46 30.64 -28.99
N PHE B 325 25.38 30.16 -27.75
CA PHE B 325 26.22 30.66 -26.63
C PHE B 325 27.48 29.81 -26.43
N GLY B 326 27.79 28.89 -27.35
CA GLY B 326 28.93 27.96 -27.22
C GLY B 326 28.60 26.68 -26.48
N PHE B 327 27.32 26.40 -26.26
CA PHE B 327 26.83 25.14 -25.65
C PHE B 327 25.36 25.01 -26.01
N ASP B 328 24.76 23.89 -25.64
CA ASP B 328 23.36 23.57 -25.99
C ASP B 328 22.46 23.94 -24.81
N LEU B 329 21.40 24.72 -25.06
CA LEU B 329 20.43 25.13 -24.02
C LEU B 329 19.61 23.92 -23.55
N LEU B 330 19.67 22.78 -24.24
CA LEU B 330 19.03 21.53 -23.73
C LEU B 330 19.92 20.84 -22.69
N ASP B 331 21.13 21.34 -22.46
CA ASP B 331 22.13 20.66 -21.59
C ASP B 331 22.04 21.26 -20.19
N PRO B 332 21.58 20.51 -19.16
CA PRO B 332 21.39 21.07 -17.82
C PRO B 332 22.68 21.14 -16.96
N THR B 333 23.84 20.92 -17.56
CA THR B 333 25.17 21.12 -16.90
C THR B 333 25.73 22.50 -17.21
N LYS B 334 25.00 23.31 -17.97
CA LYS B 334 25.46 24.63 -18.45
C LYS B 334 24.57 25.74 -17.92
N ILE B 335 25.17 26.88 -17.59
CA ILE B 335 24.45 28.14 -17.30
C ILE B 335 24.58 29.03 -18.54
N ILE B 336 23.64 29.95 -18.71
CA ILE B 336 23.78 31.10 -19.64
C ILE B 336 24.43 32.20 -18.81
N PRO B 337 25.69 32.57 -19.10
CA PRO B 337 26.33 33.66 -18.36
C PRO B 337 25.43 34.89 -18.42
N GLU B 338 25.22 35.57 -17.29
CA GLU B 338 24.38 36.78 -17.21
C GLU B 338 24.87 37.85 -18.21
N GLU B 339 26.15 37.86 -18.59
CA GLU B 339 26.67 38.85 -19.57
C GLU B 339 26.05 38.60 -20.95
N TYR B 340 25.64 37.37 -21.28
CA TYR B 340 25.03 37.03 -22.57
C TYR B 340 23.49 37.26 -22.56
N ALA B 341 22.86 37.19 -21.40
CA ALA B 341 21.39 37.26 -21.26
C ALA B 341 21.06 37.76 -19.87
N PRO B 342 20.57 39.01 -19.69
CA PRO B 342 20.35 39.57 -18.36
C PRO B 342 19.05 39.00 -17.77
N LEU B 343 18.93 39.13 -16.48
CA LEU B 343 17.74 38.74 -15.70
C LEU B 343 16.66 39.80 -15.92
N THR B 344 15.44 39.37 -16.19
CA THR B 344 14.22 40.20 -16.05
C THR B 344 13.53 39.82 -14.73
N LYS B 345 13.19 40.82 -13.91
CA LYS B 345 12.41 40.62 -12.68
C LYS B 345 10.92 40.52 -13.03
N LEU B 346 10.26 39.39 -12.74
CA LEU B 346 8.82 39.18 -13.03
C LEU B 346 7.97 39.56 -11.82
N GLY B 347 8.40 39.16 -10.63
CA GLY B 347 7.59 39.34 -9.41
C GLY B 347 8.34 39.04 -8.11
N LEU B 348 7.66 39.24 -6.99
CA LEU B 348 8.19 39.03 -5.63
C LEU B 348 7.58 37.76 -5.03
N LEU B 349 8.44 36.83 -4.61
CA LEU B 349 8.11 35.66 -3.74
C LEU B 349 8.41 36.06 -2.30
N LYS B 350 7.44 35.95 -1.41
CA LYS B 350 7.63 36.20 0.04
C LYS B 350 7.03 35.03 0.84
N LEU B 351 7.80 34.47 1.76
CA LEU B 351 7.32 33.42 2.66
C LEU B 351 7.01 34.06 4.01
N ASP B 352 5.80 33.93 4.52
CA ASP B 352 5.38 34.76 5.70
C ASP B 352 4.48 33.99 6.64
N ARG B 353 4.29 32.67 6.44
CA ARG B 353 3.45 31.85 7.34
C ARG B 353 4.02 30.42 7.46
N ASN B 354 4.19 29.98 8.69
CA ASN B 354 4.65 28.62 9.02
C ASN B 354 3.47 27.66 8.92
N PRO B 355 3.73 26.37 8.61
CA PRO B 355 2.68 25.35 8.67
C PRO B 355 1.99 25.25 10.04
N THR B 356 0.80 24.69 10.08
CA THR B 356 0.06 24.32 11.32
C THR B 356 0.48 22.92 11.77
N ASN B 357 0.57 21.98 10.81
CA ASN B 357 0.99 20.59 11.07
C ASN B 357 2.05 20.27 10.04
N TYR B 358 3.27 20.03 10.49
CA TYR B 358 4.43 19.79 9.60
C TYR B 358 4.12 18.58 8.71
N PHE B 359 3.68 17.49 9.32
CA PHE B 359 3.41 16.24 8.56
C PHE B 359 2.36 16.53 7.46
N ALA B 360 1.23 17.12 7.82
CA ALA B 360 0.08 17.28 6.90
C ALA B 360 0.48 18.19 5.75
N GLU B 361 1.28 19.22 6.01
CA GLU B 361 1.64 20.25 5.00
C GLU B 361 3.02 19.96 4.38
N THR B 362 4.09 20.01 5.18
CA THR B 362 5.47 19.90 4.66
C THR B 362 5.75 18.47 4.22
N GLU B 363 5.47 17.49 5.05
CA GLU B 363 5.87 16.12 4.69
C GLU B 363 5.06 15.66 3.48
N GLN B 364 3.76 15.96 3.45
CA GLN B 364 2.80 15.47 2.42
C GLN B 364 2.82 16.32 1.13
N VAL B 365 3.47 17.47 1.10
CA VAL B 365 3.42 18.24 -0.16
C VAL B 365 4.14 17.44 -1.24
N MET B 366 3.50 17.26 -2.40
CA MET B 366 4.00 16.39 -3.47
C MET B 366 4.14 17.19 -4.76
N PHE B 367 5.37 17.71 -5.01
CA PHE B 367 5.73 18.58 -6.14
C PHE B 367 5.86 17.74 -7.41
N GLN B 368 5.61 18.38 -8.55
CA GLN B 368 5.75 17.76 -9.90
C GLN B 368 6.05 18.85 -10.91
N PRO B 369 7.09 18.66 -11.73
CA PRO B 369 7.31 19.53 -12.89
C PRO B 369 6.18 19.34 -13.92
N GLY B 370 5.46 18.22 -13.84
CA GLY B 370 4.20 17.98 -14.57
C GLY B 370 3.08 18.92 -14.20
N HIS B 371 3.15 19.57 -13.03
CA HIS B 371 2.22 20.65 -12.62
C HIS B 371 2.59 21.90 -13.41
N ILE B 372 2.10 21.95 -14.63
CA ILE B 372 2.42 23.03 -15.59
C ILE B 372 1.12 23.75 -15.93
N VAL B 373 1.21 25.04 -16.31
CA VAL B 373 0.01 25.85 -16.66
C VAL B 373 0.18 26.41 -18.07
N ARG B 374 -0.94 26.75 -18.69
CA ARG B 374 -0.94 27.41 -20.02
C ARG B 374 0.04 28.58 -20.01
N GLY B 375 0.89 28.65 -21.04
CA GLY B 375 1.90 29.73 -21.17
C GLY B 375 3.28 29.30 -20.77
N ILE B 376 3.44 28.08 -20.29
CA ILE B 376 4.78 27.48 -19.97
C ILE B 376 4.84 26.19 -20.77
N ASP B 377 6.00 25.81 -21.30
CA ASP B 377 6.13 24.47 -21.92
C ASP B 377 7.52 23.91 -21.61
N PHE B 378 7.66 22.60 -21.80
CA PHE B 378 8.91 21.85 -21.57
C PHE B 378 9.88 22.12 -22.71
N THR B 379 11.13 21.70 -22.50
CA THR B 379 12.14 21.54 -23.57
C THR B 379 12.56 20.08 -23.66
N GLU B 380 13.36 19.77 -24.69
CA GLU B 380 13.88 18.42 -24.97
C GLU B 380 15.19 18.18 -24.19
N ASP B 381 15.31 18.80 -23.03
CA ASP B 381 16.39 18.51 -22.04
C ASP B 381 16.14 17.10 -21.54
N PRO B 382 17.00 16.11 -21.84
CA PRO B 382 16.69 14.72 -21.50
C PRO B 382 16.62 14.47 -19.99
N LEU B 383 17.14 15.39 -19.19
CA LEU B 383 17.00 15.35 -17.70
C LEU B 383 15.57 15.74 -17.32
N LEU B 384 15.10 16.86 -17.82
CA LEU B 384 13.73 17.34 -17.55
C LEU B 384 12.73 16.29 -18.04
N GLN B 385 12.94 15.77 -19.26
CA GLN B 385 12.00 14.90 -19.97
C GLN B 385 11.67 13.72 -19.05
N GLY B 386 12.68 13.12 -18.42
CA GLY B 386 12.50 11.93 -17.56
C GLY B 386 11.96 12.29 -16.18
N ARG B 387 12.29 13.48 -15.67
CA ARG B 387 11.68 14.01 -14.42
C ARG B 387 10.15 13.94 -14.52
N LEU B 388 9.57 14.25 -15.68
CA LEU B 388 8.10 14.35 -15.80
C LEU B 388 7.45 13.02 -15.37
N PHE B 389 8.07 11.91 -15.76
CA PHE B 389 7.61 10.56 -15.37
C PHE B 389 7.77 10.33 -13.85
N SER B 390 8.94 10.64 -13.31
CA SER B 390 9.35 10.23 -11.93
C SER B 390 8.40 10.77 -10.86
N TYR B 391 8.08 12.06 -10.91
CA TYR B 391 7.37 12.74 -9.79
C TYR B 391 5.91 12.31 -9.77
N LEU B 392 5.28 11.96 -10.89
CA LEU B 392 3.89 11.40 -10.86
C LEU B 392 3.90 10.00 -10.22
N ASP B 393 4.87 9.21 -10.61
CA ASP B 393 4.98 7.80 -10.16
C ASP B 393 5.31 7.76 -8.66
N THR B 394 6.27 8.56 -8.18
CA THR B 394 6.85 8.36 -6.83
C THR B 394 5.80 8.72 -5.79
N GLN B 395 4.83 9.59 -6.11
CA GLN B 395 3.75 9.96 -5.13
C GLN B 395 2.90 8.71 -4.81
N LEU B 396 2.81 7.73 -5.70
CA LEU B 396 2.14 6.44 -5.38
C LEU B 396 2.86 5.76 -4.24
N ASN B 397 4.19 5.82 -4.23
CA ASN B 397 5.00 5.23 -3.13
C ASN B 397 4.68 5.98 -1.82
N ARG B 398 4.79 7.30 -1.81
CA ARG B 398 4.69 8.09 -0.57
C ARG B 398 3.26 8.01 -0.01
N ASN B 399 2.27 8.21 -0.88
CA ASN B 399 0.87 8.36 -0.44
C ASN B 399 0.25 6.97 -0.25
N GLY B 400 0.78 5.96 -0.94
CA GLY B 400 0.23 4.59 -0.88
C GLY B 400 -1.06 4.43 -1.68
N GLY B 401 -1.41 5.39 -2.52
CA GLY B 401 -2.65 5.35 -3.31
C GLY B 401 -2.70 6.50 -4.29
N PRO B 402 -3.62 6.48 -5.27
CA PRO B 402 -3.59 7.42 -6.39
C PRO B 402 -4.22 8.80 -6.20
N ASN B 403 -4.79 9.02 -5.03
CA ASN B 403 -5.58 10.24 -4.75
C ASN B 403 -4.78 11.27 -3.97
N PHE B 404 -3.46 11.29 -4.15
CA PHE B 404 -2.56 12.24 -3.45
C PHE B 404 -2.87 13.70 -3.79
N GLU B 405 -3.47 14.00 -4.94
CA GLU B 405 -3.76 15.41 -5.30
C GLU B 405 -4.94 15.91 -4.45
N GLN B 406 -5.59 15.03 -3.68
CA GLN B 406 -6.76 15.41 -2.82
C GLN B 406 -6.31 15.86 -1.43
N LEU B 407 -5.05 15.63 -1.04
CA LEU B 407 -4.55 16.11 0.27
C LEU B 407 -4.63 17.62 0.22
N PRO B 408 -5.10 18.26 1.30
CA PRO B 408 -5.33 19.71 1.25
C PRO B 408 -4.14 20.49 0.69
N ILE B 409 -2.90 20.16 1.10
CA ILE B 409 -1.69 20.91 0.63
C ILE B 409 -1.54 20.76 -0.90
N ASN B 410 -2.03 19.67 -1.48
CA ASN B 410 -1.87 19.37 -2.92
C ASN B 410 -3.07 19.90 -3.73
N MET B 411 -4.20 20.25 -3.11
CA MET B 411 -5.44 20.64 -3.83
C MET B 411 -5.20 21.95 -4.57
N PRO B 412 -5.88 22.16 -5.70
CA PRO B 412 -5.85 23.46 -6.37
C PRO B 412 -6.81 24.44 -5.71
N ARG B 413 -6.87 25.68 -6.21
CA ARG B 413 -7.77 26.73 -5.67
CA ARG B 413 -7.89 26.59 -5.63
C ARG B 413 -8.82 27.09 -6.73
N VAL B 414 -9.09 26.17 -7.66
CA VAL B 414 -10.10 26.30 -8.74
C VAL B 414 -10.79 24.95 -8.87
N PRO B 415 -11.99 24.94 -9.49
CA PRO B 415 -12.72 23.69 -9.69
C PRO B 415 -11.91 22.67 -10.46
N ILE B 416 -12.15 21.41 -10.10
CA ILE B 416 -11.62 20.22 -10.82
C ILE B 416 -12.78 19.62 -11.59
N HIS B 417 -12.61 19.43 -12.90
CA HIS B 417 -13.62 18.81 -13.78
C HIS B 417 -12.92 17.72 -14.58
N ASN B 418 -13.00 16.48 -14.12
CA ASN B 418 -12.41 15.40 -14.95
C ASN B 418 -13.06 14.07 -14.61
N ASN B 419 -12.70 13.05 -15.38
CA ASN B 419 -13.33 11.72 -15.33
C ASN B 419 -12.44 10.73 -14.58
N ASN B 420 -11.46 11.25 -13.82
CA ASN B 420 -10.69 10.40 -12.86
C ASN B 420 -11.65 9.94 -11.76
N ARG B 421 -11.62 8.65 -11.42
CA ARG B 421 -12.60 8.03 -10.50
C ARG B 421 -11.90 7.02 -9.58
N ASP B 422 -12.52 6.80 -8.44
CA ASP B 422 -12.31 5.64 -7.55
C ASP B 422 -10.87 5.75 -7.05
N GLY B 423 -10.18 4.63 -6.86
CA GLY B 423 -8.85 4.62 -6.21
C GLY B 423 -8.96 4.63 -4.70
N ALA B 424 -7.97 4.04 -4.00
CA ALA B 424 -7.87 4.07 -2.53
C ALA B 424 -7.93 5.54 -2.11
N GLY B 425 -8.66 5.81 -1.04
CA GLY B 425 -8.68 7.14 -0.40
C GLY B 425 -9.42 8.17 -1.23
N GLN B 426 -10.47 7.74 -1.95
CA GLN B 426 -11.27 8.68 -2.79
C GLN B 426 -12.11 9.53 -1.83
N MET B 427 -11.84 10.82 -1.81
CA MET B 427 -12.46 11.81 -0.87
C MET B 427 -13.59 12.60 -1.55
N PHE B 428 -13.78 12.47 -2.86
CA PHE B 428 -14.86 13.18 -3.60
C PHE B 428 -16.06 12.24 -3.77
N ILE B 429 -17.24 12.84 -3.90
CA ILE B 429 -18.49 12.14 -4.36
C ILE B 429 -18.90 12.77 -5.69
N HIS B 430 -18.56 12.10 -6.78
CA HIS B 430 -18.73 12.63 -8.15
C HIS B 430 -20.21 12.50 -8.53
N ARG B 431 -20.83 13.60 -8.95
CA ARG B 431 -22.25 13.65 -9.40
C ARG B 431 -22.39 13.14 -10.83
N ASN B 432 -21.38 13.32 -11.68
CA ASN B 432 -21.50 12.93 -13.10
C ASN B 432 -21.40 11.41 -13.20
N LYS B 433 -22.51 10.75 -13.53
CA LYS B 433 -22.56 9.27 -13.63
C LYS B 433 -22.16 8.77 -15.02
N TYR B 434 -21.71 9.66 -15.91
CA TYR B 434 -21.24 9.33 -17.28
C TYR B 434 -19.83 9.85 -17.51
N PRO B 435 -18.85 9.39 -16.70
CA PRO B 435 -17.48 9.88 -16.79
C PRO B 435 -16.68 9.24 -17.92
N TYR B 436 -17.12 9.52 -19.14
CA TYR B 436 -16.43 9.16 -20.41
C TYR B 436 -16.67 10.28 -21.43
N THR B 437 -15.68 10.43 -22.31
CA THR B 437 -15.69 11.31 -23.49
C THR B 437 -15.45 10.40 -24.68
N PRO B 438 -16.26 10.49 -25.77
CA PRO B 438 -17.40 11.40 -25.88
C PRO B 438 -18.68 10.83 -25.29
N ASN B 439 -19.49 11.69 -24.68
CA ASN B 439 -20.83 11.32 -24.16
C ASN B 439 -21.91 12.29 -24.66
N THR B 440 -23.16 11.82 -24.71
CA THR B 440 -24.37 12.67 -24.77
C THR B 440 -25.06 12.66 -23.41
N LEU B 441 -24.87 11.60 -22.59
CA LEU B 441 -25.67 11.42 -21.36
C LEU B 441 -25.29 12.42 -20.27
N ASN B 442 -24.13 13.08 -20.37
CA ASN B 442 -23.78 14.26 -19.54
C ASN B 442 -23.59 15.48 -20.44
N SER B 443 -24.31 15.58 -21.56
CA SER B 443 -24.30 16.74 -22.52
C SER B 443 -22.86 17.12 -22.94
N GLY B 444 -21.92 16.16 -22.98
CA GLY B 444 -20.55 16.37 -23.49
C GLY B 444 -19.61 17.06 -22.51
N TYR B 445 -20.00 17.15 -21.25
CA TYR B 445 -19.17 17.69 -20.16
C TYR B 445 -18.43 16.57 -19.45
N PRO B 446 -17.19 16.80 -18.94
CA PRO B 446 -16.46 18.05 -19.16
C PRO B 446 -16.02 18.26 -20.61
N ARG B 447 -15.84 19.53 -21.01
CA ARG B 447 -15.47 19.89 -22.40
C ARG B 447 -13.95 19.90 -22.55
N GLN B 448 -13.45 19.39 -23.65
CA GLN B 448 -11.99 19.41 -23.92
C GLN B 448 -11.47 20.85 -23.86
N ALA B 449 -10.30 21.06 -23.28
CA ALA B 449 -9.61 22.38 -23.29
C ALA B 449 -8.34 22.29 -24.15
N ASN B 450 -8.02 23.34 -24.90
CA ASN B 450 -6.87 23.29 -25.83
C ASN B 450 -6.51 24.74 -26.18
N GLN B 451 -5.66 24.98 -27.17
CA GLN B 451 -5.27 26.36 -27.49
C GLN B 451 -6.51 27.25 -27.74
N ASN B 452 -7.61 26.68 -28.23
CA ASN B 452 -8.79 27.46 -28.67
C ASN B 452 -10.02 27.17 -27.81
N ALA B 453 -9.87 26.54 -26.65
CA ALA B 453 -11.04 26.17 -25.81
C ALA B 453 -10.65 26.09 -24.35
N GLY B 454 -11.39 26.78 -23.49
CA GLY B 454 -11.32 26.64 -22.03
C GLY B 454 -9.95 26.94 -21.44
N ARG B 455 -9.14 27.79 -22.08
CA ARG B 455 -7.76 28.17 -21.63
CA ARG B 455 -7.79 28.17 -21.56
C ARG B 455 -6.94 26.89 -21.41
N GLY B 456 -7.07 25.93 -22.32
CA GLY B 456 -6.33 24.66 -22.28
C GLY B 456 -4.82 24.87 -22.29
N PHE B 457 -4.10 23.98 -21.60
CA PHE B 457 -2.66 23.81 -21.88
C PHE B 457 -2.54 23.40 -23.35
N PHE B 458 -1.49 23.85 -24.00
CA PHE B 458 -1.07 23.37 -25.33
C PHE B 458 0.45 23.40 -25.40
N THR B 459 1.00 22.34 -25.96
CA THR B 459 2.41 22.19 -26.37
C THR B 459 2.72 23.33 -27.35
N ALA B 460 3.88 23.96 -27.18
CA ALA B 460 4.33 25.07 -28.06
C ALA B 460 4.21 24.59 -29.51
N PRO B 461 3.35 25.21 -30.34
CA PRO B 461 3.04 24.64 -31.64
C PRO B 461 4.21 24.69 -32.64
N GLY B 462 5.24 25.48 -32.39
CA GLY B 462 6.47 25.52 -33.21
C GLY B 462 7.36 24.29 -33.02
N ARG B 463 7.12 23.49 -31.97
CA ARG B 463 8.03 22.37 -31.60
C ARG B 463 7.89 21.24 -32.62
N THR B 464 9.02 20.65 -32.98
CA THR B 464 9.11 19.56 -33.97
C THR B 464 10.12 18.55 -33.45
N ALA B 465 10.16 17.42 -34.11
CA ALA B 465 11.16 16.37 -33.90
C ALA B 465 11.45 15.77 -35.26
N SER B 466 12.70 15.39 -35.46
CA SER B 466 13.19 14.88 -36.75
C SER B 466 14.40 14.01 -36.45
N GLY B 467 14.43 12.79 -36.98
CA GLY B 467 15.63 11.95 -37.01
C GLY B 467 15.28 10.54 -36.57
N ALA B 468 16.31 9.73 -36.35
CA ALA B 468 16.19 8.31 -35.95
C ALA B 468 15.71 8.27 -34.49
N LEU B 469 15.07 7.17 -34.12
CA LEU B 469 14.70 6.90 -32.70
C LEU B 469 15.95 6.33 -32.05
N VAL B 470 16.62 7.14 -31.25
CA VAL B 470 18.03 6.85 -30.86
C VAL B 470 18.16 6.84 -29.35
N ARG B 471 19.00 5.95 -28.85
CA ARG B 471 19.57 6.06 -27.48
C ARG B 471 21.03 6.55 -27.60
N GLU B 472 21.22 7.80 -28.01
CA GLU B 472 22.57 8.40 -28.25
C GLU B 472 22.53 9.82 -27.67
N VAL B 473 23.66 10.22 -27.09
CA VAL B 473 23.89 11.58 -26.52
C VAL B 473 24.26 12.54 -27.67
N SER B 474 23.67 13.74 -27.69
CA SER B 474 24.07 14.83 -28.63
C SER B 474 25.54 15.17 -28.41
N PRO B 475 26.39 15.21 -29.47
CA PRO B 475 27.77 15.66 -29.33
C PRO B 475 27.86 17.10 -28.80
N THR B 476 26.79 17.89 -28.93
CA THR B 476 26.71 19.24 -28.36
C THR B 476 26.80 19.23 -26.84
N PHE B 477 26.64 18.07 -26.20
CA PHE B 477 26.66 17.96 -24.71
C PHE B 477 28.06 17.63 -24.18
N ASN B 478 29.08 17.50 -25.05
CA ASN B 478 30.33 16.77 -24.75
C ASN B 478 31.34 17.62 -23.98
N ASP B 479 31.21 18.95 -23.89
CA ASP B 479 32.18 19.79 -23.15
C ASP B 479 31.79 19.80 -21.67
N HIS B 480 32.42 18.93 -20.86
CA HIS B 480 32.12 18.73 -19.43
C HIS B 480 32.99 19.62 -18.53
N TRP B 481 33.96 20.38 -19.07
CA TRP B 481 35.06 20.99 -18.26
C TRP B 481 35.17 22.53 -18.39
N SER B 482 34.71 23.15 -19.48
CA SER B 482 34.84 24.63 -19.70
C SER B 482 34.07 25.39 -18.63
N GLN B 483 32.85 24.97 -18.33
CA GLN B 483 31.98 25.78 -17.43
C GLN B 483 32.42 25.59 -15.98
N PRO B 484 32.79 24.37 -15.55
CA PRO B 484 33.43 24.24 -14.25
C PRO B 484 34.60 25.23 -14.18
N ARG B 485 35.38 25.37 -15.26
CA ARG B 485 36.55 26.29 -15.22
C ARG B 485 36.03 27.72 -15.12
N LEU B 486 34.98 28.07 -15.89
CA LEU B 486 34.37 29.41 -15.84
C LEU B 486 33.97 29.74 -14.40
N PHE B 487 33.28 28.80 -13.75
CA PHE B 487 32.79 28.95 -12.37
C PHE B 487 33.99 29.19 -11.43
N PHE B 488 35.00 28.33 -11.47
CA PHE B 488 36.21 28.43 -10.62
C PHE B 488 36.89 29.80 -10.79
N ASN B 489 37.07 30.26 -12.03
CA ASN B 489 37.66 31.57 -12.38
C ASN B 489 36.89 32.70 -11.74
N SER B 490 35.59 32.49 -11.48
CA SER B 490 34.66 33.56 -11.08
C SER B 490 34.63 33.70 -9.58
N LEU B 491 35.33 32.84 -8.84
CA LEU B 491 35.39 32.95 -7.37
C LEU B 491 36.60 33.80 -6.99
N THR B 492 36.61 34.38 -5.81
CA THR B 492 37.78 35.15 -5.28
C THR B 492 38.89 34.19 -4.88
N PRO B 493 40.15 34.65 -4.68
CA PRO B 493 41.23 33.75 -4.28
C PRO B 493 40.95 32.90 -3.02
N VAL B 494 40.40 33.47 -1.96
CA VAL B 494 40.16 32.69 -0.70
C VAL B 494 39.01 31.70 -0.96
N GLU B 495 38.02 32.12 -1.75
CA GLU B 495 36.90 31.26 -2.20
C GLU B 495 37.44 30.06 -2.99
N GLN B 496 38.40 30.26 -3.89
CA GLN B 496 39.10 29.16 -4.59
C GLN B 496 39.80 28.25 -3.56
N GLN B 497 40.43 28.83 -2.52
CA GLN B 497 41.09 28.06 -1.42
C GLN B 497 40.04 27.17 -0.74
N PHE B 498 38.88 27.74 -0.36
CA PHE B 498 37.81 26.96 0.33
C PHE B 498 37.39 25.77 -0.52
N LEU B 499 37.28 25.97 -1.83
CA LEU B 499 36.80 24.90 -2.75
C LEU B 499 37.88 23.82 -2.83
N VAL B 500 39.12 24.25 -3.00
CA VAL B 500 40.26 23.30 -3.00
C VAL B 500 40.26 22.53 -1.66
N ASN B 501 40.03 23.22 -0.54
CA ASN B 501 40.10 22.58 0.81
C ASN B 501 38.94 21.57 0.98
N ALA B 502 37.78 21.91 0.42
CA ALA B 502 36.60 21.02 0.46
C ALA B 502 36.93 19.74 -0.31
N MET B 503 37.57 19.85 -1.47
CA MET B 503 38.01 18.69 -2.27
C MET B 503 39.12 17.91 -1.55
N ARG B 504 40.07 18.61 -0.93
CA ARG B 504 41.15 17.96 -0.15
C ARG B 504 40.53 17.11 0.98
N PHE B 505 39.62 17.72 1.75
CA PHE B 505 38.86 17.06 2.84
C PHE B 505 38.22 15.77 2.30
N ALA B 506 37.37 15.93 1.28
CA ALA B 506 36.50 14.83 0.79
C ALA B 506 37.32 13.71 0.14
N ILE B 507 38.23 14.07 -0.76
CA ILE B 507 38.99 13.08 -1.55
C ILE B 507 39.99 12.35 -0.63
N SER B 508 40.51 13.01 0.41
CA SER B 508 41.40 12.36 1.41
C SER B 508 40.71 11.17 2.09
N LEU B 509 39.37 11.10 2.09
CA LEU B 509 38.59 10.04 2.77
C LEU B 509 38.26 8.89 1.81
N VAL B 510 38.68 9.00 0.54
CA VAL B 510 38.53 7.95 -0.51
C VAL B 510 39.62 6.92 -0.27
N LYS B 511 39.25 5.67 -0.03
CA LYS B 511 40.23 4.59 0.24
C LYS B 511 40.88 4.10 -1.06
N SER B 512 40.16 4.05 -2.18
CA SER B 512 40.68 3.50 -3.46
C SER B 512 41.73 4.46 -4.06
N GLU B 513 42.98 4.02 -4.18
CA GLU B 513 44.06 4.78 -4.86
C GLU B 513 43.66 4.98 -6.33
N GLU B 514 43.03 3.98 -6.96
CA GLU B 514 42.53 4.05 -8.37
C GLU B 514 41.51 5.19 -8.50
N VAL B 515 40.52 5.25 -7.61
CA VAL B 515 39.46 6.29 -7.68
C VAL B 515 40.15 7.65 -7.53
N LYS B 516 41.03 7.82 -6.53
CA LYS B 516 41.75 9.11 -6.32
C LYS B 516 42.51 9.55 -7.59
N LYS B 517 43.23 8.65 -8.23
CA LYS B 517 43.95 8.91 -9.52
C LYS B 517 42.97 9.42 -10.57
N ASN B 518 41.85 8.69 -10.74
CA ASN B 518 40.80 9.00 -11.75
C ASN B 518 40.22 10.39 -11.47
N VAL B 519 40.01 10.71 -10.20
CA VAL B 519 39.51 12.04 -9.79
C VAL B 519 40.50 13.10 -10.27
N LEU B 520 41.81 12.92 -10.03
CA LEU B 520 42.79 13.98 -10.36
C LEU B 520 42.81 14.16 -11.88
N THR B 521 42.63 13.07 -12.64
CA THR B 521 42.53 13.14 -14.12
C THR B 521 41.41 14.10 -14.51
N GLN B 522 40.21 13.98 -13.91
CA GLN B 522 39.04 14.83 -14.29
C GLN B 522 39.26 16.24 -13.78
N LEU B 523 39.71 16.42 -12.54
CA LEU B 523 39.96 17.80 -11.99
C LEU B 523 40.98 18.51 -12.88
N ASN B 524 41.97 17.78 -13.38
CA ASN B 524 43.08 18.35 -14.20
C ASN B 524 42.54 18.91 -15.51
N ARG B 525 41.43 18.39 -16.02
CA ARG B 525 40.81 18.88 -17.27
C ARG B 525 40.18 20.24 -17.01
N VAL B 526 39.73 20.52 -15.79
CA VAL B 526 39.13 21.83 -15.43
C VAL B 526 40.24 22.82 -15.13
N SER B 527 41.18 22.41 -14.28
CA SER B 527 42.25 23.32 -13.79
C SER B 527 43.46 22.50 -13.33
N HIS B 528 44.61 22.66 -14.00
CA HIS B 528 45.88 22.04 -13.53
C HIS B 528 46.14 22.45 -12.09
N ASP B 529 45.98 23.74 -11.77
CA ASP B 529 46.27 24.29 -10.43
C ASP B 529 45.41 23.54 -9.39
N VAL B 530 44.13 23.36 -9.67
CA VAL B 530 43.24 22.67 -8.70
C VAL B 530 43.78 21.25 -8.55
N ALA B 531 44.15 20.57 -9.64
CA ALA B 531 44.54 19.15 -9.54
C ALA B 531 45.83 19.06 -8.72
N VAL B 532 46.75 20.01 -8.93
CA VAL B 532 48.03 20.05 -8.16
C VAL B 532 47.75 20.22 -6.67
N ARG B 533 46.98 21.24 -6.28
CA ARG B 533 46.73 21.60 -4.85
C ARG B 533 45.96 20.47 -4.14
N VAL B 534 45.03 19.83 -4.84
CA VAL B 534 44.28 18.68 -4.26
C VAL B 534 45.24 17.48 -4.15
N ALA B 535 46.02 17.17 -5.19
CA ALA B 535 47.00 16.06 -5.18
C ALA B 535 47.97 16.22 -4.00
N ALA B 536 48.32 17.45 -3.62
CA ALA B 536 49.28 17.73 -2.51
C ALA B 536 48.75 17.16 -1.19
N ALA B 537 47.43 17.23 -0.95
CA ALA B 537 46.84 16.83 0.36
C ALA B 537 46.77 15.30 0.44
N ILE B 538 46.77 14.61 -0.69
CA ILE B 538 46.55 13.13 -0.74
C ILE B 538 47.82 12.41 -1.18
N GLY B 539 48.96 13.10 -1.29
CA GLY B 539 50.27 12.47 -1.56
C GLY B 539 50.32 11.77 -2.91
N LEU B 540 49.65 12.30 -3.93
CA LEU B 540 49.76 11.78 -5.31
C LEU B 540 50.30 12.89 -6.22
N GLY B 541 50.83 12.50 -7.36
CA GLY B 541 51.21 13.42 -8.44
C GLY B 541 49.99 13.74 -9.28
N ALA B 542 49.76 15.01 -9.57
CA ALA B 542 48.73 15.46 -10.52
C ALA B 542 49.16 15.08 -11.93
N PRO B 543 48.21 14.80 -12.85
CA PRO B 543 48.55 14.69 -14.26
C PRO B 543 49.14 16.02 -14.75
N ASP B 544 49.93 15.95 -15.82
CA ASP B 544 50.48 17.10 -16.57
C ASP B 544 49.30 17.93 -17.09
N ALA B 545 49.46 19.26 -17.09
CA ALA B 545 48.48 20.21 -17.66
C ALA B 545 47.94 19.64 -18.97
N ASP B 546 46.62 19.71 -19.16
CA ASP B 546 45.93 19.43 -20.44
C ASP B 546 45.03 20.62 -20.72
N ASP B 547 45.45 21.53 -21.58
CA ASP B 547 44.84 22.87 -21.73
C ASP B 547 43.64 22.85 -22.68
N THR B 548 43.16 21.70 -23.11
CA THR B 548 42.04 21.57 -24.07
C THR B 548 40.91 22.51 -23.66
N TYR B 549 40.48 22.49 -22.39
CA TYR B 549 39.29 23.22 -21.91
C TYR B 549 39.68 24.39 -21.02
N TYR B 550 40.98 24.67 -20.82
CA TYR B 550 41.40 25.80 -19.97
C TYR B 550 41.08 27.14 -20.64
N HIS B 551 40.72 28.13 -19.83
CA HIS B 551 40.44 29.50 -20.31
C HIS B 551 40.43 30.41 -19.09
N ASN B 552 40.43 31.72 -19.31
CA ASN B 552 40.50 32.74 -18.24
C ASN B 552 39.15 33.45 -18.09
N ASN B 553 38.09 33.02 -18.77
CA ASN B 553 36.80 33.75 -18.74
C ASN B 553 36.18 33.68 -17.35
N LYS B 554 35.43 34.73 -16.99
CA LYS B 554 34.70 34.84 -15.70
C LYS B 554 33.27 35.28 -15.95
N THR B 555 32.39 35.12 -14.95
CA THR B 555 30.97 35.53 -15.02
C THR B 555 30.54 36.09 -13.67
N ALA B 556 29.77 37.17 -13.68
CA ALA B 556 29.24 37.81 -12.45
C ALA B 556 28.15 36.92 -11.83
N GLY B 557 27.92 37.04 -10.51
CA GLY B 557 26.70 36.52 -9.86
C GLY B 557 26.86 35.13 -9.23
N VAL B 558 28.00 34.46 -9.37
CA VAL B 558 28.14 33.05 -8.87
C VAL B 558 29.00 33.03 -7.60
N SER B 559 29.80 34.07 -7.36
CA SER B 559 30.68 34.17 -6.16
C SER B 559 29.82 34.55 -4.96
N ILE B 560 29.96 33.86 -3.83
CA ILE B 560 29.42 34.30 -2.51
C ILE B 560 30.37 35.36 -1.92
N VAL B 561 31.66 35.02 -1.77
CA VAL B 561 32.68 35.89 -1.13
C VAL B 561 32.63 37.24 -1.83
N GLY B 562 32.53 37.24 -3.16
CA GLY B 562 32.61 38.45 -4.00
C GLY B 562 31.30 39.19 -4.10
N SER B 563 30.22 38.75 -3.44
CA SER B 563 28.86 39.33 -3.64
C SER B 563 28.63 40.50 -2.68
N GLY B 564 29.66 40.94 -1.96
CA GLY B 564 29.62 42.23 -1.24
C GLY B 564 28.89 42.08 0.08
N PRO B 565 28.79 43.15 0.91
CA PRO B 565 28.12 43.02 2.20
C PRO B 565 26.65 42.63 2.03
N LEU B 566 26.07 42.01 3.06
CA LEU B 566 24.64 41.64 3.04
C LEU B 566 23.81 42.91 2.94
N PRO B 567 22.68 42.90 2.18
CA PRO B 567 21.81 44.07 2.09
C PRO B 567 20.97 44.34 3.33
N THR B 568 20.92 43.38 4.27
CA THR B 568 20.20 43.52 5.55
C THR B 568 20.87 42.64 6.61
N ILE B 569 20.86 43.07 7.86
CA ILE B 569 21.43 42.27 8.99
C ILE B 569 20.31 41.83 9.94
N LYS B 570 19.06 42.17 9.65
CA LYS B 570 17.87 41.66 10.38
C LYS B 570 17.96 40.13 10.39
N THR B 571 17.66 39.56 11.56
CA THR B 571 17.65 38.12 11.92
C THR B 571 19.04 37.64 12.32
N LEU B 572 20.11 38.32 11.93
CA LEU B 572 21.46 37.83 12.28
C LEU B 572 21.60 37.78 13.81
N ARG B 573 22.36 36.79 14.26
CA ARG B 573 22.42 36.29 15.65
C ARG B 573 23.67 36.84 16.32
N VAL B 574 23.49 37.49 17.47
CA VAL B 574 24.61 38.05 18.27
C VAL B 574 24.63 37.34 19.62
N GLY B 575 25.72 36.64 19.92
CA GLY B 575 25.98 36.08 21.25
C GLY B 575 26.72 37.09 22.11
N ILE B 576 26.13 37.44 23.26
CA ILE B 576 26.80 38.32 24.26
C ILE B 576 27.25 37.44 25.42
N LEU B 577 28.56 37.25 25.59
CA LEU B 577 29.10 36.38 26.66
C LEU B 577 29.30 37.25 27.89
N ALA B 578 28.47 37.01 28.90
CA ALA B 578 28.43 37.77 30.17
C ALA B 578 28.69 36.81 31.33
N THR B 579 28.29 37.22 32.53
CA THR B 579 28.50 36.50 33.80
C THR B 579 27.50 37.01 34.82
N THR B 580 27.05 36.12 35.72
CA THR B 580 26.19 36.44 36.88
C THR B 580 27.05 36.94 38.05
N SER B 581 28.37 36.74 38.02
CA SER B 581 29.26 37.08 39.17
C SER B 581 29.42 38.61 39.28
N GLU B 582 29.46 39.32 38.16
CA GLU B 582 29.62 40.81 38.12
C GLU B 582 28.32 41.42 37.61
N SER B 583 27.60 42.18 38.44
CA SER B 583 26.33 42.87 38.06
C SER B 583 26.62 43.94 37.01
N SER B 584 27.87 44.39 36.89
CA SER B 584 28.35 45.27 35.80
C SER B 584 28.23 44.52 34.45
N ALA B 585 28.61 43.23 34.40
CA ALA B 585 28.59 42.39 33.19
C ALA B 585 27.15 42.29 32.65
N LEU B 586 26.14 42.12 33.51
CA LEU B 586 24.72 42.01 33.08
C LEU B 586 24.18 43.37 32.60
N ASP B 587 24.63 44.47 33.20
CA ASP B 587 24.25 45.85 32.75
C ASP B 587 24.85 46.12 31.37
N GLN B 588 26.11 45.76 31.15
CA GLN B 588 26.81 45.90 29.84
C GLN B 588 25.99 45.13 28.79
N ALA B 589 25.66 43.86 29.08
CA ALA B 589 24.85 42.96 28.23
C ALA B 589 23.47 43.56 27.92
N ALA B 590 22.76 44.07 28.93
CA ALA B 590 21.41 44.69 28.77
C ALA B 590 21.51 45.95 27.89
N GLN B 591 22.62 46.66 27.92
CA GLN B 591 22.79 47.90 27.11
C GLN B 591 23.14 47.54 25.66
N LEU B 592 24.02 46.56 25.43
CA LEU B 592 24.30 46.00 24.08
C LEU B 592 22.98 45.49 23.50
N ARG B 593 22.18 44.79 24.30
CA ARG B 593 20.93 44.13 23.83
C ARG B 593 19.98 45.17 23.23
N THR B 594 19.63 46.22 23.99
CA THR B 594 18.80 47.36 23.52
C THR B 594 19.30 47.88 22.17
N ARG B 595 20.61 48.17 22.07
CA ARG B 595 21.24 48.85 20.91
C ARG B 595 21.22 47.88 19.72
N LEU B 596 21.42 46.58 19.94
CA LEU B 596 21.45 45.58 18.83
C LEU B 596 20.03 45.16 18.41
N GLU B 597 19.11 45.00 19.37
CA GLU B 597 17.70 44.58 19.08
C GLU B 597 17.01 45.67 18.28
N LYS B 598 17.41 46.94 18.46
CA LYS B 598 16.89 48.09 17.67
C LYS B 598 17.00 47.79 16.17
N ASP B 599 18.12 47.21 15.76
CA ASP B 599 18.44 47.00 14.33
C ASP B 599 17.98 45.61 13.83
N GLY B 600 17.20 44.87 14.63
CA GLY B 600 16.51 43.62 14.23
C GLY B 600 17.41 42.42 14.39
N LEU B 601 18.48 42.55 15.17
CA LEU B 601 19.41 41.44 15.45
C LEU B 601 18.78 40.59 16.54
N VAL B 602 18.99 39.27 16.44
CA VAL B 602 18.49 38.32 17.45
C VAL B 602 19.60 38.17 18.49
N VAL B 603 19.33 38.66 19.69
CA VAL B 603 20.37 38.78 20.74
C VAL B 603 20.19 37.66 21.76
N THR B 604 21.26 36.92 22.02
CA THR B 604 21.32 35.87 23.06
C THR B 604 22.34 36.32 24.10
N VAL B 605 21.91 36.58 25.33
CA VAL B 605 22.84 36.83 26.46
C VAL B 605 23.15 35.47 27.09
N VAL B 606 24.43 35.12 27.12
CA VAL B 606 24.94 33.83 27.66
C VAL B 606 25.57 34.08 29.05
N ALA B 607 25.19 33.30 30.06
CA ALA B 607 25.83 33.40 31.40
C ALA B 607 25.93 31.98 31.98
N GLU B 608 26.47 31.85 33.18
CA GLU B 608 26.67 30.52 33.84
C GLU B 608 25.31 29.85 34.06
N THR B 609 24.31 30.63 34.45
CA THR B 609 22.96 30.18 34.89
C THR B 609 21.92 31.11 34.29
N LEU B 610 20.67 30.66 34.12
CA LEU B 610 19.56 31.54 33.67
C LEU B 610 19.12 32.45 34.82
N ARG B 611 18.62 33.63 34.45
CA ARG B 611 17.96 34.66 35.30
C ARG B 611 17.36 35.69 34.33
N GLU B 612 16.62 36.69 34.81
CA GLU B 612 15.98 37.69 33.90
C GLU B 612 17.08 38.38 33.07
N GLY B 613 16.93 38.43 31.75
CA GLY B 613 17.89 39.09 30.84
C GLY B 613 18.94 38.14 30.27
N VAL B 614 19.07 36.93 30.82
CA VAL B 614 19.98 35.84 30.33
C VAL B 614 19.14 34.81 29.55
N ASP B 615 19.52 34.47 28.31
CA ASP B 615 18.70 33.61 27.41
C ASP B 615 19.20 32.17 27.48
N GLN B 616 20.49 32.00 27.72
CA GLN B 616 21.13 30.67 27.55
C GLN B 616 22.30 30.55 28.52
N THR B 617 22.58 29.33 28.93
CA THR B 617 23.74 28.95 29.76
C THR B 617 24.91 28.69 28.82
N TYR B 618 26.11 28.86 29.33
CA TYR B 618 27.34 28.44 28.63
C TYR B 618 27.24 26.98 28.20
N SER B 619 26.56 26.16 29.01
CA SER B 619 26.48 24.70 28.79
C SER B 619 25.84 24.43 27.42
N THR B 620 24.80 25.18 27.05
CA THR B 620 24.03 24.95 25.79
C THR B 620 24.54 25.86 24.68
N ALA B 621 25.45 26.79 24.97
CA ALA B 621 25.92 27.82 24.02
C ALA B 621 27.06 27.27 23.16
N ASP B 622 27.14 27.71 21.92
CA ASP B 622 28.22 27.36 20.97
C ASP B 622 28.34 28.50 19.96
N ALA B 623 29.54 28.70 19.40
CA ALA B 623 29.77 29.75 18.38
C ALA B 623 28.96 29.46 17.11
N THR B 624 28.58 28.20 16.86
CA THR B 624 27.74 27.86 15.68
C THR B 624 26.36 28.50 15.83
N GLY B 625 25.98 28.91 17.02
CA GLY B 625 24.68 29.57 17.27
C GLY B 625 24.70 31.06 16.96
N PHE B 626 25.81 31.63 16.51
CA PHE B 626 25.94 33.11 16.41
C PHE B 626 26.61 33.50 15.10
N ASP B 627 26.26 34.68 14.61
CA ASP B 627 26.91 35.32 13.44
C ASP B 627 27.98 36.29 13.92
N GLY B 628 27.90 36.72 15.17
CA GLY B 628 28.93 37.56 15.81
C GLY B 628 28.92 37.33 17.30
N VAL B 629 30.08 37.46 17.95
CA VAL B 629 30.23 37.19 19.41
C VAL B 629 30.85 38.42 20.08
N VAL B 630 30.22 38.87 21.15
CA VAL B 630 30.63 40.04 21.97
C VAL B 630 30.88 39.55 23.39
N VAL B 631 32.10 39.72 23.91
CA VAL B 631 32.45 39.53 25.34
C VAL B 631 32.27 40.89 26.03
N VAL B 632 31.50 40.95 27.11
CA VAL B 632 31.47 42.15 27.99
C VAL B 632 32.70 42.05 28.91
N ASP B 633 33.52 43.10 28.97
CA ASP B 633 34.86 43.03 29.66
C ASP B 633 34.65 42.62 31.12
N GLY B 634 33.51 42.98 31.73
CA GLY B 634 33.03 42.54 33.05
C GLY B 634 33.09 41.03 33.28
N ALA B 635 33.16 40.21 32.22
CA ALA B 635 33.22 38.73 32.30
C ALA B 635 34.62 38.22 32.03
N ALA B 636 35.64 39.10 32.00
CA ALA B 636 37.03 38.76 31.62
C ALA B 636 37.52 37.50 32.36
N ALA B 637 37.09 37.28 33.61
CA ALA B 637 37.63 36.21 34.48
C ALA B 637 37.24 34.81 33.95
N LEU B 638 36.13 34.67 33.24
CA LEU B 638 35.64 33.38 32.66
C LEU B 638 36.59 32.88 31.56
N PHE B 639 37.41 33.77 30.99
CA PHE B 639 38.29 33.50 29.83
C PHE B 639 39.69 33.08 30.31
N ALA B 640 39.95 33.14 31.62
CA ALA B 640 41.24 32.71 32.24
C ALA B 640 41.49 31.23 31.94
N SER B 641 42.75 30.87 31.64
CA SER B 641 43.21 29.48 31.36
C SER B 641 42.85 28.54 32.52
N THR B 642 42.72 29.06 33.74
CA THR B 642 42.49 28.26 34.98
C THR B 642 41.01 28.33 35.40
N ALA B 643 40.15 29.02 34.62
CA ALA B 643 38.68 29.09 34.85
C ALA B 643 38.07 27.69 34.83
N SER B 644 37.25 27.37 35.83
CA SER B 644 36.59 26.06 35.98
C SER B 644 35.21 26.28 36.60
N SER B 645 34.22 25.50 36.20
CA SER B 645 32.87 25.54 36.80
C SER B 645 32.18 24.21 36.57
N PRO B 646 31.41 23.72 37.59
CA PRO B 646 30.59 22.55 37.39
C PRO B 646 29.35 22.85 36.52
N LEU B 647 29.15 24.11 36.14
CA LEU B 647 27.96 24.54 35.35
C LEU B 647 28.18 24.53 33.82
N PHE B 648 29.41 24.37 33.35
CA PHE B 648 29.74 24.24 31.91
C PHE B 648 31.08 23.57 31.73
N PRO B 649 31.31 22.92 30.57
CA PRO B 649 32.58 22.26 30.27
C PRO B 649 33.76 23.22 30.31
N THR B 650 34.90 22.68 30.72
CA THR B 650 36.21 23.39 30.83
C THR B 650 36.46 24.18 29.54
N GLY B 651 36.68 25.49 29.66
CA GLY B 651 37.14 26.36 28.56
C GLY B 651 36.01 26.88 27.67
N ARG B 652 34.75 26.64 28.02
CA ARG B 652 33.58 26.85 27.12
C ARG B 652 33.51 28.31 26.71
N PRO B 653 33.53 29.30 27.64
CA PRO B 653 33.41 30.70 27.26
C PRO B 653 34.48 31.14 26.25
N LEU B 654 35.74 30.79 26.49
CA LEU B 654 36.85 31.18 25.58
C LEU B 654 36.68 30.43 24.25
N GLN B 655 36.28 29.17 24.29
CA GLN B 655 36.12 28.32 23.07
C GLN B 655 35.10 29.01 22.15
N ILE B 656 34.02 29.53 22.69
CA ILE B 656 32.98 30.19 21.85
C ILE B 656 33.68 31.34 21.11
N PHE B 657 34.46 32.15 21.83
CA PHE B 657 35.04 33.38 21.26
C PHE B 657 36.09 33.01 20.22
N VAL B 658 36.92 32.02 20.53
CA VAL B 658 38.00 31.56 19.63
C VAL B 658 37.39 30.88 18.38
N ASP B 659 36.41 29.98 18.57
CA ASP B 659 35.69 29.34 17.42
C ASP B 659 35.12 30.46 16.52
N ALA B 660 34.38 31.39 17.08
CA ALA B 660 33.78 32.50 16.31
C ALA B 660 34.87 33.23 15.52
N TYR B 661 36.04 33.49 16.14
CA TYR B 661 37.14 34.24 15.48
C TYR B 661 37.68 33.38 14.34
N ARG B 662 38.04 32.13 14.61
CA ARG B 662 38.65 31.22 13.62
C ARG B 662 37.69 30.95 12.44
N TRP B 663 36.38 31.01 12.67
CA TRP B 663 35.38 30.78 11.60
C TRP B 663 35.06 32.07 10.85
N GLY B 664 35.72 33.19 11.16
CA GLY B 664 35.69 34.39 10.30
C GLY B 664 34.67 35.43 10.73
N LYS B 665 34.07 35.25 11.91
CA LYS B 665 32.91 36.07 12.33
C LYS B 665 33.39 37.39 12.92
N PRO B 666 32.57 38.46 12.87
CA PRO B 666 32.82 39.65 13.69
C PRO B 666 32.80 39.25 15.17
N VAL B 667 33.89 39.52 15.89
CA VAL B 667 34.04 39.29 17.35
C VAL B 667 34.56 40.59 17.97
N GLY B 668 34.22 40.86 19.22
CA GLY B 668 34.74 42.05 19.92
C GLY B 668 34.56 41.94 21.41
N VAL B 669 35.27 42.80 22.15
CA VAL B 669 35.05 43.03 23.61
C VAL B 669 34.58 44.48 23.78
N CYS B 670 33.51 44.66 24.54
CA CYS B 670 32.91 45.98 24.87
C CYS B 670 33.18 46.28 26.34
N GLY B 671 33.80 47.42 26.70
CA GLY B 671 33.83 47.86 28.12
C GLY B 671 34.96 48.80 28.53
N GLY B 672 36.21 48.57 28.10
CA GLY B 672 37.35 49.44 28.48
C GLY B 672 38.64 48.68 28.74
N LYS B 673 38.58 47.60 29.51
CA LYS B 673 39.68 46.59 29.61
C LYS B 673 39.52 45.59 28.44
N SER B 674 39.04 46.07 27.29
CA SER B 674 38.80 45.30 26.04
C SER B 674 40.13 44.75 25.48
N SER B 675 41.16 45.61 25.39
CA SER B 675 42.56 45.24 25.05
C SER B 675 43.03 44.08 25.92
N GLU B 676 42.78 44.16 27.23
CA GLU B 676 43.08 43.10 28.23
C GLU B 676 42.62 41.74 27.69
N VAL B 677 41.32 41.57 27.40
CA VAL B 677 40.64 40.25 27.16
C VAL B 677 41.06 39.64 25.83
N LEU B 678 41.33 40.46 24.80
CA LEU B 678 41.76 39.97 23.45
C LEU B 678 43.09 39.20 23.55
N ASP B 679 43.91 39.43 24.58
CA ASP B 679 45.19 38.68 24.79
C ASP B 679 44.90 37.24 25.20
N ALA B 680 44.01 37.02 26.17
CA ALA B 680 43.55 35.68 26.61
C ALA B 680 43.15 34.86 25.38
N ALA B 681 42.42 35.47 24.46
CA ALA B 681 41.90 34.80 23.25
C ALA B 681 43.04 34.58 22.25
N ASP B 682 44.11 35.37 22.36
CA ASP B 682 45.17 35.41 21.31
C ASP B 682 44.51 35.98 20.03
N VAL B 683 43.56 36.89 20.20
CA VAL B 683 42.84 37.54 19.08
C VAL B 683 43.39 38.95 18.90
N PRO B 684 44.05 39.23 17.76
CA PRO B 684 44.74 40.50 17.55
C PRO B 684 43.76 41.68 17.46
N GLU B 685 43.90 42.66 18.36
CA GLU B 685 42.97 43.81 18.53
C GLU B 685 42.95 44.71 17.28
N ASP B 686 44.03 44.71 16.50
CA ASP B 686 44.09 45.48 15.23
C ASP B 686 43.51 44.65 14.06
N GLY B 687 42.99 43.44 14.34
CA GLY B 687 42.39 42.53 13.34
C GLY B 687 41.18 43.15 12.63
N ASP B 688 41.10 42.96 11.31
CA ASP B 688 39.86 43.20 10.54
C ASP B 688 38.77 42.34 11.20
N GLY B 689 37.61 42.91 11.46
CA GLY B 689 36.49 42.19 12.09
C GLY B 689 36.75 41.88 13.56
N VAL B 690 37.65 42.62 14.21
CA VAL B 690 37.84 42.56 15.68
C VAL B 690 37.51 43.94 16.26
N TYR B 691 36.70 43.99 17.29
CA TYR B 691 36.16 45.26 17.83
C TYR B 691 36.52 45.37 19.32
N SER B 692 36.94 46.56 19.70
CA SER B 692 37.54 46.92 20.99
C SER B 692 37.16 48.36 21.29
N GLU B 693 36.03 48.57 21.97
CA GLU B 693 35.56 49.93 22.32
C GLU B 693 35.09 49.94 23.77
N GLU B 694 35.31 51.05 24.45
CA GLU B 694 34.71 51.37 25.76
C GLU B 694 33.25 51.79 25.54
N SER B 695 32.96 52.61 24.54
CA SER B 695 31.60 53.12 24.26
C SER B 695 30.71 52.01 23.64
N VAL B 696 29.50 51.82 24.17
CA VAL B 696 28.50 50.85 23.63
C VAL B 696 28.12 51.25 22.20
N ASP B 697 27.79 52.53 21.97
CA ASP B 697 27.29 53.08 20.69
C ASP B 697 28.36 52.91 19.60
N MET B 698 29.62 53.27 19.88
CA MET B 698 30.75 53.07 18.93
C MET B 698 30.93 51.56 18.66
N PHE B 699 30.81 50.73 19.70
CA PHE B 699 31.09 49.28 19.59
C PHE B 699 30.11 48.67 18.58
N VAL B 700 28.83 48.97 18.78
CA VAL B 700 27.72 48.41 17.98
C VAL B 700 27.84 48.93 16.54
N GLU B 701 28.08 50.23 16.38
CA GLU B 701 28.15 50.83 15.03
C GLU B 701 29.23 50.12 14.20
N GLU B 702 30.41 49.88 14.78
CA GLU B 702 31.51 49.12 14.14
C GLU B 702 31.08 47.66 13.93
N PHE B 703 30.49 47.05 14.96
CA PHE B 703 30.18 45.60 15.03
C PHE B 703 29.13 45.26 13.97
N GLU B 704 28.11 46.11 13.82
CA GLU B 704 27.03 45.94 12.81
C GLU B 704 27.58 46.00 11.38
N LYS B 705 28.56 46.85 11.10
CA LYS B 705 29.25 46.81 9.78
C LYS B 705 29.90 45.43 9.59
N GLY B 706 30.54 44.88 10.63
CA GLY B 706 31.16 43.54 10.57
C GLY B 706 30.15 42.44 10.26
N LEU B 707 28.94 42.53 10.82
CA LEU B 707 27.84 41.56 10.57
C LEU B 707 27.44 41.60 9.08
N ALA B 708 27.41 42.80 8.47
CA ALA B 708 27.05 42.98 7.04
C ALA B 708 28.19 42.40 6.18
N THR B 709 29.45 42.68 6.54
CA THR B 709 30.62 42.05 5.87
C THR B 709 30.46 40.53 5.99
N PHE B 710 30.03 40.07 7.17
CA PHE B 710 29.58 38.69 7.48
C PHE B 710 30.78 37.76 7.74
N ARG B 711 31.76 37.73 6.83
CA ARG B 711 32.97 36.89 7.00
C ARG B 711 34.23 37.71 6.69
N PHE B 712 35.22 37.61 7.58
CA PHE B 712 36.58 38.17 7.44
C PHE B 712 37.51 37.09 6.92
N THR B 713 37.74 37.09 5.60
CA THR B 713 38.43 36.01 4.87
C THR B 713 39.96 36.09 5.00
N ASP B 714 40.50 37.19 5.53
CA ASP B 714 41.96 37.35 5.79
C ASP B 714 42.45 36.37 6.86
N ARG B 715 41.54 35.71 7.60
CA ARG B 715 41.89 34.77 8.69
C ARG B 715 42.12 33.36 8.15
N PHE B 716 42.16 33.18 6.83
CA PHE B 716 42.29 31.86 6.19
C PHE B 716 43.55 31.80 5.31
N ALA B 717 44.43 30.84 5.58
CA ALA B 717 45.72 30.63 4.87
C ALA B 717 45.46 30.18 3.44
N LEU B 718 46.22 30.73 2.48
CA LEU B 718 46.19 30.37 1.04
C LEU B 718 47.41 29.54 0.67
N ASP B 719 47.28 28.62 -0.29
CA ASP B 719 48.42 27.86 -0.86
C ASP B 719 49.33 28.88 -1.56
N SER B 720 50.64 28.59 -1.59
CA SER B 720 51.67 29.37 -2.32
C SER B 720 51.70 28.94 -3.80
N SER C 43 -27.66 13.51 0.07
CA SER C 43 -27.47 14.87 0.53
C SER C 43 -26.84 14.90 1.92
N PRO C 44 -26.81 13.84 2.77
CA PRO C 44 -26.06 13.96 4.02
C PRO C 44 -24.55 14.14 3.77
N LEU C 45 -24.05 13.73 2.60
CA LEU C 45 -22.63 13.90 2.17
C LEU C 45 -22.49 15.02 1.11
N ALA C 46 -23.44 15.95 1.01
CA ALA C 46 -23.45 17.06 0.02
C ALA C 46 -22.16 17.90 0.03
N ALA C 47 -21.54 18.10 1.18
CA ALA C 47 -20.30 18.92 1.28
C ALA C 47 -19.15 18.31 0.48
N TYR C 48 -19.22 17.03 0.08
CA TYR C 48 -18.10 16.31 -0.58
C TYR C 48 -18.36 16.11 -2.07
N GLU C 49 -19.53 16.54 -2.53
CA GLU C 49 -20.02 16.31 -3.90
C GLU C 49 -19.26 17.18 -4.89
N VAL C 50 -18.95 16.62 -6.05
CA VAL C 50 -18.25 17.35 -7.12
C VAL C 50 -19.18 17.39 -8.32
N ASP C 51 -19.42 18.59 -8.85
CA ASP C 51 -20.36 18.73 -10.00
C ASP C 51 -19.58 18.88 -11.31
N ASP C 52 -19.86 18.04 -12.30
CA ASP C 52 -19.24 18.10 -13.65
C ASP C 52 -20.36 18.29 -14.70
N SER C 53 -21.42 19.01 -14.35
CA SER C 53 -22.57 19.27 -15.26
C SER C 53 -22.24 20.45 -16.16
N THR C 54 -21.16 21.16 -15.86
CA THR C 54 -20.61 22.26 -16.68
C THR C 54 -19.09 22.27 -16.57
N GLY C 55 -18.44 23.03 -17.44
CA GLY C 55 -17.01 23.35 -17.35
C GLY C 55 -16.15 22.53 -18.29
N TYR C 56 -14.88 22.93 -18.28
CA TYR C 56 -13.80 22.40 -19.12
C TYR C 56 -12.99 21.45 -18.26
N LEU C 57 -12.55 20.38 -18.93
CA LEU C 57 -11.70 19.32 -18.40
C LEU C 57 -10.46 19.95 -17.77
N THR C 58 -10.11 19.50 -16.57
CA THR C 58 -8.90 19.93 -15.85
C THR C 58 -8.16 18.70 -15.35
N SER C 59 -6.85 18.84 -15.11
CA SER C 59 -6.06 17.88 -14.30
C SER C 59 -6.64 17.91 -12.88
N ASP C 60 -6.12 17.05 -12.00
CA ASP C 60 -6.53 17.01 -10.58
C ASP C 60 -6.05 18.27 -9.87
N VAL C 61 -5.18 19.07 -10.50
CA VAL C 61 -4.70 20.33 -9.89
C VAL C 61 -5.26 21.53 -10.67
N GLY C 62 -6.38 21.34 -11.35
CA GLY C 62 -7.17 22.47 -11.89
C GLY C 62 -6.59 23.09 -13.14
N GLY C 63 -5.65 22.43 -13.82
CA GLY C 63 -5.10 22.96 -15.08
C GLY C 63 -5.99 22.51 -16.23
N PRO C 64 -6.64 23.41 -17.02
CA PRO C 64 -7.46 22.96 -18.14
C PRO C 64 -6.61 22.17 -19.14
N ILE C 65 -7.11 21.00 -19.53
CA ILE C 65 -6.40 20.05 -20.43
C ILE C 65 -7.38 19.42 -21.42
N GLN C 66 -6.85 18.54 -22.28
CA GLN C 66 -7.64 17.63 -23.13
C GLN C 66 -7.25 16.22 -22.74
N ASP C 67 -8.01 15.22 -23.21
CA ASP C 67 -7.75 13.81 -22.80
C ASP C 67 -8.14 12.82 -23.89
N GLN C 68 -8.20 13.21 -25.18
CA GLN C 68 -8.72 12.33 -26.27
C GLN C 68 -7.61 11.92 -27.23
N THR C 69 -6.51 12.65 -27.31
CA THR C 69 -5.40 12.32 -28.24
C THR C 69 -4.07 12.46 -27.49
N SER C 70 -3.22 11.44 -27.61
CA SER C 70 -1.83 11.40 -27.09
C SER C 70 -0.97 12.41 -27.88
N LEU C 71 -0.01 13.04 -27.19
CA LEU C 71 1.05 13.87 -27.80
C LEU C 71 2.11 12.98 -28.46
N LYS C 72 2.32 13.18 -29.76
CA LYS C 72 3.17 12.31 -30.60
C LYS C 72 4.22 13.13 -31.32
N ALA C 73 5.34 12.49 -31.62
CA ALA C 73 6.43 13.06 -32.46
C ALA C 73 6.01 12.86 -33.92
N GLY C 74 5.21 13.80 -34.42
CA GLY C 74 4.60 13.70 -35.75
C GLY C 74 3.26 12.96 -35.75
N ILE C 75 2.50 13.14 -36.82
CA ILE C 75 1.07 12.68 -36.94
C ILE C 75 0.99 11.14 -36.90
N ARG C 76 2.02 10.43 -37.37
CA ARG C 76 2.11 8.96 -37.29
C ARG C 76 3.28 8.56 -36.39
N GLY C 77 3.60 9.40 -35.40
CA GLY C 77 4.79 9.24 -34.57
C GLY C 77 4.53 8.50 -33.25
N PRO C 78 5.60 8.21 -32.48
CA PRO C 78 5.47 7.56 -31.18
C PRO C 78 4.98 8.56 -30.11
N THR C 79 4.42 8.07 -29.01
CA THR C 79 3.87 8.93 -27.93
C THR C 79 5.04 9.44 -27.08
N LEU C 80 4.94 10.66 -26.61
CA LEU C 80 6.00 11.31 -25.80
C LEU C 80 5.80 11.11 -24.29
N LEU C 81 6.91 10.94 -23.58
CA LEU C 81 6.93 10.78 -22.11
C LEU C 81 6.45 12.07 -21.48
N GLU C 82 6.65 13.21 -22.14
CA GLU C 82 6.27 14.51 -21.55
C GLU C 82 4.74 14.68 -21.59
N ASP C 83 4.00 13.73 -22.17
CA ASP C 83 2.50 13.81 -22.19
C ASP C 83 1.96 13.53 -20.77
N PHE C 84 1.93 14.54 -19.92
CA PHE C 84 1.39 14.46 -18.54
C PHE C 84 -0.12 14.28 -18.57
N MET C 85 -0.82 14.74 -19.63
CA MET C 85 -2.29 14.53 -19.72
C MET C 85 -2.61 13.04 -19.78
N PHE C 86 -1.89 12.32 -20.63
CA PHE C 86 -1.99 10.86 -20.81
C PHE C 86 -1.66 10.20 -19.46
N ARG C 87 -0.49 10.47 -18.88
CA ARG C 87 0.00 9.67 -17.73
C ARG C 87 -0.93 9.91 -16.50
N GLN C 88 -1.37 11.14 -16.23
CA GLN C 88 -2.21 11.37 -15.03
C GLN C 88 -3.53 10.62 -15.21
N LYS C 89 -4.09 10.59 -16.42
CA LYS C 89 -5.38 9.95 -16.71
C LYS C 89 -5.21 8.45 -16.57
N ILE C 90 -4.17 7.87 -17.17
CA ILE C 90 -4.04 6.41 -17.18
C ILE C 90 -3.57 5.91 -15.81
N GLN C 91 -2.71 6.65 -15.12
CA GLN C 91 -2.33 6.28 -13.73
C GLN C 91 -3.60 6.16 -12.90
N HIS C 92 -4.47 7.18 -12.93
CA HIS C 92 -5.75 7.12 -12.17
C HIS C 92 -6.51 5.86 -12.57
N PHE C 93 -6.64 5.59 -13.86
CA PHE C 93 -7.39 4.39 -14.30
C PHE C 93 -6.71 3.13 -13.73
N ASP C 94 -5.41 3.03 -13.93
CA ASP C 94 -4.58 1.88 -13.50
C ASP C 94 -4.75 1.58 -12.00
N HIS C 95 -5.07 2.59 -11.17
CA HIS C 95 -5.19 2.46 -9.71
C HIS C 95 -6.64 2.60 -9.25
N GLU C 96 -7.64 2.38 -10.11
CA GLU C 96 -9.04 2.57 -9.66
C GLU C 96 -9.45 1.52 -8.63
N ARG C 97 -8.97 0.30 -8.80
CA ARG C 97 -9.44 -0.87 -8.01
C ARG C 97 -8.80 -0.90 -6.61
N VAL C 98 -9.61 -1.26 -5.60
CA VAL C 98 -9.15 -1.60 -4.23
C VAL C 98 -9.50 -3.06 -3.99
N PRO C 99 -8.87 -3.70 -2.99
CA PRO C 99 -9.23 -5.07 -2.65
C PRO C 99 -10.73 -5.14 -2.31
N GLU C 100 -11.43 -6.16 -2.83
CA GLU C 100 -12.81 -6.48 -2.40
C GLU C 100 -12.76 -6.93 -0.93
N ARG C 101 -13.88 -6.81 -0.24
CA ARG C 101 -14.07 -7.30 1.14
C ARG C 101 -13.72 -8.79 1.14
N ALA C 102 -13.03 -9.27 2.19
CA ALA C 102 -12.60 -10.68 2.36
C ALA C 102 -13.84 -11.59 2.38
N VAL C 103 -14.95 -11.11 2.96
CA VAL C 103 -16.30 -11.76 2.84
C VAL C 103 -17.31 -10.65 2.55
N HIS C 104 -18.49 -10.99 2.01
CA HIS C 104 -19.56 -10.03 1.68
C HIS C 104 -19.06 -9.08 0.59
N ALA C 105 -18.20 -9.56 -0.34
CA ALA C 105 -17.63 -8.73 -1.43
C ALA C 105 -18.75 -8.20 -2.34
N ARG C 106 -19.81 -8.98 -2.53
CA ARG C 106 -20.96 -8.66 -3.42
C ARG C 106 -22.06 -8.02 -2.59
N GLY C 107 -22.41 -6.79 -2.86
CA GLY C 107 -23.43 -6.12 -2.02
C GLY C 107 -23.83 -4.77 -2.55
N ALA C 108 -24.77 -4.11 -1.86
CA ALA C 108 -25.32 -2.82 -2.32
C ALA C 108 -25.85 -2.07 -1.11
N GLY C 109 -25.85 -0.75 -1.22
CA GLY C 109 -26.08 0.16 -0.11
C GLY C 109 -27.04 1.27 -0.43
N ALA C 110 -27.62 1.85 0.63
CA ALA C 110 -28.47 3.05 0.52
C ALA C 110 -28.47 3.84 1.81
N HIS C 111 -28.80 5.11 1.69
CA HIS C 111 -28.94 6.07 2.80
C HIS C 111 -30.36 6.02 3.33
N GLY C 112 -30.54 6.39 4.59
CA GLY C 112 -31.87 6.44 5.16
C GLY C 112 -31.90 7.19 6.46
N THR C 113 -32.97 6.96 7.21
CA THR C 113 -33.20 7.59 8.53
C THR C 113 -33.70 6.52 9.48
N PHE C 114 -33.20 6.54 10.72
CA PHE C 114 -33.80 5.77 11.83
C PHE C 114 -34.56 6.76 12.71
N THR C 115 -35.75 6.37 13.15
CA THR C 115 -36.60 7.15 14.06
C THR C 115 -36.92 6.30 15.29
N SER C 116 -36.57 6.80 16.48
CA SER C 116 -36.87 6.16 17.77
C SER C 116 -38.38 6.27 18.04
N TYR C 117 -38.98 5.19 18.51
CA TYR C 117 -40.42 5.12 18.88
C TYR C 117 -40.63 5.66 20.29
N ALA C 118 -39.56 5.87 21.06
CA ALA C 118 -39.67 6.20 22.51
C ALA C 118 -38.33 6.64 23.08
N ASP C 119 -38.41 7.04 24.34
CA ASP C 119 -37.25 7.28 25.24
C ASP C 119 -36.87 5.93 25.82
N TRP C 120 -35.71 5.38 25.42
CA TRP C 120 -35.28 4.04 25.90
C TRP C 120 -34.25 4.13 27.04
N SER C 121 -34.13 5.29 27.71
CA SER C 121 -33.40 5.51 29.00
C SER C 121 -33.57 4.36 29.98
N ASN C 122 -34.77 3.81 30.08
CA ASN C 122 -35.14 2.69 31.00
C ASN C 122 -34.22 1.48 30.78
N ILE C 123 -33.66 1.29 29.58
CA ILE C 123 -32.84 0.07 29.27
C ILE C 123 -31.45 0.43 28.72
N THR C 124 -31.22 1.63 28.19
CA THR C 124 -29.91 1.98 27.56
C THR C 124 -29.62 3.48 27.67
N ALA C 125 -28.35 3.82 27.84
CA ALA C 125 -27.86 5.21 27.80
C ALA C 125 -27.77 5.72 26.34
N ALA C 126 -28.00 4.85 25.35
CA ALA C 126 -27.67 5.14 23.92
C ALA C 126 -28.45 6.38 23.47
N SER C 127 -27.72 7.41 23.05
CA SER C 127 -28.29 8.75 22.74
C SER C 127 -29.26 8.67 21.56
N PHE C 128 -28.97 7.87 20.55
CA PHE C 128 -29.86 7.76 19.36
C PHE C 128 -31.21 7.14 19.76
N LEU C 129 -31.32 6.53 20.93
CA LEU C 129 -32.57 5.92 21.45
C LEU C 129 -33.19 6.73 22.60
N ASN C 130 -32.81 7.99 22.81
CA ASN C 130 -33.10 8.67 24.11
C ASN C 130 -34.39 9.52 24.05
N ALA C 131 -35.16 9.50 22.98
CA ALA C 131 -36.34 10.39 22.84
C ALA C 131 -37.24 9.89 21.71
N THR C 132 -38.53 9.93 21.97
CA THR C 132 -39.59 9.66 20.98
C THR C 132 -39.35 10.54 19.76
N GLY C 133 -39.34 9.95 18.57
CA GLY C 133 -39.20 10.69 17.30
C GLY C 133 -37.78 11.16 17.01
N LYS C 134 -36.79 10.90 17.86
CA LYS C 134 -35.40 11.32 17.56
C LYS C 134 -34.95 10.64 16.28
N GLN C 135 -34.48 11.42 15.30
N GLN C 135 -34.42 11.40 15.32
CA GLN C 135 -33.98 10.92 13.99
CA GLN C 135 -33.98 10.89 14.00
C GLN C 135 -32.45 10.82 14.00
C GLN C 135 -32.45 10.91 13.84
N THR C 136 -31.91 9.81 13.32
CA THR C 136 -30.45 9.59 13.12
C THR C 136 -30.27 9.12 11.68
N PRO C 137 -29.40 9.77 10.89
CA PRO C 137 -29.09 9.27 9.55
C PRO C 137 -28.49 7.87 9.64
N VAL C 138 -28.78 7.03 8.64
CA VAL C 138 -28.17 5.68 8.52
C VAL C 138 -27.60 5.48 7.10
N PHE C 139 -26.69 4.52 7.00
CA PHE C 139 -26.32 3.90 5.72
C PHE C 139 -26.37 2.40 5.97
N VAL C 140 -26.95 1.68 5.02
CA VAL C 140 -27.06 0.21 5.10
C VAL C 140 -26.38 -0.38 3.88
N ARG C 141 -25.69 -1.49 4.06
CA ARG C 141 -25.22 -2.31 2.94
C ARG C 141 -25.74 -3.71 3.15
N PHE C 142 -26.30 -4.28 2.10
CA PHE C 142 -26.77 -5.68 2.06
C PHE C 142 -25.81 -6.44 1.18
N SER C 143 -25.72 -7.76 1.33
CA SER C 143 -24.66 -8.52 0.64
C SER C 143 -24.94 -10.02 0.68
N THR C 144 -24.27 -10.77 -0.18
CA THR C 144 -24.05 -12.23 0.01
C THR C 144 -22.78 -12.35 0.87
N VAL C 145 -22.22 -13.55 1.02
CA VAL C 145 -21.01 -13.79 1.87
C VAL C 145 -19.85 -14.32 1.03
N ALA C 146 -20.03 -15.44 0.31
CA ALA C 146 -18.90 -16.21 -0.30
C ALA C 146 -18.42 -15.58 -1.62
N GLY C 147 -19.33 -15.12 -2.46
CA GLY C 147 -19.02 -14.69 -3.85
C GLY C 147 -18.12 -13.45 -3.92
N SER C 148 -17.31 -13.37 -4.96
CA SER C 148 -16.49 -12.16 -5.27
C SER C 148 -17.40 -11.06 -5.78
N ARG C 149 -16.93 -9.81 -5.95
N ARG C 149 -16.80 -9.89 -6.05
CA ARG C 149 -17.81 -8.58 -5.95
CA ARG C 149 -17.45 -8.79 -6.81
C ARG C 149 -18.71 -8.49 -7.21
C ARG C 149 -17.82 -9.36 -8.18
N GLY C 150 -18.54 -9.41 -8.18
N GLY C 150 -19.03 -9.05 -8.62
CA GLY C 150 -19.29 -9.47 -9.45
CA GLY C 150 -19.53 -9.57 -9.89
C GLY C 150 -20.04 -10.79 -9.65
C GLY C 150 -20.35 -10.81 -9.67
N SER C 151 -20.15 -11.57 -8.59
CA SER C 151 -20.94 -12.83 -8.46
C SER C 151 -22.42 -12.45 -8.34
N ALA C 152 -23.30 -13.33 -8.82
CA ALA C 152 -24.75 -13.09 -8.91
C ALA C 152 -25.31 -12.83 -7.52
N ASP C 153 -26.23 -11.89 -7.40
CA ASP C 153 -27.00 -11.64 -6.14
C ASP C 153 -27.75 -12.89 -5.65
N THR C 154 -28.31 -13.71 -6.57
CA THR C 154 -29.27 -14.79 -6.23
C THR C 154 -28.55 -16.15 -6.05
N ALA C 155 -27.29 -16.15 -5.67
CA ALA C 155 -26.61 -17.36 -5.17
C ALA C 155 -27.35 -17.86 -3.91
N ARG C 156 -27.31 -19.14 -3.63
CA ARG C 156 -27.72 -19.62 -2.31
C ARG C 156 -26.61 -19.30 -1.32
N ASP C 157 -26.92 -18.55 -0.27
CA ASP C 157 -25.86 -18.04 0.65
C ASP C 157 -26.54 -17.40 1.85
N VAL C 158 -25.76 -17.20 2.89
CA VAL C 158 -26.07 -16.25 4.00
C VAL C 158 -25.97 -14.86 3.37
N HIS C 159 -26.65 -13.89 3.97
CA HIS C 159 -26.69 -12.49 3.48
C HIS C 159 -26.36 -11.56 4.62
N GLY C 160 -25.63 -10.50 4.28
CA GLY C 160 -25.26 -9.44 5.20
C GLY C 160 -26.30 -8.37 5.22
N PHE C 161 -26.43 -7.75 6.37
CA PHE C 161 -27.34 -6.62 6.62
C PHE C 161 -26.62 -5.72 7.64
N ALA C 162 -25.87 -4.76 7.13
CA ALA C 162 -24.97 -3.92 7.93
C ALA C 162 -25.52 -2.51 7.96
N THR C 163 -25.74 -1.97 9.16
CA THR C 163 -26.37 -0.67 9.41
C THR C 163 -25.46 0.23 10.22
N ARG C 164 -25.20 1.42 9.70
CA ARG C 164 -24.50 2.50 10.40
C ARG C 164 -25.54 3.54 10.83
N PHE C 165 -25.54 3.83 12.13
CA PHE C 165 -26.28 4.98 12.72
C PHE C 165 -25.24 6.06 12.97
N TYR C 166 -25.35 7.17 12.25
CA TYR C 166 -24.48 8.33 12.44
C TYR C 166 -25.02 9.14 13.62
N THR C 167 -24.81 8.65 14.84
CA THR C 167 -25.43 9.20 16.08
C THR C 167 -24.72 10.48 16.51
N ASP C 168 -25.42 11.24 17.35
CA ASP C 168 -24.89 12.51 17.92
C ASP C 168 -23.86 12.17 19.01
N GLU C 169 -23.61 10.90 19.29
CA GLU C 169 -22.54 10.47 20.20
C GLU C 169 -21.62 9.44 19.50
N GLY C 170 -21.55 9.52 18.16
CA GLY C 170 -20.59 8.78 17.34
C GLY C 170 -21.26 7.74 16.47
N ASN C 171 -20.49 7.19 15.53
CA ASN C 171 -21.02 6.17 14.60
C ASN C 171 -21.22 4.88 15.41
N PHE C 172 -22.42 4.30 15.28
CA PHE C 172 -22.79 2.98 15.85
C PHE C 172 -23.16 2.04 14.70
N ASP C 173 -22.46 0.92 14.60
CA ASP C 173 -22.68 -0.05 13.51
C ASP C 173 -23.25 -1.32 14.12
N ILE C 174 -24.30 -1.85 13.49
CA ILE C 174 -24.78 -3.23 13.74
C ILE C 174 -24.49 -4.00 12.47
N VAL C 175 -23.54 -4.89 12.54
CA VAL C 175 -23.07 -5.63 11.36
C VAL C 175 -23.70 -7.00 11.47
N GLY C 176 -24.86 -7.17 10.82
CA GLY C 176 -25.75 -8.33 10.97
C GLY C 176 -25.84 -9.16 9.69
N ASN C 177 -26.61 -10.23 9.75
CA ASN C 177 -26.91 -11.15 8.63
C ASN C 177 -28.44 -11.34 8.57
N ASN C 178 -28.97 -11.95 7.51
CA ASN C 178 -30.44 -12.21 7.38
C ASN C 178 -30.80 -13.52 8.10
N ILE C 179 -29.82 -14.17 8.65
CA ILE C 179 -29.99 -15.42 9.44
C ILE C 179 -29.45 -15.18 10.86
N PRO C 180 -30.25 -15.52 11.92
CA PRO C 180 -29.93 -15.10 13.29
C PRO C 180 -28.80 -15.87 13.99
N VAL C 181 -28.25 -16.89 13.33
CA VAL C 181 -27.25 -17.79 13.96
C VAL C 181 -26.08 -17.94 12.99
N PHE C 182 -24.87 -18.14 13.54
CA PHE C 182 -23.64 -18.32 12.73
C PHE C 182 -23.18 -19.78 12.73
N PHE C 183 -22.37 -20.11 11.73
CA PHE C 183 -21.85 -21.47 11.47
C PHE C 183 -20.94 -21.97 12.61
N ILE C 184 -20.21 -21.06 13.26
CA ILE C 184 -19.04 -21.40 14.13
C ILE C 184 -19.15 -20.63 15.45
N GLN C 185 -18.49 -21.15 16.50
CA GLN C 185 -18.66 -20.70 17.89
C GLN C 185 -17.43 -19.90 18.34
N ASP C 186 -16.40 -19.78 17.49
CA ASP C 186 -15.16 -19.04 17.85
C ASP C 186 -14.61 -18.33 16.60
N ALA C 187 -14.34 -17.04 16.73
CA ALA C 187 -13.82 -16.20 15.62
C ALA C 187 -12.54 -16.79 15.00
N ILE C 188 -11.71 -17.50 15.77
CA ILE C 188 -10.43 -18.03 15.25
C ILE C 188 -10.72 -19.06 14.14
N GLN C 189 -11.92 -19.58 14.10
CA GLN C 189 -12.30 -20.60 13.07
C GLN C 189 -12.79 -19.94 11.78
N PHE C 190 -12.92 -18.62 11.71
CA PHE C 190 -13.53 -17.94 10.54
C PHE C 190 -12.79 -18.32 9.25
N PRO C 191 -11.44 -18.26 9.19
CA PRO C 191 -10.74 -18.57 7.95
C PRO C 191 -10.95 -20.01 7.52
N ASP C 192 -11.12 -20.93 8.47
CA ASP C 192 -11.41 -22.35 8.17
C ASP C 192 -12.78 -22.40 7.45
N LEU C 193 -13.81 -21.83 8.07
CA LEU C 193 -15.15 -21.79 7.44
C LEU C 193 -15.06 -21.16 6.05
N ILE C 194 -14.46 -19.97 5.94
CA ILE C 194 -14.50 -19.20 4.66
C ILE C 194 -13.62 -19.90 3.59
N HIS C 195 -12.46 -20.45 3.93
CA HIS C 195 -11.64 -21.21 2.94
C HIS C 195 -12.45 -22.39 2.43
N SER C 196 -13.22 -23.06 3.30
CA SER C 196 -13.99 -24.30 2.93
C SER C 196 -15.14 -23.95 1.98
N VAL C 197 -15.80 -22.79 2.14
CA VAL C 197 -17.01 -22.45 1.33
C VAL C 197 -16.60 -21.71 0.05
N LYS C 198 -15.51 -20.92 0.10
CA LYS C 198 -14.97 -20.26 -1.12
C LYS C 198 -14.46 -21.32 -2.08
N PRO C 199 -14.23 -20.96 -3.36
CA PRO C 199 -13.81 -21.92 -4.39
C PRO C 199 -12.52 -22.66 -4.00
N ARG C 200 -12.37 -23.88 -4.49
CA ARG C 200 -11.14 -24.68 -4.23
C ARG C 200 -9.92 -23.90 -4.73
N PRO C 201 -8.89 -23.72 -3.87
CA PRO C 201 -7.82 -22.76 -4.14
C PRO C 201 -6.77 -23.14 -5.19
N ASP C 202 -6.81 -24.35 -5.73
CA ASP C 202 -5.96 -24.71 -6.89
C ASP C 202 -6.50 -24.10 -8.18
N ASN C 203 -7.81 -24.03 -8.36
CA ASN C 203 -8.41 -23.65 -9.67
C ASN C 203 -9.48 -22.56 -9.51
N GLU C 204 -9.76 -22.12 -8.29
CA GLU C 204 -10.83 -21.16 -7.94
C GLU C 204 -12.15 -21.62 -8.62
N ILE C 205 -12.53 -22.88 -8.35
CA ILE C 205 -13.82 -23.51 -8.74
C ILE C 205 -14.32 -24.28 -7.53
N PRO C 206 -15.63 -24.23 -7.20
CA PRO C 206 -16.62 -23.42 -7.91
C PRO C 206 -17.11 -22.23 -7.07
N GLN C 207 -17.84 -21.33 -7.70
CA GLN C 207 -18.40 -20.09 -7.07
C GLN C 207 -19.67 -20.44 -6.26
N ALA C 208 -20.23 -21.64 -6.38
CA ALA C 208 -21.37 -22.16 -5.58
C ALA C 208 -20.93 -22.53 -4.16
N ALA C 209 -21.15 -21.63 -3.20
CA ALA C 209 -20.65 -21.73 -1.81
C ALA C 209 -20.94 -23.10 -1.21
N THR C 210 -22.17 -23.58 -1.39
CA THR C 210 -22.74 -24.73 -0.63
C THR C 210 -22.75 -26.02 -1.47
N ALA C 211 -22.07 -26.06 -2.62
CA ALA C 211 -22.18 -27.17 -3.59
C ALA C 211 -20.79 -27.66 -4.01
N HIS C 212 -19.88 -27.88 -3.06
CA HIS C 212 -18.59 -28.53 -3.34
C HIS C 212 -18.08 -29.28 -2.10
N ASP C 213 -17.21 -30.27 -2.35
CA ASP C 213 -16.61 -31.19 -1.36
C ASP C 213 -16.11 -30.44 -0.12
N SER C 214 -15.33 -29.38 -0.29
CA SER C 214 -14.63 -28.77 0.87
C SER C 214 -15.67 -28.22 1.83
N ALA C 215 -16.75 -27.62 1.32
CA ALA C 215 -17.78 -26.97 2.17
C ALA C 215 -18.44 -28.06 3.02
N TRP C 216 -18.80 -29.18 2.37
CA TRP C 216 -19.50 -30.27 3.07
C TRP C 216 -18.53 -31.02 3.99
N ASP C 217 -17.26 -31.10 3.63
CA ASP C 217 -16.21 -31.65 4.55
C ASP C 217 -16.22 -30.82 5.85
N PHE C 218 -16.15 -29.51 5.72
CA PHE C 218 -16.16 -28.60 6.90
C PHE C 218 -17.45 -28.79 7.71
N PHE C 219 -18.62 -28.70 7.07
CA PHE C 219 -19.93 -28.78 7.78
C PHE C 219 -20.01 -30.12 8.53
N SER C 220 -19.57 -31.23 7.93
CA SER C 220 -19.71 -32.59 8.52
C SER C 220 -18.68 -32.82 9.63
N GLN C 221 -17.51 -32.16 9.57
CA GLN C 221 -16.46 -32.24 10.62
C GLN C 221 -16.70 -31.19 11.73
N GLN C 222 -17.47 -30.15 11.47
CA GLN C 222 -17.68 -29.04 12.44
C GLN C 222 -19.18 -28.88 12.69
N PRO C 223 -19.77 -29.76 13.54
CA PRO C 223 -21.22 -29.86 13.69
C PRO C 223 -21.90 -28.57 14.15
N SER C 224 -21.17 -27.63 14.76
CA SER C 224 -21.70 -26.28 15.10
C SER C 224 -22.41 -25.65 13.89
N THR C 225 -21.98 -26.00 12.66
CA THR C 225 -22.46 -25.44 11.37
C THR C 225 -23.92 -25.85 11.08
N MET C 226 -24.47 -26.84 11.78
CA MET C 226 -25.80 -27.42 11.41
C MET C 226 -26.88 -26.35 11.45
N HIS C 227 -26.95 -25.47 12.46
CA HIS C 227 -28.10 -24.54 12.58
C HIS C 227 -28.10 -23.55 11.40
N THR C 228 -26.99 -22.88 11.16
CA THR C 228 -26.87 -21.92 10.03
C THR C 228 -27.05 -22.67 8.70
N LEU C 229 -26.54 -23.91 8.58
CA LEU C 229 -26.66 -24.71 7.34
C LEU C 229 -28.13 -24.93 7.01
N PHE C 230 -28.95 -25.29 7.99
CA PHE C 230 -30.39 -25.50 7.80
C PHE C 230 -31.01 -24.16 7.38
N TRP C 231 -30.66 -23.04 8.00
CA TRP C 231 -31.23 -21.75 7.54
C TRP C 231 -30.84 -21.47 6.08
N ALA C 232 -29.58 -21.65 5.72
CA ALA C 232 -29.05 -21.38 4.36
C ALA C 232 -29.72 -22.31 3.34
N MET C 233 -30.12 -23.52 3.75
CA MET C 233 -30.77 -24.50 2.84
C MET C 233 -32.30 -24.27 2.74
N SER C 234 -32.88 -23.39 3.58
CA SER C 234 -34.27 -22.91 3.51
C SER C 234 -34.36 -21.76 2.49
N GLY C 235 -35.54 -21.17 2.34
CA GLY C 235 -35.76 -19.98 1.49
C GLY C 235 -34.90 -18.82 1.93
N HIS C 236 -34.44 -18.84 3.18
CA HIS C 236 -33.60 -17.78 3.77
C HIS C 236 -32.28 -17.68 2.98
N GLY C 237 -31.85 -18.74 2.32
CA GLY C 237 -30.65 -18.75 1.47
C GLY C 237 -30.85 -18.08 0.11
N ILE C 238 -32.09 -17.90 -0.34
CA ILE C 238 -32.41 -17.26 -1.64
C ILE C 238 -33.59 -16.33 -1.43
N PRO C 239 -33.37 -15.23 -0.68
CA PRO C 239 -34.44 -14.26 -0.47
C PRO C 239 -34.90 -13.58 -1.77
N ARG C 240 -36.18 -13.22 -1.79
CA ARG C 240 -36.81 -12.54 -2.94
C ARG C 240 -36.13 -11.18 -3.14
N SER C 241 -35.72 -10.54 -2.07
CA SER C 241 -35.04 -9.22 -2.16
C SER C 241 -34.42 -8.87 -0.80
N TYR C 242 -33.55 -7.88 -0.78
CA TYR C 242 -32.98 -7.36 0.49
C TYR C 242 -34.14 -6.84 1.36
N ARG C 243 -35.19 -6.32 0.71
CA ARG C 243 -36.37 -5.69 1.36
C ARG C 243 -37.28 -6.75 1.98
N HIS C 244 -37.19 -8.00 1.52
CA HIS C 244 -38.03 -9.13 1.95
C HIS C 244 -37.25 -10.07 2.86
N MET C 245 -36.24 -9.56 3.56
CA MET C 245 -35.50 -10.35 4.55
C MET C 245 -35.32 -9.49 5.79
N ASP C 246 -35.06 -10.14 6.94
CA ASP C 246 -34.83 -9.47 8.24
C ASP C 246 -33.32 -9.32 8.43
N GLY C 247 -32.93 -8.50 9.38
CA GLY C 247 -31.53 -8.38 9.82
C GLY C 247 -31.42 -8.83 11.27
N PHE C 248 -30.32 -9.49 11.61
CA PHE C 248 -30.04 -10.01 12.97
C PHE C 248 -28.61 -9.68 13.39
N GLY C 249 -28.46 -9.14 14.60
CA GLY C 249 -27.14 -8.91 15.23
C GLY C 249 -26.43 -10.23 15.52
N VAL C 250 -27.17 -11.34 15.55
CA VAL C 250 -26.72 -12.74 15.85
C VAL C 250 -26.25 -12.82 17.31
N HIS C 251 -25.19 -12.11 17.71
CA HIS C 251 -24.61 -12.19 19.08
C HIS C 251 -25.61 -11.62 20.09
N THR C 252 -25.54 -12.14 21.31
CA THR C 252 -26.05 -11.41 22.49
C THR C 252 -25.13 -10.22 22.70
N PHE C 253 -25.72 -9.06 22.85
CA PHE C 253 -25.01 -7.82 23.23
C PHE C 253 -25.53 -7.43 24.61
N ARG C 254 -25.01 -6.33 25.13
CA ARG C 254 -25.55 -5.70 26.34
C ARG C 254 -26.11 -4.32 26.02
N PHE C 255 -27.22 -4.00 26.66
CA PHE C 255 -27.71 -2.63 26.82
C PHE C 255 -27.27 -2.22 28.21
N VAL C 256 -26.66 -1.06 28.31
CA VAL C 256 -26.11 -0.56 29.59
C VAL C 256 -26.79 0.78 29.87
N LYS C 257 -27.43 0.89 31.04
CA LYS C 257 -28.04 2.17 31.48
C LYS C 257 -26.94 3.09 32.00
N ASP C 258 -27.25 4.38 32.08
CA ASP C 258 -26.35 5.40 32.68
C ASP C 258 -26.03 5.05 34.13
N ASP C 259 -26.87 4.28 34.84
CA ASP C 259 -26.59 3.85 36.24
C ASP C 259 -25.65 2.62 36.26
N GLY C 260 -25.27 2.07 35.11
CA GLY C 260 -24.27 0.99 35.06
C GLY C 260 -24.90 -0.38 35.01
N SER C 261 -26.21 -0.48 35.25
CA SER C 261 -26.91 -1.79 35.15
C SER C 261 -26.98 -2.21 33.68
N SER C 262 -26.99 -3.52 33.45
CA SER C 262 -26.91 -4.13 32.10
C SER C 262 -28.02 -5.18 31.93
N LYS C 263 -28.46 -5.33 30.68
CA LYS C 263 -29.40 -6.39 30.24
C LYS C 263 -28.82 -7.03 28.99
N LEU C 264 -29.08 -8.31 28.77
CA LEU C 264 -28.62 -9.04 27.55
C LEU C 264 -29.67 -8.80 26.46
N ILE C 265 -29.24 -8.49 25.23
CA ILE C 265 -30.16 -8.18 24.09
C ILE C 265 -29.74 -8.95 22.84
N LYS C 266 -30.70 -9.17 21.96
CA LYS C 266 -30.49 -9.62 20.56
C LYS C 266 -31.19 -8.58 19.70
N TRP C 267 -30.52 -8.16 18.63
CA TRP C 267 -31.06 -7.23 17.64
C TRP C 267 -31.84 -8.03 16.59
N HIS C 268 -33.06 -7.59 16.27
CA HIS C 268 -33.92 -8.15 15.21
C HIS C 268 -34.52 -6.99 14.42
N PHE C 269 -34.08 -6.82 13.17
CA PHE C 269 -34.64 -5.86 12.19
C PHE C 269 -35.75 -6.59 11.42
N LYS C 270 -37.02 -6.27 11.67
CA LYS C 270 -38.15 -7.05 11.11
C LYS C 270 -38.73 -6.30 9.91
N SER C 271 -38.75 -6.95 8.76
CA SER C 271 -39.10 -6.31 7.47
C SER C 271 -40.58 -5.90 7.48
N ARG C 272 -40.89 -4.67 7.10
CA ARG C 272 -42.29 -4.22 6.89
C ARG C 272 -42.81 -4.62 5.51
N GLN C 273 -41.95 -5.14 4.64
CA GLN C 273 -42.32 -5.63 3.29
C GLN C 273 -42.79 -7.08 3.34
N GLY C 274 -42.51 -7.79 4.43
CA GLY C 274 -42.81 -9.22 4.58
C GLY C 274 -41.65 -10.09 4.16
N LYS C 275 -41.64 -11.35 4.61
CA LYS C 275 -40.59 -12.34 4.24
C LYS C 275 -41.03 -13.01 2.93
N ALA C 276 -40.07 -13.20 2.03
CA ALA C 276 -40.31 -13.91 0.76
C ALA C 276 -39.00 -14.46 0.23
N SER C 277 -39.11 -15.59 -0.45
CA SER C 277 -38.00 -16.31 -1.08
C SER C 277 -38.23 -16.42 -2.58
N LEU C 278 -37.18 -16.73 -3.31
CA LEU C 278 -37.27 -17.31 -4.67
C LEU C 278 -37.43 -18.80 -4.48
N VAL C 279 -37.74 -19.50 -5.57
CA VAL C 279 -37.53 -20.96 -5.63
C VAL C 279 -36.20 -21.19 -6.32
N TRP C 280 -35.57 -22.33 -6.05
CA TRP C 280 -34.15 -22.54 -6.42
C TRP C 280 -34.02 -22.43 -7.95
N GLU C 281 -34.87 -23.12 -8.72
CA GLU C 281 -34.68 -23.12 -10.20
C GLU C 281 -34.76 -21.68 -10.69
N GLU C 282 -35.66 -20.90 -10.12
CA GLU C 282 -35.82 -19.48 -10.47
C GLU C 282 -34.51 -18.73 -10.17
N ALA C 283 -33.97 -18.89 -8.95
CA ALA C 283 -32.73 -18.23 -8.49
C ALA C 283 -31.59 -18.55 -9.47
N GLN C 284 -31.46 -19.79 -9.91
CA GLN C 284 -30.37 -20.20 -10.82
C GLN C 284 -30.49 -19.46 -12.16
N VAL C 285 -31.69 -19.40 -12.74
CA VAL C 285 -31.92 -18.69 -14.00
C VAL C 285 -31.63 -17.21 -13.79
N LEU C 286 -32.14 -16.63 -12.71
CA LEU C 286 -31.99 -15.19 -12.44
C LEU C 286 -30.51 -14.84 -12.28
N SER C 287 -29.69 -15.75 -11.76
CA SER C 287 -28.24 -15.51 -11.59
C SER C 287 -27.60 -15.24 -12.95
N GLY C 288 -28.14 -15.82 -14.03
CA GLY C 288 -27.63 -15.62 -15.40
C GLY C 288 -28.34 -14.45 -16.06
N LYS C 289 -29.67 -14.36 -15.94
CA LYS C 289 -30.46 -13.34 -16.68
C LYS C 289 -30.27 -11.98 -16.02
N ASN C 290 -30.05 -11.92 -14.71
CA ASN C 290 -29.91 -10.63 -13.99
C ASN C 290 -29.12 -10.83 -12.69
N ALA C 291 -27.80 -10.81 -12.82
CA ALA C 291 -26.86 -10.93 -11.70
C ALA C 291 -27.07 -9.78 -10.70
N ASP C 292 -27.61 -8.64 -11.14
CA ASP C 292 -27.82 -7.41 -10.34
C ASP C 292 -29.22 -7.38 -9.71
N PHE C 293 -29.94 -8.50 -9.69
CA PHE C 293 -31.39 -8.50 -9.36
C PHE C 293 -31.68 -7.83 -8.00
N HIS C 294 -30.93 -8.11 -6.94
CA HIS C 294 -31.23 -7.53 -5.60
C HIS C 294 -30.82 -6.06 -5.55
N ARG C 295 -29.66 -5.68 -6.07
CA ARG C 295 -29.27 -4.25 -6.05
C ARG C 295 -30.24 -3.47 -6.92
N GLN C 296 -30.68 -4.02 -8.04
CA GLN C 296 -31.68 -3.34 -8.90
C GLN C 296 -33.02 -3.21 -8.18
N ASP C 297 -33.53 -4.28 -7.56
CA ASP C 297 -34.79 -4.26 -6.80
C ASP C 297 -34.74 -3.11 -5.77
N LEU C 298 -33.64 -3.01 -5.03
CA LEU C 298 -33.49 -2.01 -3.94
C LEU C 298 -33.46 -0.61 -4.55
N TRP C 299 -32.59 -0.40 -5.53
CA TRP C 299 -32.40 0.91 -6.21
C TRP C 299 -33.75 1.39 -6.77
N ASP C 300 -34.46 0.51 -7.46
CA ASP C 300 -35.77 0.85 -8.09
C ASP C 300 -36.79 1.21 -7.01
N ALA C 301 -36.84 0.47 -5.89
CA ALA C 301 -37.84 0.68 -4.82
C ALA C 301 -37.63 2.08 -4.24
N ILE C 302 -36.38 2.46 -4.04
CA ILE C 302 -36.06 3.80 -3.49
C ILE C 302 -36.48 4.86 -4.52
N GLU C 303 -36.16 4.69 -5.81
CA GLU C 303 -36.44 5.76 -6.80
C GLU C 303 -37.95 5.91 -6.99
N SER C 304 -38.72 4.86 -6.77
CA SER C 304 -40.21 4.90 -6.93
C SER C 304 -40.90 5.46 -5.68
N GLY C 305 -40.17 5.80 -4.62
CA GLY C 305 -40.74 6.26 -3.34
C GLY C 305 -41.30 5.13 -2.49
N ASN C 306 -40.89 3.89 -2.75
CA ASN C 306 -41.16 2.69 -1.93
C ASN C 306 -39.90 2.30 -1.11
N GLY C 307 -39.27 3.27 -0.46
CA GLY C 307 -38.07 3.00 0.37
C GLY C 307 -38.37 1.97 1.45
N PRO C 308 -37.60 0.84 1.52
CA PRO C 308 -37.95 -0.25 2.41
C PRO C 308 -37.81 0.11 3.89
N GLU C 309 -38.62 -0.53 4.72
CA GLU C 309 -38.74 -0.24 6.15
C GLU C 309 -38.50 -1.52 6.96
N TRP C 310 -37.93 -1.36 8.14
CA TRP C 310 -37.80 -2.40 9.18
C TRP C 310 -38.14 -1.80 10.53
N ASP C 311 -38.83 -2.58 11.36
CA ASP C 311 -38.90 -2.29 12.80
C ASP C 311 -37.59 -2.82 13.37
N VAL C 312 -36.82 -1.92 13.95
CA VAL C 312 -35.62 -2.28 14.76
C VAL C 312 -36.09 -2.72 16.12
N CYS C 313 -35.88 -3.99 16.43
CA CYS C 313 -36.40 -4.66 17.64
C CYS C 313 -35.26 -5.28 18.43
N VAL C 314 -35.52 -5.49 19.72
CA VAL C 314 -34.65 -6.30 20.61
C VAL C 314 -35.46 -7.32 21.39
N GLN C 315 -34.85 -8.47 21.64
CA GLN C 315 -35.15 -9.31 22.82
C GLN C 315 -34.27 -8.79 23.94
N ILE C 316 -34.85 -8.63 25.13
CA ILE C 316 -34.16 -8.10 26.34
C ILE C 316 -34.35 -9.13 27.44
N VAL C 317 -33.28 -9.71 27.96
CA VAL C 317 -33.37 -10.68 29.08
C VAL C 317 -32.37 -10.25 30.14
N ASP C 318 -32.49 -10.83 31.33
CA ASP C 318 -31.57 -10.52 32.46
C ASP C 318 -30.23 -11.23 32.31
N GLU C 319 -29.18 -10.63 32.87
CA GLU C 319 -27.84 -11.24 33.02
C GLU C 319 -27.98 -12.66 33.63
N SER C 320 -28.88 -12.84 34.58
CA SER C 320 -29.11 -14.12 35.30
C SER C 320 -29.69 -15.20 34.36
N GLN C 321 -30.18 -14.84 33.18
CA GLN C 321 -30.81 -15.82 32.26
C GLN C 321 -29.82 -16.30 31.18
N ALA C 322 -28.53 -16.02 31.33
CA ALA C 322 -27.48 -16.39 30.35
C ALA C 322 -27.55 -17.89 30.06
N GLN C 323 -27.87 -18.71 31.08
CA GLN C 323 -27.89 -20.20 30.94
C GLN C 323 -29.30 -20.75 31.22
N ALA C 324 -30.33 -19.90 31.30
CA ALA C 324 -31.70 -20.29 31.78
C ALA C 324 -32.55 -20.91 30.66
N PHE C 325 -32.21 -20.73 29.38
CA PHE C 325 -33.13 -21.08 28.26
C PHE C 325 -32.76 -22.46 27.68
N GLY C 326 -31.86 -23.23 28.30
CA GLY C 326 -31.44 -24.56 27.82
C GLY C 326 -30.22 -24.52 26.90
N PHE C 327 -29.62 -23.35 26.75
CA PHE C 327 -28.36 -23.12 26.01
C PHE C 327 -27.74 -21.84 26.57
N ASP C 328 -26.55 -21.52 26.10
CA ASP C 328 -25.72 -20.41 26.61
C ASP C 328 -25.96 -19.19 25.72
N LEU C 329 -26.29 -18.04 26.27
CA LEU C 329 -26.49 -16.79 25.46
C LEU C 329 -25.19 -16.33 24.81
N LEU C 330 -24.05 -16.89 25.21
CA LEU C 330 -22.74 -16.52 24.63
C LEU C 330 -22.49 -17.31 23.34
N ASP C 331 -23.33 -18.31 23.05
CA ASP C 331 -23.20 -19.22 21.89
C ASP C 331 -23.96 -18.67 20.69
N PRO C 332 -23.26 -18.23 19.62
CA PRO C 332 -23.92 -17.59 18.47
C PRO C 332 -24.57 -18.57 17.49
N THR C 333 -24.62 -19.86 17.81
CA THR C 333 -25.33 -20.87 17.00
C THR C 333 -26.76 -21.07 17.50
N LYS C 334 -27.20 -20.30 18.48
CA LYS C 334 -28.50 -20.46 19.17
C LYS C 334 -29.34 -19.18 19.02
N ILE C 335 -30.66 -19.33 18.80
CA ILE C 335 -31.66 -18.24 18.94
C ILE C 335 -32.31 -18.37 20.32
N ILE C 336 -32.76 -17.25 20.87
CA ILE C 336 -33.78 -17.24 21.96
C ILE C 336 -35.14 -17.35 21.29
N PRO C 337 -35.85 -18.49 21.41
CA PRO C 337 -37.21 -18.60 20.85
C PRO C 337 -38.04 -17.41 21.31
N GLU C 338 -38.84 -16.83 20.41
CA GLU C 338 -39.72 -15.66 20.71
C GLU C 338 -40.76 -16.02 21.79
N GLU C 339 -41.08 -17.30 21.95
CA GLU C 339 -42.02 -17.80 23.00
C GLU C 339 -41.39 -17.54 24.37
N TYR C 340 -40.06 -17.47 24.46
CA TYR C 340 -39.31 -17.27 25.74
C TYR C 340 -39.06 -15.78 25.99
N ALA C 341 -38.94 -14.98 24.94
CA ALA C 341 -38.55 -13.57 25.03
C ALA C 341 -39.12 -12.85 23.82
N PRO C 342 -40.19 -12.06 24.02
CA PRO C 342 -40.85 -11.39 22.90
C PRO C 342 -39.99 -10.25 22.37
N LEU C 343 -40.30 -9.82 21.14
CA LEU C 343 -39.60 -8.67 20.52
C LEU C 343 -40.17 -7.39 21.09
N THR C 344 -39.32 -6.43 21.38
CA THR C 344 -39.67 -5.02 21.67
C THR C 344 -39.27 -4.16 20.47
N LYS C 345 -40.22 -3.39 19.94
CA LYS C 345 -39.97 -2.43 18.82
C LYS C 345 -39.30 -1.18 19.36
N LEU C 346 -38.08 -0.85 18.88
CA LEU C 346 -37.33 0.34 19.36
C LEU C 346 -37.59 1.54 18.44
N GLY C 347 -37.65 1.30 17.13
CA GLY C 347 -37.90 2.38 16.18
C GLY C 347 -37.94 1.90 14.75
N LEU C 348 -38.01 2.86 13.85
CA LEU C 348 -38.17 2.64 12.40
C LEU C 348 -36.85 2.91 11.67
N LEU C 349 -36.42 1.95 10.86
CA LEU C 349 -35.34 2.09 9.85
C LEU C 349 -36.00 2.19 8.49
N LYS C 350 -35.79 3.30 7.79
CA LYS C 350 -36.28 3.54 6.42
C LYS C 350 -35.08 3.91 5.54
N LEU C 351 -34.89 3.20 4.43
CA LEU C 351 -33.92 3.53 3.35
C LEU C 351 -34.65 4.25 2.24
N ASP C 352 -34.26 5.48 1.92
CA ASP C 352 -35.05 6.30 0.98
C ASP C 352 -34.16 7.13 0.06
N ARG C 353 -32.84 6.91 0.05
CA ARG C 353 -31.96 7.71 -0.84
C ARG C 353 -30.83 6.84 -1.37
N ASN C 354 -30.74 6.77 -2.68
CA ASN C 354 -29.66 5.99 -3.35
C ASN C 354 -28.37 6.77 -3.25
N PRO C 355 -27.22 6.07 -3.38
CA PRO C 355 -25.94 6.78 -3.42
C PRO C 355 -25.84 7.60 -4.71
N THR C 356 -24.91 8.57 -4.71
CA THR C 356 -24.48 9.37 -5.87
C THR C 356 -23.35 8.63 -6.59
N ASN C 357 -22.34 8.18 -5.87
CA ASN C 357 -21.23 7.40 -6.46
C ASN C 357 -21.11 6.09 -5.68
N TYR C 358 -21.32 4.95 -6.35
CA TYR C 358 -21.30 3.61 -5.75
C TYR C 358 -19.94 3.34 -5.06
N PHE C 359 -18.85 3.55 -5.79
CA PHE C 359 -17.49 3.31 -5.27
C PHE C 359 -17.27 4.13 -3.98
N ALA C 360 -17.51 5.43 -4.04
CA ALA C 360 -17.16 6.35 -2.92
C ALA C 360 -17.96 6.00 -1.66
N GLU C 361 -19.24 5.59 -1.83
CA GLU C 361 -20.21 5.38 -0.73
C GLU C 361 -20.33 3.88 -0.44
N THR C 362 -20.85 3.09 -1.36
CA THR C 362 -21.07 1.64 -1.12
C THR C 362 -19.74 0.88 -1.02
N GLU C 363 -18.83 1.01 -1.99
CA GLU C 363 -17.63 0.14 -1.96
C GLU C 363 -16.76 0.55 -0.76
N GLN C 364 -16.66 1.85 -0.45
CA GLN C 364 -15.71 2.38 0.58
C GLN C 364 -16.31 2.34 1.99
N VAL C 365 -17.60 2.05 2.16
CA VAL C 365 -18.18 2.02 3.54
C VAL C 365 -17.46 0.93 4.32
N MET C 366 -16.92 1.27 5.50
CA MET C 366 -16.08 0.34 6.28
C MET C 366 -16.68 0.15 7.68
N PHE C 367 -17.48 -0.90 7.81
CA PHE C 367 -18.26 -1.22 9.04
C PHE C 367 -17.33 -1.89 10.06
N GLN C 368 -17.64 -1.66 11.33
CA GLN C 368 -16.92 -2.28 12.46
C GLN C 368 -17.89 -2.47 13.59
N PRO C 369 -17.92 -3.68 14.19
CA PRO C 369 -18.57 -3.86 15.49
C PRO C 369 -17.92 -3.02 16.60
N GLY C 370 -16.67 -2.61 16.42
CA GLY C 370 -15.97 -1.75 17.39
C GLY C 370 -16.46 -0.33 17.31
N HIS C 371 -17.29 -0.03 16.30
CA HIS C 371 -18.02 1.25 16.26
C HIS C 371 -19.20 1.15 17.21
N ILE C 372 -18.95 1.36 18.48
CA ILE C 372 -19.94 1.18 19.57
C ILE C 372 -20.14 2.55 20.24
N VAL C 373 -21.29 2.76 20.87
CA VAL C 373 -21.59 4.04 21.57
C VAL C 373 -21.96 3.74 23.03
N ARG C 374 -21.86 4.78 23.86
CA ARG C 374 -22.25 4.64 25.29
C ARG C 374 -23.69 4.10 25.33
N GLY C 375 -23.92 3.04 26.11
CA GLY C 375 -25.23 2.43 26.34
C GLY C 375 -25.29 1.04 25.74
N ILE C 376 -24.25 0.66 25.00
CA ILE C 376 -24.11 -0.69 24.37
C ILE C 376 -22.78 -1.31 24.86
N ASP C 377 -22.74 -2.60 25.09
CA ASP C 377 -21.45 -3.28 25.37
C ASP C 377 -21.47 -4.66 24.72
N PHE C 378 -20.28 -5.23 24.66
CA PHE C 378 -20.04 -6.58 24.15
C PHE C 378 -20.42 -7.61 25.20
N THR C 379 -20.52 -8.84 24.72
CA THR C 379 -20.51 -10.05 25.54
C THR C 379 -19.31 -10.88 25.14
N GLU C 380 -19.07 -11.90 25.96
CA GLU C 380 -17.91 -12.81 25.93
C GLU C 380 -18.21 -13.94 24.92
N ASP C 381 -19.06 -13.66 23.94
CA ASP C 381 -19.30 -14.54 22.77
C ASP C 381 -17.98 -14.59 22.00
N PRO C 382 -17.29 -15.74 21.95
CA PRO C 382 -15.94 -15.83 21.38
C PRO C 382 -15.88 -15.52 19.88
N LEU C 383 -17.02 -15.60 19.20
CA LEU C 383 -17.18 -15.18 17.78
C LEU C 383 -17.17 -13.66 17.74
N LEU C 384 -17.96 -12.99 18.58
CA LEU C 384 -18.02 -11.51 18.64
C LEU C 384 -16.65 -10.97 19.04
N GLN C 385 -16.03 -11.59 20.04
CA GLN C 385 -14.81 -11.06 20.66
C GLN C 385 -13.78 -10.89 19.54
N GLY C 386 -13.61 -11.89 18.69
CA GLY C 386 -12.55 -11.87 17.65
C GLY C 386 -12.91 -10.96 16.48
N ARG C 387 -14.20 -10.78 16.19
CA ARG C 387 -14.66 -9.80 15.18
C ARG C 387 -14.09 -8.43 15.50
N LEU C 388 -14.04 -8.06 16.78
CA LEU C 388 -13.62 -6.67 17.14
C LEU C 388 -12.23 -6.37 16.56
N PHE C 389 -11.34 -7.33 16.57
CA PHE C 389 -9.98 -7.21 15.99
C PHE C 389 -10.08 -7.12 14.47
N SER C 390 -10.84 -8.02 13.84
CA SER C 390 -10.80 -8.26 12.37
C SER C 390 -11.17 -6.98 11.59
N TYR C 391 -12.22 -6.28 11.98
CA TYR C 391 -12.78 -5.21 11.14
C TYR C 391 -11.92 -3.93 11.26
N LEU C 392 -11.21 -3.70 12.36
CA LEU C 392 -10.29 -2.55 12.41
C LEU C 392 -9.08 -2.84 11.51
N ASP C 393 -8.59 -4.08 11.57
CA ASP C 393 -7.40 -4.52 10.79
C ASP C 393 -7.69 -4.55 9.29
N THR C 394 -8.83 -5.11 8.86
CA THR C 394 -9.09 -5.39 7.43
C THR C 394 -9.23 -4.08 6.65
N GLN C 395 -9.62 -2.99 7.31
CA GLN C 395 -9.72 -1.67 6.60
C GLN C 395 -8.34 -1.17 6.16
N LEU C 396 -7.24 -1.56 6.82
CA LEU C 396 -5.88 -1.22 6.34
C LEU C 396 -5.67 -1.86 4.97
N ASN C 397 -6.12 -3.10 4.81
CA ASN C 397 -6.04 -3.81 3.52
C ASN C 397 -6.84 -3.04 2.45
N ARG C 398 -8.09 -2.70 2.73
CA ARG C 398 -8.98 -2.16 1.70
C ARG C 398 -8.54 -0.73 1.37
N ASN C 399 -8.24 0.07 2.39
CA ASN C 399 -8.00 1.52 2.21
C ASN C 399 -6.53 1.76 1.86
N GLY C 400 -5.63 0.83 2.21
CA GLY C 400 -4.20 0.95 1.91
C GLY C 400 -3.49 1.93 2.85
N GLY C 401 -4.14 2.34 3.93
CA GLY C 401 -3.64 3.37 4.85
C GLY C 401 -4.58 3.51 6.03
N PRO C 402 -4.11 4.15 7.11
CA PRO C 402 -4.80 4.16 8.41
C PRO C 402 -5.90 5.22 8.59
N ASN C 403 -6.11 6.08 7.59
CA ASN C 403 -7.05 7.23 7.68
C ASN C 403 -8.41 6.90 7.02
N PHE C 404 -8.84 5.65 7.04
CA PHE C 404 -10.08 5.20 6.38
C PHE C 404 -11.31 5.87 7.04
N GLU C 405 -11.25 6.26 8.30
CA GLU C 405 -12.40 6.94 8.98
C GLU C 405 -12.60 8.37 8.43
N GLN C 406 -11.68 8.86 7.62
CA GLN C 406 -11.78 10.24 7.07
C GLN C 406 -12.52 10.19 5.72
N LEU C 407 -12.74 9.01 5.16
CA LEU C 407 -13.57 8.91 3.92
C LEU C 407 -14.96 9.42 4.26
N PRO C 408 -15.58 10.26 3.38
CA PRO C 408 -16.88 10.86 3.66
C PRO C 408 -17.90 9.88 4.24
N ILE C 409 -18.02 8.70 3.65
CA ILE C 409 -19.03 7.70 4.08
C ILE C 409 -18.73 7.25 5.52
N ASN C 410 -17.48 7.31 5.96
CA ASN C 410 -17.06 6.78 7.29
C ASN C 410 -17.00 7.92 8.31
N MET C 411 -17.04 9.17 7.88
CA MET C 411 -16.91 10.29 8.83
C MET C 411 -18.11 10.29 9.77
N PRO C 412 -17.90 10.68 11.03
CA PRO C 412 -19.01 10.93 11.95
C PRO C 412 -19.66 12.30 11.68
N ARG C 413 -20.80 12.58 12.31
CA ARG C 413 -21.56 13.86 12.14
C ARG C 413 -21.39 14.69 13.41
N VAL C 414 -20.36 14.40 14.20
CA VAL C 414 -20.00 15.16 15.42
C VAL C 414 -18.50 15.39 15.41
N PRO C 415 -18.02 16.41 16.14
CA PRO C 415 -16.58 16.70 16.19
C PRO C 415 -15.73 15.51 16.65
N ILE C 416 -14.50 15.42 16.12
CA ILE C 416 -13.43 14.46 16.52
C ILE C 416 -12.39 15.24 17.33
N HIS C 417 -12.14 14.83 18.57
CA HIS C 417 -11.09 15.41 19.45
C HIS C 417 -10.17 14.28 19.89
N ASN C 418 -9.07 14.05 19.18
CA ASN C 418 -8.10 13.04 19.68
C ASN C 418 -6.68 13.33 19.16
N ASN C 419 -5.74 12.56 19.67
CA ASN C 419 -4.28 12.75 19.44
C ASN C 419 -3.77 11.75 18.41
N ASN C 420 -4.67 11.15 17.63
CA ASN C 420 -4.26 10.36 16.43
C ASN C 420 -3.68 11.34 15.41
N ARG C 421 -2.61 10.96 14.70
CA ARG C 421 -1.89 11.92 13.83
C ARG C 421 -1.26 11.19 12.65
N ASP C 422 -1.00 11.97 11.60
CA ASP C 422 -0.13 11.54 10.47
C ASP C 422 -0.76 10.32 9.80
N GLY C 423 0.05 9.41 9.29
CA GLY C 423 -0.42 8.29 8.46
C GLY C 423 -0.67 8.70 7.01
N ALA C 424 -0.48 7.76 6.08
CA ALA C 424 -0.78 7.97 4.64
C ALA C 424 -2.18 8.57 4.51
N GLY C 425 -2.34 9.56 3.67
CA GLY C 425 -3.66 10.14 3.30
C GLY C 425 -4.28 10.95 4.43
N GLN C 426 -3.48 11.49 5.35
CA GLN C 426 -3.99 12.37 6.44
C GLN C 426 -4.63 13.60 5.81
N MET C 427 -5.92 13.80 6.06
CA MET C 427 -6.69 14.91 5.44
C MET C 427 -6.81 16.07 6.40
N PHE C 428 -6.67 15.84 7.71
CA PHE C 428 -6.90 16.90 8.72
C PHE C 428 -5.63 17.75 8.84
N ILE C 429 -5.78 19.01 9.22
CA ILE C 429 -4.66 19.90 9.64
C ILE C 429 -4.88 20.20 11.12
N HIS C 430 -4.22 19.44 12.00
CA HIS C 430 -4.47 19.55 13.45
C HIS C 430 -3.80 20.81 13.98
N ARG C 431 -4.56 21.63 14.70
CA ARG C 431 -4.06 22.87 15.34
C ARG C 431 -3.32 22.53 16.63
N ASN C 432 -3.71 21.47 17.32
CA ASN C 432 -3.15 21.18 18.65
C ASN C 432 -1.72 20.67 18.44
N LYS C 433 -0.71 21.44 18.83
CA LYS C 433 0.69 20.98 18.62
C LYS C 433 1.22 20.18 19.83
N TYR C 434 0.37 19.84 20.80
CA TYR C 434 0.77 19.02 21.97
C TYR C 434 -0.12 17.80 22.06
N PRO C 435 -0.16 16.92 21.03
CA PRO C 435 -1.08 15.78 21.01
C PRO C 435 -0.64 14.56 21.87
N TYR C 436 -0.52 14.81 23.15
CA TYR C 436 -0.20 13.81 24.20
C TYR C 436 -1.04 14.14 25.43
N THR C 437 -1.32 13.09 26.22
CA THR C 437 -1.97 13.13 27.54
C THR C 437 -1.01 12.41 28.48
N PRO C 438 -0.73 12.89 29.71
CA PRO C 438 -1.20 14.18 30.20
C PRO C 438 -0.34 15.35 29.71
N ASN C 439 -1.00 16.47 29.42
CA ASN C 439 -0.31 17.71 29.00
C ASN C 439 -0.80 18.88 29.88
N THR C 440 0.05 19.89 30.07
CA THR C 440 -0.35 21.27 30.48
C THR C 440 -0.31 22.18 29.26
N LEU C 441 0.51 21.91 28.24
CA LEU C 441 0.77 22.91 27.17
C LEU C 441 -0.45 23.06 26.23
N ASN C 442 -1.43 22.16 26.26
CA ASN C 442 -2.76 22.34 25.62
C ASN C 442 -3.86 22.35 26.71
N SER C 443 -3.53 22.70 27.97
CA SER C 443 -4.48 22.89 29.10
C SER C 443 -5.21 21.59 29.46
N GLY C 444 -4.58 20.43 29.23
CA GLY C 444 -5.15 19.10 29.51
C GLY C 444 -6.27 18.68 28.58
N TYR C 445 -6.37 19.28 27.39
CA TYR C 445 -7.35 18.89 26.34
C TYR C 445 -6.63 18.04 25.30
N PRO C 446 -7.31 17.05 24.67
CA PRO C 446 -8.70 16.70 25.00
C PRO C 446 -8.83 16.02 26.38
N ARG C 447 -9.96 16.20 27.05
CA ARG C 447 -10.23 15.60 28.39
C ARG C 447 -10.64 14.14 28.27
N GLN C 448 -10.31 13.32 29.27
CA GLN C 448 -10.72 11.88 29.32
C GLN C 448 -12.25 11.79 29.48
N ALA C 449 -12.90 10.95 28.69
CA ALA C 449 -14.35 10.66 28.81
C ALA C 449 -14.53 9.25 29.38
N ASN C 450 -15.47 9.10 30.30
CA ASN C 450 -15.71 7.84 31.04
C ASN C 450 -17.15 7.88 31.57
N GLN C 451 -17.47 6.96 32.48
CA GLN C 451 -18.86 6.78 32.98
C GLN C 451 -19.32 8.09 33.61
N ASN C 452 -18.43 8.79 34.31
CA ASN C 452 -18.83 9.92 35.18
C ASN C 452 -18.52 11.26 34.50
N ALA C 453 -17.88 11.29 33.34
CA ALA C 453 -17.60 12.58 32.62
C ALA C 453 -17.54 12.44 31.10
N GLY C 454 -18.01 13.48 30.40
CA GLY C 454 -17.95 13.63 28.94
C GLY C 454 -18.72 12.55 28.17
N ARG C 455 -19.67 11.85 28.78
CA ARG C 455 -20.50 10.83 28.09
C ARG C 455 -19.59 9.74 27.48
N GLY C 456 -18.49 9.40 28.15
CA GLY C 456 -17.59 8.34 27.69
C GLY C 456 -18.30 7.01 27.56
N PHE C 457 -17.91 6.22 26.57
CA PHE C 457 -18.15 4.78 26.57
C PHE C 457 -17.60 4.25 27.90
N PHE C 458 -18.22 3.23 28.43
CA PHE C 458 -17.68 2.52 29.61
C PHE C 458 -18.14 1.07 29.48
N THR C 459 -17.26 0.16 29.83
CA THR C 459 -17.54 -1.29 29.91
C THR C 459 -18.61 -1.49 31.00
N ALA C 460 -19.55 -2.40 30.80
CA ALA C 460 -20.61 -2.66 31.80
C ALA C 460 -19.92 -3.00 33.13
N PRO C 461 -20.11 -2.18 34.20
CA PRO C 461 -19.33 -2.31 35.44
C PRO C 461 -19.52 -3.64 36.19
N GLY C 462 -20.65 -4.33 35.95
CA GLY C 462 -20.96 -5.63 36.55
C GLY C 462 -20.14 -6.76 35.95
N ARG C 463 -19.42 -6.51 34.84
CA ARG C 463 -18.77 -7.60 34.10
C ARG C 463 -17.53 -8.05 34.87
N THR C 464 -17.28 -9.35 34.92
CA THR C 464 -16.13 -9.93 35.62
C THR C 464 -15.57 -11.08 34.77
N ALA C 465 -14.38 -11.51 35.11
CA ALA C 465 -13.81 -12.74 34.55
C ALA C 465 -13.22 -13.53 35.71
N SER C 466 -13.31 -14.85 35.67
CA SER C 466 -12.66 -15.71 36.69
C SER C 466 -12.23 -17.03 36.06
N GLY C 467 -11.02 -17.49 36.34
CA GLY C 467 -10.60 -18.86 35.99
C GLY C 467 -9.24 -18.87 35.35
N ALA C 468 -8.87 -20.01 34.78
CA ALA C 468 -7.59 -20.21 34.09
C ALA C 468 -7.63 -19.45 32.76
N LEU C 469 -6.47 -19.01 32.29
CA LEU C 469 -6.30 -18.53 30.90
C LEU C 469 -6.29 -19.78 30.01
N VAL C 470 -7.37 -20.02 29.27
CA VAL C 470 -7.63 -21.32 28.59
C VAL C 470 -7.95 -21.10 27.12
N ARG C 471 -7.48 -22.03 26.31
CA ARG C 471 -7.92 -22.25 24.92
C ARG C 471 -8.81 -23.49 24.90
N GLU C 472 -9.92 -23.44 25.64
CA GLU C 472 -10.90 -24.55 25.77
C GLU C 472 -12.30 -24.01 25.45
N VAL C 473 -13.15 -24.88 24.91
CA VAL C 473 -14.56 -24.57 24.57
C VAL C 473 -15.43 -24.87 25.78
N SER C 474 -16.36 -23.97 26.11
CA SER C 474 -17.37 -24.20 27.19
C SER C 474 -18.25 -25.40 26.82
N PRO C 475 -18.37 -26.41 27.71
CA PRO C 475 -19.24 -27.57 27.46
C PRO C 475 -20.71 -27.14 27.27
N THR C 476 -21.08 -25.95 27.73
CA THR C 476 -22.43 -25.38 27.50
C THR C 476 -22.67 -25.08 26.01
N PHE C 477 -21.65 -25.15 25.15
CA PHE C 477 -21.77 -24.92 23.69
C PHE C 477 -21.98 -26.24 22.93
N ASN C 478 -22.02 -27.39 23.59
CA ASN C 478 -21.80 -28.69 22.89
C ASN C 478 -23.04 -29.20 22.16
N ASP C 479 -24.26 -28.72 22.43
CA ASP C 479 -25.44 -29.25 21.69
C ASP C 479 -25.56 -28.52 20.34
N HIS C 480 -25.10 -29.17 19.26
CA HIS C 480 -25.09 -28.62 17.88
C HIS C 480 -26.36 -29.00 17.10
N TRP C 481 -27.25 -29.84 17.68
CA TRP C 481 -28.33 -30.48 16.85
C TRP C 481 -29.76 -30.14 17.26
N SER C 482 -30.07 -29.89 18.54
CA SER C 482 -31.44 -29.56 19.02
C SER C 482 -32.00 -28.41 18.22
N GLN C 483 -31.25 -27.32 18.06
CA GLN C 483 -31.82 -26.07 17.50
C GLN C 483 -31.97 -26.22 15.99
N PRO C 484 -31.04 -26.83 15.24
CA PRO C 484 -31.33 -27.18 13.85
C PRO C 484 -32.69 -27.89 13.72
N ARG C 485 -32.96 -28.81 14.65
CA ARG C 485 -34.18 -29.65 14.59
C ARG C 485 -35.37 -28.75 14.93
N LEU C 486 -35.19 -27.81 15.87
CA LEU C 486 -36.24 -26.83 16.23
C LEU C 486 -36.62 -26.03 14.96
N PHE C 487 -35.62 -25.51 14.26
CA PHE C 487 -35.82 -24.76 12.99
C PHE C 487 -36.57 -25.64 11.98
N PHE C 488 -36.08 -26.87 11.74
CA PHE C 488 -36.66 -27.78 10.74
C PHE C 488 -38.14 -28.09 11.09
N ASN C 489 -38.44 -28.34 12.37
CA ASN C 489 -39.82 -28.58 12.87
C ASN C 489 -40.75 -27.38 12.61
N SER C 490 -40.22 -26.16 12.54
CA SER C 490 -40.99 -24.90 12.48
C SER C 490 -41.30 -24.49 11.02
N LEU C 491 -40.89 -25.31 10.04
CA LEU C 491 -41.14 -25.05 8.60
C LEU C 491 -42.40 -25.83 8.23
N THR C 492 -43.13 -25.37 7.22
CA THR C 492 -44.33 -26.08 6.72
C THR C 492 -43.86 -27.27 5.91
N PRO C 493 -44.77 -28.24 5.65
CA PRO C 493 -44.40 -29.46 4.95
C PRO C 493 -43.71 -29.20 3.59
N VAL C 494 -44.24 -28.26 2.79
CA VAL C 494 -43.65 -27.96 1.46
C VAL C 494 -42.30 -27.27 1.68
N GLU C 495 -42.21 -26.41 2.67
CA GLU C 495 -40.98 -25.70 3.05
C GLU C 495 -39.90 -26.71 3.48
N GLN C 496 -40.29 -27.77 4.20
CA GLN C 496 -39.39 -28.88 4.61
C GLN C 496 -38.89 -29.60 3.36
N GLN C 497 -39.77 -29.84 2.39
CA GLN C 497 -39.42 -30.46 1.11
C GLN C 497 -38.40 -29.59 0.35
N PHE C 498 -38.60 -28.27 0.28
CA PHE C 498 -37.67 -27.32 -0.39
C PHE C 498 -36.28 -27.47 0.21
N LEU C 499 -36.21 -27.56 1.53
CA LEU C 499 -34.93 -27.64 2.29
C LEU C 499 -34.33 -29.01 1.98
N VAL C 500 -35.11 -30.07 2.07
CA VAL C 500 -34.58 -31.41 1.69
C VAL C 500 -34.04 -31.31 0.28
N ASN C 501 -34.77 -30.65 -0.62
CA ASN C 501 -34.41 -30.58 -2.07
C ASN C 501 -33.11 -29.78 -2.26
N ALA C 502 -32.88 -28.74 -1.45
CA ALA C 502 -31.66 -27.91 -1.57
C ALA C 502 -30.45 -28.76 -1.14
N MET C 503 -30.65 -29.62 -0.15
CA MET C 503 -29.57 -30.49 0.37
C MET C 503 -29.28 -31.59 -0.65
N ARG C 504 -30.31 -32.17 -1.27
CA ARG C 504 -30.13 -33.21 -2.31
C ARG C 504 -29.36 -32.62 -3.48
N PHE C 505 -29.72 -31.42 -3.92
CA PHE C 505 -29.03 -30.72 -5.03
C PHE C 505 -27.54 -30.57 -4.64
N ALA C 506 -27.28 -29.88 -3.53
CA ALA C 506 -25.89 -29.54 -3.13
C ALA C 506 -25.08 -30.82 -2.86
N ILE C 507 -25.58 -31.73 -2.03
CA ILE C 507 -24.79 -32.92 -1.59
C ILE C 507 -24.57 -33.82 -2.81
N SER C 508 -25.45 -33.81 -3.82
CA SER C 508 -25.32 -34.67 -5.03
C SER C 508 -24.10 -34.24 -5.85
N LEU C 509 -23.64 -32.99 -5.68
CA LEU C 509 -22.47 -32.45 -6.42
C LEU C 509 -21.16 -32.69 -5.64
N VAL C 510 -21.21 -33.32 -4.47
CA VAL C 510 -19.99 -33.68 -3.70
C VAL C 510 -19.42 -34.98 -4.27
N LYS C 511 -18.16 -35.00 -4.68
CA LYS C 511 -17.52 -36.17 -5.35
C LYS C 511 -17.12 -37.22 -4.30
N SER C 512 -16.59 -36.82 -3.14
CA SER C 512 -16.10 -37.76 -2.09
C SER C 512 -17.27 -38.53 -1.46
N GLU C 513 -17.27 -39.87 -1.61
CA GLU C 513 -18.22 -40.79 -0.95
C GLU C 513 -18.06 -40.70 0.58
N GLU C 514 -16.83 -40.56 1.06
CA GLU C 514 -16.53 -40.42 2.52
C GLU C 514 -17.19 -39.14 3.06
N VAL C 515 -17.05 -38.01 2.36
CA VAL C 515 -17.63 -36.72 2.83
C VAL C 515 -19.14 -36.90 2.86
N LYS C 516 -19.72 -37.51 1.82
CA LYS C 516 -21.19 -37.71 1.73
C LYS C 516 -21.64 -38.57 2.94
N LYS C 517 -20.88 -39.60 3.32
CA LYS C 517 -21.28 -40.43 4.48
C LYS C 517 -21.22 -39.60 5.76
N ASN C 518 -20.16 -38.82 5.97
CA ASN C 518 -19.98 -37.94 7.14
C ASN C 518 -21.15 -36.96 7.19
N VAL C 519 -21.62 -36.46 6.04
CA VAL C 519 -22.74 -35.49 6.00
C VAL C 519 -24.02 -36.17 6.52
N LEU C 520 -24.33 -37.38 6.04
CA LEU C 520 -25.56 -38.09 6.50
C LEU C 520 -25.46 -38.38 8.01
N THR C 521 -24.26 -38.61 8.55
CA THR C 521 -24.04 -38.85 10.02
C THR C 521 -24.49 -37.62 10.78
N GLN C 522 -24.09 -36.41 10.34
CA GLN C 522 -24.48 -35.16 11.05
C GLN C 522 -25.96 -34.84 10.83
N LEU C 523 -26.47 -34.95 9.61
CA LEU C 523 -27.89 -34.60 9.33
C LEU C 523 -28.80 -35.54 10.15
N ASN C 524 -28.38 -36.79 10.28
CA ASN C 524 -29.10 -37.86 11.01
C ASN C 524 -29.26 -37.48 12.48
N ARG C 525 -28.27 -36.79 13.06
CA ARG C 525 -28.32 -36.37 14.48
C ARG C 525 -29.36 -35.28 14.65
N VAL C 526 -29.72 -34.55 13.58
CA VAL C 526 -30.76 -33.48 13.59
C VAL C 526 -32.15 -34.10 13.37
N SER C 527 -32.27 -34.96 12.34
CA SER C 527 -33.53 -35.59 11.86
C SER C 527 -33.19 -36.85 11.07
N HIS C 528 -33.64 -38.02 11.52
CA HIS C 528 -33.44 -39.27 10.72
C HIS C 528 -34.18 -39.12 9.38
N ASP C 529 -35.34 -38.48 9.39
CA ASP C 529 -36.17 -38.26 8.18
C ASP C 529 -35.40 -37.45 7.14
N VAL C 530 -34.71 -36.38 7.55
CA VAL C 530 -33.87 -35.58 6.61
C VAL C 530 -32.76 -36.47 6.07
N ALA C 531 -32.11 -37.26 6.92
CA ALA C 531 -30.95 -38.08 6.46
C ALA C 531 -31.43 -39.11 5.43
N VAL C 532 -32.60 -39.70 5.68
CA VAL C 532 -33.24 -40.72 4.78
C VAL C 532 -33.55 -40.09 3.42
N ARG C 533 -34.18 -38.92 3.43
CA ARG C 533 -34.71 -38.29 2.19
C ARG C 533 -33.54 -37.76 1.35
N VAL C 534 -32.51 -37.18 1.99
CA VAL C 534 -31.28 -36.72 1.29
C VAL C 534 -30.52 -37.96 0.78
N ALA C 535 -30.35 -38.98 1.63
CA ALA C 535 -29.71 -40.27 1.26
C ALA C 535 -30.32 -40.82 -0.04
N ALA C 536 -31.65 -40.77 -0.19
CA ALA C 536 -32.37 -41.32 -1.37
C ALA C 536 -31.84 -40.69 -2.66
N ALA C 537 -31.60 -39.37 -2.68
CA ALA C 537 -31.12 -38.67 -3.90
C ALA C 537 -29.68 -39.09 -4.23
N ILE C 538 -28.83 -39.41 -3.24
CA ILE C 538 -27.37 -39.57 -3.48
C ILE C 538 -26.96 -41.04 -3.46
N GLY C 539 -27.90 -41.98 -3.32
CA GLY C 539 -27.64 -43.41 -3.58
C GLY C 539 -26.94 -44.09 -2.41
N LEU C 540 -27.15 -43.55 -1.21
CA LEU C 540 -26.50 -44.00 0.04
C LEU C 540 -27.59 -44.38 1.03
N GLY C 541 -27.26 -45.23 2.00
CA GLY C 541 -28.14 -45.52 3.14
C GLY C 541 -27.90 -44.48 4.21
N ALA C 542 -28.99 -43.97 4.77
CA ALA C 542 -28.98 -43.17 6.00
C ALA C 542 -28.49 -44.09 7.10
N PRO C 543 -27.62 -43.60 8.00
CA PRO C 543 -27.26 -44.36 9.21
C PRO C 543 -28.53 -44.55 10.05
N ASP C 544 -28.52 -45.56 10.94
CA ASP C 544 -29.65 -45.83 11.84
C ASP C 544 -29.94 -44.56 12.64
N ALA C 545 -31.19 -44.37 13.00
CA ALA C 545 -31.62 -43.19 13.78
C ALA C 545 -30.73 -43.06 15.02
N ASP C 546 -30.54 -41.83 15.50
CA ASP C 546 -29.89 -41.56 16.79
C ASP C 546 -30.70 -40.44 17.46
N ASP C 547 -31.52 -40.76 18.46
CA ASP C 547 -32.58 -39.85 18.96
C ASP C 547 -32.09 -38.92 20.08
N THR C 548 -30.78 -38.87 20.35
CA THR C 548 -30.22 -38.05 21.46
C THR C 548 -30.85 -36.67 21.40
N TYR C 549 -30.87 -36.05 20.22
CA TYR C 549 -31.27 -34.62 20.07
C TYR C 549 -32.60 -34.45 19.35
N TYR C 550 -33.32 -35.53 19.03
CA TYR C 550 -34.66 -35.43 18.41
C TYR C 550 -35.69 -34.84 19.38
N HIS C 551 -36.60 -34.05 18.84
CA HIS C 551 -37.76 -33.46 19.57
C HIS C 551 -38.79 -32.91 18.60
N ASN C 552 -39.95 -32.52 19.11
CA ASN C 552 -41.09 -32.12 18.24
C ASN C 552 -41.36 -30.63 18.51
N ASN C 553 -40.43 -29.91 19.15
CA ASN C 553 -40.69 -28.48 19.51
C ASN C 553 -40.58 -27.60 18.27
N LYS C 554 -41.33 -26.49 18.29
CA LYS C 554 -41.48 -25.52 17.17
C LYS C 554 -41.39 -24.10 17.71
N THR C 555 -41.01 -23.14 16.86
CA THR C 555 -40.96 -21.72 17.24
C THR C 555 -41.58 -20.91 16.09
N ALA C 556 -42.27 -19.83 16.46
CA ALA C 556 -42.92 -18.87 15.55
C ALA C 556 -41.87 -17.97 14.92
N GLY C 557 -42.12 -17.49 13.68
CA GLY C 557 -41.41 -16.36 13.07
C GLY C 557 -40.20 -16.75 12.23
N VAL C 558 -39.92 -18.04 12.02
CA VAL C 558 -38.72 -18.51 11.26
C VAL C 558 -39.16 -19.06 9.90
N SER C 559 -40.42 -19.49 9.73
CA SER C 559 -40.98 -20.01 8.46
C SER C 559 -41.24 -18.83 7.50
N ILE C 560 -40.89 -18.98 6.23
CA ILE C 560 -41.26 -17.98 5.18
C ILE C 560 -42.66 -18.35 4.67
N VAL C 561 -42.84 -19.60 4.28
CA VAL C 561 -44.09 -20.12 3.66
C VAL C 561 -45.22 -19.90 4.66
N GLY C 562 -44.92 -19.99 5.95
CA GLY C 562 -45.92 -19.88 7.03
C GLY C 562 -46.12 -18.46 7.50
N SER C 563 -45.45 -17.45 6.93
CA SER C 563 -45.55 -16.05 7.43
C SER C 563 -46.75 -15.35 6.80
N GLY C 564 -47.50 -16.03 5.93
CA GLY C 564 -48.86 -15.63 5.48
C GLY C 564 -48.70 -14.67 4.31
N PRO C 565 -49.77 -13.98 3.85
CA PRO C 565 -49.62 -13.08 2.71
C PRO C 565 -48.76 -11.86 3.03
N LEU C 566 -48.15 -11.27 2.00
CA LEU C 566 -47.30 -10.07 2.13
C LEU C 566 -48.20 -8.94 2.63
N PRO C 567 -47.65 -8.03 3.47
CA PRO C 567 -48.42 -6.91 3.97
C PRO C 567 -48.65 -5.79 2.94
N THR C 568 -47.91 -5.82 1.82
CA THR C 568 -48.03 -4.86 0.69
C THR C 568 -47.57 -5.53 -0.61
N ILE C 569 -48.22 -5.20 -1.73
CA ILE C 569 -47.79 -5.71 -3.06
C ILE C 569 -47.19 -4.56 -3.86
N LYS C 570 -47.06 -3.36 -3.29
CA LYS C 570 -46.33 -2.28 -4.00
C LYS C 570 -44.91 -2.75 -4.35
N THR C 571 -44.46 -2.38 -5.55
CA THR C 571 -43.19 -2.74 -6.24
C THR C 571 -43.25 -4.14 -6.86
N LEU C 572 -44.20 -4.99 -6.50
CA LEU C 572 -44.20 -6.31 -7.17
C LEU C 572 -44.43 -6.13 -8.68
N ARG C 573 -43.89 -7.07 -9.45
CA ARG C 573 -43.61 -6.92 -10.90
C ARG C 573 -44.64 -7.76 -11.66
N VAL C 574 -45.43 -7.13 -12.53
CA VAL C 574 -46.44 -7.85 -13.37
C VAL C 574 -45.96 -7.78 -14.82
N GLY C 575 -45.67 -8.94 -15.41
CA GLY C 575 -45.38 -9.03 -16.84
C GLY C 575 -46.67 -9.27 -17.59
N ILE C 576 -47.02 -8.39 -18.52
CA ILE C 576 -48.18 -8.57 -19.43
C ILE C 576 -47.65 -8.97 -20.81
N LEU C 577 -47.93 -10.21 -21.25
CA LEU C 577 -47.45 -10.77 -22.54
C LEU C 577 -48.52 -10.43 -23.61
N ALA C 578 -48.14 -9.54 -24.50
CA ALA C 578 -49.04 -9.03 -25.57
C ALA C 578 -48.40 -9.36 -26.92
N THR C 579 -48.86 -8.67 -27.95
CA THR C 579 -48.38 -8.81 -29.34
C THR C 579 -48.60 -7.50 -30.06
N THR C 580 -47.72 -7.17 -31.00
CA THR C 580 -47.89 -6.05 -31.95
C THR C 580 -48.84 -6.48 -33.11
N SER C 581 -49.10 -7.79 -33.25
CA SER C 581 -50.07 -8.46 -34.19
C SER C 581 -51.39 -7.72 -34.23
N GLU C 582 -51.91 -7.43 -33.04
CA GLU C 582 -53.33 -7.17 -32.73
C GLU C 582 -53.40 -5.90 -31.91
N SER C 583 -53.92 -4.82 -32.49
CA SER C 583 -54.01 -3.50 -31.84
C SER C 583 -54.89 -3.63 -30.58
N SER C 584 -55.79 -4.62 -30.57
CA SER C 584 -56.65 -4.97 -29.42
C SER C 584 -55.83 -5.60 -28.26
N ALA C 585 -54.82 -6.42 -28.54
CA ALA C 585 -53.88 -6.95 -27.50
C ALA C 585 -53.17 -5.77 -26.83
N LEU C 586 -52.71 -4.81 -27.62
CA LEU C 586 -52.02 -3.60 -27.09
C LEU C 586 -53.02 -2.76 -26.30
N ASP C 587 -54.31 -2.74 -26.69
CA ASP C 587 -55.36 -2.00 -25.94
C ASP C 587 -55.67 -2.72 -24.63
N GLN C 588 -55.76 -4.06 -24.65
CA GLN C 588 -55.94 -4.85 -23.41
C GLN C 588 -54.76 -4.55 -22.47
N ALA C 589 -53.53 -4.66 -22.97
CA ALA C 589 -52.30 -4.43 -22.17
C ALA C 589 -52.32 -3.01 -21.59
N ALA C 590 -52.81 -2.01 -22.33
CA ALA C 590 -52.85 -0.62 -21.86
C ALA C 590 -53.87 -0.48 -20.72
N GLN C 591 -55.04 -1.10 -20.83
CA GLN C 591 -56.09 -0.96 -19.78
C GLN C 591 -55.59 -1.70 -18.52
N LEU C 592 -54.99 -2.88 -18.69
CA LEU C 592 -54.43 -3.67 -17.55
C LEU C 592 -53.35 -2.85 -16.85
N ARG C 593 -52.44 -2.23 -17.63
CA ARG C 593 -51.35 -1.38 -17.09
C ARG C 593 -51.96 -0.28 -16.22
N THR C 594 -52.93 0.46 -16.73
CA THR C 594 -53.53 1.59 -15.97
C THR C 594 -54.06 1.07 -14.64
N ARG C 595 -54.79 -0.03 -14.64
CA ARG C 595 -55.46 -0.56 -13.43
C ARG C 595 -54.40 -1.13 -12.45
N LEU C 596 -53.33 -1.75 -12.93
CA LEU C 596 -52.25 -2.31 -12.04
C LEU C 596 -51.38 -1.18 -11.47
N GLU C 597 -51.05 -0.17 -12.27
CA GLU C 597 -50.14 0.93 -11.85
C GLU C 597 -50.81 1.77 -10.78
N LYS C 598 -52.13 1.81 -10.76
CA LYS C 598 -52.93 2.55 -9.75
C LYS C 598 -52.61 2.04 -8.34
N ASP C 599 -52.39 0.73 -8.17
CA ASP C 599 -52.10 0.06 -6.88
C ASP C 599 -50.58 -0.09 -6.62
N GLY C 600 -49.73 0.59 -7.40
CA GLY C 600 -48.27 0.70 -7.15
C GLY C 600 -47.52 -0.55 -7.61
N LEU C 601 -48.09 -1.36 -8.51
CA LEU C 601 -47.38 -2.51 -9.11
C LEU C 601 -46.49 -2.01 -10.23
N VAL C 602 -45.38 -2.70 -10.47
CA VAL C 602 -44.45 -2.33 -11.56
C VAL C 602 -44.83 -3.20 -12.78
N VAL C 603 -45.38 -2.56 -13.79
CA VAL C 603 -45.93 -3.25 -14.99
C VAL C 603 -44.88 -3.24 -16.12
N THR C 604 -44.64 -4.40 -16.70
CA THR C 604 -43.85 -4.52 -17.94
C THR C 604 -44.77 -5.09 -19.01
N VAL C 605 -44.99 -4.34 -20.07
CA VAL C 605 -45.67 -4.89 -21.27
C VAL C 605 -44.61 -5.49 -22.20
N VAL C 606 -44.76 -6.77 -22.54
CA VAL C 606 -43.84 -7.55 -23.40
C VAL C 606 -44.52 -7.75 -24.76
N ALA C 607 -43.77 -7.60 -25.84
CA ALA C 607 -44.25 -7.90 -27.21
C ALA C 607 -43.04 -8.25 -28.10
N GLU C 608 -43.28 -8.56 -29.36
CA GLU C 608 -42.22 -9.02 -30.30
C GLU C 608 -41.20 -7.89 -30.51
N THR C 609 -41.66 -6.64 -30.49
CA THR C 609 -40.90 -5.43 -30.83
C THR C 609 -41.35 -4.32 -29.89
N LEU C 610 -40.48 -3.34 -29.66
CA LEU C 610 -40.79 -2.16 -28.81
C LEU C 610 -41.63 -1.20 -29.65
N ARG C 611 -42.42 -0.40 -28.95
N ARG C 611 -42.41 -0.40 -28.93
CA ARG C 611 -43.23 0.72 -29.48
CA ARG C 611 -43.41 0.59 -29.41
C ARG C 611 -43.89 1.37 -28.27
C ARG C 611 -43.84 1.42 -28.20
N GLU C 612 -44.54 2.53 -28.45
CA GLU C 612 -45.39 3.18 -27.42
C GLU C 612 -46.05 2.11 -26.55
N GLY C 613 -45.77 2.08 -25.25
CA GLY C 613 -46.55 1.28 -24.29
C GLY C 613 -46.02 -0.13 -24.15
N VAL C 614 -44.97 -0.48 -24.91
CA VAL C 614 -44.28 -1.80 -24.81
C VAL C 614 -42.91 -1.51 -24.19
N ASP C 615 -42.58 -2.21 -23.10
CA ASP C 615 -41.38 -1.97 -22.27
C ASP C 615 -40.23 -2.87 -22.73
N GLN C 616 -40.53 -4.12 -23.11
CA GLN C 616 -39.49 -5.16 -23.32
C GLN C 616 -39.93 -6.06 -24.45
N THR C 617 -38.97 -6.61 -25.18
CA THR C 617 -39.19 -7.61 -26.24
C THR C 617 -39.22 -9.00 -25.61
N TYR C 618 -39.87 -9.95 -26.27
CA TYR C 618 -39.84 -11.36 -25.84
C TYR C 618 -38.37 -11.80 -25.75
N SER C 619 -37.51 -11.28 -26.61
CA SER C 619 -36.09 -11.69 -26.64
C SER C 619 -35.41 -11.45 -25.27
N THR C 620 -35.73 -10.35 -24.58
CA THR C 620 -35.06 -9.97 -23.29
C THR C 620 -35.89 -10.44 -22.08
N ALA C 621 -37.16 -10.81 -22.28
CA ALA C 621 -38.09 -11.12 -21.19
C ALA C 621 -37.83 -12.53 -20.68
N ASP C 622 -38.09 -12.70 -19.39
CA ASP C 622 -37.99 -14.00 -18.72
C ASP C 622 -38.93 -14.00 -17.51
N ALA C 623 -39.42 -15.17 -17.12
CA ALA C 623 -40.32 -15.32 -15.95
C ALA C 623 -39.62 -14.84 -14.68
N THR C 624 -38.28 -14.89 -14.63
CA THR C 624 -37.54 -14.37 -13.44
C THR C 624 -37.72 -12.85 -13.31
N GLY C 625 -38.19 -12.19 -14.37
CA GLY C 625 -38.39 -10.73 -14.33
C GLY C 625 -39.72 -10.36 -13.68
N PHE C 626 -40.55 -11.32 -13.30
CA PHE C 626 -41.94 -11.02 -12.83
C PHE C 626 -42.31 -11.78 -11.56
N ASP C 627 -43.13 -11.16 -10.73
CA ASP C 627 -43.81 -11.82 -9.59
C ASP C 627 -45.15 -12.43 -10.03
N GLY C 628 -45.71 -11.96 -11.14
CA GLY C 628 -46.94 -12.50 -11.75
C GLY C 628 -46.93 -12.27 -13.25
N VAL C 629 -47.56 -13.17 -14.02
CA VAL C 629 -47.58 -13.09 -15.51
C VAL C 629 -49.03 -13.13 -15.97
N VAL C 630 -49.45 -12.14 -16.75
CA VAL C 630 -50.80 -12.07 -17.37
C VAL C 630 -50.61 -12.12 -18.89
N VAL C 631 -51.31 -13.01 -19.59
CA VAL C 631 -51.43 -12.98 -21.07
C VAL C 631 -52.73 -12.27 -21.44
N VAL C 632 -52.69 -11.27 -22.31
CA VAL C 632 -53.95 -10.67 -22.84
C VAL C 632 -54.42 -11.61 -23.96
N ASP C 633 -55.71 -11.94 -24.01
CA ASP C 633 -56.19 -13.05 -24.86
C ASP C 633 -56.06 -12.69 -26.34
N GLY C 634 -55.98 -11.40 -26.67
CA GLY C 634 -55.60 -10.91 -28.01
C GLY C 634 -54.26 -11.47 -28.50
N ALA C 635 -53.40 -11.95 -27.60
CA ALA C 635 -52.05 -12.49 -27.93
C ALA C 635 -52.06 -14.02 -27.93
N ALA C 636 -53.22 -14.67 -27.88
CA ALA C 636 -53.34 -16.15 -27.76
C ALA C 636 -52.51 -16.87 -28.83
N ALA C 637 -52.41 -16.31 -30.04
CA ALA C 637 -51.78 -17.00 -31.19
C ALA C 637 -50.30 -17.29 -30.89
N LEU C 638 -49.60 -16.46 -30.10
CA LEU C 638 -48.15 -16.62 -29.79
C LEU C 638 -47.90 -17.86 -28.92
N PHE C 639 -48.94 -18.41 -28.29
CA PHE C 639 -48.80 -19.44 -27.21
C PHE C 639 -48.94 -20.86 -27.77
N ALA C 640 -48.62 -21.06 -29.07
CA ALA C 640 -48.83 -22.31 -29.85
C ALA C 640 -47.50 -22.78 -30.48
N SER C 641 -47.32 -24.11 -30.67
CA SER C 641 -46.19 -24.80 -31.35
C SER C 641 -45.63 -23.94 -32.49
N THR C 642 -46.54 -23.47 -33.36
CA THR C 642 -46.37 -22.45 -34.44
C THR C 642 -45.26 -21.44 -34.07
N ALA C 643 -45.23 -20.99 -32.80
CA ALA C 643 -44.55 -19.77 -32.29
C ALA C 643 -43.04 -19.79 -32.58
N SER C 644 -42.70 -19.63 -33.85
CA SER C 644 -41.33 -19.35 -34.38
C SER C 644 -41.25 -17.91 -34.91
N SER C 645 -40.10 -17.26 -34.78
CA SER C 645 -39.87 -15.85 -35.19
C SER C 645 -38.39 -15.53 -35.08
N PRO C 646 -37.83 -14.71 -36.00
CA PRO C 646 -36.43 -14.30 -35.90
C PRO C 646 -36.23 -13.29 -34.75
N LEU C 647 -37.32 -12.73 -34.21
CA LEU C 647 -37.29 -11.68 -33.14
C LEU C 647 -37.16 -12.27 -31.72
N PHE C 648 -37.33 -13.56 -31.49
CA PHE C 648 -37.16 -14.18 -30.14
C PHE C 648 -36.94 -15.67 -30.30
N PRO C 649 -36.31 -16.37 -29.33
CA PRO C 649 -36.14 -17.82 -29.39
C PRO C 649 -37.45 -18.60 -29.45
N THR C 650 -37.41 -19.74 -30.14
CA THR C 650 -38.58 -20.60 -30.36
C THR C 650 -39.24 -20.88 -28.99
N GLY C 651 -40.52 -20.60 -28.85
CA GLY C 651 -41.27 -21.05 -27.68
C GLY C 651 -41.25 -20.02 -26.56
N ARG C 652 -40.57 -18.89 -26.77
CA ARG C 652 -40.24 -17.95 -25.66
C ARG C 652 -41.53 -17.47 -25.00
N PRO C 653 -42.58 -17.01 -25.71
CA PRO C 653 -43.75 -16.47 -25.02
C PRO C 653 -44.37 -17.49 -24.07
N LEU C 654 -44.61 -18.71 -24.54
CA LEU C 654 -45.22 -19.80 -23.72
C LEU C 654 -44.27 -20.18 -22.58
N GLN C 655 -42.97 -20.26 -22.84
CA GLN C 655 -41.96 -20.60 -21.79
C GLN C 655 -42.07 -19.61 -20.62
N ILE C 656 -42.28 -18.33 -20.87
CA ILE C 656 -42.40 -17.34 -19.77
C ILE C 656 -43.60 -17.71 -18.90
N PHE C 657 -44.70 -18.10 -19.55
CA PHE C 657 -45.95 -18.47 -18.83
C PHE C 657 -45.74 -19.76 -18.05
N VAL C 658 -45.19 -20.77 -18.68
CA VAL C 658 -44.98 -22.10 -18.09
C VAL C 658 -43.96 -21.97 -16.95
N ASP C 659 -42.87 -21.23 -17.16
CA ASP C 659 -41.87 -21.02 -16.07
C ASP C 659 -42.57 -20.36 -14.88
N ALA C 660 -43.34 -19.29 -15.11
CA ALA C 660 -43.98 -18.53 -14.01
C ALA C 660 -44.90 -19.46 -13.20
N TYR C 661 -45.67 -20.32 -13.88
CA TYR C 661 -46.59 -21.29 -13.24
C TYR C 661 -45.77 -22.31 -12.42
N ARG C 662 -44.70 -22.86 -13.00
CA ARG C 662 -43.91 -23.93 -12.37
C ARG C 662 -43.25 -23.37 -11.11
N TRP C 663 -42.93 -22.08 -11.08
CA TRP C 663 -42.21 -21.45 -9.95
C TRP C 663 -43.20 -20.87 -8.93
N GLY C 664 -44.50 -21.17 -9.08
CA GLY C 664 -45.48 -20.92 -8.02
C GLY C 664 -46.13 -19.55 -8.13
N LYS C 665 -45.89 -18.84 -9.22
CA LYS C 665 -46.36 -17.43 -9.31
C LYS C 665 -47.84 -17.39 -9.69
N PRO C 666 -48.57 -16.31 -9.33
CA PRO C 666 -49.89 -16.07 -9.86
C PRO C 666 -49.76 -15.86 -11.37
N VAL C 667 -50.63 -16.52 -12.14
CA VAL C 667 -50.62 -16.44 -13.64
C VAL C 667 -52.08 -16.34 -14.08
N GLY C 668 -52.32 -15.73 -15.25
CA GLY C 668 -53.67 -15.72 -15.80
C GLY C 668 -53.75 -15.17 -17.20
N VAL C 669 -54.98 -15.19 -17.72
CA VAL C 669 -55.34 -14.73 -19.07
C VAL C 669 -56.50 -13.77 -18.87
N CYS C 670 -56.33 -12.56 -19.38
CA CYS C 670 -57.30 -11.46 -19.24
C CYS C 670 -57.97 -11.23 -20.59
N GLY C 671 -59.30 -11.21 -20.61
CA GLY C 671 -60.13 -10.87 -21.80
C GLY C 671 -61.30 -11.81 -21.97
N GLY C 672 -61.23 -13.01 -21.40
CA GLY C 672 -62.37 -13.96 -21.33
C GLY C 672 -62.07 -15.23 -22.10
N LYS C 673 -61.12 -15.22 -23.05
CA LYS C 673 -60.74 -16.42 -23.85
C LYS C 673 -59.41 -16.99 -23.32
N SER C 674 -59.47 -18.03 -22.50
CA SER C 674 -58.33 -18.49 -21.68
C SER C 674 -57.92 -19.90 -22.07
N SER C 675 -58.82 -20.71 -22.63
CA SER C 675 -58.51 -22.14 -22.80
C SER C 675 -57.45 -22.31 -23.91
N GLU C 676 -57.39 -21.35 -24.86
CA GLU C 676 -57.31 -21.55 -26.35
C GLU C 676 -55.96 -22.12 -26.74
N VAL C 677 -55.73 -23.39 -26.42
CA VAL C 677 -54.35 -23.91 -26.18
C VAL C 677 -53.55 -22.69 -25.69
N LEU C 678 -54.15 -21.90 -24.79
CA LEU C 678 -53.43 -20.89 -23.96
C LEU C 678 -53.07 -21.50 -22.61
N ASP C 679 -54.02 -21.56 -21.67
CA ASP C 679 -53.96 -22.46 -20.50
C ASP C 679 -53.69 -23.89 -20.99
N ALA C 680 -54.40 -24.36 -22.03
CA ALA C 680 -54.27 -25.75 -22.51
C ALA C 680 -52.87 -25.91 -23.11
N ALA C 681 -52.34 -24.90 -23.76
CA ALA C 681 -50.91 -25.00 -24.11
C ALA C 681 -50.06 -25.39 -22.86
N ASP C 682 -50.67 -25.63 -21.63
N ASP C 682 -50.58 -25.39 -21.58
CA ASP C 682 -50.02 -26.16 -20.37
CA ASP C 682 -49.99 -26.10 -20.38
C ASP C 682 -50.91 -26.45 -19.13
C ASP C 682 -50.91 -26.42 -19.15
N VAL C 683 -51.61 -25.46 -18.52
CA VAL C 683 -52.04 -25.43 -17.05
C VAL C 683 -53.55 -25.40 -16.73
N PRO C 684 -54.00 -25.90 -15.54
CA PRO C 684 -55.44 -26.02 -15.24
C PRO C 684 -56.18 -24.73 -14.83
N GLU C 685 -57.35 -24.47 -15.42
CA GLU C 685 -58.13 -23.23 -15.18
C GLU C 685 -58.65 -23.20 -13.75
N ASP C 686 -58.85 -24.34 -13.10
CA ASP C 686 -59.38 -24.40 -11.70
C ASP C 686 -58.23 -24.23 -10.68
N GLY C 687 -56.95 -24.23 -11.11
CA GLY C 687 -55.77 -24.07 -10.24
C GLY C 687 -55.86 -22.88 -9.31
N ASP C 688 -55.48 -23.08 -8.05
CA ASP C 688 -55.18 -21.97 -7.10
C ASP C 688 -54.09 -21.07 -7.75
N GLY C 689 -54.28 -19.74 -7.75
CA GLY C 689 -53.36 -18.77 -8.39
C GLY C 689 -53.33 -18.85 -9.91
N VAL C 690 -54.40 -19.29 -10.54
CA VAL C 690 -54.59 -19.25 -12.02
C VAL C 690 -55.84 -18.43 -12.24
N TYR C 691 -55.76 -17.33 -13.01
CA TYR C 691 -56.86 -16.36 -13.13
C TYR C 691 -57.32 -16.28 -14.57
N SER C 692 -58.64 -16.17 -14.74
CA SER C 692 -59.28 -16.06 -16.05
C SER C 692 -60.53 -15.18 -15.87
N GLU C 693 -60.50 -13.96 -16.40
CA GLU C 693 -61.64 -13.02 -16.33
C GLU C 693 -61.66 -12.18 -17.60
N GLU C 694 -62.85 -11.83 -18.04
CA GLU C 694 -62.98 -10.88 -19.16
C GLU C 694 -62.78 -9.48 -18.60
N SER C 695 -63.39 -9.19 -17.45
CA SER C 695 -63.35 -7.86 -16.78
C SER C 695 -61.94 -7.57 -16.25
N VAL C 696 -61.34 -6.48 -16.70
CA VAL C 696 -59.99 -6.02 -16.26
C VAL C 696 -60.05 -5.81 -14.75
N ASP C 697 -61.13 -5.19 -14.26
CA ASP C 697 -61.29 -4.87 -12.81
C ASP C 697 -61.36 -6.15 -11.99
N MET C 698 -62.15 -7.13 -12.41
CA MET C 698 -62.31 -8.39 -11.65
C MET C 698 -60.99 -9.15 -11.70
N PHE C 699 -60.38 -9.25 -12.88
CA PHE C 699 -59.07 -9.89 -13.13
C PHE C 699 -58.05 -9.32 -12.14
N VAL C 700 -57.91 -8.00 -12.10
CA VAL C 700 -56.87 -7.35 -11.25
C VAL C 700 -57.19 -7.61 -9.77
N GLU C 701 -58.46 -7.51 -9.36
CA GLU C 701 -58.83 -7.72 -7.93
C GLU C 701 -58.45 -9.15 -7.52
N GLU C 702 -58.69 -10.16 -8.37
CA GLU C 702 -58.31 -11.57 -8.08
C GLU C 702 -56.78 -11.69 -8.08
N PHE C 703 -56.14 -11.06 -9.06
CA PHE C 703 -54.69 -11.24 -9.33
C PHE C 703 -53.90 -10.66 -8.15
N GLU C 704 -54.33 -9.51 -7.65
CA GLU C 704 -53.64 -8.83 -6.53
C GLU C 704 -53.67 -9.72 -5.29
N LYS C 705 -54.75 -10.44 -5.04
CA LYS C 705 -54.77 -11.42 -3.92
C LYS C 705 -53.68 -12.47 -4.13
N GLY C 706 -53.52 -12.95 -5.36
CA GLY C 706 -52.49 -13.93 -5.75
C GLY C 706 -51.09 -13.36 -5.52
N LEU C 707 -50.86 -12.09 -5.86
CA LEU C 707 -49.54 -11.43 -5.63
C LEU C 707 -49.25 -11.35 -4.14
N ALA C 708 -50.26 -11.13 -3.29
CA ALA C 708 -50.11 -11.08 -1.82
C ALA C 708 -49.84 -12.49 -1.28
N THR C 709 -50.52 -13.51 -1.80
CA THR C 709 -50.21 -14.92 -1.48
C THR C 709 -48.75 -15.23 -1.88
N PHE C 710 -48.38 -14.71 -3.05
CA PHE C 710 -47.01 -14.63 -3.60
C PHE C 710 -46.60 -15.97 -4.20
N ARG C 711 -46.77 -17.05 -3.46
CA ARG C 711 -46.40 -18.38 -3.96
C ARG C 711 -47.51 -19.38 -3.68
N PHE C 712 -47.83 -20.16 -4.71
CA PHE C 712 -48.84 -21.25 -4.70
C PHE C 712 -48.10 -22.56 -4.55
N THR C 713 -47.98 -23.03 -3.31
CA THR C 713 -47.06 -24.11 -2.91
C THR C 713 -47.66 -25.48 -3.23
N ASP C 714 -48.93 -25.52 -3.64
CA ASP C 714 -49.62 -26.79 -4.01
C ASP C 714 -49.04 -27.30 -5.34
N ARG C 715 -48.19 -26.53 -6.03
CA ARG C 715 -47.61 -26.94 -7.34
C ARG C 715 -46.29 -27.70 -7.17
N PHE C 716 -45.84 -28.04 -5.95
CA PHE C 716 -44.55 -28.75 -5.73
C PHE C 716 -44.82 -30.13 -5.13
N ALA C 717 -44.25 -31.17 -5.74
CA ALA C 717 -44.38 -32.59 -5.33
C ALA C 717 -43.69 -32.75 -3.98
N LEU C 718 -44.28 -33.57 -3.09
CA LEU C 718 -43.73 -33.95 -1.76
C LEU C 718 -43.22 -35.41 -1.79
N ASP C 719 -42.21 -35.74 -0.99
CA ASP C 719 -41.76 -37.16 -0.75
C ASP C 719 -42.91 -38.04 -0.20
N SER D 43 26.35 -15.61 5.15
CA SER D 43 26.11 -16.91 4.57
C SER D 43 24.83 -17.56 5.12
N PRO D 44 24.20 -17.22 6.28
CA PRO D 44 22.96 -17.93 6.67
C PRO D 44 21.81 -17.63 5.68
N LEU D 45 21.88 -16.51 4.96
CA LEU D 45 20.88 -16.13 3.92
C LEU D 45 21.46 -16.35 2.50
N ALA D 46 22.47 -17.20 2.33
CA ALA D 46 23.19 -17.42 1.05
C ALA D 46 22.21 -17.81 -0.07
N ALA D 47 21.13 -18.51 0.25
CA ALA D 47 20.18 -19.00 -0.78
C ALA D 47 19.49 -17.82 -1.50
N TYR D 48 19.47 -16.62 -0.92
CA TYR D 48 18.74 -15.44 -1.48
C TYR D 48 19.69 -14.45 -2.17
N GLU D 49 20.99 -14.74 -2.17
CA GLU D 49 22.02 -13.78 -2.61
C GLU D 49 22.00 -13.68 -4.13
N VAL D 50 22.17 -12.47 -4.64
CA VAL D 50 22.24 -12.25 -6.11
C VAL D 50 23.64 -11.76 -6.44
N ASP D 51 24.34 -12.45 -7.33
CA ASP D 51 25.72 -12.03 -7.71
C ASP D 51 25.71 -11.25 -9.02
N ASP D 52 26.23 -10.02 -9.01
CA ASP D 52 26.40 -9.12 -10.17
C ASP D 52 27.90 -8.79 -10.37
N SER D 53 28.81 -9.71 -10.12
CA SER D 53 30.27 -9.50 -10.36
C SER D 53 30.59 -9.73 -11.84
N THR D 54 29.71 -10.43 -12.58
CA THR D 54 29.83 -10.68 -14.03
C THR D 54 28.48 -10.42 -14.69
N GLY D 55 28.48 -10.27 -16.02
CA GLY D 55 27.27 -10.39 -16.85
C GLY D 55 26.81 -9.08 -17.44
N TYR D 56 25.86 -9.18 -18.37
CA TYR D 56 25.22 -8.03 -19.06
C TYR D 56 23.98 -7.61 -18.25
N LEU D 57 23.79 -6.30 -18.18
CA LEU D 57 22.58 -5.65 -17.61
C LEU D 57 21.34 -6.32 -18.21
N THR D 58 20.39 -6.69 -17.36
CA THR D 58 19.08 -7.21 -17.77
C THR D 58 17.97 -6.42 -17.08
N SER D 59 16.76 -6.49 -17.62
CA SER D 59 15.55 -6.13 -16.86
C SER D 59 15.37 -7.14 -15.74
N ASP D 60 14.39 -6.85 -14.88
CA ASP D 60 13.96 -7.77 -13.81
C ASP D 60 13.44 -9.08 -14.40
N VAL D 61 13.16 -9.15 -15.70
CA VAL D 61 12.70 -10.41 -16.34
C VAL D 61 13.77 -10.96 -17.28
N GLY D 62 15.02 -10.58 -17.08
CA GLY D 62 16.19 -11.20 -17.70
C GLY D 62 16.39 -10.86 -19.16
N GLY D 63 15.76 -9.80 -19.67
CA GLY D 63 16.01 -9.26 -21.02
C GLY D 63 17.26 -8.40 -21.00
N PRO D 64 18.34 -8.70 -21.75
CA PRO D 64 19.50 -7.81 -21.75
C PRO D 64 19.13 -6.42 -22.29
N ILE D 65 19.58 -5.38 -21.59
CA ILE D 65 19.22 -3.98 -21.94
C ILE D 65 20.43 -3.06 -21.71
N GLN D 66 20.26 -1.77 -22.00
CA GLN D 66 21.17 -0.70 -21.55
C GLN D 66 20.39 0.15 -20.54
N ASP D 67 21.05 1.07 -19.84
CA ASP D 67 20.35 1.96 -18.88
C ASP D 67 21.02 3.32 -18.79
N GLN D 68 21.78 3.77 -19.82
CA GLN D 68 22.57 5.02 -19.67
C GLN D 68 22.04 6.17 -20.53
N THR D 69 21.24 5.89 -21.56
CA THR D 69 20.69 6.93 -22.46
C THR D 69 19.21 6.61 -22.73
N SER D 70 18.36 7.61 -22.54
CA SER D 70 16.93 7.59 -22.87
C SER D 70 16.73 7.41 -24.39
N LEU D 71 15.64 6.76 -24.79
CA LEU D 71 15.23 6.69 -26.21
C LEU D 71 14.52 7.99 -26.60
N LYS D 72 14.97 8.63 -27.66
CA LYS D 72 14.48 9.97 -28.06
C LYS D 72 14.09 10.00 -29.54
N ALA D 73 13.13 10.85 -29.89
CA ALA D 73 12.73 11.11 -31.29
C ALA D 73 13.75 12.08 -31.87
N GLY D 74 14.88 11.55 -32.33
CA GLY D 74 16.01 12.34 -32.85
C GLY D 74 17.01 12.68 -31.73
N ILE D 75 18.23 13.09 -32.13
CA ILE D 75 19.41 13.18 -31.22
C ILE D 75 19.24 14.35 -30.22
N ARG D 76 18.46 15.37 -30.56
CA ARG D 76 18.05 16.46 -29.63
C ARG D 76 16.52 16.42 -29.45
N GLY D 77 15.92 15.22 -29.51
CA GLY D 77 14.47 14.98 -29.43
C GLY D 77 13.95 14.74 -28.02
N PRO D 78 12.60 14.76 -27.85
CA PRO D 78 11.95 14.36 -26.62
C PRO D 78 12.04 12.84 -26.37
N THR D 79 11.92 12.46 -25.11
CA THR D 79 11.97 11.05 -24.67
C THR D 79 10.67 10.34 -24.99
N LEU D 80 10.79 9.11 -25.46
CA LEU D 80 9.61 8.31 -25.88
C LEU D 80 8.99 7.57 -24.69
N LEU D 81 7.66 7.50 -24.69
CA LEU D 81 6.91 6.72 -23.70
C LEU D 81 7.25 5.23 -23.88
N GLU D 82 7.65 4.80 -25.08
CA GLU D 82 7.88 3.35 -25.34
C GLU D 82 9.23 2.92 -24.73
N ASP D 83 9.98 3.83 -24.09
CA ASP D 83 11.27 3.46 -23.46
C ASP D 83 10.99 2.70 -22.17
N PHE D 84 10.82 1.37 -22.24
CA PHE D 84 10.60 0.52 -21.07
C PHE D 84 11.86 0.46 -20.20
N MET D 85 13.05 0.61 -20.79
CA MET D 85 14.32 0.53 -20.04
C MET D 85 14.33 1.68 -19.04
N PHE D 86 14.01 2.88 -19.51
CA PHE D 86 13.90 4.09 -18.67
C PHE D 86 12.87 3.87 -17.56
N ARG D 87 11.64 3.50 -17.93
CA ARG D 87 10.51 3.53 -16.97
C ARG D 87 10.72 2.41 -15.93
N GLN D 88 11.18 1.21 -16.31
CA GLN D 88 11.34 0.15 -15.28
C GLN D 88 12.42 0.56 -14.25
N LYS D 89 13.51 1.18 -14.69
CA LYS D 89 14.62 1.60 -13.78
C LYS D 89 14.14 2.74 -12.88
N ILE D 90 13.47 3.76 -13.45
CA ILE D 90 13.04 4.93 -12.65
C ILE D 90 11.87 4.54 -11.75
N GLN D 91 10.97 3.65 -12.17
CA GLN D 91 9.87 3.21 -11.28
C GLN D 91 10.53 2.55 -10.06
N HIS D 92 11.46 1.62 -10.25
CA HIS D 92 12.14 0.96 -9.10
C HIS D 92 12.75 2.02 -8.17
N PHE D 93 13.44 3.00 -8.75
CA PHE D 93 14.11 4.03 -7.95
C PHE D 93 13.04 4.81 -7.17
N ASP D 94 12.01 5.22 -7.88
CA ASP D 94 10.87 5.99 -7.33
C ASP D 94 10.26 5.31 -6.11
N HIS D 95 10.33 3.97 -6.06
CA HIS D 95 9.65 3.16 -5.03
C HIS D 95 10.67 2.51 -4.08
N GLU D 96 11.94 2.93 -4.06
CA GLU D 96 12.97 2.33 -3.15
C GLU D 96 12.58 2.42 -1.67
N ARG D 97 12.02 3.54 -1.24
CA ARG D 97 11.87 3.86 0.20
C ARG D 97 10.62 3.17 0.77
N VAL D 98 10.74 2.71 2.01
CA VAL D 98 9.64 2.16 2.85
C VAL D 98 9.53 3.05 4.07
N PRO D 99 8.38 3.04 4.77
CA PRO D 99 8.27 3.87 5.97
C PRO D 99 9.37 3.48 6.97
N GLU D 100 9.97 4.46 7.63
CA GLU D 100 10.89 4.17 8.75
C GLU D 100 10.05 3.60 9.90
N ARG D 101 10.70 2.88 10.80
CA ARG D 101 10.08 2.38 12.03
C ARG D 101 9.51 3.57 12.81
N ALA D 102 8.35 3.36 13.44
CA ALA D 102 7.62 4.42 14.16
C ALA D 102 8.51 4.90 15.32
N VAL D 103 9.24 3.98 15.94
CA VAL D 103 10.33 4.32 16.88
C VAL D 103 11.56 3.48 16.52
N HIS D 104 12.74 3.84 17.02
CA HIS D 104 14.00 3.10 16.74
C HIS D 104 14.28 3.12 15.25
N ALA D 105 13.95 4.21 14.55
CA ALA D 105 14.18 4.34 13.10
C ALA D 105 15.67 4.28 12.75
N ARG D 106 16.53 4.84 13.60
CA ARG D 106 18.01 4.89 13.45
C ARG D 106 18.64 3.67 14.13
N GLY D 107 19.25 2.78 13.35
CA GLY D 107 19.90 1.57 13.91
C GLY D 107 20.76 0.83 12.91
N ALA D 108 21.32 -0.28 13.37
CA ALA D 108 22.30 -1.08 12.63
C ALA D 108 22.29 -2.49 13.19
N GLY D 109 22.58 -3.45 12.33
CA GLY D 109 22.37 -4.87 12.63
C GLY D 109 23.57 -5.70 12.22
N ALA D 110 23.69 -6.88 12.80
CA ALA D 110 24.74 -7.87 12.47
C ALA D 110 24.22 -9.28 12.78
N HIS D 111 24.77 -10.23 12.04
CA HIS D 111 24.48 -11.67 12.17
C HIS D 111 25.44 -12.26 13.22
N GLY D 112 25.00 -13.31 13.90
CA GLY D 112 25.89 -13.97 14.86
C GLY D 112 25.41 -15.34 15.25
N THR D 113 25.92 -15.82 16.37
CA THR D 113 25.58 -17.15 16.92
C THR D 113 25.30 -17.00 18.39
N PHE D 114 24.29 -17.71 18.87
CA PHE D 114 24.03 -17.94 20.31
C PHE D 114 24.48 -19.36 20.63
N THR D 115 25.26 -19.52 21.72
CA THR D 115 25.69 -20.85 22.23
C THR D 115 25.19 -21.04 23.66
N SER D 116 24.41 -22.08 23.91
CA SER D 116 23.94 -22.42 25.26
C SER D 116 25.12 -22.90 26.12
N TYR D 117 25.17 -22.49 27.38
CA TYR D 117 26.19 -23.01 28.33
C TYR D 117 25.76 -24.33 28.96
N ALA D 118 24.49 -24.73 28.87
CA ALA D 118 23.92 -25.85 29.67
C ALA D 118 22.65 -26.40 29.02
N ASP D 119 22.17 -27.51 29.54
CA ASP D 119 20.80 -28.03 29.31
C ASP D 119 19.88 -27.32 30.29
N TRP D 120 19.04 -26.41 29.83
CA TRP D 120 18.19 -25.58 30.72
C TRP D 120 16.75 -26.11 30.81
N SER D 121 16.53 -27.38 30.41
CA SER D 121 15.29 -28.19 30.64
C SER D 121 14.72 -28.02 32.04
N ASN D 122 15.60 -27.92 33.04
CA ASN D 122 15.21 -27.89 34.47
C ASN D 122 14.45 -26.60 34.78
N ILE D 123 14.55 -25.55 33.94
CA ILE D 123 13.84 -24.23 34.15
C ILE D 123 12.95 -23.86 32.94
N THR D 124 13.22 -24.34 31.73
CA THR D 124 12.42 -23.95 30.53
C THR D 124 12.42 -25.07 29.50
N ALA D 125 11.30 -25.25 28.82
CA ALA D 125 11.14 -26.18 27.67
C ALA D 125 11.82 -25.61 26.42
N ALA D 126 12.30 -24.36 26.45
CA ALA D 126 12.84 -23.68 25.25
C ALA D 126 13.94 -24.52 24.55
N SER D 127 13.68 -24.95 23.32
CA SER D 127 14.55 -25.91 22.61
C SER D 127 15.96 -25.31 22.39
N PHE D 128 16.09 -23.98 22.20
CA PHE D 128 17.40 -23.36 21.86
C PHE D 128 18.31 -23.37 23.10
N LEU D 129 17.72 -23.61 24.27
CA LEU D 129 18.44 -23.68 25.56
C LEU D 129 18.53 -25.13 26.07
N ASN D 130 18.32 -26.15 25.25
CA ASN D 130 18.10 -27.52 25.81
C ASN D 130 19.37 -28.38 25.84
N ALA D 131 20.53 -27.88 25.45
CA ALA D 131 21.77 -28.70 25.46
C ALA D 131 23.01 -27.81 25.56
N THR D 132 23.98 -28.24 26.36
CA THR D 132 25.30 -27.60 26.46
C THR D 132 25.90 -27.48 25.06
N GLY D 133 26.33 -26.28 24.68
CA GLY D 133 26.98 -26.01 23.38
C GLY D 133 26.01 -25.90 22.21
N LYS D 134 24.69 -26.01 22.41
CA LYS D 134 23.72 -25.95 21.29
C LYS D 134 23.81 -24.55 20.67
N GLN D 135 24.00 -24.48 19.36
CA GLN D 135 24.16 -23.22 18.61
C GLN D 135 22.89 -22.85 17.84
N THR D 136 22.56 -21.55 17.82
CA THR D 136 21.36 -21.01 17.16
C THR D 136 21.79 -19.71 16.47
N PRO D 137 21.55 -19.55 15.15
CA PRO D 137 21.90 -18.31 14.48
C PRO D 137 21.07 -17.18 15.09
N VAL D 138 21.67 -15.99 15.11
CA VAL D 138 20.97 -14.77 15.59
C VAL D 138 21.17 -13.64 14.59
N PHE D 139 20.28 -12.66 14.69
CA PHE D 139 20.45 -11.34 14.07
C PHE D 139 20.09 -10.33 15.15
N VAL D 140 20.90 -9.28 15.30
CA VAL D 140 20.65 -8.23 16.31
C VAL D 140 20.56 -6.91 15.57
N ARG D 141 19.66 -6.03 16.03
CA ARG D 141 19.65 -4.63 15.59
C ARG D 141 19.71 -3.78 16.87
N PHE D 142 20.65 -2.84 16.86
CA PHE D 142 20.79 -1.77 17.87
C PHE D 142 20.23 -0.48 17.26
N SER D 143 19.82 0.44 18.10
CA SER D 143 19.15 1.68 17.67
C SER D 143 19.14 2.73 18.76
N THR D 144 18.81 3.96 18.36
CA THR D 144 18.27 4.97 19.27
C THR D 144 16.74 4.81 19.23
N VAL D 145 15.98 5.73 19.80
CA VAL D 145 14.49 5.58 19.94
C VAL D 145 13.80 6.68 19.13
N ALA D 146 14.15 7.95 19.37
CA ALA D 146 13.33 9.12 18.97
C ALA D 146 13.66 9.61 17.55
N GLY D 147 14.96 9.65 17.19
CA GLY D 147 15.43 10.21 15.90
C GLY D 147 14.92 9.45 14.69
N SER D 148 14.74 10.17 13.58
CA SER D 148 14.42 9.59 12.26
C SER D 148 15.66 8.89 11.70
N ARG D 149 15.54 8.13 10.59
N ARG D 149 15.46 8.23 10.56
CA ARG D 149 16.51 7.06 10.19
CA ARG D 149 16.55 7.72 9.70
C ARG D 149 17.89 7.62 9.79
C ARG D 149 17.46 8.90 9.34
N GLY D 150 18.00 8.96 9.66
N GLY D 150 18.77 8.69 9.52
CA GLY D 150 19.23 9.67 9.26
CA GLY D 150 19.77 9.72 9.27
C GLY D 150 19.87 10.50 10.39
C GLY D 150 20.08 10.53 10.52
N SER D 151 19.26 10.49 11.58
CA SER D 151 19.66 11.24 12.82
C SER D 151 20.97 10.62 13.36
N ALA D 152 21.76 11.40 14.06
CA ALA D 152 23.09 10.97 14.58
C ALA D 152 22.92 9.81 15.56
N ASP D 153 23.86 8.88 15.51
CA ASP D 153 23.95 7.76 16.51
C ASP D 153 24.11 8.29 17.94
N THR D 154 24.88 9.36 18.13
CA THR D 154 25.33 9.82 19.47
C THR D 154 24.40 10.92 20.03
N ALA D 155 23.12 10.88 19.65
CA ALA D 155 22.06 11.61 20.39
C ALA D 155 22.02 11.12 21.84
N ARG D 156 21.58 11.97 22.78
CA ARG D 156 21.15 11.46 24.12
C ARG D 156 19.79 10.76 23.96
N ASP D 157 19.71 9.48 24.25
CA ASP D 157 18.45 8.73 24.03
C ASP D 157 18.52 7.38 24.71
N VAL D 158 17.36 6.76 24.82
CA VAL D 158 17.26 5.32 25.08
C VAL D 158 17.78 4.60 23.83
N HIS D 159 18.25 3.37 23.98
CA HIS D 159 18.76 2.57 22.85
C HIS D 159 18.05 1.24 22.84
N GLY D 160 17.84 0.74 21.64
CA GLY D 160 17.29 -0.59 21.42
C GLY D 160 18.37 -1.63 21.29
N PHE D 161 18.00 -2.85 21.61
CA PHE D 161 18.85 -4.04 21.52
C PHE D 161 17.90 -5.19 21.25
N ALA D 162 17.67 -5.48 19.97
CA ALA D 162 16.69 -6.47 19.54
C ALA D 162 17.43 -7.69 19.03
N THR D 163 17.11 -8.87 19.56
CA THR D 163 17.78 -10.13 19.20
C THR D 163 16.74 -11.11 18.68
N ARG D 164 17.00 -11.66 17.51
CA ARG D 164 16.25 -12.80 16.95
C ARG D 164 17.13 -14.03 17.08
N PHE D 165 16.55 -15.07 17.66
CA PHE D 165 17.11 -16.43 17.69
C PHE D 165 16.33 -17.24 16.66
N TYR D 166 16.99 -17.68 15.61
CA TYR D 166 16.37 -18.55 14.59
C TYR D 166 16.41 -19.98 15.11
N THR D 167 15.52 -20.32 16.04
CA THR D 167 15.57 -21.59 16.80
C THR D 167 14.98 -22.71 15.94
N ASP D 168 15.30 -23.96 16.33
CA ASP D 168 14.82 -25.17 15.65
C ASP D 168 13.36 -25.40 16.03
N GLU D 169 12.75 -24.57 16.85
CA GLU D 169 11.30 -24.60 17.15
C GLU D 169 10.68 -23.22 16.86
N GLY D 170 11.25 -22.48 15.91
CA GLY D 170 10.67 -21.19 15.46
C GLY D 170 11.52 -20.01 15.85
N ASN D 171 11.25 -18.85 15.26
CA ASN D 171 11.97 -17.62 15.59
C ASN D 171 11.50 -17.13 16.94
N PHE D 172 12.46 -16.77 17.79
CA PHE D 172 12.23 -16.19 19.13
C PHE D 172 12.93 -14.84 19.15
N ASP D 173 12.18 -13.79 19.49
CA ASP D 173 12.75 -12.43 19.51
C ASP D 173 12.72 -11.90 20.93
N ILE D 174 13.84 -11.34 21.37
CA ILE D 174 13.88 -10.52 22.61
C ILE D 174 14.11 -9.08 22.15
N VAL D 175 13.07 -8.28 22.23
CA VAL D 175 13.10 -6.89 21.75
C VAL D 175 13.32 -6.01 22.98
N GLY D 176 14.59 -5.70 23.24
CA GLY D 176 15.05 -5.05 24.48
C GLY D 176 15.65 -3.70 24.24
N ASN D 177 16.03 -3.05 25.32
CA ASN D 177 16.68 -1.70 25.34
C ASN D 177 17.96 -1.82 26.18
N ASN D 178 18.81 -0.79 26.18
CA ASN D 178 20.07 -0.76 26.98
C ASN D 178 19.79 -0.22 28.38
N ILE D 179 18.54 0.13 28.67
CA ILE D 179 18.03 0.59 29.97
C ILE D 179 16.97 -0.40 30.43
N PRO D 180 17.03 -0.92 31.68
CA PRO D 180 16.19 -2.05 32.09
C PRO D 180 14.76 -1.70 32.50
N VAL D 181 14.42 -0.42 32.50
CA VAL D 181 13.08 0.08 32.93
C VAL D 181 12.55 1.01 31.85
N PHE D 182 11.23 1.05 31.71
CA PHE D 182 10.53 1.87 30.68
C PHE D 182 9.83 3.04 31.33
N PHE D 183 9.57 4.06 30.52
CA PHE D 183 9.01 5.35 30.96
C PHE D 183 7.58 5.21 31.51
N ILE D 184 6.82 4.23 31.01
CA ILE D 184 5.34 4.19 31.15
C ILE D 184 4.91 2.78 31.57
N GLN D 185 3.75 2.69 32.23
CA GLN D 185 3.24 1.47 32.89
C GLN D 185 2.16 0.78 32.07
N ASP D 186 1.76 1.34 30.92
CA ASP D 186 0.62 0.83 30.12
C ASP D 186 0.89 1.22 28.66
N ALA D 187 0.86 0.23 27.79
CA ALA D 187 1.14 0.36 26.35
C ALA D 187 0.26 1.44 25.72
N ILE D 188 -0.96 1.64 26.24
CA ILE D 188 -1.92 2.62 25.65
C ILE D 188 -1.32 4.02 25.70
N GLN D 189 -0.34 4.24 26.57
CA GLN D 189 0.29 5.57 26.74
C GLN D 189 1.45 5.75 25.76
N PHE D 190 1.85 4.74 24.99
CA PHE D 190 3.08 4.87 24.17
C PHE D 190 3.01 6.05 23.21
N PRO D 191 1.91 6.27 22.46
CA PRO D 191 1.84 7.41 21.56
C PRO D 191 1.96 8.77 22.27
N ASP D 192 1.50 8.85 23.52
CA ASP D 192 1.63 10.09 24.32
C ASP D 192 3.11 10.34 24.60
N LEU D 193 3.80 9.33 25.10
CA LEU D 193 5.27 9.40 25.34
C LEU D 193 5.97 9.84 24.05
N ILE D 194 5.74 9.10 22.97
CA ILE D 194 6.55 9.25 21.73
C ILE D 194 6.19 10.59 21.06
N HIS D 195 4.92 11.01 21.06
CA HIS D 195 4.54 12.37 20.55
C HIS D 195 5.28 13.45 21.36
N SER D 196 5.35 13.29 22.68
CA SER D 196 5.95 14.33 23.57
C SER D 196 7.46 14.42 23.35
N VAL D 197 8.15 13.31 23.04
CA VAL D 197 9.64 13.32 22.94
C VAL D 197 10.04 13.65 21.51
N LYS D 198 9.24 13.25 20.52
CA LYS D 198 9.52 13.53 19.10
C LYS D 198 9.36 15.02 18.87
N PRO D 199 9.88 15.53 17.73
CA PRO D 199 9.88 16.99 17.49
C PRO D 199 8.46 17.58 17.51
N ARG D 200 8.37 18.88 17.85
CA ARG D 200 7.06 19.53 17.99
C ARG D 200 6.39 19.45 16.62
N PRO D 201 5.14 18.97 16.54
CA PRO D 201 4.54 18.64 15.23
C PRO D 201 4.16 19.81 14.29
N ASP D 202 4.23 21.06 14.73
CA ASP D 202 3.98 22.22 13.82
C ASP D 202 5.18 22.44 12.91
N ASN D 203 6.40 22.21 13.40
CA ASN D 203 7.62 22.60 12.64
C ASN D 203 8.61 21.44 12.59
N GLU D 204 8.31 20.31 13.23
CA GLU D 204 9.25 19.16 13.38
C GLU D 204 10.62 19.67 13.88
N ILE D 205 10.59 20.42 14.98
CA ILE D 205 11.78 20.92 15.72
C ILE D 205 11.50 20.67 17.20
N PRO D 206 12.47 20.23 18.04
CA PRO D 206 13.81 19.82 17.62
C PRO D 206 14.01 18.31 17.62
N GLN D 207 15.06 17.81 16.98
CA GLN D 207 15.36 16.36 17.10
C GLN D 207 16.23 16.04 18.33
N ALA D 208 16.23 16.88 19.35
CA ALA D 208 16.82 16.57 20.67
C ALA D 208 15.74 16.02 21.60
N ALA D 209 15.56 14.71 21.63
CA ALA D 209 14.44 14.00 22.29
C ALA D 209 14.16 14.57 23.69
N THR D 210 15.21 14.81 24.50
CA THR D 210 15.07 15.15 25.95
C THR D 210 15.25 16.65 26.19
N ALA D 211 15.23 17.48 25.16
CA ALA D 211 15.60 18.91 25.30
C ALA D 211 14.54 19.82 24.66
N HIS D 212 13.25 19.60 24.91
CA HIS D 212 12.21 20.58 24.49
C HIS D 212 11.03 20.55 25.46
N ASP D 213 10.22 21.59 25.46
CA ASP D 213 9.12 21.75 26.44
C ASP D 213 8.23 20.51 26.50
N SER D 214 7.82 19.98 25.35
CA SER D 214 6.75 18.95 25.32
C SER D 214 7.23 17.71 26.06
N ALA D 215 8.52 17.33 25.90
CA ALA D 215 9.09 16.14 26.58
C ALA D 215 9.02 16.34 28.09
N TRP D 216 9.45 17.49 28.57
CA TRP D 216 9.51 17.77 30.04
C TRP D 216 8.09 17.98 30.58
N ASP D 217 7.17 18.45 29.74
CA ASP D 217 5.74 18.53 30.13
C ASP D 217 5.26 17.10 30.45
N PHE D 218 5.51 16.18 29.55
CA PHE D 218 5.05 14.78 29.74
C PHE D 218 5.72 14.20 31.00
N PHE D 219 7.04 14.33 31.11
CA PHE D 219 7.82 13.73 32.21
C PHE D 219 7.28 14.22 33.54
N SER D 220 7.04 15.52 33.62
CA SER D 220 6.59 16.13 34.88
C SER D 220 5.12 15.79 35.19
N GLN D 221 4.25 15.55 34.20
CA GLN D 221 2.82 15.22 34.44
C GLN D 221 2.66 13.71 34.58
N GLN D 222 3.62 12.90 34.10
CA GLN D 222 3.57 11.41 34.14
C GLN D 222 4.79 10.90 34.92
N PRO D 223 4.74 10.93 36.27
CA PRO D 223 5.91 10.64 37.10
C PRO D 223 6.47 9.21 36.96
N SER D 224 5.70 8.26 36.43
CA SER D 224 6.24 6.93 36.06
C SER D 224 7.56 7.09 35.30
N THR D 225 7.70 8.16 34.50
CA THR D 225 8.85 8.45 33.62
C THR D 225 10.15 8.62 34.41
N MET D 226 10.12 8.91 35.71
CA MET D 226 11.34 9.34 36.48
C MET D 226 12.47 8.32 36.37
N HIS D 227 12.21 7.02 36.50
CA HIS D 227 13.30 6.04 36.53
C HIS D 227 14.04 6.01 35.17
N THR D 228 13.33 5.78 34.08
CA THR D 228 13.95 5.72 32.74
C THR D 228 14.62 7.08 32.49
N LEU D 229 14.01 8.16 32.96
CA LEU D 229 14.55 9.52 32.72
C LEU D 229 15.95 9.62 33.36
N PHE D 230 16.09 9.19 34.60
CA PHE D 230 17.38 9.21 35.33
C PHE D 230 18.38 8.34 34.57
N TRP D 231 17.98 7.18 34.04
CA TRP D 231 18.91 6.35 33.22
C TRP D 231 19.34 7.13 31.95
N ALA D 232 18.40 7.79 31.28
CA ALA D 232 18.68 8.47 30.00
C ALA D 232 19.58 9.70 30.25
N MET D 233 19.54 10.27 31.46
CA MET D 233 20.33 11.48 31.81
C MET D 233 21.73 11.07 32.33
N SER D 234 21.96 9.78 32.56
CA SER D 234 23.25 9.17 32.92
C SER D 234 24.02 8.87 31.63
N GLY D 235 25.22 8.32 31.77
CA GLY D 235 26.04 7.85 30.65
C GLY D 235 25.33 6.80 29.80
N HIS D 236 24.32 6.12 30.34
CA HIS D 236 23.53 5.10 29.59
C HIS D 236 22.79 5.76 28.43
N GLY D 237 22.57 7.07 28.48
CA GLY D 237 21.97 7.83 27.37
C GLY D 237 22.92 8.11 26.23
N ILE D 238 24.24 8.05 26.45
CA ILE D 238 25.27 8.27 25.38
C ILE D 238 26.33 7.19 25.52
N PRO D 239 25.98 5.93 25.23
CA PRO D 239 26.95 4.84 25.31
C PRO D 239 28.09 5.07 24.31
N ARG D 240 29.31 4.63 24.68
CA ARG D 240 30.50 4.72 23.80
C ARG D 240 30.27 3.93 22.51
N SER D 241 29.59 2.78 22.59
CA SER D 241 29.24 1.97 21.41
C SER D 241 28.11 1.04 21.76
N TYR D 242 27.56 0.34 20.76
CA TYR D 242 26.57 -0.73 20.98
C TYR D 242 27.25 -1.86 21.77
N ARG D 243 28.56 -2.01 21.58
CA ARG D 243 29.33 -3.16 22.12
C ARG D 243 29.55 -2.93 23.62
N HIS D 244 29.47 -1.67 24.05
CA HIS D 244 29.80 -1.22 25.43
C HIS D 244 28.52 -0.87 26.19
N MET D 245 27.40 -1.49 25.82
CA MET D 245 26.13 -1.36 26.58
C MET D 245 25.53 -2.75 26.73
N ASP D 246 24.64 -2.90 27.69
CA ASP D 246 23.90 -4.15 27.95
C ASP D 246 22.58 -4.10 27.18
N GLY D 247 21.92 -5.25 27.07
CA GLY D 247 20.52 -5.41 26.63
C GLY D 247 19.65 -5.94 27.74
N PHE D 248 18.41 -5.48 27.83
CA PHE D 248 17.43 -5.86 28.85
C PHE D 248 16.08 -6.14 28.18
N GLY D 249 15.41 -7.23 28.56
CA GLY D 249 14.02 -7.47 28.14
C GLY D 249 13.04 -6.50 28.77
N VAL D 250 13.43 -5.84 29.86
CA VAL D 250 12.63 -4.86 30.65
C VAL D 250 11.50 -5.60 31.40
N HIS D 251 10.59 -6.27 30.69
CA HIS D 251 9.42 -6.94 31.31
C HIS D 251 9.86 -8.18 32.08
N THR D 252 9.09 -8.52 33.11
CA THR D 252 9.05 -9.90 33.61
C THR D 252 8.40 -10.79 32.54
N PHE D 253 9.02 -11.91 32.24
CA PHE D 253 8.45 -12.98 31.41
C PHE D 253 8.32 -14.22 32.26
N ARG D 254 7.85 -15.31 31.65
CA ARG D 254 7.88 -16.61 32.31
C ARG D 254 8.76 -17.59 31.54
N PHE D 255 9.41 -18.45 32.31
CA PHE D 255 9.99 -19.72 31.82
C PHE D 255 8.97 -20.78 32.16
N VAL D 256 8.66 -21.64 31.21
CA VAL D 256 7.64 -22.69 31.43
C VAL D 256 8.28 -24.02 31.09
N LYS D 257 8.25 -24.95 32.04
CA LYS D 257 8.77 -26.30 31.80
C LYS D 257 7.74 -27.13 31.06
N ASP D 258 8.21 -28.25 30.52
CA ASP D 258 7.39 -29.26 29.84
C ASP D 258 6.34 -29.82 30.81
N ASP D 259 6.61 -29.81 32.11
CA ASP D 259 5.65 -30.27 33.15
C ASP D 259 4.63 -29.16 33.45
N GLY D 260 4.73 -27.98 32.85
CA GLY D 260 3.72 -26.91 32.98
C GLY D 260 4.03 -25.91 34.08
N SER D 261 5.00 -26.18 34.94
CA SER D 261 5.34 -25.25 36.05
C SER D 261 6.06 -24.04 35.45
N SER D 262 5.96 -22.89 36.09
CA SER D 262 6.55 -21.65 35.55
C SER D 262 7.35 -20.93 36.63
N LYS D 263 8.32 -20.13 36.21
CA LYS D 263 9.09 -19.16 37.04
C LYS D 263 9.06 -17.79 36.33
N LEU D 264 9.18 -16.71 37.09
CA LEU D 264 9.24 -15.33 36.55
C LEU D 264 10.71 -15.00 36.26
N ILE D 265 11.00 -14.37 35.12
CA ILE D 265 12.40 -14.04 34.71
C ILE D 265 12.50 -12.62 34.18
N LYS D 266 13.70 -12.06 34.29
CA LYS D 266 14.15 -10.88 33.55
C LYS D 266 15.36 -11.30 32.70
N TRP D 267 15.40 -10.78 31.48
CA TRP D 267 16.54 -10.97 30.55
C TRP D 267 17.57 -9.84 30.76
N HIS D 268 18.84 -10.21 30.87
CA HIS D 268 20.00 -9.30 30.99
C HIS D 268 21.07 -9.81 30.03
N PHE D 269 21.40 -9.06 28.99
CA PHE D 269 22.54 -9.35 28.07
C PHE D 269 23.72 -8.51 28.58
N LYS D 270 24.71 -9.18 29.16
CA LYS D 270 25.82 -8.49 29.88
C LYS D 270 27.01 -8.41 28.96
N SER D 271 27.42 -7.19 28.61
CA SER D 271 28.51 -6.92 27.63
C SER D 271 29.81 -7.55 28.14
N ARG D 272 30.53 -8.26 27.28
CA ARG D 272 31.88 -8.78 27.60
C ARG D 272 32.95 -7.75 27.22
N GLN D 273 32.55 -6.60 26.67
CA GLN D 273 33.46 -5.50 26.28
C GLN D 273 33.59 -4.51 27.44
N GLY D 274 32.68 -4.58 28.40
CA GLY D 274 32.60 -3.66 29.54
C GLY D 274 31.72 -2.47 29.21
N LYS D 275 31.35 -1.70 30.21
CA LYS D 275 30.40 -0.58 30.04
C LYS D 275 31.20 0.71 29.88
N ALA D 276 30.82 1.55 28.95
CA ALA D 276 31.50 2.82 28.67
C ALA D 276 30.51 3.81 28.08
N SER D 277 30.74 5.07 28.39
CA SER D 277 29.96 6.23 27.90
C SER D 277 30.90 7.19 27.16
N LEU D 278 30.30 8.02 26.32
CA LEU D 278 30.89 9.31 25.87
C LEU D 278 30.64 10.33 26.97
N VAL D 279 31.27 11.49 26.89
CA VAL D 279 30.79 12.68 27.66
C VAL D 279 29.97 13.52 26.68
N TRP D 280 29.04 14.26 27.23
CA TRP D 280 28.05 15.02 26.42
C TRP D 280 28.79 15.92 25.43
N GLU D 281 29.81 16.67 25.89
CA GLU D 281 30.49 17.72 25.11
C GLU D 281 31.08 17.06 23.87
N GLU D 282 31.54 15.82 24.03
CA GLU D 282 32.11 14.93 22.98
C GLU D 282 30.98 14.45 22.05
N ALA D 283 29.93 13.86 22.63
CA ALA D 283 28.78 13.30 21.87
C ALA D 283 28.22 14.39 20.91
N GLN D 284 28.14 15.65 21.34
CA GLN D 284 27.54 16.70 20.47
C GLN D 284 28.39 16.92 19.23
N VAL D 285 29.71 17.03 19.40
CA VAL D 285 30.67 17.21 18.28
C VAL D 285 30.63 15.95 17.44
N LEU D 286 30.63 14.77 18.04
CA LEU D 286 30.67 13.48 17.29
C LEU D 286 29.39 13.34 16.44
N SER D 287 28.26 13.85 16.92
CA SER D 287 26.97 13.83 16.18
C SER D 287 27.11 14.58 14.85
N GLY D 288 28.01 15.58 14.75
CA GLY D 288 28.31 16.31 13.51
C GLY D 288 29.45 15.71 12.72
N LYS D 289 30.55 15.37 13.37
CA LYS D 289 31.76 14.88 12.66
C LYS D 289 31.50 13.47 12.12
N ASN D 290 30.69 12.68 12.80
CA ASN D 290 30.46 11.27 12.38
C ASN D 290 29.12 10.78 12.92
N ALA D 291 28.03 11.09 12.20
CA ALA D 291 26.66 10.70 12.57
C ALA D 291 26.55 9.17 12.59
N ASP D 292 27.45 8.48 11.90
CA ASP D 292 27.44 7.00 11.73
C ASP D 292 28.34 6.32 12.76
N PHE D 293 28.76 7.03 13.80
CA PHE D 293 29.83 6.50 14.70
C PHE D 293 29.51 5.10 15.24
N HIS D 294 28.30 4.87 15.80
CA HIS D 294 27.97 3.53 16.40
C HIS D 294 27.87 2.46 15.31
N ARG D 295 27.23 2.70 14.16
CA ARG D 295 27.18 1.62 13.13
C ARG D 295 28.58 1.35 12.59
N GLN D 296 29.43 2.36 12.48
CA GLN D 296 30.82 2.14 11.96
CA GLN D 296 30.84 2.22 12.00
C GLN D 296 31.63 1.36 13.00
N ASP D 297 31.47 1.66 14.27
CA ASP D 297 32.24 0.97 15.35
C ASP D 297 31.90 -0.52 15.28
N LEU D 298 30.61 -0.86 15.14
CA LEU D 298 30.15 -2.28 15.14
C LEU D 298 30.69 -2.96 13.90
N TRP D 299 30.49 -2.32 12.74
CA TRP D 299 30.87 -2.88 11.43
C TRP D 299 32.37 -3.16 11.46
N ASP D 300 33.15 -2.20 11.95
CA ASP D 300 34.64 -2.32 11.99
C ASP D 300 35.04 -3.44 12.95
N ALA D 301 34.39 -3.54 14.09
CA ALA D 301 34.73 -4.55 15.13
C ALA D 301 34.54 -5.92 14.51
N ILE D 302 33.45 -6.14 13.78
CA ILE D 302 33.19 -7.49 13.18
C ILE D 302 34.23 -7.74 12.08
N GLU D 303 34.53 -6.75 11.24
CA GLU D 303 35.45 -7.01 10.10
C GLU D 303 36.86 -7.33 10.63
N SER D 304 37.24 -6.80 11.78
CA SER D 304 38.61 -6.94 12.35
C SER D 304 38.70 -8.21 13.20
N GLY D 305 37.63 -9.02 13.24
CA GLY D 305 37.56 -10.26 14.03
C GLY D 305 37.36 -10.00 15.51
N ASN D 306 36.90 -8.81 15.89
CA ASN D 306 36.59 -8.41 17.29
C ASN D 306 35.06 -8.39 17.49
N GLY D 307 34.37 -9.38 16.97
CA GLY D 307 32.89 -9.47 17.06
C GLY D 307 32.42 -9.39 18.51
N PRO D 308 31.55 -8.42 18.87
CA PRO D 308 31.19 -8.24 20.27
C PRO D 308 30.42 -9.43 20.86
N GLU D 309 30.58 -9.61 22.17
CA GLU D 309 29.99 -10.73 22.94
C GLU D 309 29.16 -10.21 24.13
N TRP D 310 28.07 -10.91 24.44
CA TRP D 310 27.23 -10.73 25.63
C TRP D 310 27.00 -12.09 26.25
N ASP D 311 27.08 -12.15 27.57
CA ASP D 311 26.47 -13.24 28.35
C ASP D 311 24.97 -12.96 28.40
N VAL D 312 24.18 -13.87 27.85
CA VAL D 312 22.70 -13.86 27.93
C VAL D 312 22.33 -14.48 29.28
N CYS D 313 21.76 -13.65 30.17
CA CYS D 313 21.47 -13.99 31.58
C CYS D 313 19.99 -13.75 31.93
N VAL D 314 19.57 -14.35 33.05
CA VAL D 314 18.20 -14.20 33.59
C VAL D 314 18.34 -14.04 35.08
N GLN D 315 17.51 -13.20 35.66
CA GLN D 315 17.06 -13.36 37.06
C GLN D 315 15.89 -14.34 37.03
N ILE D 316 15.88 -15.35 37.89
CA ILE D 316 14.76 -16.31 38.04
C ILE D 316 14.19 -16.14 39.45
N VAL D 317 12.90 -15.95 39.58
CA VAL D 317 12.21 -15.87 40.90
C VAL D 317 10.92 -16.66 40.82
N ASP D 318 10.34 -16.96 41.97
CA ASP D 318 9.10 -17.75 42.03
C ASP D 318 7.88 -16.86 41.71
N GLU D 319 6.84 -17.49 41.18
CA GLU D 319 5.50 -16.86 40.99
C GLU D 319 5.05 -16.20 42.30
N SER D 320 5.34 -16.83 43.44
CA SER D 320 4.98 -16.35 44.78
C SER D 320 5.72 -15.04 45.11
N GLN D 321 6.78 -14.67 44.40
CA GLN D 321 7.57 -13.45 44.70
C GLN D 321 7.15 -12.24 43.84
N ALA D 322 5.98 -12.27 43.20
CA ALA D 322 5.50 -11.20 42.29
C ALA D 322 5.44 -9.84 43.02
N GLN D 323 5.09 -9.88 44.31
CA GLN D 323 4.85 -8.65 45.11
C GLN D 323 5.74 -8.68 46.36
N ALA D 324 6.82 -9.46 46.35
CA ALA D 324 7.65 -9.75 47.55
C ALA D 324 8.83 -8.77 47.69
N PHE D 325 9.26 -8.08 46.64
CA PHE D 325 10.49 -7.25 46.63
C PHE D 325 10.19 -5.77 46.92
N GLY D 326 8.98 -5.45 47.37
CA GLY D 326 8.57 -4.06 47.71
C GLY D 326 8.03 -3.32 46.50
N PHE D 327 7.78 -4.04 45.40
CA PHE D 327 7.16 -3.51 44.16
C PHE D 327 6.56 -4.69 43.38
N ASP D 328 5.84 -4.37 42.30
CA ASP D 328 5.08 -5.39 41.53
C ASP D 328 5.96 -5.82 40.35
N LEU D 329 6.22 -7.10 40.14
CA LEU D 329 7.07 -7.56 39.01
C LEU D 329 6.32 -7.33 37.70
N LEU D 330 5.04 -6.95 37.74
CA LEU D 330 4.31 -6.63 36.48
C LEU D 330 4.60 -5.19 36.07
N ASP D 331 5.27 -4.42 36.91
CA ASP D 331 5.52 -2.96 36.72
C ASP D 331 6.86 -2.80 35.97
N PRO D 332 6.86 -2.31 34.71
CA PRO D 332 8.08 -2.28 33.90
C PRO D 332 8.95 -1.07 34.22
N THR D 333 8.58 -0.28 35.22
CA THR D 333 9.39 0.88 35.66
C THR D 333 10.34 0.48 36.80
N LYS D 334 10.39 -0.81 37.14
CA LYS D 334 11.13 -1.31 38.32
C LYS D 334 12.12 -2.39 37.89
N ILE D 335 13.31 -2.39 38.51
CA ILE D 335 14.33 -3.47 38.41
C ILE D 335 14.19 -4.35 39.66
N ILE D 336 14.59 -5.61 39.52
CA ILE D 336 14.90 -6.47 40.69
C ILE D 336 16.38 -6.22 40.98
N PRO D 337 16.72 -5.54 42.08
CA PRO D 337 18.11 -5.40 42.48
C PRO D 337 18.83 -6.76 42.44
N GLU D 338 20.03 -6.79 41.85
CA GLU D 338 20.86 -8.02 41.77
C GLU D 338 21.08 -8.61 43.16
N GLU D 339 21.10 -7.77 44.20
CA GLU D 339 21.24 -8.25 45.60
C GLU D 339 20.07 -9.18 45.96
N TYR D 340 18.88 -9.02 45.36
CA TYR D 340 17.68 -9.84 45.70
C TYR D 340 17.62 -11.11 44.85
N ALA D 341 18.18 -11.06 43.66
CA ALA D 341 18.07 -12.16 42.68
C ALA D 341 19.29 -12.05 41.78
N PRO D 342 20.23 -13.01 41.88
CA PRO D 342 21.46 -12.95 41.10
C PRO D 342 21.23 -13.34 39.63
N LEU D 343 22.15 -12.95 38.77
CA LEU D 343 22.08 -13.26 37.33
C LEU D 343 22.57 -14.69 37.15
N THR D 344 21.81 -15.51 36.43
CA THR D 344 22.25 -16.83 35.90
C THR D 344 22.65 -16.65 34.44
N LYS D 345 23.89 -16.99 34.10
CA LYS D 345 24.39 -17.01 32.70
C LYS D 345 23.83 -18.19 31.93
N LEU D 346 23.06 -17.97 30.86
CA LEU D 346 22.45 -19.07 30.08
C LEU D 346 23.37 -19.46 28.92
N GLY D 347 24.00 -18.48 28.31
CA GLY D 347 24.83 -18.73 27.12
C GLY D 347 25.49 -17.50 26.55
N LEU D 348 26.20 -17.69 25.45
CA LEU D 348 26.99 -16.62 24.79
C LEU D 348 26.27 -16.13 23.53
N LEU D 349 26.16 -14.83 23.40
CA LEU D 349 25.74 -14.17 22.13
C LEU D 349 26.97 -13.54 21.50
N LYS D 350 27.35 -13.97 20.29
CA LYS D 350 28.47 -13.37 19.55
C LYS D 350 27.97 -12.86 18.20
N LEU D 351 28.16 -11.58 17.91
CA LEU D 351 27.96 -10.98 16.56
C LEU D 351 29.26 -11.01 15.77
N ASP D 352 29.29 -11.73 14.65
CA ASP D 352 30.58 -11.86 13.92
C ASP D 352 30.42 -11.78 12.41
N ARG D 353 29.25 -11.41 11.90
CA ARG D 353 29.08 -11.31 10.43
C ARG D 353 28.22 -10.09 10.11
N ASN D 354 28.75 -9.21 9.29
CA ASN D 354 28.04 -8.01 8.79
C ASN D 354 27.05 -8.41 7.71
N PRO D 355 25.99 -7.61 7.51
CA PRO D 355 25.04 -7.82 6.40
C PRO D 355 25.72 -7.69 5.04
N THR D 356 25.08 -8.23 4.01
CA THR D 356 25.49 -8.11 2.59
C THR D 356 24.77 -6.89 2.00
N ASN D 357 23.47 -6.76 2.30
CA ASN D 357 22.66 -5.61 1.85
C ASN D 357 21.93 -5.08 3.09
N TYR D 358 22.23 -3.86 3.48
CA TYR D 358 21.65 -3.19 4.68
C TYR D 358 20.11 -3.09 4.61
N PHE D 359 19.58 -2.60 3.49
CA PHE D 359 18.12 -2.48 3.29
C PHE D 359 17.49 -3.85 3.46
N ALA D 360 17.96 -4.84 2.72
CA ALA D 360 17.28 -6.15 2.67
C ALA D 360 17.31 -6.82 4.04
N GLU D 361 18.39 -6.59 4.82
CA GLU D 361 18.64 -7.33 6.10
C GLU D 361 18.32 -6.45 7.30
N THR D 362 19.06 -5.36 7.51
CA THR D 362 18.82 -4.46 8.66
C THR D 362 17.49 -3.68 8.52
N GLU D 363 17.28 -2.99 7.41
CA GLU D 363 16.06 -2.15 7.33
C GLU D 363 14.82 -3.05 7.41
N GLN D 364 14.83 -4.19 6.73
CA GLN D 364 13.62 -5.04 6.60
C GLN D 364 13.41 -6.00 7.77
N VAL D 365 14.35 -6.14 8.72
CA VAL D 365 14.13 -7.09 9.86
C VAL D 365 12.94 -6.56 10.68
N MET D 366 11.96 -7.41 10.94
CA MET D 366 10.69 -7.05 11.61
C MET D 366 10.51 -7.89 12.86
N PHE D 367 10.97 -7.33 13.99
CA PHE D 367 10.98 -8.00 15.31
C PHE D 367 9.57 -7.93 15.89
N GLN D 368 9.26 -8.88 16.75
CA GLN D 368 7.97 -8.97 17.43
C GLN D 368 8.19 -9.68 18.76
N PRO D 369 7.67 -9.13 19.89
CA PRO D 369 7.57 -9.91 21.11
C PRO D 369 6.60 -11.10 20.99
N GLY D 370 5.72 -11.05 20.00
CA GLY D 370 4.82 -12.18 19.66
C GLY D 370 5.57 -13.33 19.02
N HIS D 371 6.82 -13.13 18.60
CA HIS D 371 7.70 -14.23 18.14
C HIS D 371 8.18 -14.97 19.38
N ILE D 372 7.36 -15.87 19.90
CA ILE D 372 7.61 -16.56 21.18
C ILE D 372 7.72 -18.07 20.88
N VAL D 373 8.39 -18.82 21.74
CA VAL D 373 8.55 -20.27 21.53
C VAL D 373 8.06 -20.99 22.79
N ARG D 374 7.75 -22.27 22.63
CA ARG D 374 7.46 -23.20 23.73
C ARG D 374 8.59 -23.06 24.74
N GLY D 375 8.22 -22.84 26.00
CA GLY D 375 9.18 -22.71 27.12
C GLY D 375 9.23 -21.29 27.62
N ILE D 376 8.58 -20.37 26.89
CA ILE D 376 8.51 -18.95 27.30
C ILE D 376 7.04 -18.55 27.33
N ASP D 377 6.66 -17.66 28.23
CA ASP D 377 5.29 -17.13 28.23
C ASP D 377 5.35 -15.67 28.68
N PHE D 378 4.26 -14.98 28.43
CA PHE D 378 4.03 -13.55 28.79
C PHE D 378 3.66 -13.43 30.27
N THR D 379 3.71 -12.18 30.73
CA THR D 379 3.09 -11.74 31.98
C THR D 379 2.09 -10.63 31.69
N GLU D 380 1.31 -10.33 32.73
CA GLU D 380 0.20 -9.34 32.74
C GLU D 380 0.77 -7.94 32.97
N ASP D 381 2.04 -7.73 32.56
CA ASP D 381 2.63 -6.38 32.46
C ASP D 381 1.83 -5.60 31.41
N PRO D 382 1.05 -4.55 31.76
CA PRO D 382 0.18 -3.89 30.78
C PRO D 382 0.94 -3.21 29.64
N LEU D 383 2.26 -3.00 29.83
CA LEU D 383 3.14 -2.46 28.75
C LEU D 383 3.44 -3.59 27.76
N LEU D 384 3.85 -4.76 28.27
CA LEU D 384 4.15 -5.91 27.38
C LEU D 384 2.86 -6.33 26.63
N GLN D 385 1.75 -6.46 27.36
CA GLN D 385 0.45 -6.93 26.82
C GLN D 385 0.13 -6.17 25.51
N GLY D 386 0.21 -4.84 25.51
CA GLY D 386 -0.11 -4.00 24.35
C GLY D 386 0.93 -4.11 23.23
N ARG D 387 2.21 -4.24 23.56
CA ARG D 387 3.25 -4.39 22.54
C ARG D 387 2.88 -5.56 21.63
N LEU D 388 2.35 -6.64 22.19
CA LEU D 388 2.07 -7.86 21.38
C LEU D 388 1.19 -7.51 20.17
N PHE D 389 0.28 -6.58 20.33
CA PHE D 389 -0.59 -6.08 19.24
C PHE D 389 0.24 -5.26 18.26
N SER D 390 1.01 -4.29 18.78
CA SER D 390 1.65 -3.21 18.00
C SER D 390 2.62 -3.77 16.93
N TYR D 391 3.47 -4.73 17.26
CA TYR D 391 4.56 -5.17 16.35
C TYR D 391 3.99 -6.02 15.21
N LEU D 392 2.89 -6.74 15.40
CA LEU D 392 2.29 -7.50 14.28
C LEU D 392 1.63 -6.50 13.31
N ASP D 393 0.94 -5.53 13.86
CA ASP D 393 0.20 -4.48 13.10
C ASP D 393 1.19 -3.59 12.32
N THR D 394 2.19 -3.04 12.97
CA THR D 394 3.10 -2.04 12.34
C THR D 394 3.85 -2.60 11.12
N GLN D 395 4.14 -3.91 11.04
CA GLN D 395 4.81 -4.50 9.85
C GLN D 395 3.92 -4.38 8.60
N LEU D 396 2.59 -4.30 8.73
CA LEU D 396 1.70 -4.02 7.56
C LEU D 396 2.08 -2.65 6.99
N ASN D 397 2.35 -1.70 7.87
CA ASN D 397 2.74 -0.33 7.45
C ASN D 397 4.10 -0.39 6.70
N ARG D 398 5.08 -1.03 7.33
CA ARG D 398 6.47 -1.03 6.79
C ARG D 398 6.51 -1.82 5.48
N ASN D 399 5.90 -3.00 5.46
CA ASN D 399 6.02 -3.96 4.34
C ASN D 399 5.00 -3.63 3.24
N GLY D 400 3.89 -2.97 3.57
CA GLY D 400 2.83 -2.63 2.60
C GLY D 400 1.94 -3.82 2.25
N GLY D 401 2.06 -4.93 2.97
CA GLY D 401 1.31 -6.17 2.74
C GLY D 401 1.61 -7.17 3.85
N PRO D 402 0.83 -8.28 3.88
CA PRO D 402 0.79 -9.19 5.01
C PRO D 402 1.82 -10.32 5.03
N ASN D 403 2.63 -10.44 3.98
CA ASN D 403 3.59 -11.57 3.83
C ASN D 403 5.02 -11.16 4.24
N PHE D 404 5.16 -10.22 5.19
CA PHE D 404 6.47 -9.71 5.70
C PHE D 404 7.29 -10.85 6.33
N GLU D 405 6.69 -11.94 6.83
CA GLU D 405 7.47 -13.06 7.43
C GLU D 405 8.21 -13.86 6.34
N GLN D 406 7.94 -13.59 5.07
CA GLN D 406 8.53 -14.31 3.90
C GLN D 406 9.80 -13.61 3.43
N LEU D 407 10.08 -12.42 3.91
CA LEU D 407 11.35 -11.71 3.65
C LEU D 407 12.47 -12.58 4.20
N PRO D 408 13.58 -12.73 3.44
CA PRO D 408 14.67 -13.64 3.85
C PRO D 408 15.04 -13.44 5.32
N ILE D 409 15.23 -12.19 5.75
CA ILE D 409 15.69 -11.90 7.12
C ILE D 409 14.64 -12.33 8.16
N ASN D 410 13.37 -12.42 7.78
CA ASN D 410 12.25 -12.74 8.70
C ASN D 410 11.90 -14.25 8.67
N MET D 411 12.33 -14.99 7.64
CA MET D 411 11.99 -16.42 7.48
C MET D 411 12.58 -17.19 8.66
N PRO D 412 11.87 -18.23 9.12
CA PRO D 412 12.45 -19.19 10.06
C PRO D 412 13.37 -20.19 9.34
N ARG D 413 14.09 -21.03 10.10
CA ARG D 413 15.03 -22.04 9.58
C ARG D 413 14.41 -23.43 9.75
N VAL D 414 13.10 -23.51 9.98
CA VAL D 414 12.37 -24.80 10.09
C VAL D 414 11.12 -24.67 9.22
N PRO D 415 10.48 -25.81 8.89
CA PRO D 415 9.32 -25.81 8.01
C PRO D 415 8.16 -25.01 8.58
N ILE D 416 7.36 -24.44 7.67
CA ILE D 416 6.09 -23.75 8.01
C ILE D 416 4.94 -24.63 7.55
N HIS D 417 4.01 -24.97 8.45
CA HIS D 417 2.80 -25.75 8.13
C HIS D 417 1.57 -24.99 8.62
N ASN D 418 0.94 -24.17 7.78
CA ASN D 418 -0.32 -23.53 8.24
C ASN D 418 -1.22 -23.19 7.04
N ASN D 419 -2.40 -22.69 7.36
CA ASN D 419 -3.49 -22.43 6.39
C ASN D 419 -3.58 -20.92 6.09
N ASN D 420 -2.56 -20.15 6.41
CA ASN D 420 -2.42 -18.75 5.95
C ASN D 420 -2.24 -18.78 4.42
N ARG D 421 -2.90 -17.86 3.72
CA ARG D 421 -2.99 -17.91 2.24
C ARG D 421 -3.05 -16.50 1.66
N ASP D 422 -2.60 -16.40 0.41
CA ASP D 422 -2.85 -15.26 -0.49
C ASP D 422 -2.21 -14.02 0.15
N GLY D 423 -2.85 -12.88 0.00
CA GLY D 423 -2.25 -11.59 0.43
C GLY D 423 -1.25 -11.06 -0.58
N ALA D 424 -1.09 -9.72 -0.62
CA ALA D 424 -0.13 -9.06 -1.50
C ALA D 424 1.27 -9.66 -1.28
N GLY D 425 1.99 -9.94 -2.36
CA GLY D 425 3.37 -10.43 -2.33
C GLY D 425 3.50 -11.87 -1.88
N GLN D 426 2.49 -12.70 -2.06
CA GLN D 426 2.56 -14.15 -1.70
C GLN D 426 3.67 -14.83 -2.53
N MET D 427 4.73 -15.31 -1.85
CA MET D 427 5.88 -15.99 -2.49
C MET D 427 5.64 -17.50 -2.56
N PHE D 428 4.89 -18.07 -1.63
CA PHE D 428 4.73 -19.53 -1.49
C PHE D 428 3.72 -20.00 -2.55
N ILE D 429 3.89 -21.23 -3.01
CA ILE D 429 2.89 -21.92 -3.85
C ILE D 429 2.41 -23.14 -3.05
N HIS D 430 1.31 -22.99 -2.30
CA HIS D 430 0.79 -24.02 -1.38
C HIS D 430 0.19 -25.18 -2.20
N ARG D 431 0.67 -26.39 -1.95
CA ARG D 431 0.16 -27.66 -2.53
C ARG D 431 -1.17 -28.06 -1.87
N ASN D 432 -1.35 -27.81 -0.58
CA ASN D 432 -2.55 -28.28 0.14
C ASN D 432 -3.78 -27.51 -0.35
N LYS D 433 -4.70 -28.15 -1.08
CA LYS D 433 -5.88 -27.41 -1.61
C LYS D 433 -7.05 -27.41 -0.62
N TYR D 434 -6.86 -27.90 0.61
CA TYR D 434 -7.93 -27.88 1.63
C TYR D 434 -7.45 -27.19 2.90
N PRO D 435 -7.04 -25.89 2.81
CA PRO D 435 -6.47 -25.18 3.97
C PRO D 435 -7.53 -24.71 4.99
N TYR D 436 -8.18 -25.69 5.59
CA TYR D 436 -9.17 -25.48 6.68
C TYR D 436 -9.00 -26.64 7.66
N THR D 437 -9.31 -26.33 8.92
CA THR D 437 -9.41 -27.30 10.04
C THR D 437 -10.82 -27.14 10.59
N PRO D 438 -11.53 -28.23 10.94
CA PRO D 438 -11.09 -29.61 10.68
C PRO D 438 -11.38 -30.04 9.25
N ASN D 439 -10.48 -30.86 8.67
CA ASN D 439 -10.68 -31.44 7.32
C ASN D 439 -10.47 -32.96 7.38
N THR D 440 -11.04 -33.67 6.40
CA THR D 440 -10.68 -35.07 6.01
C THR D 440 -9.98 -35.07 4.65
N LEU D 441 -10.22 -34.08 3.78
CA LEU D 441 -9.70 -34.09 2.40
C LEU D 441 -8.18 -33.86 2.39
N ASN D 442 -7.60 -33.33 3.48
CA ASN D 442 -6.11 -33.32 3.67
C ASN D 442 -5.72 -34.19 4.88
N SER D 443 -6.52 -35.21 5.20
CA SER D 443 -6.24 -36.24 6.24
C SER D 443 -6.03 -35.56 7.60
N GLY D 444 -6.59 -34.37 7.80
CA GLY D 444 -6.55 -33.69 9.10
C GLY D 444 -5.21 -33.03 9.35
N TYR D 445 -4.42 -32.77 8.29
CA TYR D 445 -3.16 -31.98 8.37
C TYR D 445 -3.43 -30.54 7.93
N PRO D 446 -2.69 -29.55 8.50
CA PRO D 446 -1.74 -29.79 9.59
C PRO D 446 -2.41 -30.14 10.94
N ARG D 447 -1.69 -30.82 11.81
CA ARG D 447 -2.22 -31.25 13.13
C ARG D 447 -2.04 -30.13 14.14
N GLN D 448 -2.99 -30.00 15.05
CA GLN D 448 -2.98 -28.99 16.14
C GLN D 448 -1.85 -29.31 17.14
N ALA D 449 -1.00 -28.33 17.43
CA ALA D 449 0.12 -28.48 18.38
C ALA D 449 -0.26 -27.76 19.66
N ASN D 450 0.01 -28.41 20.80
CA ASN D 450 -0.37 -27.87 22.12
C ASN D 450 0.61 -28.42 23.16
N GLN D 451 0.29 -28.27 24.44
CA GLN D 451 1.14 -28.77 25.54
C GLN D 451 1.45 -30.26 25.35
N ASN D 452 0.49 -31.04 24.86
CA ASN D 452 0.60 -32.53 24.89
C ASN D 452 0.98 -33.12 23.52
N ALA D 453 1.02 -32.35 22.43
CA ALA D 453 1.25 -32.89 21.07
C ALA D 453 1.96 -31.84 20.20
N GLY D 454 2.92 -32.29 19.42
CA GLY D 454 3.62 -31.51 18.40
C GLY D 454 4.48 -30.39 18.92
N ARG D 455 4.91 -30.44 20.19
CA ARG D 455 5.78 -29.40 20.81
C ARG D 455 5.12 -28.02 20.64
N GLY D 456 3.79 -27.98 20.77
CA GLY D 456 3.03 -26.72 20.69
C GLY D 456 3.51 -25.69 21.70
N PHE D 457 3.48 -24.42 21.33
CA PHE D 457 3.42 -23.35 22.35
C PHE D 457 2.24 -23.64 23.28
N PHE D 458 2.34 -23.26 24.55
CA PHE D 458 1.16 -23.30 25.45
C PHE D 458 1.29 -22.21 26.50
N THR D 459 0.17 -21.57 26.80
CA THR D 459 0.08 -20.58 27.90
C THR D 459 0.41 -21.31 29.22
N ALA D 460 1.19 -20.68 30.08
CA ALA D 460 1.53 -21.27 31.40
C ALA D 460 0.25 -21.69 32.11
N PRO D 461 -0.01 -23.00 32.33
CA PRO D 461 -1.34 -23.45 32.74
C PRO D 461 -1.71 -23.05 34.19
N GLY D 462 -0.77 -22.55 34.98
CA GLY D 462 -1.08 -22.00 36.33
C GLY D 462 -1.64 -20.60 36.26
N ARG D 463 -1.70 -19.99 35.08
CA ARG D 463 -2.08 -18.55 34.97
C ARG D 463 -3.60 -18.47 35.12
N THR D 464 -4.07 -17.46 35.87
CA THR D 464 -5.50 -17.21 36.08
C THR D 464 -5.72 -15.71 35.91
N ALA D 465 -6.99 -15.33 35.79
CA ALA D 465 -7.45 -13.94 35.97
C ALA D 465 -8.63 -14.00 36.92
N SER D 466 -8.88 -12.91 37.61
CA SER D 466 -10.04 -12.79 38.52
C SER D 466 -10.31 -11.32 38.79
N GLY D 467 -11.57 -10.93 38.67
CA GLY D 467 -12.04 -9.60 39.08
C GLY D 467 -12.89 -8.97 37.99
N ALA D 468 -13.17 -7.69 38.18
CA ALA D 468 -13.94 -6.83 37.27
C ALA D 468 -13.13 -6.60 35.99
N LEU D 469 -13.83 -6.38 34.89
CA LEU D 469 -13.21 -5.86 33.65
C LEU D 469 -12.99 -4.37 33.87
N VAL D 470 -11.75 -3.93 34.05
CA VAL D 470 -11.42 -2.57 34.55
C VAL D 470 -10.39 -1.89 33.65
N ARG D 471 -10.58 -0.59 33.48
CA ARG D 471 -9.56 0.36 32.96
C ARG D 471 -9.00 1.13 34.16
N GLU D 472 -8.42 0.39 35.09
CA GLU D 472 -7.88 0.93 36.37
C GLU D 472 -6.41 0.52 36.49
N VAL D 473 -5.61 1.39 37.09
CA VAL D 473 -4.16 1.16 37.40
C VAL D 473 -4.07 0.46 38.76
N SER D 474 -3.33 -0.64 38.87
CA SER D 474 -3.04 -1.29 40.17
C SER D 474 -2.34 -0.29 41.09
N PRO D 475 -2.84 -0.06 42.33
CA PRO D 475 -2.11 0.78 43.30
C PRO D 475 -0.70 0.24 43.60
N THR D 476 -0.42 -1.03 43.33
CA THR D 476 0.95 -1.62 43.49
C THR D 476 1.97 -0.94 42.56
N PHE D 477 1.51 -0.15 41.57
CA PHE D 477 2.33 0.53 40.56
C PHE D 477 2.67 1.97 40.98
N ASN D 478 2.18 2.42 42.13
CA ASN D 478 2.05 3.87 42.47
C ASN D 478 3.37 4.51 42.96
N ASP D 479 4.41 3.78 43.33
CA ASP D 479 5.68 4.42 43.80
C ASP D 479 6.59 4.71 42.58
N HIS D 480 6.59 5.97 42.12
CA HIS D 480 7.30 6.40 40.89
C HIS D 480 8.71 6.91 41.23
N TRP D 481 9.06 7.05 42.51
CA TRP D 481 10.25 7.85 42.94
C TRP D 481 11.33 7.05 43.70
N SER D 482 10.99 5.97 44.42
CA SER D 482 11.99 5.22 45.22
C SER D 482 13.07 4.66 44.29
N GLN D 483 12.69 4.03 43.17
CA GLN D 483 13.69 3.34 42.33
C GLN D 483 14.54 4.38 41.62
N PRO D 484 14.00 5.50 41.07
CA PRO D 484 14.87 6.58 40.59
C PRO D 484 15.93 6.95 41.64
N ARG D 485 15.54 6.97 42.92
CA ARG D 485 16.48 7.40 43.98
C ARG D 485 17.51 6.29 44.16
N LEU D 486 17.08 5.04 44.13
CA LEU D 486 17.98 3.87 44.18
C LEU D 486 19.07 4.02 43.12
N PHE D 487 18.69 4.32 41.88
CA PHE D 487 19.61 4.42 40.73
C PHE D 487 20.60 5.57 41.00
N PHE D 488 20.10 6.74 41.37
CA PHE D 488 20.92 7.95 41.60
C PHE D 488 21.96 7.63 42.69
N ASN D 489 21.49 7.01 43.78
CA ASN D 489 22.30 6.59 44.97
C ASN D 489 23.44 5.68 44.54
N SER D 490 23.27 4.93 43.45
CA SER D 490 24.15 3.83 43.01
C SER D 490 25.17 4.34 41.98
N LEU D 491 25.21 5.64 41.74
CA LEU D 491 26.25 6.23 40.85
C LEU D 491 27.35 6.86 41.72
N THR D 492 28.55 6.99 41.15
CA THR D 492 29.73 7.64 41.80
C THR D 492 29.47 9.15 41.85
N PRO D 493 30.18 9.91 42.70
CA PRO D 493 29.94 11.36 42.78
C PRO D 493 30.08 12.05 41.40
N VAL D 494 31.06 11.67 40.58
CA VAL D 494 31.26 12.38 39.28
C VAL D 494 30.11 12.04 38.33
N GLU D 495 29.71 10.78 38.37
CA GLU D 495 28.54 10.23 37.64
C GLU D 495 27.29 11.02 38.01
N GLN D 496 27.08 11.27 39.29
CA GLN D 496 25.93 12.04 39.80
C GLN D 496 25.99 13.45 39.22
N GLN D 497 27.19 14.03 39.15
CA GLN D 497 27.41 15.38 38.59
C GLN D 497 27.03 15.38 37.11
N PHE D 498 27.48 14.38 36.34
CA PHE D 498 27.19 14.24 34.89
C PHE D 498 25.65 14.22 34.69
N LEU D 499 24.92 13.52 35.57
CA LEU D 499 23.44 13.37 35.41
C LEU D 499 22.79 14.71 35.72
N VAL D 500 23.21 15.36 36.80
CA VAL D 500 22.73 16.73 37.12
C VAL D 500 23.01 17.63 35.92
N ASN D 501 24.20 17.54 35.33
CA ASN D 501 24.61 18.43 34.22
C ASN D 501 23.73 18.15 32.99
N ALA D 502 23.42 16.90 32.69
CA ALA D 502 22.54 16.53 31.55
C ALA D 502 21.16 17.17 31.77
N MET D 503 20.65 17.11 33.01
CA MET D 503 19.35 17.70 33.38
C MET D 503 19.46 19.23 33.29
N ARG D 504 20.54 19.84 33.77
CA ARG D 504 20.71 21.31 33.69
C ARG D 504 20.70 21.73 32.22
N PHE D 505 21.40 20.99 31.35
CA PHE D 505 21.50 21.27 29.90
C PHE D 505 20.07 21.28 29.30
N ALA D 506 19.38 20.16 29.47
CA ALA D 506 18.09 19.87 28.81
C ALA D 506 17.03 20.85 29.34
N ILE D 507 16.86 20.97 30.66
CA ILE D 507 15.77 21.77 31.28
C ILE D 507 16.01 23.26 31.03
N SER D 508 17.26 23.71 30.90
CA SER D 508 17.60 25.13 30.58
C SER D 508 17.05 25.52 29.19
N LEU D 509 16.76 24.53 28.32
CA LEU D 509 16.23 24.78 26.95
C LEU D 509 14.70 24.77 26.91
N VAL D 510 14.02 24.52 28.02
CA VAL D 510 12.53 24.52 28.13
C VAL D 510 12.08 25.98 28.27
N LYS D 511 11.19 26.44 27.39
CA LYS D 511 10.78 27.86 27.38
C LYS D 511 9.76 28.10 28.48
N SER D 512 8.86 27.15 28.75
CA SER D 512 7.74 27.30 29.71
C SER D 512 8.25 27.32 31.15
N GLU D 513 7.97 28.40 31.88
CA GLU D 513 8.37 28.58 33.30
C GLU D 513 7.52 27.61 34.13
N GLU D 514 6.26 27.41 33.76
CA GLU D 514 5.35 26.47 34.46
C GLU D 514 5.84 25.03 34.26
N VAL D 515 6.28 24.62 33.07
CA VAL D 515 6.86 23.24 32.90
C VAL D 515 8.12 23.11 33.79
N LYS D 516 9.03 24.09 33.76
CA LYS D 516 10.30 23.99 34.51
C LYS D 516 9.98 23.82 36.00
N LYS D 517 8.98 24.53 36.53
CA LYS D 517 8.53 24.40 37.95
C LYS D 517 7.99 22.99 38.22
N ASN D 518 7.14 22.45 37.33
CA ASN D 518 6.55 21.10 37.47
C ASN D 518 7.68 20.07 37.44
N VAL D 519 8.71 20.30 36.62
CA VAL D 519 9.86 19.35 36.56
C VAL D 519 10.56 19.31 37.94
N LEU D 520 10.76 20.47 38.56
CA LEU D 520 11.50 20.56 39.86
C LEU D 520 10.65 19.89 40.93
N THR D 521 9.32 19.97 40.84
CA THR D 521 8.39 19.27 41.78
C THR D 521 8.60 17.75 41.70
N GLN D 522 8.74 17.17 40.51
CA GLN D 522 8.99 15.70 40.37
C GLN D 522 10.42 15.32 40.76
N LEU D 523 11.42 16.05 40.28
CA LEU D 523 12.83 15.75 40.63
C LEU D 523 12.98 15.77 42.16
N ASN D 524 12.36 16.76 42.80
CA ASN D 524 12.41 16.98 44.27
C ASN D 524 11.88 15.76 45.04
N ARG D 525 10.92 15.02 44.48
CA ARG D 525 10.36 13.80 45.15
C ARG D 525 11.36 12.64 45.06
N VAL D 526 12.30 12.68 44.11
CA VAL D 526 13.39 11.67 44.00
C VAL D 526 14.54 12.10 44.91
N SER D 527 15.00 13.34 44.77
CA SER D 527 16.14 13.89 45.56
C SER D 527 16.01 15.40 45.65
N HIS D 528 15.97 15.95 46.86
CA HIS D 528 16.00 17.42 47.04
C HIS D 528 17.30 17.96 46.45
N ASP D 529 18.43 17.26 46.66
CA ASP D 529 19.77 17.71 46.23
C ASP D 529 19.78 17.85 44.70
N VAL D 530 19.20 16.87 43.99
CA VAL D 530 19.16 16.95 42.50
C VAL D 530 18.33 18.18 42.13
N ALA D 531 17.19 18.41 42.78
CA ALA D 531 16.27 19.51 42.46
C ALA D 531 16.96 20.87 42.70
N VAL D 532 17.69 21.00 43.79
CA VAL D 532 18.46 22.25 44.15
C VAL D 532 19.55 22.49 43.07
N ARG D 533 20.31 21.46 42.71
CA ARG D 533 21.44 21.61 41.77
C ARG D 533 20.94 21.95 40.36
N VAL D 534 19.83 21.35 39.93
CA VAL D 534 19.23 21.62 38.59
C VAL D 534 18.64 23.02 38.62
N ALA D 535 17.89 23.32 39.67
CA ALA D 535 17.20 24.63 39.85
C ALA D 535 18.21 25.77 39.72
N ALA D 536 19.42 25.62 40.29
CA ALA D 536 20.50 26.63 40.29
C ALA D 536 20.84 27.02 38.85
N ALA D 537 20.82 26.06 37.94
CA ALA D 537 21.19 26.31 36.53
C ALA D 537 20.12 27.16 35.84
N ILE D 538 18.86 27.12 36.29
CA ILE D 538 17.69 27.68 35.53
C ILE D 538 17.04 28.86 36.26
N GLY D 539 17.60 29.34 37.37
CA GLY D 539 17.17 30.59 38.03
C GLY D 539 15.84 30.42 38.72
N LEU D 540 15.53 29.22 39.21
CA LEU D 540 14.32 28.94 40.01
C LEU D 540 14.76 28.43 41.36
N GLY D 541 13.88 28.59 42.35
CA GLY D 541 14.01 27.88 43.63
C GLY D 541 13.48 26.49 43.50
N ALA D 542 14.17 25.51 44.04
CA ALA D 542 13.66 24.14 44.23
C ALA D 542 12.58 24.20 45.31
N PRO D 543 11.51 23.40 45.23
CA PRO D 543 10.54 23.34 46.31
C PRO D 543 11.20 22.72 47.54
N ASP D 544 10.53 22.86 48.69
CA ASP D 544 11.04 22.30 49.98
C ASP D 544 11.12 20.79 49.85
N ALA D 545 12.12 20.22 50.51
CA ALA D 545 12.34 18.76 50.60
C ALA D 545 11.00 18.06 50.86
N ASP D 546 10.75 16.94 50.19
CA ASP D 546 9.59 16.06 50.47
C ASP D 546 10.15 14.66 50.58
N ASP D 547 10.38 14.19 51.80
CA ASP D 547 11.21 13.00 52.08
C ASP D 547 10.39 11.71 51.97
N THR D 548 9.15 11.75 51.48
CA THR D 548 8.26 10.58 51.40
C THR D 548 9.03 9.38 50.80
N TYR D 549 9.79 9.58 49.71
CA TYR D 549 10.42 8.48 48.94
C TYR D 549 11.94 8.50 49.09
N TYR D 550 12.48 9.40 49.90
CA TYR D 550 13.96 9.53 50.01
C TYR D 550 14.47 8.33 50.79
N HIS D 551 15.68 7.87 50.47
CA HIS D 551 16.35 6.74 51.13
C HIS D 551 17.78 6.67 50.60
N ASN D 552 18.60 5.81 51.22
CA ASN D 552 20.05 5.71 50.97
C ASN D 552 20.41 4.31 50.46
N ASN D 553 19.42 3.53 50.01
CA ASN D 553 19.69 2.18 49.43
C ASN D 553 20.44 2.36 48.10
N LYS D 554 21.26 1.38 47.75
CA LYS D 554 22.14 1.36 46.57
C LYS D 554 22.08 -0.04 45.96
N THR D 555 22.45 -0.19 44.70
CA THR D 555 22.49 -1.52 44.07
C THR D 555 23.70 -1.56 43.14
N ALA D 556 24.27 -2.75 42.99
CA ALA D 556 25.50 -3.01 42.21
C ALA D 556 25.11 -3.03 40.73
N GLY D 557 26.01 -2.70 39.81
CA GLY D 557 25.87 -3.09 38.39
C GLY D 557 25.17 -2.03 37.54
N VAL D 558 24.74 -0.90 38.11
CA VAL D 558 24.07 0.18 37.32
C VAL D 558 25.05 1.33 37.02
N SER D 559 26.14 1.50 37.77
CA SER D 559 27.18 2.53 37.54
C SER D 559 28.01 2.15 36.31
N ILE D 560 28.31 3.13 35.45
CA ILE D 560 29.34 2.98 34.39
C ILE D 560 30.71 3.32 35.00
N VAL D 561 30.84 4.49 35.59
CA VAL D 561 32.16 4.96 36.14
C VAL D 561 32.62 3.89 37.13
N GLY D 562 31.68 3.32 37.86
CA GLY D 562 31.97 2.40 38.97
C GLY D 562 32.29 1.01 38.49
N SER D 563 32.22 0.71 37.20
CA SER D 563 32.37 -0.69 36.72
C SER D 563 33.84 -0.98 36.41
N GLY D 564 34.74 -0.05 36.73
CA GLY D 564 36.21 -0.30 36.82
C GLY D 564 36.80 -0.28 35.41
N PRO D 565 38.10 -0.56 35.24
CA PRO D 565 38.70 -0.54 33.91
C PRO D 565 38.02 -1.56 32.97
N LEU D 566 38.04 -1.30 31.67
CA LEU D 566 37.49 -2.21 30.64
C LEU D 566 38.30 -3.51 30.65
N PRO D 567 37.65 -4.67 30.44
CA PRO D 567 38.31 -5.96 30.44
C PRO D 567 39.15 -6.22 29.17
N THR D 568 38.98 -5.39 28.15
CA THR D 568 39.80 -5.44 26.91
C THR D 568 39.87 -4.04 26.32
N ILE D 569 41.00 -3.72 25.69
CA ILE D 569 41.21 -2.46 24.93
C ILE D 569 41.27 -2.78 23.44
N LYS D 570 41.11 -4.03 23.02
CA LYS D 570 41.09 -4.33 21.57
C LYS D 570 39.97 -3.49 20.95
N THR D 571 40.24 -2.97 19.75
CA THR D 571 39.40 -2.04 18.92
C THR D 571 39.52 -0.58 19.41
N LEU D 572 40.05 -0.31 20.60
CA LEU D 572 40.10 1.12 21.02
C LEU D 572 41.02 1.89 20.08
N ARG D 573 40.74 3.18 19.94
CA ARG D 573 41.22 4.03 18.84
C ARG D 573 42.35 4.92 19.35
N VAL D 574 43.55 4.79 18.76
CA VAL D 574 44.68 5.68 19.16
C VAL D 574 45.03 6.56 17.96
N GLY D 575 44.86 7.86 18.13
CA GLY D 575 45.31 8.85 17.16
C GLY D 575 46.72 9.30 17.51
N ILE D 576 47.60 9.19 16.52
CA ILE D 576 49.04 9.61 16.65
C ILE D 576 49.19 10.87 15.78
N LEU D 577 49.40 12.01 16.41
CA LEU D 577 49.58 13.30 15.71
C LEU D 577 51.06 13.48 15.34
N ALA D 578 51.36 13.49 14.05
CA ALA D 578 52.72 13.55 13.51
C ALA D 578 52.79 14.74 12.55
N THR D 579 53.83 14.77 11.73
CA THR D 579 54.08 15.79 10.71
C THR D 579 54.86 15.12 9.58
N THR D 580 54.63 15.57 8.35
CA THR D 580 55.42 15.20 7.16
C THR D 580 56.73 16.01 7.12
N SER D 581 56.85 17.05 7.93
CA SER D 581 57.93 18.07 7.86
C SER D 581 59.21 17.54 8.53
N GLU D 582 59.11 16.41 9.24
CA GLU D 582 60.23 15.80 9.99
C GLU D 582 60.16 14.29 9.76
N SER D 583 61.13 13.75 9.04
CA SER D 583 61.22 12.29 8.75
C SER D 583 61.15 11.51 10.07
N SER D 584 61.75 12.06 11.12
CA SER D 584 61.86 11.44 12.48
C SER D 584 60.51 11.40 13.20
N ALA D 585 59.62 12.38 12.98
CA ALA D 585 58.19 12.37 13.42
C ALA D 585 57.47 11.14 12.83
N LEU D 586 57.66 10.88 11.54
CA LEU D 586 57.02 9.71 10.85
C LEU D 586 57.64 8.43 11.39
N ASP D 587 58.96 8.42 11.62
CA ASP D 587 59.65 7.25 12.20
C ASP D 587 59.07 6.97 13.59
N GLN D 588 58.90 7.99 14.43
CA GLN D 588 58.32 7.81 15.80
C GLN D 588 56.92 7.20 15.63
N ALA D 589 56.13 7.75 14.73
CA ALA D 589 54.74 7.29 14.51
C ALA D 589 54.73 5.82 14.08
N ALA D 590 55.64 5.41 13.17
CA ALA D 590 55.65 4.02 12.66
C ALA D 590 56.00 3.07 13.80
N GLN D 591 56.88 3.52 14.69
CA GLN D 591 57.37 2.71 15.82
C GLN D 591 56.20 2.56 16.80
N LEU D 592 55.55 3.67 17.15
CA LEU D 592 54.35 3.61 18.02
C LEU D 592 53.27 2.72 17.37
N ARG D 593 53.04 2.83 16.05
CA ARG D 593 52.00 2.03 15.37
C ARG D 593 52.25 0.54 15.60
N THR D 594 53.50 0.11 15.42
CA THR D 594 53.84 -1.33 15.43
C THR D 594 53.53 -1.91 16.81
N ARG D 595 53.92 -1.18 17.85
CA ARG D 595 53.76 -1.64 19.24
C ARG D 595 52.29 -1.53 19.69
N LEU D 596 51.52 -0.55 19.20
CA LEU D 596 50.08 -0.44 19.54
C LEU D 596 49.25 -1.49 18.78
N GLU D 597 49.53 -1.72 17.49
CA GLU D 597 48.74 -2.67 16.65
C GLU D 597 48.95 -4.09 17.19
N LYS D 598 50.11 -4.38 17.78
CA LYS D 598 50.44 -5.73 18.34
C LYS D 598 49.36 -6.12 19.37
N ASP D 599 48.85 -5.17 20.14
CA ASP D 599 47.86 -5.37 21.21
C ASP D 599 46.42 -5.15 20.71
N GLY D 600 46.18 -5.06 19.39
CA GLY D 600 44.83 -5.01 18.79
C GLY D 600 44.18 -3.63 18.87
N LEU D 601 44.95 -2.56 19.07
CA LEU D 601 44.39 -1.17 19.07
C LEU D 601 44.26 -0.70 17.63
N VAL D 602 43.31 0.19 17.35
CA VAL D 602 43.15 0.72 15.97
C VAL D 602 43.90 2.04 15.92
N VAL D 603 44.99 2.06 15.14
CA VAL D 603 45.92 3.21 15.11
C VAL D 603 45.65 4.07 13.89
N THR D 604 45.48 5.37 14.10
CA THR D 604 45.39 6.38 13.06
C THR D 604 46.59 7.31 13.20
N VAL D 605 47.51 7.29 12.23
CA VAL D 605 48.57 8.32 12.15
C VAL D 605 47.99 9.50 11.40
N VAL D 606 48.01 10.67 12.04
CA VAL D 606 47.55 11.95 11.44
C VAL D 606 48.76 12.77 11.04
N ALA D 607 48.73 13.41 9.86
CA ALA D 607 49.71 14.44 9.46
C ALA D 607 49.04 15.44 8.50
N GLU D 608 49.83 16.35 7.95
CA GLU D 608 49.32 17.50 7.18
C GLU D 608 48.68 16.97 5.89
N THR D 609 49.30 15.94 5.31
CA THR D 609 48.98 15.37 3.98
C THR D 609 49.11 13.85 4.09
N LEU D 610 48.51 13.08 3.17
CA LEU D 610 48.61 11.60 3.14
C LEU D 610 49.91 11.18 2.44
N ARG D 611 50.44 10.05 2.90
CA ARG D 611 51.55 9.29 2.26
CA ARG D 611 51.53 9.29 2.25
C ARG D 611 51.58 7.91 2.93
N GLU D 612 52.50 7.04 2.49
CA GLU D 612 52.76 5.73 3.17
C GLU D 612 52.81 5.96 4.70
N GLY D 613 51.91 5.32 5.45
CA GLY D 613 51.97 5.25 6.91
C GLY D 613 51.16 6.34 7.59
N VAL D 614 50.53 7.25 6.83
CA VAL D 614 49.67 8.33 7.36
C VAL D 614 48.26 7.97 6.92
N ASP D 615 47.32 7.86 7.84
CA ASP D 615 45.95 7.36 7.60
C ASP D 615 45.04 8.54 7.26
N GLN D 616 45.22 9.68 7.93
CA GLN D 616 44.25 10.80 7.88
C GLN D 616 45.01 12.11 7.89
N THR D 617 44.42 13.15 7.31
CA THR D 617 44.96 14.51 7.36
C THR D 617 44.41 15.18 8.60
N TYR D 618 45.09 16.22 9.06
CA TYR D 618 44.58 17.08 10.16
C TYR D 618 43.20 17.62 9.77
N SER D 619 42.98 17.90 8.49
CA SER D 619 41.70 18.51 8.03
C SER D 619 40.51 17.60 8.39
N THR D 620 40.65 16.27 8.23
CA THR D 620 39.55 15.32 8.54
C THR D 620 39.62 14.78 9.95
N ALA D 621 40.66 15.07 10.74
CA ALA D 621 40.85 14.44 12.07
C ALA D 621 40.12 15.22 13.15
N ASP D 622 39.70 14.52 14.18
CA ASP D 622 39.01 15.13 15.34
C ASP D 622 39.20 14.24 16.56
N ALA D 623 39.16 14.82 17.76
CA ALA D 623 39.35 14.07 19.02
C ALA D 623 38.19 13.06 19.23
N THR D 624 36.99 13.31 18.67
CA THR D 624 35.84 12.36 18.75
C THR D 624 36.21 11.08 17.99
N GLY D 625 37.25 11.15 17.18
CA GLY D 625 37.74 10.00 16.41
C GLY D 625 38.59 9.04 17.23
N PHE D 626 39.00 9.40 18.45
CA PHE D 626 40.02 8.63 19.21
C PHE D 626 39.58 8.43 20.66
N ASP D 627 39.99 7.30 21.25
CA ASP D 627 39.86 6.96 22.70
C ASP D 627 41.13 7.41 23.44
N GLY D 628 42.24 7.61 22.71
CA GLY D 628 43.45 8.26 23.25
C GLY D 628 44.24 8.97 22.18
N VAL D 629 44.96 10.01 22.55
CA VAL D 629 45.76 10.83 21.61
C VAL D 629 47.23 10.85 22.04
N VAL D 630 48.13 10.51 21.13
CA VAL D 630 49.60 10.56 21.34
C VAL D 630 50.17 11.59 20.37
N VAL D 631 50.99 12.51 20.86
CA VAL D 631 51.77 13.42 20.00
C VAL D 631 53.21 12.88 19.97
N VAL D 632 53.81 12.71 18.79
CA VAL D 632 55.26 12.38 18.66
C VAL D 632 56.02 13.71 18.75
N ASP D 633 57.08 13.76 19.59
CA ASP D 633 57.72 15.06 19.97
C ASP D 633 58.38 15.68 18.74
N GLY D 634 58.69 14.90 17.70
CA GLY D 634 59.14 15.47 16.42
C GLY D 634 58.11 16.40 15.79
N ALA D 635 56.83 16.36 16.21
CA ALA D 635 55.75 17.18 15.61
C ALA D 635 55.43 18.39 16.48
N ALA D 636 56.25 18.70 17.50
CA ALA D 636 55.92 19.71 18.54
C ALA D 636 55.65 21.07 17.90
N ALA D 637 56.25 21.36 16.75
CA ALA D 637 56.19 22.68 16.08
C ALA D 637 54.75 22.96 15.63
N LEU D 638 53.97 21.92 15.34
CA LEU D 638 52.54 22.05 14.91
C LEU D 638 51.69 22.61 16.04
N PHE D 639 52.15 22.56 17.30
CA PHE D 639 51.31 22.86 18.49
C PHE D 639 51.53 24.31 18.97
N ALA D 640 52.45 25.06 18.35
CA ALA D 640 52.71 26.49 18.64
C ALA D 640 51.49 27.34 18.23
N SER D 641 51.13 28.35 19.04
CA SER D 641 50.00 29.29 18.80
C SER D 641 50.17 29.97 17.42
N THR D 642 51.40 30.01 16.92
CA THR D 642 51.84 30.72 15.68
C THR D 642 51.54 29.83 14.45
N ALA D 643 51.44 28.51 14.62
CA ALA D 643 51.36 27.52 13.51
C ALA D 643 50.11 27.80 12.66
N SER D 644 50.28 27.73 11.34
CA SER D 644 49.24 28.05 10.33
C SER D 644 49.55 27.26 9.04
N SER D 645 48.53 26.72 8.39
CA SER D 645 48.66 25.94 7.13
C SER D 645 47.38 26.07 6.30
N PRO D 646 47.49 26.10 4.96
CA PRO D 646 46.28 26.07 4.12
C PRO D 646 45.71 24.66 4.09
N LEU D 647 46.39 23.69 4.70
CA LEU D 647 46.03 22.26 4.60
C LEU D 647 45.09 21.83 5.73
N PHE D 648 44.85 22.70 6.72
CA PHE D 648 43.97 22.38 7.87
C PHE D 648 43.61 23.67 8.60
N PRO D 649 42.46 23.67 9.31
CA PRO D 649 42.01 24.84 10.05
C PRO D 649 43.01 25.26 11.15
N THR D 650 43.14 26.57 11.31
CA THR D 650 43.98 27.21 12.35
C THR D 650 43.80 26.44 13.66
N GLY D 651 44.90 25.97 14.23
CA GLY D 651 44.94 25.39 15.58
C GLY D 651 44.46 23.95 15.64
N ARG D 652 44.23 23.28 14.50
CA ARG D 652 43.61 21.92 14.49
C ARG D 652 44.47 20.93 15.29
N PRO D 653 45.82 20.85 15.10
CA PRO D 653 46.60 19.86 15.83
C PRO D 653 46.43 20.00 17.35
N LEU D 654 46.56 21.21 17.89
CA LEU D 654 46.43 21.43 19.35
C LEU D 654 44.97 21.19 19.80
N GLN D 655 43.97 21.49 18.96
CA GLN D 655 42.55 21.33 19.33
C GLN D 655 42.26 19.84 19.56
N ILE D 656 42.81 18.96 18.73
CA ILE D 656 42.62 17.50 18.89
C ILE D 656 43.15 17.12 20.27
N PHE D 657 44.35 17.61 20.63
CA PHE D 657 44.97 17.27 21.93
C PHE D 657 44.14 17.83 23.10
N VAL D 658 43.77 19.09 23.05
CA VAL D 658 43.03 19.78 24.15
C VAL D 658 41.65 19.14 24.31
N ASP D 659 40.92 18.89 23.20
CA ASP D 659 39.58 18.26 23.27
C ASP D 659 39.74 16.90 23.96
N ALA D 660 40.69 16.08 23.53
CA ALA D 660 40.89 14.72 24.06
C ALA D 660 41.12 14.82 25.58
N TYR D 661 42.00 15.73 26.01
CA TYR D 661 42.30 15.95 27.44
C TYR D 661 41.01 16.33 28.21
N ARG D 662 40.31 17.33 27.69
CA ARG D 662 39.12 17.90 28.35
C ARG D 662 37.97 16.89 28.46
N TRP D 663 37.89 15.96 27.51
CA TRP D 663 36.84 14.90 27.48
C TRP D 663 37.30 13.67 28.28
N GLY D 664 38.46 13.73 28.95
CA GLY D 664 38.89 12.73 29.96
C GLY D 664 39.71 11.60 29.39
N LYS D 665 40.19 11.70 28.17
CA LYS D 665 40.88 10.60 27.47
C LYS D 665 42.35 10.54 27.91
N PRO D 666 42.98 9.35 27.92
CA PRO D 666 44.44 9.26 28.02
C PRO D 666 45.09 10.05 26.88
N VAL D 667 46.03 10.94 27.22
CA VAL D 667 46.80 11.80 26.27
C VAL D 667 48.27 11.79 26.66
N GLY D 668 49.15 12.06 25.71
CA GLY D 668 50.59 12.12 26.04
C GLY D 668 51.45 12.48 24.85
N VAL D 669 52.74 12.64 25.13
CA VAL D 669 53.81 12.98 24.16
C VAL D 669 54.88 11.88 24.30
N CYS D 670 55.21 11.22 23.22
CA CYS D 670 56.22 10.16 23.15
C CYS D 670 57.49 10.77 22.56
N GLY D 671 58.66 10.51 23.19
CA GLY D 671 59.97 10.92 22.66
C GLY D 671 60.84 11.63 23.68
N GLY D 672 60.28 12.26 24.71
CA GLY D 672 61.07 12.86 25.81
C GLY D 672 60.91 14.36 25.92
N LYS D 673 60.69 15.06 24.81
CA LYS D 673 60.47 16.53 24.78
C LYS D 673 58.95 16.80 24.75
N SER D 674 58.39 17.00 25.93
CA SER D 674 56.93 16.94 26.19
C SER D 674 56.41 18.33 26.55
N SER D 675 57.25 19.22 27.09
CA SER D 675 56.73 20.43 27.77
C SER D 675 56.24 21.50 26.77
N GLU D 676 56.76 21.55 25.54
CA GLU D 676 56.25 22.51 24.52
C GLU D 676 54.77 22.16 24.20
N VAL D 677 54.49 20.90 23.90
CA VAL D 677 53.11 20.40 23.61
C VAL D 677 52.24 20.59 24.84
N LEU D 678 52.64 20.02 25.99
CA LEU D 678 51.81 20.07 27.22
C LEU D 678 51.58 21.52 27.65
N ASP D 679 52.57 22.41 27.55
CA ASP D 679 52.37 23.82 27.96
C ASP D 679 51.38 24.50 26.99
N ALA D 680 51.53 24.37 25.68
CA ALA D 680 50.56 24.90 24.69
C ALA D 680 49.14 24.39 25.00
N ALA D 681 49.00 23.15 25.48
CA ALA D 681 47.68 22.52 25.75
C ALA D 681 47.17 22.90 27.14
N ASP D 682 48.00 23.48 28.00
CA ASP D 682 47.68 23.76 29.43
C ASP D 682 47.41 22.42 30.14
N VAL D 683 48.08 21.35 29.74
CA VAL D 683 47.95 20.02 30.40
C VAL D 683 49.13 19.83 31.35
N PRO D 684 48.90 19.49 32.64
CA PRO D 684 50.00 19.24 33.58
C PRO D 684 50.66 17.87 33.33
N GLU D 685 52.00 17.84 33.31
CA GLU D 685 52.79 16.60 33.05
C GLU D 685 52.51 15.52 34.11
N ASP D 686 52.16 15.93 35.33
CA ASP D 686 51.94 14.98 36.46
C ASP D 686 50.46 14.52 36.52
N GLY D 687 49.64 14.97 35.57
CA GLY D 687 48.19 14.66 35.56
C GLY D 687 47.93 13.18 35.40
N ASP D 688 46.92 12.66 36.08
CA ASP D 688 46.42 11.27 35.88
C ASP D 688 45.99 11.14 34.40
N GLY D 689 46.43 10.08 33.74
CA GLY D 689 46.13 9.84 32.30
C GLY D 689 46.80 10.86 31.38
N VAL D 690 47.91 11.43 31.81
CA VAL D 690 48.81 12.27 30.96
C VAL D 690 50.17 11.58 30.95
N TYR D 691 50.65 11.20 29.78
CA TYR D 691 51.85 10.38 29.62
C TYR D 691 52.94 11.17 28.90
N SER D 692 54.16 11.01 29.41
CA SER D 692 55.41 11.61 28.88
C SER D 692 56.54 10.62 29.15
N GLU D 693 56.94 9.89 28.13
CA GLU D 693 58.04 8.90 28.19
C GLU D 693 58.87 9.06 26.93
N GLU D 694 60.19 8.89 27.04
CA GLU D 694 61.09 8.77 25.89
C GLU D 694 60.93 7.41 25.23
N SER D 695 60.95 6.33 25.99
CA SER D 695 60.88 4.93 25.48
C SER D 695 59.46 4.66 24.92
N VAL D 696 59.38 4.23 23.65
CA VAL D 696 58.11 3.79 22.99
C VAL D 696 57.49 2.68 23.85
N ASP D 697 58.29 1.73 24.35
CA ASP D 697 57.79 0.56 25.12
C ASP D 697 57.15 1.03 26.42
N MET D 698 57.82 1.90 27.16
CA MET D 698 57.31 2.42 28.46
C MET D 698 56.09 3.32 28.20
N PHE D 699 56.14 4.09 27.14
CA PHE D 699 55.00 4.96 26.75
C PHE D 699 53.76 4.06 26.57
N VAL D 700 53.87 3.03 25.72
CA VAL D 700 52.72 2.17 25.36
C VAL D 700 52.22 1.41 26.60
N GLU D 701 53.11 0.84 27.42
CA GLU D 701 52.67 0.13 28.65
C GLU D 701 51.86 1.10 29.51
N GLU D 702 52.29 2.34 29.71
CA GLU D 702 51.55 3.33 30.55
C GLU D 702 50.21 3.68 29.87
N PHE D 703 50.29 4.06 28.60
CA PHE D 703 49.16 4.53 27.78
C PHE D 703 48.06 3.45 27.75
N GLU D 704 48.42 2.17 27.54
CA GLU D 704 47.46 1.04 27.46
C GLU D 704 46.69 0.92 28.78
N LYS D 705 47.33 1.23 29.93
CA LYS D 705 46.65 1.26 31.25
C LYS D 705 45.60 2.38 31.22
N GLY D 706 45.98 3.52 30.65
CA GLY D 706 45.06 4.65 30.49
C GLY D 706 43.85 4.28 29.65
N LEU D 707 44.05 3.53 28.56
CA LEU D 707 42.92 3.18 27.66
C LEU D 707 41.95 2.27 28.41
N ALA D 708 42.47 1.36 29.25
CA ALA D 708 41.67 0.47 30.11
C ALA D 708 40.88 1.31 31.12
N THR D 709 41.50 2.30 31.72
CA THR D 709 40.81 3.20 32.69
C THR D 709 39.70 3.92 31.91
N PHE D 710 40.02 4.30 30.69
CA PHE D 710 39.09 4.81 29.65
C PHE D 710 38.75 6.27 29.89
N ARG D 711 38.32 6.65 31.09
CA ARG D 711 38.11 8.08 31.39
C ARG D 711 38.73 8.45 32.72
N PHE D 712 39.37 9.63 32.75
CA PHE D 712 40.02 10.27 33.91
C PHE D 712 39.06 11.34 34.43
N THR D 713 38.29 10.92 35.43
CA THR D 713 37.12 11.68 35.92
C THR D 713 37.55 12.83 36.84
N ASP D 714 38.82 12.90 37.25
CA ASP D 714 39.33 14.01 38.10
C ASP D 714 39.36 15.30 37.27
N ARG D 715 39.11 15.24 35.95
CA ARG D 715 39.19 16.46 35.12
C ARG D 715 37.84 17.19 35.04
N PHE D 716 36.82 16.75 35.78
CA PHE D 716 35.46 17.34 35.72
C PHE D 716 35.13 17.99 37.07
N ALA D 717 34.71 19.25 37.07
CA ALA D 717 34.35 20.00 38.30
C ALA D 717 33.06 19.45 38.92
N LEU D 718 32.98 19.47 40.26
CA LEU D 718 31.80 19.05 41.08
C LEU D 718 31.18 20.27 41.80
N ASP D 719 29.86 20.27 42.00
CA ASP D 719 29.09 21.41 42.59
C ASP D 719 29.68 21.86 43.95
CA CA E . 0.07 0.00 0.04
CA CA F . -25.86 3.11 -18.32
CA CA G . 18.13 1.14 -29.04
CA CA H . -1.09 20.28 -27.49
CHA HEM I . -5.16 -6.18 -18.89
CHB HEM I . -5.36 -7.09 -23.66
CHC HEM I . -5.51 -2.32 -24.51
CHD HEM I . -4.70 -1.49 -19.87
C1A HEM I . -5.24 -6.83 -20.14
C2A HEM I . -5.34 -8.25 -20.29
C3A HEM I . -5.36 -8.48 -21.60
C4A HEM I . -5.37 -7.23 -22.26
CMA HEM I . -5.42 -9.89 -22.25
CAA HEM I . -5.32 -9.39 -19.23
CBA HEM I . -3.91 -9.95 -18.92
CGA HEM I . -4.05 -10.99 -17.83
O1A HEM I . -3.61 -10.81 -16.65
O2A HEM I . -4.74 -12.03 -18.12
C1B HEM I . -5.44 -5.86 -24.31
C2B HEM I . -5.46 -5.74 -25.71
C3B HEM I . -5.53 -4.37 -25.98
C4B HEM I . -5.52 -3.70 -24.68
CMB HEM I . -5.48 -6.92 -26.70
CAB HEM I . -5.58 -3.61 -27.25
CBB HEM I . -5.17 -4.15 -28.41
C1C HEM I . -5.29 -1.67 -23.33
C2C HEM I . -5.14 -0.28 -23.21
C3C HEM I . -4.89 -0.06 -21.89
C4C HEM I . -4.92 -1.34 -21.21
CMC HEM I . -5.18 0.71 -24.36
CAC HEM I . -4.56 1.17 -21.13
CBC HEM I . -4.22 2.32 -21.69
C1D HEM I . -4.78 -2.73 -19.25
C2D HEM I . -4.70 -2.86 -17.79
C3D HEM I . -4.84 -4.14 -17.53
C4D HEM I . -4.98 -4.82 -18.83
CMD HEM I . -4.55 -1.80 -16.75
CAD HEM I . -4.81 -4.79 -16.19
CBD HEM I . -3.34 -5.26 -16.25
CGD HEM I . -2.98 -5.94 -15.01
O1D HEM I . -3.57 -5.68 -13.88
O2D HEM I . -2.03 -6.76 -15.17
NA HEM I . -5.27 -6.23 -21.35
NB HEM I . -5.44 -4.65 -23.76
NC HEM I . -5.17 -2.27 -22.14
ND HEM I . -4.96 -3.91 -19.85
FE HEM I . -5.06 -4.28 -21.74
OH2 1PE J . -8.60 -40.94 -26.44
C12 1PE J . -9.39 -40.51 -25.34
C22 1PE J . -8.57 -40.24 -24.12
OH3 1PE J . -8.48 -38.83 -23.90
C13 1PE J . -6.81 -38.12 -25.48
C23 1PE J . -7.16 -38.31 -24.02
OH4 1PE J . -6.17 -36.85 -25.65
C14 1PE J . -5.41 -36.42 -27.88
C24 1PE J . -5.02 -36.86 -26.50
OH5 1PE J . -4.28 -36.38 -28.75
C15 1PE J . -5.89 -36.34 -30.57
C25 1PE J . -4.56 -35.83 -30.04
OH6 1PE J . -6.17 -35.86 -31.89
C16 1PE J . -6.89 -33.67 -30.98
C26 1PE J . -6.16 -34.44 -32.08
OH7 1PE J . -8.05 -34.31 -30.44
OH2 1PE K . 15.47 -19.82 -3.82
C12 1PE K . 14.44 -20.02 -2.86
C22 1PE K . 14.96 -20.35 -1.49
OH3 1PE K . 13.95 -21.00 -0.72
C13 1PE K . 11.64 -20.47 -0.32
C23 1PE K . 13.06 -20.09 -0.06
OH4 1PE K . 11.21 -21.33 0.73
C14 1PE K . 9.13 -22.44 0.76
C24 1PE K . 9.84 -21.18 1.07
OH5 1PE K . 10.07 -23.51 0.81
C15 1PE K . 10.14 -25.91 0.94
C25 1PE K . 9.60 -24.71 0.20
OH6 1PE K . 11.56 -25.93 0.83
C16 1PE K . 12.25 -28.20 0.42
C26 1PE K . 12.14 -27.09 1.43
OH7 1PE K . 11.86 -29.46 0.95
OH2 1PE L . 28.52 -6.73 -0.32
C12 1PE L . 28.86 -6.01 0.83
C22 1PE L . 30.22 -6.35 1.41
OH3 1PE L . 30.44 -5.66 2.65
C13 1PE L . 30.75 -6.98 4.65
C23 1PE L . 31.41 -6.29 3.49
OH4 1PE L . 29.83 -7.96 4.18
C14 1PE L . 29.46 -10.11 3.26
C24 1PE L . 30.43 -9.24 3.98
OH5 1PE L . 29.44 -9.79 1.87
C15 1PE L . 29.75 -10.88 -0.23
C25 1PE L . 28.97 -10.85 1.05
OH6 1PE L . 29.57 -9.65 -0.92
C16 1PE L . 31.50 -8.26 -1.29
C26 1PE L . 30.61 -9.33 -1.84
OH7 1PE L . 31.98 -7.37 -2.28
OH2 1PE M . -22.23 16.37 -26.63
C12 1PE M . -21.10 15.75 -27.24
C22 1PE M . -21.48 14.90 -28.44
OH3 1PE M . -22.34 15.63 -29.32
C13 1PE M . -24.28 15.04 -30.60
C23 1PE M . -22.79 14.89 -30.44
OH4 1PE M . -24.84 13.79 -31.00
C14 1PE M . -25.96 12.47 -32.64
C24 1PE M . -25.30 13.78 -32.35
OH5 1PE M . -25.30 11.81 -33.72
C15 1PE M . -24.05 9.91 -34.54
C25 1PE M . -24.89 10.48 -33.42
OH6 1PE M . -22.95 10.76 -34.84
C16 1PE M . -21.22 11.99 -33.74
C26 1PE M . -21.88 10.65 -33.92
OH7 1PE M . -22.07 12.91 -33.05
OH2 1PE N . 28.48 2.85 -40.34
C12 1PE N . 29.07 2.35 -39.15
C22 1PE N . 30.14 3.27 -38.62
OH3 1PE N . 30.60 2.81 -37.36
C13 1PE N . 30.63 0.47 -36.82
C23 1PE N . 31.38 1.61 -37.43
OH4 1PE N . 30.21 0.83 -35.52
C14 1PE N . 29.50 0.16 -33.36
C24 1PE N . 30.20 -0.25 -34.60
OH5 1PE N . 30.19 1.23 -32.74
C15 1PE N . 28.79 3.09 -32.18
C25 1PE N . 29.45 1.84 -31.68
OH6 1PE N . 27.62 3.35 -31.41
C16 1PE N . 26.69 4.30 -29.41
C26 1PE N . 27.82 4.34 -30.41
OH7 1PE N . 27.10 4.65 -28.10
CA CA O . 31.68 4.07 -0.74
CA CA P . 32.33 30.54 0.98
CHA HEM Q . 12.50 15.47 -5.35
CHB HEM Q . 14.87 19.03 -7.70
CHC HEM Q . 16.30 15.88 -11.10
CHD HEM Q . 13.47 12.50 -9.11
C1A HEM Q . 13.13 16.67 -5.69
C2A HEM Q . 12.96 17.86 -4.92
C3A HEM Q . 13.58 18.85 -5.59
C4A HEM Q . 14.16 18.29 -6.77
CMA HEM Q . 13.69 20.25 -5.09
CAA HEM Q . 12.24 18.04 -3.60
CBA HEM Q . 10.84 18.64 -3.68
CGA HEM Q . 10.26 18.69 -2.26
O1A HEM Q . 9.35 17.87 -1.88
O2A HEM Q . 10.69 19.55 -1.44
C1B HEM Q . 15.48 18.46 -8.82
C2B HEM Q . 16.25 19.22 -9.74
C3B HEM Q . 16.67 18.34 -10.71
C4B HEM Q . 16.10 17.03 -10.33
CMB HEM Q . 16.52 20.70 -9.65
CAB HEM Q . 17.46 18.49 -11.94
CBB HEM Q . 17.49 19.64 -12.59
C1C HEM Q . 15.68 14.68 -10.85
C2C HEM Q . 15.70 13.53 -11.69
C3C HEM Q . 14.86 12.63 -11.13
C4C HEM Q . 14.32 13.19 -9.95
CMC HEM Q . 16.47 13.39 -13.01
CAC HEM Q . 14.44 11.26 -11.57
CBC HEM Q . 14.64 10.81 -12.78
C1D HEM Q . 13.02 13.04 -7.91
C2D HEM Q . 12.19 12.28 -6.97
C3D HEM Q . 11.95 13.09 -5.93
C4D HEM Q . 12.58 14.39 -6.24
CMD HEM Q . 11.75 10.86 -7.02
CAD HEM Q . 11.10 12.77 -4.74
CBD HEM Q . 9.84 13.51 -5.22
CGD HEM Q . 8.81 13.38 -4.18
O1D HEM Q . 8.88 12.42 -3.30
O2D HEM Q . 7.88 14.23 -4.19
NA HEM Q . 13.85 16.95 -6.85
NB HEM Q . 15.40 17.20 -9.21
NC HEM Q . 14.84 14.43 -9.81
ND HEM Q . 13.23 14.32 -7.46
FE HEM Q . 14.15 15.72 -8.36
OH2 1PE R . 49.75 9.49 -13.07
C12 1PE R . 49.66 10.79 -12.54
C22 1PE R . 50.73 11.70 -13.08
OH3 1PE R . 50.61 11.83 -14.50
C13 1PE R . 51.54 12.64 -16.56
C23 1PE R . 51.57 12.72 -15.05
OH4 1PE R . 50.28 13.07 -17.04
C14 1PE R . 48.85 12.92 -18.95
C24 1PE R . 50.23 13.21 -18.46
OH5 1PE R . 47.91 13.80 -18.34
C15 1PE R . 45.90 12.55 -17.87
C25 1PE R . 46.56 13.56 -18.77
OH6 1PE R . 45.51 11.41 -18.64
C16 1PE R . 45.98 9.14 -18.10
C26 1PE R . 45.09 10.31 -17.85
OH7 1PE R . 45.60 8.39 -19.24
OH2 1PE S . -13.89 21.38 -3.25
C12 1PE S . -13.47 20.06 -3.57
C22 1PE S . -14.59 19.05 -3.59
OH3 1PE S . -15.24 18.99 -2.32
C13 1PE S . -13.93 19.34 -0.32
C23 1PE S . -14.49 18.32 -1.31
OH4 1PE S . -14.34 19.03 1.00
C14 1PE S . -15.59 19.85 2.90
C24 1PE S . -14.56 20.19 1.83
OH5 1PE S . -15.18 20.32 4.18
C15 1PE S . -14.65 18.42 5.55
C25 1PE S . -15.65 19.53 5.28
OH6 1PE S . -14.43 18.25 6.95
C16 1PE S . -12.95 17.52 8.70
C26 1PE S . -13.08 17.90 7.25
OH7 1PE S . -12.70 18.62 9.56
OH2 1PE T . -24.20 10.01 -9.89
C12 1PE T . -25.46 10.66 -9.87
C22 1PE T . -26.52 9.80 -9.26
OH3 1PE T . -27.76 9.96 -9.94
C13 1PE T . -28.76 7.93 -9.04
C23 1PE T . -28.40 8.72 -10.27
OH4 1PE T . -29.81 8.61 -8.33
C14 1PE T . -28.71 9.46 -6.38
C24 1PE T . -29.69 8.48 -6.92
OH5 1PE T . -28.77 10.71 -7.06
C15 1PE T . -27.93 12.96 -7.29
C25 1PE T . -27.81 11.65 -6.56
OH6 1PE T . -26.65 13.31 -7.82
C16 1PE T . -27.50 13.33 -10.09
C26 1PE T . -26.69 14.05 -9.05
OH7 1PE T . -27.02 13.54 -11.40
OH2 1PE U . 31.47 35.53 -19.87
C12 1PE U . 32.16 34.73 -20.83
C22 1PE U . 32.08 33.27 -20.49
OH3 1PE U . 32.37 32.48 -21.65
C13 1PE U . 34.13 30.86 -21.61
C23 1PE U . 32.66 31.11 -21.37
OH4 1PE U . 34.37 29.56 -22.17
C14 1PE U . 35.43 28.23 -23.87
C24 1PE U . 35.49 29.50 -23.06
OH5 1PE U . 36.72 27.88 -24.35
C15 1PE U . 36.07 25.71 -25.22
C25 1PE U . 37.01 26.48 -24.30
OH6 1PE U . 36.79 25.05 -26.26
C16 1PE U . 37.68 23.00 -27.18
C26 1PE U . 36.74 23.62 -26.18
OH7 1PE U . 37.13 21.88 -27.85
OH2 1PE V . 42.66 22.22 39.55
C12 1PE V . 42.14 21.22 40.40
C22 1PE V . 41.53 20.09 39.63
OH3 1PE V . 40.33 19.65 40.27
C13 1PE V . 38.40 19.62 38.86
C23 1PE V . 39.17 20.39 39.88
OH4 1PE V . 39.05 19.74 37.59
C14 1PE V . 39.30 20.95 35.51
C24 1PE V . 38.61 20.89 36.85
OH5 1PE V . 40.35 21.91 35.49
C15 1PE V . 40.69 24.29 35.42
C25 1PE V . 40.03 23.14 36.12
OH6 1PE V . 42.10 24.12 35.44
C16 1PE V . 44.10 24.87 36.49
C26 1PE V . 42.69 24.37 36.70
OH7 1PE V . 45.01 23.82 36.25
OH2 1PE W . 40.90 15.83 -23.64
C12 1PE W . 39.99 15.34 -22.66
C22 1PE W . 38.75 14.73 -23.27
OH3 1PE W . 38.23 13.69 -22.45
C13 1PE W . 39.87 11.99 -22.93
C23 1PE W . 38.41 12.38 -22.98
OH4 1PE W . 40.06 10.60 -23.21
C14 1PE W . 40.91 8.84 -21.80
C24 1PE W . 39.73 9.73 -22.13
OH5 1PE W . 40.49 7.61 -21.21
C15 1PE W . 40.16 8.40 -18.93
C25 1PE W . 39.54 7.74 -20.15
OH6 1PE W . 39.17 9.15 -18.22
C16 1PE W . 38.28 7.74 -16.49
C26 1PE W . 39.16 8.90 -16.81
OH7 1PE W . 37.40 7.39 -17.55
CA CA X . -13.95 -28.57 -3.15
CA CA Y . -39.30 -20.97 0.58
CHA HEM Z . -17.60 -8.31 6.60
CHB HEM Z . -21.47 -9.95 9.19
CHC HEM Z . -18.48 -12.90 11.65
CHD HEM Z . -14.70 -10.84 9.48
C1A HEM Z . -18.93 -8.55 7.07
C2A HEM Z . -20.10 -7.91 6.55
C3A HEM Z . -21.15 -8.39 7.26
C4A HEM Z . -20.66 -9.30 8.21
CMA HEM Z . -22.58 -8.02 7.11
CAA HEM Z . -20.16 -6.95 5.41
CBA HEM Z . -20.26 -5.48 5.90
CGA HEM Z . -20.41 -4.62 4.67
O1A HEM Z . -21.46 -4.63 4.00
O2A HEM Z . -19.50 -3.87 4.26
C1B HEM Z . -20.97 -10.90 10.11
C2B HEM Z . -21.78 -11.63 11.03
C3B HEM Z . -20.95 -12.45 11.73
C4B HEM Z . -19.63 -12.24 11.16
CMB HEM Z . -23.26 -11.46 11.20
CAB HEM Z . -21.21 -13.40 12.85
CBB HEM Z . -22.27 -13.28 13.66
C1C HEM Z . -17.18 -12.63 11.29
C2C HEM Z . -16.01 -13.15 11.92
C3C HEM Z . -14.95 -12.54 11.30
C4C HEM Z . -15.49 -11.65 10.32
CMC HEM Z . -15.99 -14.16 13.05
CAC HEM Z . -13.48 -12.59 11.56
CBC HEM Z . -12.89 -13.05 12.67
C1D HEM Z . -15.20 -9.98 8.50
C2D HEM Z . -14.33 -9.26 7.57
C3D HEM Z . -15.13 -8.54 6.77
C4D HEM Z . -16.51 -8.86 7.23
CMD HEM Z . -12.83 -9.30 7.49
CAD HEM Z . -14.79 -7.62 5.62
CBD HEM Z . -15.00 -6.27 6.42
CGD HEM Z . -14.65 -5.16 5.49
O1D HEM Z . -15.03 -3.97 5.72
O2D HEM Z . -13.86 -5.35 4.52
NA HEM Z . -19.31 -9.40 8.08
NB HEM Z . -19.70 -11.28 10.21
NC HEM Z . -16.86 -11.74 10.35
ND HEM Z . -16.52 -9.77 8.25
FE HEM Z . -18.04 -10.40 9.29
OH2 1PE AA . -49.22 4.80 1.15
C12 1PE AA . -49.05 3.42 1.49
C22 1PE AA . -47.66 2.94 1.21
OH3 1PE AA . -46.86 4.06 0.83
C13 1PE AA . -45.92 4.93 -1.20
C23 1PE AA . -45.93 3.79 -0.21
OH4 1PE AA . -46.17 4.44 -2.52
C14 1PE AA . -46.40 5.23 -4.78
C24 1PE AA . -45.53 5.18 -3.56
OH5 1PE AA . -47.50 4.34 -4.63
C15 1PE AA . -49.65 3.61 -5.31
C25 1PE AA . -48.66 4.73 -5.37
OH6 1PE AA . -50.95 4.08 -4.99
C16 1PE AA . -51.98 3.34 -2.94
C26 1PE AA . -51.18 4.41 -3.62
OH7 1PE AA . -51.89 3.40 -1.52
OH2 1PE BA . -42.49 12.50 7.91
C12 1PE BA . -42.33 11.25 7.26
C22 1PE BA . -42.38 10.07 8.19
OH3 1PE BA . -42.54 10.49 9.55
C13 1PE BA . -41.29 8.63 10.49
C23 1PE BA . -41.43 10.14 10.41
OH4 1PE BA . -41.57 8.18 11.81
C14 1PE BA . -43.10 6.93 13.08
C24 1PE BA . -42.30 6.96 11.84
OH5 1PE BA . -42.21 7.14 14.16
C15 1PE BA . -41.89 7.92 16.37
C25 1PE BA . -42.85 7.27 15.43
OH6 1PE BA . -42.55 8.90 17.14
C16 1PE BA . -44.23 10.26 16.11
C26 1PE BA . -42.77 10.15 16.49
OH7 1PE BA . -44.64 11.59 15.90
OH2 1PE CA . -39.73 9.72 -1.63
C12 1PE CA . -38.62 10.50 -1.23
C22 1PE CA . -38.77 11.96 -1.61
OH3 1PE CA . -37.85 12.29 -2.65
C13 1PE CA . -39.10 11.33 -4.53
C23 1PE CA . -38.47 12.57 -3.91
OH4 1PE CA . -38.21 10.22 -4.49
C14 1PE CA . -36.01 9.47 -5.13
C24 1PE CA . -37.25 10.22 -5.54
OH5 1PE CA . -35.47 10.00 -3.92
C15 1PE CA . -34.21 11.68 -2.76
C25 1PE CA . -34.75 11.22 -4.09
OH6 1PE CA . -35.23 11.64 -1.77
C16 1PE CA . -35.44 12.15 0.56
C26 1PE CA . -34.76 11.30 -0.47
OH7 1PE CA . -36.75 11.73 0.81
OH2 1PE DA . -3.26 25.51 31.40
C12 1PE DA . -2.43 24.47 31.90
C22 1PE DA . -3.13 23.62 32.94
OH3 1PE DA . -3.50 22.36 32.37
C13 1PE DA . -3.51 20.03 32.95
C23 1PE DA . -4.00 21.42 33.32
OH4 1PE DA . -3.89 19.10 33.96
C14 1PE DA . -1.77 18.95 35.18
C24 1PE DA . -2.86 18.23 34.41
OH5 1PE DA . -2.27 19.97 36.06
C15 1PE DA . -0.60 20.04 37.83
C25 1PE DA . -1.23 20.77 36.65
OH6 1PE DA . 0.72 20.49 38.07
C16 1PE DA . 2.43 19.13 39.15
C26 1PE DA . 1.73 19.49 37.87
OH7 1PE DA . 3.41 18.12 38.98
OH2 1PE EA . -19.34 19.92 10.06
C12 1PE EA . -18.48 20.30 11.13
C22 1PE EA . -18.76 19.57 12.46
OH3 1PE EA . -19.12 18.19 12.29
C13 1PE EA . -17.45 16.51 12.40
C23 1PE EA . -18.21 17.41 11.51
OH4 1PE EA . -16.20 16.09 11.83
C14 1PE EA . -14.05 16.58 12.78
C24 1PE EA . -15.16 17.05 11.90
OH5 1PE EA . -14.08 17.25 14.06
C15 1PE EA . -12.84 18.53 15.66
C25 1PE EA . -13.15 18.32 14.20
OH6 1PE EA . -12.94 19.92 15.97
C16 1PE EA . -14.31 21.70 16.81
C26 1PE EA . -14.26 20.29 16.37
OH7 1PE EA . -15.61 22.23 16.67
OH2 1PE FA . -50.56 -13.06 15.60
C12 1PE FA . -49.56 -12.06 15.44
C22 1PE FA . -50.13 -10.67 15.45
OH3 1PE FA . -49.26 -9.79 14.73
C13 1PE FA . -48.24 -8.13 16.13
C23 1PE FA . -49.33 -8.43 15.15
OH4 1PE FA . -48.39 -8.96 17.28
C14 1PE FA . -46.21 -9.49 18.06
C24 1PE FA . -47.45 -8.71 18.31
OH5 1PE FA . -45.07 -8.81 18.59
C15 1PE FA . -43.32 -7.28 18.01
C25 1PE FA . -44.80 -7.56 17.97
OH6 1PE FA . -42.94 -6.59 16.83
C16 1PE FA . -42.21 -6.68 14.57
C26 1PE FA . -42.32 -7.43 15.85
OH7 1PE FA . -43.07 -7.18 13.59
OH2 1PE GA . -19.33 -34.13 18.67
C12 1PE GA . -19.52 -33.85 17.30
C22 1PE GA . -19.42 -35.08 16.44
OH3 1PE GA . -19.17 -34.75 15.08
C13 1PE GA . -16.81 -35.31 14.88
C23 1PE GA . -17.85 -34.22 14.85
OH4 1PE GA . -16.19 -35.49 13.60
C14 1PE GA . -18.11 -36.73 12.73
C24 1PE GA . -17.09 -35.64 12.50
OH5 1PE GA . -18.69 -37.15 11.50
C15 1PE GA . -16.78 -38.01 10.30
C25 1PE GA . -18.10 -38.33 10.97
OH6 1PE GA . -15.72 -38.86 10.76
C16 1PE GA . -13.91 -37.83 11.93
C26 1PE GA . -14.41 -38.32 10.59
OH7 1PE GA . -12.49 -37.88 12.05
CA CA HA . 8.14 21.30 22.36
CA CA IA . 29.33 8.50 32.43
CHA HEM JA . 10.30 -0.84 17.84
CHB HEM JA . 11.89 -1.97 22.24
CHC HEM JA . 7.68 -0.58 24.18
CHD HEM JA . 5.88 -0.20 19.71
C1A HEM JA . 11.12 -1.20 18.88
C2A HEM JA . 12.50 -1.57 18.73
C3A HEM JA . 12.95 -1.87 19.97
C4A HEM JA . 11.85 -1.71 20.88
CMA HEM JA . 14.34 -2.35 20.32
CAA HEM JA . 13.33 -1.60 17.48
CBA HEM JA . 13.37 -3.03 16.90
CGA HEM JA . 14.26 -3.00 15.71
O1A HEM JA . 15.49 -2.70 15.86
O2A HEM JA . 13.77 -3.22 14.57
C1B HEM JA . 10.91 -1.68 23.18
C2B HEM JA . 11.01 -1.86 24.60
C3B HEM JA . 9.84 -1.42 25.14
C4B HEM JA . 8.99 -1.01 24.01
CMB HEM JA . 12.20 -2.38 25.38
CAB HEM JA . 9.30 -1.42 26.51
CBB HEM JA . 9.70 -2.29 27.42
C1C HEM JA . 6.78 -0.36 23.15
C2C HEM JA . 5.41 -0.15 23.28
C3C HEM JA . 4.91 -0.06 22.00
C4C HEM JA . 6.00 -0.24 21.10
CMC HEM JA . 4.68 -0.04 24.62
CAC HEM JA . 3.52 0.13 21.53
CBC HEM JA . 2.43 0.04 22.28
C1D HEM JA . 6.95 -0.33 18.82
C2D HEM JA . 6.79 -0.10 17.38
C3D HEM JA . 8.04 -0.26 16.88
C4D HEM JA . 8.93 -0.60 18.02
CMD HEM JA . 5.53 0.23 16.64
CAD HEM JA . 8.49 -0.26 15.47
CBD HEM JA . 8.51 -1.82 15.32
CGD HEM JA . 8.82 -2.15 13.90
O1D HEM JA . 8.71 -1.27 12.95
O2D HEM JA . 9.18 -3.32 13.57
NA HEM JA . 10.76 -1.29 20.20
NB HEM JA . 9.70 -1.20 22.90
NC HEM JA . 7.14 -0.41 21.84
ND HEM JA . 8.23 -0.59 19.17
FE HEM JA . 8.92 -1.03 20.95
OH2 1PE KA . 7.43 28.50 43.12
C12 1PE KA . 7.27 27.22 43.67
C22 1PE KA . 8.57 26.55 44.05
OH3 1PE KA . 8.96 26.91 45.37
C13 1PE KA . 8.88 26.38 47.73
C23 1PE KA . 8.20 26.24 46.37
OH4 1PE KA . 8.58 25.26 48.54
C14 1PE KA . 6.94 23.73 49.45
C24 1PE KA . 7.18 24.97 48.64
OH5 1PE KA . 7.09 22.57 48.63
C15 1PE KA . 6.97 20.33 49.50
C25 1PE KA . 6.21 21.52 48.97
OH6 1PE KA . 6.28 19.72 50.60
C16 1PE KA . 4.50 18.19 51.16
C26 1PE KA . 4.94 19.33 50.28
OH7 1PE KA . 5.49 17.18 51.26
OH2 1PE LA . 37.69 -12.21 8.84
C12 1PE LA . 37.20 -11.04 9.45
C22 1PE LA . 35.82 -10.71 9.02
OH3 1PE LA . 35.05 -11.91 8.92
C13 1PE LA . 33.43 -13.21 7.78
C23 1PE LA . 33.96 -11.83 8.03
OH4 1PE LA . 32.71 -13.64 8.92
C14 1PE LA . 31.92 -15.49 10.25
C24 1PE LA . 32.47 -15.05 8.92
OH5 1PE LA . 32.97 -15.56 11.21
C15 1PE LA . 35.12 -16.55 11.53
C25 1PE LA . 33.69 -16.80 11.19
OH6 1PE LA . 35.84 -16.15 10.36
C16 1PE LA . 36.68 -14.02 11.20
C26 1PE LA . 35.88 -14.74 10.12
OH7 1PE LA . 35.92 -13.07 11.93
OH2 1PE MA . 8.02 -27.60 4.35
C12 1PE MA . 7.02 -26.63 4.70
C22 1PE MA . 7.30 -25.26 4.11
OH3 1PE MA . 8.30 -24.56 4.83
C13 1PE MA . 9.79 -22.60 4.99
C23 1PE MA . 8.69 -23.33 4.21
OH4 1PE MA . 10.72 -23.54 5.55
C14 1PE MA . 13.00 -24.20 5.59
C24 1PE MA . 12.04 -23.05 5.75
OH5 1PE MA . 14.31 -23.78 5.96
C15 1PE MA . 16.18 -22.41 5.25
C25 1PE MA . 15.15 -23.46 4.85
OH6 1PE MA . 17.20 -22.97 6.08
C16 1PE MA . 18.17 -25.12 5.57
C26 1PE MA . 18.25 -23.63 5.35
OH7 1PE MA . 19.40 -25.78 5.36
OH2 1PE NA . 5.88 5.45 50.98
C12 1PE NA . 7.27 5.16 50.97
C22 1PE NA . 7.57 3.75 50.56
OH3 1PE NA . 8.79 3.30 51.15
C13 1PE NA . 9.57 2.84 53.41
C23 1PE NA . 8.63 2.43 52.29
OH4 1PE NA . 10.78 2.08 53.37
C14 1PE NA . 13.20 1.97 53.59
C24 1PE NA . 11.93 2.78 53.86
OH5 1PE NA . 13.71 2.23 52.29
C15 1PE NA . 13.12 1.96 49.96
C25 1PE NA . 13.31 1.30 51.29
OH6 1PE NA . 14.25 1.73 49.12
C16 1PE NA . 15.34 0.43 47.40
C26 1PE NA . 14.04 0.78 48.08
OH7 1PE NA . 15.77 -0.90 47.66
OH2 1PE OA . 40.51 -12.03 21.23
C12 1PE OA . 40.21 -11.34 20.04
C22 1PE OA . 41.05 -11.81 18.89
OH3 1PE OA . 40.99 -10.90 17.80
C13 1PE OA . 42.72 -9.40 17.00
C23 1PE OA . 41.64 -9.65 18.02
OH4 1PE OA . 44.00 -9.57 17.59
C14 1PE OA . 46.04 -8.68 18.41
C24 1PE OA . 44.63 -8.37 18.03
OH5 1PE OA . 46.06 -9.49 19.60
C15 1PE OA . 46.42 -9.59 22.03
C25 1PE OA . 46.51 -8.78 20.75
OH6 1PE OA . 45.74 -10.83 21.84
C16 1PE OA . 45.67 -12.98 22.86
C26 1PE OA . 45.44 -11.51 23.06
OH7 1PE OA . 44.54 -13.64 22.33
OH2 1PE PA . 13.75 -19.14 41.96
C12 1PE PA . 14.63 -20.21 41.68
C22 1PE PA . 13.86 -21.47 41.57
OH3 1PE PA . 14.61 -22.57 42.07
C13 1PE PA . 13.92 -24.87 41.88
C23 1PE PA . 13.79 -23.59 42.66
OH4 1PE PA . 12.65 -25.26 41.36
C14 1PE PA . 10.38 -25.45 42.11
C24 1PE PA . 11.81 -25.86 42.35
OH5 1PE PA . 10.10 -24.23 42.77
C15 1PE PA . 8.31 -25.13 44.12
C25 1PE PA . 9.61 -24.38 44.11
OH6 1PE PA . 7.45 -24.66 45.15
C16 1PE PA . 8.12 -23.54 47.14
C26 1PE PA . 7.94 -24.86 46.47
OH7 1PE PA . 9.33 -23.47 47.86
#